data_9ISN
#
_entry.id   9ISN
#
_cell.length_a   1.00
_cell.length_b   1.00
_cell.length_c   1.00
_cell.angle_alpha   90.00
_cell.angle_beta   90.00
_cell.angle_gamma   90.00
#
_symmetry.space_group_name_H-M   'P 1'
#
loop_
_entity.id
_entity.type
_entity.pdbx_description
1 polymer 'DNA-directed RNA polymerase subunit alpha'
2 polymer 'DNA-directed RNA polymerase subunit beta'
3 polymer "DNA-directed RNA polymerase subunit beta'"
4 polymer 'ECF sigma factor'
5 polymer 'DNA (56-MER)'
6 polymer 'DNA (56-MER)'
7 non-polymer 'MAGNESIUM ION'
8 non-polymer 'ZINC ION'
#
loop_
_entity_poly.entity_id
_entity_poly.type
_entity_poly.pdbx_seq_one_letter_code
_entity_poly.pdbx_strand_id
1 'polypeptide(L)'
;MLIAQRPSLTEEVVDEFRSRFVIEPLEPGFGYTLGNSLRRTLLSSIPGAAVTSIRIDGVLHEFTTVPGVKEDVTDLILNI
KQLVVSSEHDEPVVMYLRKQGPGLVTAADIAPPAGVEVHNPDLVLATLNGKGKLEMELTVERGRGYVSAVQNKQVGQEIG
RIPVDSIYSPVLKVTYKVEATRVEQRTDFDKLIVDVETKQAMRPRDAMASAGKTLVELFGLARELNIDAEGIDMGPSPTD
AALAADLALPIEELELTVRSYNCLKREGIHSVGELVARSEADLLDIRNFGAKSIDEVKAKLAGMGLALKDSPPGFDPTAA
ADAFGADDDADAGFVETEQY
;
A,B
2 'polypeptide(L)'
;MAASRNASTANTNNAASTAPLRISFAKIKEPLEVPNLLALQTESFDWLLGNDAWKARVESALESGQDVPTKSGLEEIFEE
ISPIEDFSGSMSLTFRDHRFEPPKNSIDECKDRDFTYAAPLFVTAEFTNNETGEIKSQTVFMGDFPLMTNKGTFVINGTE
RVVVSQLVRSPGVYFDSSIDKTSDKDIFSAKIIPSRGAWLEMEIDKRDMVGVRIDRKRKQSVTVLLKALGWTTEQILEEF
GEYESMRATLEKDHTQGQDDALLDIYRKLRPGEPPTREAAQTLLENLYFNPKRYDLAKVGRYKVNKKLGADEPLDAGVLT
TDDVIATIKYLVKLHAGETETVGESGREIVVETDDIDHFGNRRIRNVGELIQNQVRTGLARMERVVRERMTTQDVEAITP
QTLINIRPVVASIKEFFGTSQLSQFMDQNNPLSGLTHKRRLNALGPGGLSRERAGFEVRDVHPSHYGRMCPIETPEGPNI
GLIGSLASYGRINPFGFIETPYRKVVEGQVTDDVDYLTADEEDRFVIAQANAALGDDMRFAEARVLVRRRGGEVDYVPGD
DVDYMDVSPRQMVSVATAMIPFLEHDDANRALMGANMMRQAVPLIKSESPLVGTGMEYRSAADAGDVVKAEKAGVVQEVS
ADYITTTNDDGTYITYRLAKFSRSNQGTSVNQKVIVAEGDRIIEGQVLADGPATENGEMALGKNLLVAFMPWEGHNYEDA
IILSQRLVQDDVLSSIHIEEHEVDARDTKLGPEEITRDIPNVSEEVLADLDERGIIRIGAEVVAGDILVGKVTPKGETEL
TPEERLLRAIFGEKAREVRDTSLKVPHGEIGKVIGVRVFDREEGDELPPGVNQLVRVYVAQKRKITDGDKLAGRHGNKGV
ISKINPIEDMPFLEDGTPVDIILNPLAVPSRMNPGQVLEIHLGWLASRGWDVSGLAEEWAQRLQVIGADKVEPGTNVATP
VFDGAREDELAGLLQHTIPNRDGERMVLPSGKARLFDGRSGEPFPEPISVGYMYILKLHHLVDDKLHARSTGPYSMITQQ
PLGGKAQFGGQRFGEMEVWALEAYGAAYALQELLTIKSDDVTGRVKVYEAIVKGENIPEPGIPESFKVLIKEMQSLCLNV
EVLSSDGMSIEMRDTDEDVFRAAEELGIDLSRREPSSVEEV
;
C
3 'polypeptide(L)'
;MLDVNFFDELRIGLATADDIRQWSHGEVKKPETINYRTLKPEKDGLFCEKIFGPTRDWECYCGKYKRVRFKGIICERCGV
EVTRAKVRRERMGHIELAAPVTHIWYFKGVPSRLGYLLDLAPKDLEKVIYFAAYMITFVDEERRTRDLPSLEAHVSVERQ
QIEQRRDSDLEARAKKLETDLAELEAEGAKADVRRKVREGAEREMKQLRDRAQREIDRLDEVWNRFKNLKVQDLEGDELL
YRELRDRFGTYFDGSMGAAALQKRLESFDLDEEAERLREIIRTGKGQKKTRALKRLKVVSAFLQTSNSPKGMVLDCVPVI
PPDLRPMVQLDGGRFATSDLNDLYRRVINRNNRLKRLLDLGAPEIIVNNEKRMLQEAVDALFDNGRRGRPVTGPGNRPLK
SLSDMLKGKQGRFRQNLLGKRVDYSARSVIVVGPQLKLHQCGLPKAMALELFKPFVMKRLVDLNHAQNIKSAKRMVERGR
TVVYDVLEEVIAEHPVLLNRAPTLHRLGIQAFEPQLVEGKAIQIHPLVCTAFNADFDGDQMAVHLPLSAEAQAEARILML
SSNNILKPADGRPVTMPTQDMVLGLFFLTTDSEGRSPKGEGRAFGSSAEAIMAFDAGDLTLQAKIDIRFPVGTIPPRGFE
PPAREEGEPEWQQGDTFTLKTTLGRALFNELLPEDYPFVDYEVGKKQLSEIVNDLAERYPKVIVAATLDNLKAAGFFWAT
RSGVTVAISDIVVPDAKKEIVKGYEGQDEKVQKQYERGLITKEERTQELIAIWTKATNEVAEAMNDNFPKTNPVSMMVNS
GARGNMMQMRQIAGMRGLVSNAKNETIPRPIKASFREGLSVLEYFISTHGARKGLADTALRTADSGYLTRRLVDVSQDVI
IREEDCGTERGLKLPIATRDADGTLRKAEDVETSVYARMLAEDVVIDGKVIAPANVDLGDVLIDALVAHGVEEVKTRSIL
TCESQVGTCAMCYGRSLATGKLVDIGEAVGIIAAQSIGEPGTQLTMRTFHTGGVAGDDITQGLPRVVELFEARTPKGVAP
ISEASGRVRIEETEKTKKIVVTPDDGSDETAFPISKRARLLVGEGDHVEVGQKLTVGATNPHDVLRILGQRAVQVHLVGE
VQKVYNSQGVSIHDKHIEIIIRQMLRRVTIIESGDAELLPGELVERTKFETENRRVVQEGGHPASGRPQLMGITKASLAT
ESWLSAASFQETTRVLTDAAINAKSDSLIGLKENVIIGKLIPAGTGLSRYRNIRVEPTEEAKAAMYSAVGYDDIDYSPFG
TGSGQAVPLEDYDYGPYNQ
;
D
4 'polypeptide(L)'
;MRDDDAPPDQGTVGGLVHRAVDGDEQATHDLLAHVHPLALRYCRTRLSRLPGDARHFVEDLAQEVCVAVLLALPRYKDTG
RPFEAFVFAIAAHKVADLQRAAMRHPGSTAVPSDEMPERPDDSLGPEERALLNSDAAWAKKLLANLPENQRELLLLRIAV
GLTAEETGQMLGMSPGAVRVAQHRALSRLRALAEQ
;
F
5 'polydeoxyribonucleotide'
;(DC)(DC)(DG)(DC)(DG)(DG)(DC)(DT)(DG)(DT)(DC)(DA)(DC)(DC)(DT)(DG)(DA)(DA)(DT)(DC)
(DC)(DT)(DC)(DA)(DT)(DC)(DG)(DT)(DG)(DT)(DT)(DG)(DT)(DT)(DC)(DC)(DC)(DA)(DA)(DG)
(DA)(DG)(DC)(DG)(DT)(DT)(DA)(DC)(DG)(DC)(DC)(DC)(DA)(DA)(DT)(DC)
;
G
6 'polydeoxyribonucleotide'
;(DG)(DA)(DT)(DT)(DG)(DG)(DG)(DC)(DG)(DT)(DA)(DA)(DC)(DG)(DC)(DT)(DC)(DT)(DT)(DG)
(DG)(DG)(DA)(DA)(DC)(DA)(DA)(DC)(DA)(DC)(DG)(DA)(DT)(DG)(DA)(DC)(DC)(DT)(DA)(DA)
(DG)(DA)(DG)(DG)(DT)(DG)(DA)(DC)(DA)(DG)(DC)(DC)(DG)(DC)(DG)(DG)
;
H
#
# COMPACT_ATOMS: atom_id res chain seq x y z
N LEU A 2 -15.80 -52.55 41.62
CA LEU A 2 -16.09 -52.45 43.08
C LEU A 2 -17.57 -52.14 43.31
N ILE A 3 -17.99 -50.94 42.91
CA ILE A 3 -19.37 -50.52 43.07
C ILE A 3 -20.21 -51.14 41.96
N ALA A 4 -21.27 -51.83 42.33
CA ALA A 4 -22.12 -52.55 41.40
C ALA A 4 -23.32 -51.73 40.92
N GLN A 5 -23.43 -50.47 41.34
CA GLN A 5 -24.52 -49.62 40.89
C GLN A 5 -24.44 -49.40 39.39
N ARG A 6 -25.36 -49.98 38.64
CA ARG A 6 -25.45 -49.67 37.22
C ARG A 6 -26.08 -48.30 37.04
N PRO A 7 -25.75 -47.60 35.96
CA PRO A 7 -26.34 -46.27 35.75
C PRO A 7 -27.84 -46.35 35.54
N SER A 8 -28.53 -45.30 35.95
CA SER A 8 -29.98 -45.21 35.80
C SER A 8 -30.37 -43.81 35.36
N LEU A 9 -31.33 -43.73 34.44
CA LEU A 9 -31.77 -42.48 33.84
C LEU A 9 -33.21 -42.19 34.23
N THR A 10 -33.48 -40.94 34.58
CA THR A 10 -34.81 -40.46 34.90
C THR A 10 -35.15 -39.30 33.97
N GLU A 11 -36.29 -38.64 34.25
CA GLU A 11 -36.70 -37.46 33.49
C GLU A 11 -37.44 -36.52 34.44
N GLU A 12 -36.92 -35.31 34.59
CA GLU A 12 -37.70 -34.22 35.15
C GLU A 12 -38.33 -33.41 34.01
N VAL A 13 -39.48 -32.83 34.30
CA VAL A 13 -40.21 -32.01 33.33
C VAL A 13 -40.50 -30.66 33.96
N VAL A 14 -40.07 -29.59 33.28
CA VAL A 14 -40.26 -28.23 33.77
C VAL A 14 -41.19 -27.43 32.88
N ASP A 15 -41.13 -27.65 31.57
CA ASP A 15 -42.05 -27.03 30.61
C ASP A 15 -42.46 -28.09 29.60
N GLU A 16 -43.35 -27.70 28.68
CA GLU A 16 -43.90 -28.67 27.74
C GLU A 16 -42.83 -29.25 26.83
N PHE A 17 -41.77 -28.47 26.53
CA PHE A 17 -40.70 -28.92 25.64
C PHE A 17 -39.32 -28.82 26.30
N ARG A 18 -39.25 -28.62 27.61
CA ARG A 18 -37.99 -28.51 28.33
C ARG A 18 -37.94 -29.59 29.41
N SER A 19 -36.85 -30.36 29.43
CA SER A 19 -36.75 -31.48 30.35
C SER A 19 -35.31 -31.66 30.80
N ARG A 20 -35.14 -31.95 32.09
CA ARG A 20 -33.85 -32.29 32.66
C ARG A 20 -33.80 -33.78 32.94
N PHE A 21 -32.77 -34.44 32.43
CA PHE A 21 -32.60 -35.89 32.52
C PHE A 21 -31.38 -36.18 33.38
N VAL A 22 -31.56 -36.99 34.42
CA VAL A 22 -30.55 -37.18 35.46
C VAL A 22 -29.98 -38.58 35.35
N ILE A 23 -28.66 -38.69 35.47
CA ILE A 23 -27.93 -39.96 35.47
C ILE A 23 -26.99 -39.91 36.66
N GLU A 24 -27.37 -40.56 37.76
CA GLU A 24 -26.63 -40.48 39.02
C GLU A 24 -25.43 -41.42 39.12
N PRO A 25 -25.57 -42.72 38.83
CA PRO A 25 -24.46 -43.66 39.13
C PRO A 25 -23.34 -43.62 38.10
N LEU A 26 -22.67 -42.48 38.02
CA LEU A 26 -21.56 -42.28 37.10
C LEU A 26 -20.25 -42.19 37.87
N GLU A 27 -19.17 -42.67 37.24
CA GLU A 27 -17.85 -42.54 37.83
C GLU A 27 -17.46 -41.07 37.91
N PRO A 28 -16.57 -40.71 38.83
CA PRO A 28 -16.14 -39.31 38.92
C PRO A 28 -15.43 -38.88 37.64
N GLY A 29 -15.63 -37.62 37.28
CA GLY A 29 -15.06 -37.11 36.05
C GLY A 29 -15.52 -37.85 34.82
N PHE A 30 -16.81 -38.21 34.78
CA PHE A 30 -17.38 -38.92 33.62
C PHE A 30 -18.69 -38.27 33.14
N GLY A 31 -19.30 -37.41 33.95
CA GLY A 31 -20.52 -36.75 33.54
C GLY A 31 -20.31 -35.78 32.39
N TYR A 32 -19.20 -35.04 32.40
CA TYR A 32 -19.00 -34.01 31.39
C TYR A 32 -18.90 -34.60 29.99
N THR A 33 -18.06 -35.63 29.82
CA THR A 33 -17.87 -36.19 28.47
C THR A 33 -19.16 -36.78 27.92
N LEU A 34 -19.91 -37.50 28.76
CA LEU A 34 -21.14 -38.14 28.28
C LEU A 34 -22.22 -37.10 28.01
N GLY A 35 -22.39 -36.14 28.92
CA GLY A 35 -23.36 -35.09 28.71
C GLY A 35 -23.05 -34.27 27.47
N ASN A 36 -21.77 -34.04 27.19
CA ASN A 36 -21.42 -33.29 25.98
C ASN A 36 -21.57 -34.13 24.74
N SER A 37 -21.36 -35.44 24.82
CA SER A 37 -21.68 -36.28 23.65
C SER A 37 -23.17 -36.21 23.35
N LEU A 38 -24.00 -36.24 24.39
CA LEU A 38 -25.44 -36.09 24.19
C LEU A 38 -25.77 -34.72 23.59
N ARG A 39 -25.16 -33.66 24.13
CA ARG A 39 -25.42 -32.33 23.60
C ARG A 39 -25.01 -32.22 22.15
N ARG A 40 -23.85 -32.76 21.79
CA ARG A 40 -23.38 -32.69 20.42
C ARG A 40 -24.32 -33.44 19.48
N THR A 41 -24.68 -34.67 19.83
CA THR A 41 -25.55 -35.44 18.94
C THR A 41 -26.94 -34.81 18.85
N LEU A 42 -27.45 -34.26 19.95
CA LEU A 42 -28.73 -33.56 19.89
C LEU A 42 -28.65 -32.37 18.96
N LEU A 43 -27.68 -31.49 19.16
CA LEU A 43 -27.58 -30.29 18.35
C LEU A 43 -27.17 -30.59 16.91
N SER A 44 -26.72 -31.81 16.61
CA SER A 44 -26.25 -32.13 15.27
C SER A 44 -27.22 -32.98 14.46
N SER A 45 -27.59 -34.17 14.93
CA SER A 45 -28.03 -35.25 14.05
C SER A 45 -29.30 -35.93 14.55
N ILE A 46 -30.31 -35.17 14.93
CA ILE A 46 -31.64 -35.71 15.23
C ILE A 46 -32.59 -35.23 14.13
N PRO A 47 -33.29 -36.12 13.42
CA PRO A 47 -34.04 -35.69 12.24
C PRO A 47 -35.24 -34.83 12.59
N GLY A 48 -35.57 -33.96 11.65
CA GLY A 48 -36.75 -33.13 11.73
C GLY A 48 -37.17 -32.82 10.30
N ALA A 49 -37.88 -31.72 10.13
CA ALA A 49 -38.31 -31.33 8.78
C ALA A 49 -38.44 -29.82 8.71
N ALA A 50 -38.39 -29.32 7.46
CA ALA A 50 -38.49 -27.88 7.21
C ALA A 50 -38.87 -27.67 5.75
N VAL A 51 -39.08 -26.39 5.42
CA VAL A 51 -39.48 -26.00 4.07
C VAL A 51 -38.24 -26.02 3.18
N THR A 52 -38.23 -26.94 2.22
CA THR A 52 -37.11 -27.01 1.28
C THR A 52 -37.17 -25.90 0.25
N SER A 53 -38.37 -25.54 -0.20
CA SER A 53 -38.52 -24.58 -1.29
C SER A 53 -39.88 -23.91 -1.20
N ILE A 54 -40.05 -22.82 -1.94
CA ILE A 54 -41.31 -22.11 -2.07
C ILE A 54 -41.51 -21.74 -3.53
N ARG A 55 -42.70 -21.16 -3.82
CA ARG A 55 -43.03 -20.71 -5.17
C ARG A 55 -44.22 -19.78 -5.03
N ILE A 56 -44.04 -18.50 -5.29
CA ILE A 56 -45.11 -17.51 -5.19
C ILE A 56 -45.62 -17.23 -6.60
N ASP A 57 -46.89 -16.89 -6.70
CA ASP A 57 -47.49 -16.60 -8.00
C ASP A 57 -46.99 -15.27 -8.52
N GLY A 58 -46.60 -15.25 -9.78
CA GLY A 58 -46.07 -14.03 -10.37
C GLY A 58 -44.77 -13.58 -9.75
N VAL A 59 -43.86 -14.51 -9.46
CA VAL A 59 -42.55 -14.19 -8.91
C VAL A 59 -41.55 -15.19 -9.46
N LEU A 60 -40.52 -14.70 -10.15
CA LEU A 60 -39.53 -15.56 -10.79
C LEU A 60 -38.23 -15.69 -10.02
N HIS A 61 -37.96 -14.79 -9.07
CA HIS A 61 -36.73 -14.84 -8.30
C HIS A 61 -37.00 -14.25 -6.92
N GLU A 62 -36.00 -14.33 -6.05
CA GLU A 62 -36.15 -13.91 -4.66
C GLU A 62 -35.84 -12.43 -4.46
N PHE A 63 -35.34 -11.74 -5.47
CA PHE A 63 -34.95 -10.33 -5.37
C PHE A 63 -36.02 -9.40 -5.93
N THR A 64 -37.29 -9.73 -5.71
CA THR A 64 -38.39 -8.92 -6.22
C THR A 64 -39.37 -8.61 -5.10
N THR A 65 -40.54 -8.08 -5.48
CA THR A 65 -41.60 -7.74 -4.55
C THR A 65 -42.91 -8.32 -5.08
N VAL A 66 -43.78 -8.69 -4.16
CA VAL A 66 -45.14 -9.14 -4.49
C VAL A 66 -46.07 -7.97 -4.20
N PRO A 67 -46.97 -7.60 -5.12
CA PRO A 67 -47.81 -6.41 -4.87
C PRO A 67 -48.64 -6.54 -3.60
N GLY A 68 -48.70 -5.44 -2.85
CA GLY A 68 -49.53 -5.35 -1.67
C GLY A 68 -48.90 -5.88 -0.39
N VAL A 69 -47.75 -6.53 -0.47
CA VAL A 69 -47.12 -7.14 0.70
C VAL A 69 -46.00 -6.24 1.21
N LYS A 70 -46.01 -5.99 2.52
CA LYS A 70 -45.03 -5.10 3.12
C LYS A 70 -43.61 -5.65 3.12
N GLU A 71 -43.47 -6.96 2.96
CA GLU A 71 -42.16 -7.61 2.99
C GLU A 71 -41.69 -8.01 1.61
N ASP A 72 -40.37 -8.04 1.42
CA ASP A 72 -39.81 -8.45 0.14
C ASP A 72 -39.85 -9.95 0.12
N VAL A 73 -39.60 -10.56 -1.02
CA VAL A 73 -39.53 -12.01 -1.10
C VAL A 73 -38.36 -12.54 -0.28
N THR A 74 -37.30 -11.76 -0.14
CA THR A 74 -36.17 -12.18 0.69
C THR A 74 -36.55 -12.16 2.17
N ASP A 75 -37.25 -11.12 2.61
CA ASP A 75 -37.77 -11.10 3.97
C ASP A 75 -38.79 -12.21 4.17
N LEU A 76 -39.62 -12.46 3.16
CA LEU A 76 -40.57 -13.57 3.24
C LEU A 76 -39.84 -14.89 3.45
N ILE A 77 -38.74 -15.10 2.74
CA ILE A 77 -37.98 -16.33 2.90
C ILE A 77 -37.30 -16.38 4.26
N LEU A 78 -36.82 -15.24 4.76
CA LEU A 78 -36.29 -15.20 6.12
C LEU A 78 -37.34 -15.66 7.12
N ASN A 79 -38.60 -15.31 6.90
CA ASN A 79 -39.66 -15.78 7.79
C ASN A 79 -40.02 -17.23 7.52
N ILE A 80 -39.93 -17.68 6.27
CA ILE A 80 -40.34 -19.04 5.94
C ILE A 80 -39.35 -20.04 6.51
N LYS A 81 -38.05 -19.74 6.44
CA LYS A 81 -37.05 -20.71 6.86
C LYS A 81 -37.15 -21.05 8.34
N GLN A 82 -37.69 -20.14 9.15
CA GLN A 82 -37.95 -20.43 10.56
C GLN A 82 -39.36 -20.94 10.79
N LEU A 83 -39.75 -21.96 10.03
CA LEU A 83 -41.03 -22.65 10.19
C LEU A 83 -40.79 -24.00 10.86
N VAL A 84 -41.40 -24.20 12.02
CA VAL A 84 -41.31 -25.47 12.74
C VAL A 84 -42.44 -26.35 12.22
N VAL A 85 -42.11 -27.22 11.27
CA VAL A 85 -43.08 -28.11 10.65
C VAL A 85 -42.57 -29.54 10.75
N SER A 86 -43.45 -30.47 11.10
CA SER A 86 -43.13 -31.88 11.19
C SER A 86 -43.88 -32.63 10.09
N SER A 87 -43.14 -33.39 9.30
CA SER A 87 -43.70 -34.22 8.24
C SER A 87 -43.61 -35.69 8.61
N GLU A 88 -44.28 -36.52 7.80
CA GLU A 88 -44.20 -37.97 7.96
C GLU A 88 -44.07 -38.67 6.61
N HIS A 89 -43.65 -37.97 5.57
CA HIS A 89 -43.57 -38.50 4.22
C HIS A 89 -42.10 -38.51 3.77
N ASP A 90 -41.66 -39.66 3.25
CA ASP A 90 -40.30 -39.74 2.73
C ASP A 90 -40.10 -38.80 1.55
N GLU A 91 -41.06 -38.77 0.63
CA GLU A 91 -41.00 -37.88 -0.52
C GLU A 91 -41.48 -36.49 -0.15
N PRO A 92 -41.06 -35.45 -0.89
CA PRO A 92 -41.55 -34.10 -0.61
C PRO A 92 -43.04 -33.99 -0.83
N VAL A 93 -43.69 -33.19 0.01
CA VAL A 93 -45.14 -32.98 -0.05
C VAL A 93 -45.41 -31.49 -0.08
N VAL A 94 -46.17 -31.05 -1.08
CA VAL A 94 -46.40 -29.61 -1.27
C VAL A 94 -47.42 -29.12 -0.25
N MET A 95 -47.33 -27.83 0.08
CA MET A 95 -48.09 -27.23 1.15
C MET A 95 -48.41 -25.78 0.78
N TYR A 96 -49.69 -25.46 0.74
CA TYR A 96 -50.20 -24.26 0.08
C TYR A 96 -50.61 -23.21 1.10
N LEU A 97 -50.29 -21.95 0.79
CA LEU A 97 -50.76 -20.81 1.57
C LEU A 97 -51.47 -19.84 0.63
N ARG A 98 -52.67 -19.43 1.01
CA ARG A 98 -53.46 -18.51 0.19
C ARG A 98 -54.12 -17.48 1.09
N LYS A 99 -53.96 -16.20 0.75
CA LYS A 99 -54.49 -15.13 1.57
C LYS A 99 -54.86 -13.95 0.68
N GLN A 100 -55.89 -13.23 1.09
CA GLN A 100 -56.44 -12.11 0.32
C GLN A 100 -56.78 -10.97 1.27
N GLY A 101 -56.70 -9.74 0.74
CA GLY A 101 -57.13 -8.57 1.45
C GLY A 101 -56.26 -8.27 2.64
N PRO A 102 -56.66 -7.28 3.44
CA PRO A 102 -55.84 -6.90 4.61
C PRO A 102 -55.78 -8.03 5.62
N GLY A 103 -54.63 -8.11 6.31
CA GLY A 103 -54.46 -9.11 7.35
C GLY A 103 -53.04 -9.65 7.41
N LEU A 104 -52.56 -9.91 8.63
CA LEU A 104 -51.23 -10.47 8.84
C LEU A 104 -51.30 -11.96 8.52
N VAL A 105 -50.80 -12.35 7.35
CA VAL A 105 -50.76 -13.76 7.01
C VAL A 105 -49.74 -14.43 7.92
N THR A 106 -50.22 -15.30 8.82
CA THR A 106 -49.37 -16.04 9.74
C THR A 106 -49.20 -17.46 9.22
N ALA A 107 -48.52 -18.29 10.01
CA ALA A 107 -48.35 -19.70 9.65
C ALA A 107 -49.62 -20.49 9.85
N ALA A 108 -50.54 -20.03 10.69
CA ALA A 108 -51.79 -20.72 10.90
C ALA A 108 -52.64 -20.75 9.62
N ASP A 109 -52.48 -19.74 8.76
CA ASP A 109 -53.26 -19.69 7.53
C ASP A 109 -52.85 -20.78 6.54
N ILE A 110 -51.73 -21.47 6.78
CA ILE A 110 -51.27 -22.50 5.86
C ILE A 110 -52.22 -23.69 5.90
N ALA A 111 -52.32 -24.39 4.78
CA ALA A 111 -53.16 -25.58 4.65
C ALA A 111 -52.27 -26.80 4.47
N PRO A 112 -51.69 -27.34 5.55
CA PRO A 112 -50.80 -28.50 5.38
C PRO A 112 -51.57 -29.71 4.92
N PRO A 113 -50.94 -30.60 4.13
CA PRO A 113 -51.66 -31.81 3.71
C PRO A 113 -51.85 -32.80 4.85
N ALA A 114 -52.35 -33.98 4.52
CA ALA A 114 -52.40 -35.07 5.47
C ALA A 114 -50.98 -35.58 5.74
N GLY A 115 -50.66 -35.78 7.01
CA GLY A 115 -49.33 -36.24 7.38
C GLY A 115 -48.30 -35.14 7.49
N VAL A 116 -48.73 -33.89 7.65
CA VAL A 116 -47.83 -32.77 7.88
C VAL A 116 -48.50 -31.83 8.87
N GLU A 117 -47.69 -31.16 9.68
CA GLU A 117 -48.23 -30.24 10.67
C GLU A 117 -47.29 -29.06 10.84
N VAL A 118 -47.87 -27.90 11.10
CA VAL A 118 -47.15 -26.67 11.41
C VAL A 118 -47.32 -26.41 12.90
N HIS A 119 -46.22 -26.40 13.64
CA HIS A 119 -46.27 -26.40 15.10
C HIS A 119 -46.12 -25.01 15.71
N ASN A 120 -46.04 -23.96 14.89
CA ASN A 120 -46.05 -22.59 15.38
C ASN A 120 -47.10 -21.81 14.61
N PRO A 121 -48.33 -21.67 15.13
CA PRO A 121 -49.36 -20.93 14.39
C PRO A 121 -49.32 -19.42 14.58
N ASP A 122 -48.43 -18.91 15.42
CA ASP A 122 -48.35 -17.47 15.71
C ASP A 122 -47.22 -16.82 14.89
N LEU A 123 -46.52 -17.60 14.05
CA LEU A 123 -45.46 -17.05 13.23
C LEU A 123 -46.06 -16.13 12.17
N VAL A 124 -45.68 -14.86 12.22
CA VAL A 124 -46.19 -13.86 11.29
C VAL A 124 -45.32 -13.91 10.04
N LEU A 125 -45.92 -14.27 8.91
CA LEU A 125 -45.18 -14.46 7.67
C LEU A 125 -45.13 -13.21 6.80
N ALA A 126 -46.14 -12.36 6.85
CA ALA A 126 -46.18 -11.12 6.09
C ALA A 126 -47.36 -10.30 6.61
N THR A 127 -47.59 -9.14 5.98
CA THR A 127 -48.75 -8.31 6.29
C THR A 127 -49.25 -7.72 4.98
N LEU A 128 -50.43 -8.16 4.55
CA LEU A 128 -50.97 -7.74 3.26
C LEU A 128 -51.64 -6.37 3.38
N ASN A 129 -51.72 -5.70 2.24
CA ASN A 129 -52.42 -4.43 2.12
C ASN A 129 -53.89 -4.67 1.78
N GLY A 130 -54.64 -3.57 1.73
CA GLY A 130 -56.04 -3.66 1.32
C GLY A 130 -56.23 -4.25 -0.06
N LYS A 131 -55.19 -4.20 -0.90
CA LYS A 131 -55.24 -4.74 -2.26
C LYS A 131 -54.11 -5.73 -2.50
N GLY A 132 -53.74 -6.48 -1.46
CA GLY A 132 -52.66 -7.46 -1.53
C GLY A 132 -53.21 -8.87 -1.51
N LYS A 133 -52.64 -9.72 -2.36
CA LYS A 133 -53.00 -11.13 -2.43
C LYS A 133 -51.72 -11.96 -2.46
N LEU A 134 -51.74 -13.09 -1.75
CA LEU A 134 -50.57 -13.96 -1.64
C LEU A 134 -50.98 -15.39 -1.94
N GLU A 135 -50.23 -16.04 -2.83
CA GLU A 135 -50.45 -17.43 -3.20
C GLU A 135 -49.10 -18.11 -3.25
N MET A 136 -48.85 -19.01 -2.30
CA MET A 136 -47.53 -19.60 -2.08
C MET A 136 -47.65 -21.11 -2.08
N GLU A 137 -46.62 -21.77 -2.62
CA GLU A 137 -46.57 -23.22 -2.79
C GLU A 137 -45.31 -23.70 -2.05
N LEU A 138 -45.49 -24.11 -0.80
CA LEU A 138 -44.38 -24.48 0.07
C LEU A 138 -44.16 -25.98 -0.01
N THR A 139 -42.94 -26.39 -0.35
CA THR A 139 -42.56 -27.80 -0.33
C THR A 139 -41.89 -28.09 1.00
N VAL A 140 -42.38 -29.11 1.72
CA VAL A 140 -41.84 -29.51 3.01
C VAL A 140 -41.11 -30.83 2.84
N GLU A 141 -39.97 -30.95 3.51
CA GLU A 141 -39.17 -32.16 3.42
C GLU A 141 -38.51 -32.42 4.77
N ARG A 142 -38.22 -33.69 5.04
CA ARG A 142 -37.65 -34.11 6.31
C ARG A 142 -36.22 -34.57 6.11
N GLY A 143 -35.32 -34.04 6.93
CA GLY A 143 -33.92 -34.37 6.92
C GLY A 143 -33.33 -34.04 8.27
N ARG A 144 -32.00 -34.03 8.34
CA ARG A 144 -31.31 -33.75 9.60
C ARG A 144 -30.26 -32.67 9.40
N GLY A 145 -30.08 -31.85 10.43
CA GLY A 145 -29.04 -30.84 10.43
C GLY A 145 -29.40 -29.57 9.71
N TYR A 146 -28.67 -29.26 8.66
CA TYR A 146 -28.85 -28.02 7.91
C TYR A 146 -28.42 -28.24 6.48
N VAL A 147 -29.22 -27.73 5.54
CA VAL A 147 -28.92 -27.79 4.12
C VAL A 147 -29.15 -26.41 3.54
N SER A 148 -28.18 -25.92 2.77
CA SER A 148 -28.27 -24.59 2.19
C SER A 148 -29.21 -24.58 1.00
N ALA A 149 -29.69 -23.39 0.66
CA ALA A 149 -30.58 -23.24 -0.49
C ALA A 149 -29.93 -23.73 -1.77
N VAL A 150 -28.60 -23.62 -1.86
CA VAL A 150 -27.89 -24.06 -3.06
C VAL A 150 -28.05 -25.57 -3.24
N GLN A 151 -27.98 -26.33 -2.14
CA GLN A 151 -28.06 -27.78 -2.25
C GLN A 151 -29.50 -28.25 -2.45
N ASN A 152 -30.48 -27.46 -2.03
CA ASN A 152 -31.89 -27.78 -2.26
C ASN A 152 -32.28 -27.62 -3.72
N LYS A 153 -31.41 -27.03 -4.55
CA LYS A 153 -31.74 -26.74 -5.95
C LYS A 153 -31.52 -27.98 -6.80
N GLN A 154 -32.59 -28.47 -7.45
CA GLN A 154 -32.51 -29.69 -8.25
C GLN A 154 -33.25 -29.62 -9.59
N VAL A 155 -34.14 -28.64 -9.78
CA VAL A 155 -34.86 -28.50 -11.03
C VAL A 155 -34.84 -27.05 -11.48
N GLY A 156 -35.03 -26.86 -12.78
CA GLY A 156 -35.06 -25.53 -13.38
C GLY A 156 -36.21 -25.27 -14.33
N GLN A 157 -36.97 -26.31 -14.71
CA GLN A 157 -38.08 -26.08 -15.64
C GLN A 157 -39.13 -25.17 -15.04
N GLU A 158 -39.30 -25.21 -13.72
CA GLU A 158 -40.15 -24.24 -13.03
C GLU A 158 -39.30 -23.00 -12.76
N ILE A 159 -39.44 -22.01 -13.63
CA ILE A 159 -38.67 -20.78 -13.48
C ILE A 159 -39.06 -20.03 -12.22
N GLY A 160 -40.25 -20.29 -11.68
CA GLY A 160 -40.77 -19.49 -10.58
C GLY A 160 -40.37 -19.94 -9.19
N ARG A 161 -39.75 -21.11 -9.04
CA ARG A 161 -39.47 -21.60 -7.70
C ARG A 161 -38.26 -20.89 -7.10
N ILE A 162 -38.23 -20.89 -5.77
CA ILE A 162 -37.18 -20.23 -5.00
C ILE A 162 -36.67 -21.20 -3.93
N PRO A 163 -35.66 -22.03 -4.22
CA PRO A 163 -35.12 -22.89 -3.15
C PRO A 163 -34.64 -22.07 -1.97
N VAL A 164 -34.90 -22.56 -0.77
CA VAL A 164 -34.57 -21.88 0.47
C VAL A 164 -33.71 -22.80 1.32
N ASP A 165 -33.12 -22.23 2.37
CA ASP A 165 -32.31 -23.00 3.31
C ASP A 165 -33.21 -23.64 4.35
N SER A 166 -32.98 -24.92 4.61
CA SER A 166 -33.82 -25.72 5.50
C SER A 166 -33.05 -26.01 6.78
N ILE A 167 -33.55 -25.48 7.90
CA ILE A 167 -33.00 -25.76 9.22
C ILE A 167 -33.78 -26.95 9.76
N TYR A 168 -33.29 -28.15 9.45
CA TYR A 168 -34.02 -29.36 9.79
C TYR A 168 -34.05 -29.62 11.30
N SER A 169 -33.08 -29.07 12.04
CA SER A 169 -32.87 -29.52 13.42
C SER A 169 -34.08 -29.18 14.28
N PRO A 170 -34.68 -30.16 14.97
CA PRO A 170 -35.82 -29.87 15.84
C PRO A 170 -35.47 -29.44 17.26
N VAL A 171 -34.22 -29.53 17.69
CA VAL A 171 -33.83 -29.17 19.05
C VAL A 171 -33.31 -27.74 19.05
N LEU A 172 -33.58 -27.02 20.14
CA LEU A 172 -33.26 -25.61 20.24
C LEU A 172 -31.90 -25.38 20.90
N LYS A 173 -31.76 -25.81 22.16
CA LYS A 173 -30.51 -25.60 22.88
C LYS A 173 -30.40 -26.65 23.98
N VAL A 174 -29.23 -27.27 24.09
CA VAL A 174 -28.96 -28.32 25.06
C VAL A 174 -27.77 -27.90 25.90
N THR A 175 -27.93 -27.93 27.22
CA THR A 175 -26.83 -27.77 28.16
C THR A 175 -26.82 -28.99 29.07
N TYR A 176 -25.98 -28.94 30.10
CA TYR A 176 -25.91 -30.03 31.06
C TYR A 176 -25.23 -29.50 32.32
N LYS A 177 -24.97 -30.40 33.27
CA LYS A 177 -24.32 -30.07 34.51
C LYS A 177 -23.77 -31.35 35.10
N VAL A 178 -22.87 -31.22 36.07
CA VAL A 178 -22.36 -32.36 36.81
C VAL A 178 -22.23 -31.97 38.27
N GLU A 179 -23.00 -32.62 39.13
CA GLU A 179 -22.99 -32.38 40.57
C GLU A 179 -22.40 -33.60 41.28
N ALA A 180 -22.31 -33.50 42.60
CA ALA A 180 -21.73 -34.56 43.43
C ALA A 180 -22.84 -35.38 44.06
N THR A 181 -22.81 -36.69 43.81
CA THR A 181 -23.74 -37.58 44.49
C THR A 181 -23.42 -37.64 45.98
N ARG A 182 -24.46 -37.62 46.80
CA ARG A 182 -24.28 -37.62 48.25
C ARG A 182 -23.64 -38.91 48.76
N VAL A 183 -23.67 -39.97 47.97
CA VAL A 183 -23.12 -41.24 48.41
C VAL A 183 -21.72 -41.02 48.94
N GLU A 184 -21.42 -41.65 50.08
CA GLU A 184 -20.11 -41.55 50.71
C GLU A 184 -19.22 -42.64 50.11
N GLN A 185 -18.26 -42.22 49.28
CA GLN A 185 -17.36 -43.15 48.60
C GLN A 185 -16.00 -42.50 48.46
N ARG A 186 -14.97 -43.34 48.34
CA ARG A 186 -13.61 -42.83 48.18
C ARG A 186 -13.40 -42.18 46.83
N THR A 187 -14.24 -42.49 45.84
CA THR A 187 -14.12 -41.91 44.51
C THR A 187 -15.13 -40.79 44.25
N ASP A 188 -16.18 -40.68 45.05
CA ASP A 188 -17.12 -39.56 44.99
C ASP A 188 -17.77 -39.45 43.60
N PHE A 189 -18.59 -40.47 43.30
CA PHE A 189 -19.34 -40.51 42.05
C PHE A 189 -20.11 -39.23 41.80
N ASP A 190 -20.50 -38.99 40.55
CA ASP A 190 -21.09 -37.72 40.13
C ASP A 190 -22.41 -37.95 39.40
N LYS A 191 -23.22 -36.89 39.38
CA LYS A 191 -24.58 -36.92 38.84
C LYS A 191 -24.65 -35.97 37.64
N LEU A 192 -24.93 -36.54 36.46
CA LEU A 192 -25.10 -35.76 35.24
C LEU A 192 -26.55 -35.30 35.11
N ILE A 193 -26.75 -34.06 34.68
CA ILE A 193 -28.09 -33.49 34.50
C ILE A 193 -28.12 -32.81 33.13
N VAL A 194 -28.58 -33.53 32.12
CA VAL A 194 -28.67 -32.99 30.76
C VAL A 194 -29.99 -32.25 30.62
N ASP A 195 -29.91 -30.96 30.28
CA ASP A 195 -31.08 -30.09 30.18
C ASP A 195 -31.35 -29.83 28.69
N VAL A 196 -32.43 -30.42 28.18
CA VAL A 196 -32.78 -30.31 26.76
C VAL A 196 -33.99 -29.41 26.61
N GLU A 197 -33.90 -28.47 25.66
CA GLU A 197 -35.02 -27.69 25.17
C GLU A 197 -35.11 -27.88 23.66
N THR A 198 -36.34 -27.99 23.16
CA THR A 198 -36.54 -28.39 21.77
C THR A 198 -37.61 -27.51 21.13
N LYS A 199 -37.57 -27.47 19.79
CA LYS A 199 -38.64 -26.84 19.04
C LYS A 199 -39.91 -27.68 19.14
N GLN A 200 -41.03 -27.06 18.75
CA GLN A 200 -42.32 -27.69 18.99
C GLN A 200 -42.54 -28.95 18.16
N ALA A 201 -41.63 -29.29 17.25
CA ALA A 201 -41.82 -30.49 16.44
C ALA A 201 -41.83 -31.75 17.31
N MET A 202 -40.95 -31.82 18.29
CA MET A 202 -40.83 -32.98 19.17
C MET A 202 -40.74 -32.55 20.62
N ARG A 203 -41.04 -33.49 21.52
CA ARG A 203 -40.73 -33.33 22.92
C ARG A 203 -39.26 -33.62 23.16
N PRO A 204 -38.68 -33.12 24.26
CA PRO A 204 -37.28 -33.45 24.54
C PRO A 204 -37.03 -34.94 24.69
N ARG A 205 -38.04 -35.71 25.10
CA ARG A 205 -37.86 -37.14 25.27
C ARG A 205 -37.52 -37.83 23.95
N ASP A 206 -38.22 -37.45 22.87
CA ASP A 206 -37.96 -38.06 21.57
C ASP A 206 -36.59 -37.66 21.03
N ALA A 207 -36.19 -36.41 21.24
CA ALA A 207 -34.85 -35.99 20.85
C ALA A 207 -33.79 -36.78 21.60
N MET A 208 -33.98 -36.95 22.91
CA MET A 208 -33.04 -37.73 23.70
C MET A 208 -33.00 -39.18 23.23
N ALA A 209 -34.16 -39.74 22.90
CA ALA A 209 -34.21 -41.12 22.41
C ALA A 209 -33.44 -41.25 21.10
N SER A 210 -33.63 -40.30 20.18
CA SER A 210 -32.91 -40.36 18.91
C SER A 210 -31.40 -40.22 19.12
N ALA A 211 -31.00 -39.31 20.02
CA ALA A 211 -29.58 -39.16 20.32
C ALA A 211 -29.00 -40.44 20.90
N GLY A 212 -29.73 -41.06 21.83
CA GLY A 212 -29.28 -42.31 22.41
C GLY A 212 -29.18 -43.41 21.40
N LYS A 213 -30.14 -43.49 20.48
CA LYS A 213 -30.08 -44.51 19.43
C LYS A 213 -28.86 -44.32 18.56
N THR A 214 -28.61 -43.08 18.14
CA THR A 214 -27.42 -42.78 17.33
C THR A 214 -26.15 -43.21 18.05
N LEU A 215 -26.00 -42.79 19.31
CA LEU A 215 -24.77 -43.09 20.04
C LEU A 215 -24.63 -44.58 20.31
N VAL A 216 -25.74 -45.26 20.62
CA VAL A 216 -25.69 -46.69 20.85
C VAL A 216 -25.21 -47.41 19.60
N GLU A 217 -25.73 -47.02 18.43
CA GLU A 217 -25.27 -47.64 17.20
C GLU A 217 -23.79 -47.35 16.96
N LEU A 218 -23.38 -46.10 17.18
CA LEU A 218 -22.00 -45.72 16.90
C LEU A 218 -21.02 -46.49 17.78
N PHE A 219 -21.37 -46.70 19.04
CA PHE A 219 -20.46 -47.41 19.94
C PHE A 219 -20.60 -48.92 19.81
N GLY A 220 -21.77 -49.42 19.43
CA GLY A 220 -21.89 -50.83 19.11
C GLY A 220 -21.09 -51.21 17.90
N LEU A 221 -20.83 -50.25 17.01
CA LEU A 221 -19.87 -50.49 15.95
C LEU A 221 -18.52 -50.95 16.52
N ALA A 222 -17.98 -50.17 17.47
CA ALA A 222 -16.70 -50.53 18.07
C ALA A 222 -16.80 -51.82 18.86
N ARG A 223 -17.88 -52.00 19.61
CA ARG A 223 -18.01 -53.18 20.45
C ARG A 223 -18.16 -54.48 19.68
N GLU A 224 -19.11 -54.55 18.76
CA GLU A 224 -19.40 -55.82 18.09
C GLU A 224 -18.34 -56.16 17.06
N LEU A 225 -17.81 -55.16 16.36
CA LEU A 225 -16.93 -55.44 15.22
C LEU A 225 -15.69 -56.22 15.66
N ASN A 226 -15.06 -55.79 16.75
CA ASN A 226 -13.91 -56.51 17.26
C ASN A 226 -14.35 -57.86 17.83
N ILE A 227 -13.57 -58.90 17.57
CA ILE A 227 -13.83 -60.20 18.16
C ILE A 227 -15.27 -60.33 18.67
N ALA B 4 -25.89 -43.17 6.13
CA ALA B 4 -25.18 -42.47 5.03
C ALA B 4 -23.92 -43.26 4.63
N GLN B 5 -22.93 -43.26 5.52
CA GLN B 5 -21.73 -44.06 5.36
C GLN B 5 -21.55 -44.90 6.61
N ARG B 6 -21.03 -46.12 6.43
CA ARG B 6 -20.88 -47.06 7.53
C ARG B 6 -19.44 -46.98 8.05
N PRO B 7 -19.16 -46.26 9.13
CA PRO B 7 -17.82 -46.29 9.70
C PRO B 7 -17.45 -47.71 10.15
N SER B 8 -16.17 -48.04 10.02
CA SER B 8 -15.67 -49.35 10.41
C SER B 8 -14.46 -49.18 11.30
N LEU B 9 -14.24 -50.18 12.15
CA LEU B 9 -13.13 -50.18 13.10
C LEU B 9 -12.04 -51.11 12.58
N THR B 10 -10.82 -50.58 12.49
CA THR B 10 -9.66 -51.42 12.18
C THR B 10 -8.60 -51.16 13.23
N GLU B 11 -7.76 -52.17 13.47
CA GLU B 11 -6.72 -52.08 14.49
C GLU B 11 -5.37 -52.48 13.91
N GLU B 12 -4.33 -51.75 14.33
CA GLU B 12 -2.94 -52.09 14.03
C GLU B 12 -2.22 -52.32 15.34
N VAL B 13 -1.50 -53.43 15.43
CA VAL B 13 -0.81 -53.83 16.65
C VAL B 13 0.66 -53.46 16.51
N VAL B 14 1.12 -52.51 17.34
CA VAL B 14 2.52 -52.13 17.30
C VAL B 14 3.35 -53.05 18.18
N ASP B 15 2.80 -53.48 19.31
CA ASP B 15 3.45 -54.45 20.18
C ASP B 15 2.36 -55.10 21.04
N GLU B 16 2.77 -55.87 22.04
CA GLU B 16 1.82 -56.57 22.89
C GLU B 16 1.22 -55.70 23.99
N PHE B 17 1.71 -54.46 24.15
CA PHE B 17 1.25 -53.59 25.22
C PHE B 17 0.41 -52.42 24.75
N ARG B 18 0.40 -52.10 23.46
CA ARG B 18 -0.38 -50.97 22.98
C ARG B 18 -0.76 -51.19 21.53
N SER B 19 -1.81 -50.47 21.11
CA SER B 19 -2.29 -50.61 19.76
C SER B 19 -3.01 -49.38 19.26
N ARG B 20 -3.16 -49.26 17.96
CA ARG B 20 -3.82 -48.15 17.31
C ARG B 20 -5.16 -48.60 16.75
N PHE B 21 -6.21 -47.82 17.02
CA PHE B 21 -7.56 -48.07 16.55
C PHE B 21 -7.96 -46.95 15.63
N VAL B 22 -8.43 -47.29 14.43
CA VAL B 22 -8.84 -46.32 13.42
C VAL B 22 -10.32 -46.52 13.18
N ILE B 23 -11.09 -45.45 13.36
CA ILE B 23 -12.50 -45.39 13.03
C ILE B 23 -12.59 -44.64 11.71
N GLU B 24 -13.05 -45.34 10.67
CA GLU B 24 -13.05 -44.90 9.29
C GLU B 24 -14.30 -44.02 9.07
N PRO B 25 -14.53 -43.49 7.81
CA PRO B 25 -15.42 -42.32 7.65
C PRO B 25 -16.66 -42.24 8.53
N LEU B 26 -16.78 -41.10 9.20
CA LEU B 26 -17.96 -40.86 10.01
C LEU B 26 -18.40 -39.44 9.69
N GLU B 27 -19.48 -38.98 10.28
CA GLU B 27 -20.01 -37.67 9.94
C GLU B 27 -19.24 -36.57 10.66
N PRO B 28 -19.31 -35.33 10.15
CA PRO B 28 -18.58 -34.23 10.81
C PRO B 28 -19.04 -34.06 12.24
N GLY B 29 -18.08 -33.85 13.14
CA GLY B 29 -18.36 -33.66 14.53
C GLY B 29 -18.57 -34.94 15.32
N PHE B 30 -18.78 -36.07 14.66
CA PHE B 30 -18.90 -37.33 15.37
C PHE B 30 -17.57 -37.83 15.89
N GLY B 31 -16.46 -37.40 15.28
CA GLY B 31 -15.15 -37.78 15.80
C GLY B 31 -14.96 -37.26 17.22
N TYR B 32 -15.38 -36.04 17.48
CA TYR B 32 -15.26 -35.45 18.81
C TYR B 32 -16.35 -35.91 19.76
N THR B 33 -17.35 -36.64 19.28
CA THR B 33 -18.28 -37.35 20.17
C THR B 33 -17.73 -38.71 20.57
N LEU B 34 -17.12 -39.42 19.61
CA LEU B 34 -16.56 -40.72 19.92
C LEU B 34 -15.28 -40.62 20.74
N GLY B 35 -14.42 -39.65 20.42
CA GLY B 35 -13.09 -39.60 20.98
C GLY B 35 -13.03 -39.48 22.49
N ASN B 36 -13.54 -38.39 23.05
CA ASN B 36 -13.43 -38.17 24.48
C ASN B 36 -14.21 -39.22 25.27
N SER B 37 -15.38 -39.61 24.76
CA SER B 37 -16.18 -40.62 25.44
C SER B 37 -15.43 -41.95 25.48
N LEU B 38 -14.86 -42.38 24.35
CA LEU B 38 -14.08 -43.60 24.34
C LEU B 38 -12.88 -43.50 25.25
N ARG B 39 -12.19 -42.36 25.24
CA ARG B 39 -11.02 -42.19 26.11
C ARG B 39 -11.41 -42.36 27.57
N ARG B 40 -12.43 -41.63 28.01
CA ARG B 40 -12.81 -41.67 29.41
C ARG B 40 -13.35 -43.04 29.81
N THR B 41 -14.10 -43.70 28.93
CA THR B 41 -14.62 -45.03 29.25
C THR B 41 -13.49 -46.04 29.33
N LEU B 42 -12.62 -46.07 28.32
CA LEU B 42 -11.48 -46.97 28.33
C LEU B 42 -10.63 -46.76 29.57
N LEU B 43 -10.47 -45.52 30.01
CA LEU B 43 -9.59 -45.18 31.11
C LEU B 43 -10.21 -45.49 32.48
N SER B 44 -11.46 -45.08 32.70
CA SER B 44 -12.02 -45.00 34.05
C SER B 44 -13.27 -45.84 34.24
N SER B 45 -13.46 -46.89 33.45
CA SER B 45 -14.62 -47.77 33.63
C SER B 45 -14.27 -49.24 33.71
N ILE B 46 -13.25 -49.69 32.97
CA ILE B 46 -12.95 -51.12 32.98
C ILE B 46 -12.49 -51.52 34.37
N PRO B 47 -12.90 -52.69 34.92
CA PRO B 47 -12.49 -53.05 36.29
C PRO B 47 -11.22 -53.89 36.33
N GLY B 48 -10.44 -53.70 37.39
CA GLY B 48 -9.24 -54.47 37.64
C GLY B 48 -8.86 -54.33 39.10
N ALA B 49 -7.77 -54.99 39.46
CA ALA B 49 -7.30 -55.03 40.84
C ALA B 49 -5.95 -54.33 40.96
N ALA B 50 -5.77 -53.66 42.11
CA ALA B 50 -4.54 -52.93 42.40
C ALA B 50 -4.22 -53.05 43.88
N VAL B 51 -2.94 -52.85 44.21
CA VAL B 51 -2.48 -52.92 45.59
C VAL B 51 -2.87 -51.60 46.28
N THR B 52 -3.79 -51.68 47.24
CA THR B 52 -4.25 -50.48 47.93
C THR B 52 -3.33 -50.05 49.06
N SER B 53 -2.57 -50.97 49.66
CA SER B 53 -1.68 -50.62 50.75
C SER B 53 -0.64 -51.71 50.91
N ILE B 54 0.42 -51.38 51.64
CA ILE B 54 1.53 -52.31 51.86
C ILE B 54 2.06 -52.10 53.27
N ARG B 55 2.39 -53.21 53.93
CA ARG B 55 3.02 -53.20 55.25
C ARG B 55 4.31 -54.00 55.16
N ILE B 56 5.44 -53.32 55.31
CA ILE B 56 6.75 -53.95 55.37
C ILE B 56 7.06 -54.23 56.83
N ASP B 57 7.71 -55.36 57.09
CA ASP B 57 7.98 -55.77 58.46
C ASP B 57 8.83 -54.73 59.20
N GLY B 58 8.40 -54.37 60.40
CA GLY B 58 9.18 -53.50 61.26
C GLY B 58 9.50 -52.15 60.67
N VAL B 59 8.49 -51.47 60.13
CA VAL B 59 8.66 -50.15 59.53
C VAL B 59 7.61 -49.20 60.08
N LEU B 60 7.88 -47.91 59.92
CA LEU B 60 6.98 -46.85 60.36
C LEU B 60 6.72 -45.91 59.19
N HIS B 61 5.54 -45.30 59.18
CA HIS B 61 5.14 -44.48 58.04
C HIS B 61 6.09 -43.30 57.85
N GLU B 62 6.45 -42.62 58.94
CA GLU B 62 7.37 -41.50 58.83
C GLU B 62 8.82 -41.95 58.66
N PHE B 63 9.16 -43.13 59.18
CA PHE B 63 10.53 -43.62 59.09
C PHE B 63 10.90 -43.81 57.62
N THR B 64 11.88 -43.03 57.16
CA THR B 64 12.10 -42.82 55.73
C THR B 64 12.42 -44.11 54.97
N THR B 65 13.55 -44.73 55.27
CA THR B 65 14.03 -45.89 54.53
C THR B 65 13.51 -47.16 55.19
N VAL B 66 14.14 -48.29 54.87
CA VAL B 66 13.90 -49.56 55.54
C VAL B 66 15.26 -50.23 55.78
N PRO B 67 15.58 -50.67 57.00
CA PRO B 67 16.86 -51.36 57.20
C PRO B 67 16.94 -52.63 56.36
N GLY B 68 18.13 -52.88 55.81
CA GLY B 68 18.34 -54.01 54.92
C GLY B 68 17.89 -53.78 53.50
N VAL B 69 17.20 -52.68 53.21
CA VAL B 69 16.69 -52.37 51.88
C VAL B 69 17.29 -51.04 51.46
N LYS B 70 17.96 -51.02 50.31
CA LYS B 70 18.58 -49.78 49.84
C LYS B 70 17.53 -48.77 49.38
N GLU B 71 16.48 -49.25 48.71
CA GLU B 71 15.48 -48.35 48.16
C GLU B 71 14.72 -47.65 49.28
N ASP B 72 14.51 -46.35 49.11
CA ASP B 72 13.71 -45.59 50.06
C ASP B 72 12.27 -46.12 50.04
N VAL B 73 11.49 -45.72 51.04
CA VAL B 73 10.10 -46.17 51.11
C VAL B 73 9.34 -45.69 49.88
N THR B 74 9.65 -44.47 49.42
CA THR B 74 8.96 -43.95 48.23
C THR B 74 9.28 -44.79 47.00
N ASP B 75 10.53 -45.20 46.84
CA ASP B 75 10.87 -46.06 45.70
C ASP B 75 10.17 -47.40 45.79
N LEU B 76 10.07 -47.97 47.00
CA LEU B 76 9.29 -49.19 47.17
C LEU B 76 7.83 -48.97 46.78
N ILE B 77 7.26 -47.84 47.19
CA ILE B 77 5.87 -47.54 46.87
C ILE B 77 5.68 -47.45 45.36
N LEU B 78 6.60 -46.79 44.66
CA LEU B 78 6.50 -46.70 43.20
C LEU B 78 6.61 -48.08 42.57
N ASN B 79 7.60 -48.87 43.00
CA ASN B 79 7.77 -50.21 42.44
C ASN B 79 6.54 -51.07 42.68
N ILE B 80 5.86 -50.87 43.80
CA ILE B 80 4.68 -51.67 44.11
C ILE B 80 3.46 -51.17 43.34
N LYS B 81 3.23 -49.86 43.28
CA LYS B 81 2.08 -49.37 42.54
C LYS B 81 2.25 -49.57 41.04
N GLN B 82 3.46 -49.88 40.56
CA GLN B 82 3.62 -50.37 39.20
C GLN B 82 3.09 -51.80 39.06
N LEU B 83 2.98 -52.53 40.16
CA LEU B 83 2.59 -53.94 40.15
C LEU B 83 1.21 -54.13 39.55
N VAL B 84 1.08 -55.14 38.69
CA VAL B 84 -0.20 -55.60 38.16
C VAL B 84 -0.64 -56.85 38.90
N VAL B 85 -1.89 -56.85 39.35
CA VAL B 85 -2.50 -57.96 40.06
C VAL B 85 -3.95 -58.07 39.61
N SER B 86 -4.47 -59.30 39.58
CA SER B 86 -5.87 -59.56 39.26
C SER B 86 -6.50 -60.31 40.43
N SER B 87 -7.50 -59.69 41.06
CA SER B 87 -8.16 -60.23 42.25
C SER B 87 -9.60 -60.55 41.90
N GLU B 88 -9.99 -61.81 42.13
CA GLU B 88 -11.35 -62.28 41.90
C GLU B 88 -12.14 -62.42 43.19
N HIS B 89 -11.59 -61.96 44.32
CA HIS B 89 -12.20 -62.21 45.61
C HIS B 89 -13.21 -61.16 46.03
N ASP B 90 -13.22 -59.99 45.38
CA ASP B 90 -14.17 -58.93 45.70
C ASP B 90 -14.02 -58.41 47.13
N GLU B 91 -12.89 -58.68 47.76
CA GLU B 91 -12.61 -58.26 49.13
C GLU B 91 -11.17 -57.82 49.23
N PRO B 92 -10.82 -56.99 50.24
CA PRO B 92 -9.42 -56.61 50.40
C PRO B 92 -8.54 -57.76 50.85
N VAL B 93 -8.23 -58.67 49.93
CA VAL B 93 -7.35 -59.78 50.26
C VAL B 93 -5.95 -59.23 50.59
N VAL B 94 -5.15 -60.07 51.22
CA VAL B 94 -3.78 -59.73 51.63
C VAL B 94 -2.84 -60.76 51.03
N MET B 95 -1.76 -60.29 50.41
CA MET B 95 -0.78 -61.13 49.75
C MET B 95 0.59 -60.91 50.38
N TYR B 96 1.32 -62.01 50.59
CA TYR B 96 2.54 -62.02 51.38
C TYR B 96 3.76 -62.20 50.49
N LEU B 97 4.88 -61.60 50.92
CA LEU B 97 6.15 -61.74 50.23
C LEU B 97 7.24 -61.89 51.28
N ARG B 98 7.97 -63.00 51.22
CA ARG B 98 9.02 -63.32 52.17
C ARG B 98 10.34 -63.44 51.42
N LYS B 99 11.37 -62.76 51.93
CA LYS B 99 12.69 -62.80 51.32
C LYS B 99 13.76 -62.70 52.39
N GLN B 100 14.85 -63.43 52.17
CA GLN B 100 15.96 -63.39 53.09
C GLN B 100 17.25 -63.32 52.31
N GLY B 101 18.33 -62.97 52.97
CA GLY B 101 19.63 -62.84 52.35
C GLY B 101 19.72 -61.64 51.43
N PRO B 102 20.89 -61.44 50.82
CA PRO B 102 21.04 -60.33 49.87
C PRO B 102 20.61 -60.74 48.47
N GLY B 103 20.47 -59.74 47.62
CA GLY B 103 20.10 -59.95 46.23
C GLY B 103 19.03 -58.95 45.81
N LEU B 104 18.11 -59.44 44.97
CA LEU B 104 16.99 -58.66 44.50
C LEU B 104 15.70 -59.45 44.71
N VAL B 105 14.64 -58.76 45.11
CA VAL B 105 13.36 -59.40 45.39
C VAL B 105 12.41 -58.98 44.27
N THR B 106 12.03 -59.95 43.43
CA THR B 106 11.11 -59.69 42.33
C THR B 106 9.68 -60.00 42.75
N ALA B 107 8.75 -59.76 41.83
CA ALA B 107 7.36 -60.14 42.03
C ALA B 107 7.10 -61.61 41.74
N ALA B 108 8.11 -62.34 41.25
CA ALA B 108 7.95 -63.79 41.08
C ALA B 108 7.94 -64.50 42.43
N ASP B 109 8.49 -63.88 43.47
CA ASP B 109 8.58 -64.47 44.79
C ASP B 109 7.37 -64.15 45.66
N ILE B 110 6.34 -63.49 45.11
CA ILE B 110 5.12 -63.25 45.87
C ILE B 110 4.47 -64.58 46.23
N ALA B 111 3.60 -64.55 47.24
CA ALA B 111 2.82 -65.71 47.67
C ALA B 111 1.34 -65.44 47.38
N PRO B 112 0.86 -65.74 46.19
CA PRO B 112 -0.54 -65.41 45.85
C PRO B 112 -1.50 -66.39 46.47
N PRO B 113 -2.57 -65.93 47.13
CA PRO B 113 -3.64 -66.86 47.52
C PRO B 113 -4.37 -67.38 46.29
N ALA B 114 -5.10 -68.47 46.48
CA ALA B 114 -5.87 -69.05 45.39
C ALA B 114 -6.89 -68.06 44.86
N GLY B 115 -6.69 -67.61 43.62
CA GLY B 115 -7.57 -66.66 42.98
C GLY B 115 -6.88 -65.36 42.62
N VAL B 116 -6.06 -64.83 43.53
CA VAL B 116 -5.24 -63.67 43.21
C VAL B 116 -4.08 -64.11 42.33
N GLU B 117 -3.59 -63.20 41.50
CA GLU B 117 -2.48 -63.50 40.64
C GLU B 117 -1.75 -62.21 40.29
N VAL B 118 -0.42 -62.29 40.24
CA VAL B 118 0.44 -61.20 39.79
C VAL B 118 0.93 -61.53 38.40
N HIS B 119 0.68 -60.64 37.44
CA HIS B 119 0.93 -60.95 36.04
C HIS B 119 2.31 -60.50 35.57
N ASN B 120 2.99 -59.61 36.29
CA ASN B 120 4.36 -59.25 35.97
C ASN B 120 5.30 -59.84 37.02
N PRO B 121 5.78 -61.07 36.84
CA PRO B 121 6.64 -61.68 37.87
C PRO B 121 8.07 -61.15 37.89
N ASP B 122 8.54 -60.52 36.81
CA ASP B 122 9.92 -60.09 36.72
C ASP B 122 10.14 -58.66 37.23
N LEU B 123 9.10 -57.97 37.68
CA LEU B 123 9.28 -56.66 38.28
C LEU B 123 10.10 -56.79 39.55
N VAL B 124 11.09 -55.92 39.70
CA VAL B 124 11.95 -55.92 40.88
C VAL B 124 11.34 -55.00 41.93
N LEU B 125 10.95 -55.58 43.06
CA LEU B 125 10.37 -54.78 44.14
C LEU B 125 11.44 -53.99 44.89
N ALA B 126 12.57 -54.61 45.18
CA ALA B 126 13.62 -53.96 45.95
C ALA B 126 14.91 -54.76 45.83
N THR B 127 15.97 -54.19 46.38
CA THR B 127 17.29 -54.82 46.44
C THR B 127 17.71 -54.91 47.90
N LEU B 128 18.12 -56.09 48.33
CA LEU B 128 18.46 -56.37 49.71
C LEU B 128 19.97 -56.49 49.87
N ASN B 129 20.52 -55.72 50.80
CA ASN B 129 21.94 -55.73 51.12
C ASN B 129 22.13 -56.39 52.48
N GLY B 130 23.10 -57.29 52.57
CA GLY B 130 23.30 -58.03 53.80
C GLY B 130 22.12 -58.92 54.09
N LYS B 131 21.73 -58.98 55.36
CA LYS B 131 20.57 -59.78 55.75
C LYS B 131 19.32 -59.27 55.03
N GLY B 132 18.58 -60.19 54.43
CA GLY B 132 17.39 -59.83 53.69
C GLY B 132 16.25 -59.36 54.57
N LYS B 133 15.68 -60.30 55.32
CA LYS B 133 14.61 -60.06 56.28
C LYS B 133 13.57 -59.07 55.74
N LEU B 134 13.08 -59.33 54.54
CA LEU B 134 12.02 -58.54 53.93
C LEU B 134 10.74 -59.38 53.92
N GLU B 135 9.88 -59.12 54.90
CA GLU B 135 8.57 -59.76 54.99
C GLU B 135 7.52 -58.67 54.89
N MET B 136 6.71 -58.72 53.83
CA MET B 136 5.76 -57.64 53.56
C MET B 136 4.42 -58.22 53.13
N GLU B 137 3.34 -57.65 53.68
CA GLU B 137 1.97 -58.04 53.34
C GLU B 137 1.28 -56.84 52.71
N LEU B 138 0.71 -57.03 51.53
CA LEU B 138 0.12 -55.96 50.75
C LEU B 138 -1.34 -56.28 50.46
N THR B 139 -2.20 -55.27 50.57
CA THR B 139 -3.65 -55.49 50.49
C THR B 139 -4.11 -55.21 49.06
N VAL B 140 -4.25 -56.28 48.27
CA VAL B 140 -4.87 -56.14 46.97
C VAL B 140 -6.34 -55.77 47.15
N GLU B 141 -6.88 -55.07 46.16
CA GLU B 141 -8.28 -54.66 46.18
C GLU B 141 -8.76 -54.52 44.75
N ARG B 142 -10.07 -54.43 44.59
CA ARG B 142 -10.73 -54.43 43.29
C ARG B 142 -11.42 -53.09 43.08
N GLY B 143 -11.45 -52.63 41.83
CA GLY B 143 -12.08 -51.36 41.53
C GLY B 143 -11.82 -50.95 40.10
N ARG B 144 -12.02 -49.66 39.83
CA ARG B 144 -11.86 -49.11 38.49
C ARG B 144 -11.45 -47.65 38.58
N GLY B 145 -10.57 -47.23 37.67
CA GLY B 145 -10.15 -45.85 37.60
C GLY B 145 -8.80 -45.59 38.23
N TYR B 146 -8.69 -44.48 38.96
CA TYR B 146 -7.44 -44.13 39.63
C TYR B 146 -7.81 -43.37 40.90
N VAL B 147 -7.45 -43.92 42.05
CA VAL B 147 -7.76 -43.34 43.34
C VAL B 147 -6.45 -42.89 43.98
N SER B 148 -6.36 -41.62 44.33
CA SER B 148 -5.20 -41.12 45.02
C SER B 148 -5.17 -41.65 46.45
N ALA B 149 -3.97 -41.68 47.03
CA ALA B 149 -3.77 -42.25 48.36
C ALA B 149 -4.22 -41.29 49.45
N VAL B 150 -5.53 -40.99 49.44
CA VAL B 150 -6.11 -40.28 50.57
C VAL B 150 -6.03 -41.20 51.79
N GLN B 151 -6.08 -40.60 52.98
CA GLN B 151 -5.94 -41.38 54.21
C GLN B 151 -6.99 -42.48 54.25
N ASN B 152 -6.55 -43.72 54.10
CA ASN B 152 -7.42 -44.88 54.09
C ASN B 152 -7.49 -45.57 55.45
N LYS B 153 -7.01 -44.91 56.50
CA LYS B 153 -6.90 -45.49 57.83
C LYS B 153 -6.03 -46.74 57.83
N GLN B 154 -5.18 -46.91 56.82
CA GLN B 154 -4.32 -48.08 56.74
C GLN B 154 -3.14 -47.98 57.70
N VAL B 155 -2.61 -46.77 57.90
CA VAL B 155 -1.59 -46.57 58.93
C VAL B 155 -2.20 -46.70 60.31
N GLY B 156 -3.45 -46.26 60.48
CA GLY B 156 -4.08 -46.29 61.79
C GLY B 156 -4.25 -47.71 62.32
N GLN B 157 -4.72 -48.62 61.46
CA GLN B 157 -4.92 -50.00 61.90
C GLN B 157 -3.59 -50.63 62.33
N GLU B 158 -2.55 -50.43 61.53
CA GLU B 158 -1.19 -50.83 61.90
C GLU B 158 -0.23 -49.93 61.15
N ILE B 159 0.82 -49.48 61.84
CA ILE B 159 1.63 -48.38 61.33
C ILE B 159 2.34 -48.78 60.04
N GLY B 160 2.83 -50.02 59.97
CA GLY B 160 3.56 -50.44 58.77
C GLY B 160 2.72 -50.37 57.52
N ARG B 161 1.43 -50.67 57.64
CA ARG B 161 0.52 -50.62 56.49
C ARG B 161 0.29 -49.18 56.08
N ILE B 162 0.73 -48.82 54.87
CA ILE B 162 0.65 -47.44 54.39
C ILE B 162 -0.25 -47.38 53.15
N PRO B 163 -0.94 -46.27 52.90
CA PRO B 163 -1.75 -46.18 51.68
C PRO B 163 -0.90 -45.83 50.46
N VAL B 164 -1.29 -46.37 49.32
CA VAL B 164 -0.63 -46.10 48.05
C VAL B 164 -1.68 -45.78 47.01
N ASP B 165 -1.27 -45.02 45.99
CA ASP B 165 -2.15 -44.74 44.87
C ASP B 165 -2.43 -46.03 44.11
N SER B 166 -3.68 -46.19 43.67
CA SER B 166 -4.15 -47.42 43.06
C SER B 166 -4.49 -47.16 41.60
N ILE B 167 -3.82 -47.89 40.70
CA ILE B 167 -4.18 -47.92 39.29
C ILE B 167 -4.96 -49.22 39.09
N TYR B 168 -6.27 -49.15 39.32
CA TYR B 168 -7.12 -50.29 38.99
C TYR B 168 -7.27 -50.46 37.50
N SER B 169 -7.24 -49.35 36.75
CA SER B 169 -7.58 -49.38 35.34
C SER B 169 -6.59 -50.27 34.59
N PRO B 170 -7.05 -51.28 33.85
CA PRO B 170 -6.11 -52.04 33.01
C PRO B 170 -5.37 -51.18 32.00
N VAL B 171 -6.03 -50.21 31.39
CA VAL B 171 -5.38 -49.36 30.39
C VAL B 171 -4.62 -48.26 31.12
N LEU B 172 -3.32 -48.16 30.83
CA LEU B 172 -2.47 -47.18 31.47
C LEU B 172 -2.60 -45.81 30.84
N LYS B 173 -2.69 -45.74 29.52
CA LYS B 173 -2.81 -44.44 28.87
C LYS B 173 -3.44 -44.61 27.51
N VAL B 174 -4.08 -43.56 27.02
CA VAL B 174 -4.71 -43.58 25.70
C VAL B 174 -4.89 -42.14 25.24
N THR B 175 -4.59 -41.92 23.96
CA THR B 175 -4.76 -40.61 23.38
C THR B 175 -5.54 -40.72 22.08
N TYR B 176 -6.35 -39.73 21.79
CA TYR B 176 -7.18 -39.70 20.59
C TYR B 176 -6.93 -38.44 19.78
N LYS B 177 -7.09 -38.55 18.47
CA LYS B 177 -7.03 -37.40 17.59
C LYS B 177 -7.99 -37.60 16.42
N VAL B 178 -8.58 -36.49 15.96
CA VAL B 178 -9.55 -36.50 14.88
C VAL B 178 -8.90 -35.84 13.67
N GLU B 179 -8.86 -36.55 12.54
CA GLU B 179 -8.28 -36.00 11.33
C GLU B 179 -9.24 -36.18 10.17
N ALA B 180 -9.36 -35.14 9.34
CA ALA B 180 -10.28 -35.19 8.21
C ALA B 180 -9.84 -36.22 7.20
N THR B 181 -10.82 -36.75 6.45
CA THR B 181 -10.56 -37.70 5.38
C THR B 181 -11.37 -37.32 4.15
N ARG B 182 -10.81 -37.58 2.98
CA ARG B 182 -11.45 -37.29 1.71
C ARG B 182 -12.35 -38.48 1.36
N VAL B 183 -13.66 -38.26 1.41
CA VAL B 183 -14.65 -39.33 1.24
C VAL B 183 -15.66 -38.85 0.20
N GLU B 184 -15.45 -39.25 -1.05
CA GLU B 184 -16.42 -39.02 -2.12
C GLU B 184 -16.75 -37.54 -2.26
N GLN B 185 -15.73 -36.75 -2.58
CA GLN B 185 -15.82 -35.33 -2.91
C GLN B 185 -16.14 -34.47 -1.68
N ARG B 186 -16.38 -35.07 -0.50
CA ARG B 186 -16.59 -34.35 0.74
C ARG B 186 -15.30 -34.32 1.53
N THR B 187 -15.10 -33.24 2.30
CA THR B 187 -13.85 -33.04 3.01
C THR B 187 -14.06 -32.67 4.48
N ASP B 188 -15.28 -32.80 5.00
CA ASP B 188 -15.54 -32.60 6.42
C ASP B 188 -15.74 -33.90 7.18
N PHE B 189 -15.78 -35.05 6.49
CA PHE B 189 -15.85 -36.32 7.19
C PHE B 189 -14.56 -36.56 7.97
N ASP B 190 -14.72 -37.11 9.17
CA ASP B 190 -13.61 -37.31 10.08
C ASP B 190 -13.25 -38.79 10.16
N LYS B 191 -12.02 -39.05 10.60
CA LYS B 191 -11.61 -40.37 11.05
C LYS B 191 -10.91 -40.21 12.38
N LEU B 192 -11.11 -41.19 13.25
CA LEU B 192 -10.66 -41.11 14.64
C LEU B 192 -9.52 -42.08 14.86
N ILE B 193 -8.43 -41.58 15.46
CA ILE B 193 -7.24 -42.38 15.76
C ILE B 193 -7.11 -42.43 17.27
N VAL B 194 -7.19 -43.63 17.84
CA VAL B 194 -7.05 -43.83 19.28
C VAL B 194 -5.88 -44.78 19.51
N ASP B 195 -4.81 -44.27 20.13
CA ASP B 195 -3.64 -45.07 20.48
C ASP B 195 -3.70 -45.34 21.97
N VAL B 196 -3.75 -46.62 22.34
CA VAL B 196 -3.97 -47.03 23.73
C VAL B 196 -2.91 -48.03 24.14
N GLU B 197 -2.36 -47.78 25.34
CA GLU B 197 -1.40 -48.68 25.93
C GLU B 197 -2.08 -49.25 27.15
N THR B 198 -1.76 -50.48 27.51
CA THR B 198 -2.39 -51.19 28.60
C THR B 198 -1.34 -52.02 29.33
N LYS B 199 -1.54 -52.23 30.63
CA LYS B 199 -0.63 -53.06 31.40
C LYS B 199 -0.76 -54.52 30.98
N GLN B 200 -0.03 -55.41 31.67
CA GLN B 200 0.02 -56.80 31.24
C GLN B 200 -1.26 -57.56 31.52
N ALA B 201 -2.31 -56.92 32.03
CA ALA B 201 -3.54 -57.63 32.37
C ALA B 201 -4.23 -58.16 31.11
N MET B 202 -4.64 -57.26 30.22
CA MET B 202 -5.43 -57.64 29.06
C MET B 202 -4.91 -56.95 27.81
N ARG B 203 -5.32 -57.46 26.66
CA ARG B 203 -4.94 -56.90 25.38
C ARG B 203 -5.66 -55.56 25.17
N PRO B 204 -5.24 -54.77 24.17
CA PRO B 204 -5.97 -53.53 23.91
C PRO B 204 -7.33 -53.74 23.30
N ARG B 205 -7.48 -54.73 22.42
CA ARG B 205 -8.77 -54.97 21.77
C ARG B 205 -9.84 -55.36 22.79
N ASP B 206 -9.47 -56.15 23.80
CA ASP B 206 -10.41 -56.49 24.86
C ASP B 206 -10.88 -55.25 25.60
N ALA B 207 -9.96 -54.34 25.90
CA ALA B 207 -10.33 -53.10 26.58
C ALA B 207 -11.25 -52.27 25.70
N MET B 208 -10.97 -52.22 24.39
CA MET B 208 -11.85 -51.49 23.48
C MET B 208 -13.25 -52.08 23.48
N ALA B 209 -13.35 -53.41 23.44
CA ALA B 209 -14.65 -54.07 23.47
C ALA B 209 -15.39 -53.77 24.77
N SER B 210 -14.68 -53.80 25.90
CA SER B 210 -15.32 -53.51 27.18
C SER B 210 -15.82 -52.07 27.22
N ALA B 211 -15.04 -51.13 26.71
CA ALA B 211 -15.49 -49.74 26.66
C ALA B 211 -16.70 -49.58 25.75
N GLY B 212 -16.69 -50.29 24.62
CA GLY B 212 -17.85 -50.27 23.74
C GLY B 212 -19.10 -50.76 24.43
N LYS B 213 -18.98 -51.87 25.18
CA LYS B 213 -20.10 -52.37 25.97
C LYS B 213 -20.60 -51.31 26.96
N THR B 214 -19.67 -50.72 27.70
CA THR B 214 -20.05 -49.76 28.73
C THR B 214 -20.79 -48.59 28.13
N LEU B 215 -20.28 -48.06 27.01
CA LEU B 215 -20.94 -46.91 26.38
C LEU B 215 -22.27 -47.30 25.77
N VAL B 216 -22.36 -48.51 25.20
CA VAL B 216 -23.61 -48.95 24.60
C VAL B 216 -24.71 -49.00 25.66
N GLU B 217 -24.38 -49.50 26.83
CA GLU B 217 -25.35 -49.50 27.90
C GLU B 217 -25.64 -48.10 28.39
N LEU B 218 -24.60 -47.28 28.55
CA LEU B 218 -24.78 -45.94 29.09
C LEU B 218 -25.70 -45.10 28.22
N PHE B 219 -25.69 -45.33 26.92
CA PHE B 219 -26.55 -44.58 26.01
C PHE B 219 -27.81 -45.34 25.61
N GLY B 220 -27.86 -46.65 25.80
CA GLY B 220 -29.13 -47.34 25.76
C GLY B 220 -30.05 -46.84 26.86
N LEU B 221 -29.47 -46.38 27.97
CA LEU B 221 -30.26 -45.70 28.98
C LEU B 221 -31.10 -44.58 28.37
N ALA B 222 -30.46 -43.71 27.58
CA ALA B 222 -31.19 -42.62 26.95
C ALA B 222 -32.07 -43.11 25.82
N ARG B 223 -31.61 -44.11 25.07
CA ARG B 223 -32.39 -44.65 23.97
C ARG B 223 -33.71 -45.25 24.44
N GLU B 224 -33.75 -45.77 25.67
CA GLU B 224 -34.96 -46.41 26.19
C GLU B 224 -35.97 -45.42 26.74
N LEU B 225 -35.68 -44.11 26.71
CA LEU B 225 -36.71 -43.13 27.06
C LEU B 225 -37.91 -43.24 26.13
N ASN B 226 -37.67 -43.67 24.90
CA ASN B 226 -38.71 -43.82 23.89
C ASN B 226 -38.09 -44.53 22.69
N ILE B 227 -38.88 -45.31 21.96
CA ILE B 227 -38.36 -46.00 20.77
C ILE B 227 -38.54 -45.05 19.60
N ASP B 228 -37.60 -44.11 19.48
CA ASP B 228 -37.55 -43.17 18.37
C ASP B 228 -36.64 -43.75 17.29
N ALA B 229 -36.31 -42.99 16.26
CA ALA B 229 -35.52 -43.55 15.17
C ALA B 229 -34.76 -42.46 14.46
N GLU B 230 -33.63 -42.07 15.04
CA GLU B 230 -32.79 -41.09 14.40
C GLU B 230 -32.37 -41.65 13.08
N GLY B 231 -31.91 -42.90 13.09
CA GLY B 231 -31.46 -43.55 11.86
C GLY B 231 -30.01 -43.95 11.98
N ILE B 232 -29.59 -44.92 11.19
CA ILE B 232 -28.23 -45.41 11.24
C ILE B 232 -27.91 -46.21 9.99
N ASP B 233 -26.66 -46.16 9.56
CA ASP B 233 -26.25 -46.91 8.37
C ASP B 233 -27.37 -46.97 7.36
N ALA C 16 -34.92 13.81 15.95
CA ALA C 16 -36.04 14.49 16.66
C ALA C 16 -36.53 13.62 17.82
N SER C 17 -37.74 13.91 18.32
CA SER C 17 -38.32 13.11 19.38
C SER C 17 -38.78 11.74 18.93
N THR C 18 -38.80 11.47 17.62
CA THR C 18 -39.28 10.21 17.08
C THR C 18 -38.17 9.19 16.86
N ALA C 19 -36.94 9.51 17.26
CA ALA C 19 -35.85 8.57 17.09
C ALA C 19 -36.07 7.35 17.99
N PRO C 20 -35.56 6.18 17.60
CA PRO C 20 -35.73 4.99 18.43
C PRO C 20 -35.13 5.19 19.81
N LEU C 21 -35.46 4.26 20.71
CA LEU C 21 -34.98 4.34 22.09
C LEU C 21 -33.54 3.86 22.16
N ARG C 22 -32.70 4.66 22.82
CA ARG C 22 -31.33 4.26 23.11
C ARG C 22 -30.93 4.90 24.43
N ILE C 23 -30.42 4.11 25.35
CA ILE C 23 -30.11 4.55 26.70
C ILE C 23 -28.70 5.14 26.72
N SER C 24 -28.59 6.39 27.15
CA SER C 24 -27.34 7.15 27.06
C SER C 24 -26.76 7.37 28.45
N PHE C 25 -25.44 7.29 28.53
CA PHE C 25 -24.70 7.49 29.78
C PHE C 25 -24.15 8.90 29.93
N ALA C 26 -24.51 9.82 29.05
CA ALA C 26 -23.95 11.17 29.10
C ALA C 26 -24.25 11.83 30.43
N LYS C 27 -23.22 12.43 31.04
CA LYS C 27 -23.35 13.10 32.32
C LYS C 27 -23.42 14.61 32.22
N ILE C 28 -23.14 15.19 31.05
CA ILE C 28 -23.27 16.62 30.81
C ILE C 28 -24.07 16.83 29.54
N LYS C 29 -24.73 17.98 29.47
CA LYS C 29 -25.68 18.28 28.39
C LYS C 29 -25.06 19.30 27.45
N GLU C 30 -24.92 18.91 26.19
CA GLU C 30 -24.40 19.82 25.17
C GLU C 30 -25.49 20.81 24.77
N PRO C 31 -25.29 22.12 24.89
CA PRO C 31 -26.35 23.07 24.54
C PRO C 31 -26.55 23.27 23.04
N LEU C 32 -25.66 22.75 22.20
CA LEU C 32 -25.73 22.93 20.76
C LEU C 32 -25.77 21.56 20.10
N GLU C 33 -26.77 21.36 19.23
CA GLU C 33 -26.88 20.08 18.54
C GLU C 33 -26.08 20.13 17.25
N VAL C 34 -25.66 18.96 16.78
CA VAL C 34 -24.82 18.90 15.59
C VAL C 34 -25.61 19.47 14.40
N PRO C 35 -25.06 20.44 13.65
CA PRO C 35 -25.84 21.01 12.53
C PRO C 35 -25.98 20.00 11.40
N ASN C 36 -26.60 20.41 10.29
CA ASN C 36 -26.76 19.52 9.16
C ASN C 36 -25.40 19.00 8.69
N LEU C 37 -25.31 17.70 8.50
CA LEU C 37 -24.05 17.07 8.11
C LEU C 37 -23.77 17.21 6.62
N LEU C 38 -24.63 17.89 5.87
CA LEU C 38 -24.38 18.19 4.46
C LEU C 38 -24.59 19.66 4.14
N ALA C 39 -24.57 20.52 5.16
CA ALA C 39 -24.72 21.96 4.90
C ALA C 39 -23.56 22.49 4.08
N LEU C 40 -22.34 21.98 4.32
CA LEU C 40 -21.15 22.51 3.66
C LEU C 40 -21.27 22.48 2.15
N GLN C 41 -22.01 21.50 1.61
CA GLN C 41 -22.18 21.38 0.16
C GLN C 41 -23.46 22.07 -0.32
N THR C 42 -24.60 21.77 0.30
CA THR C 42 -25.86 22.28 -0.20
C THR C 42 -25.94 23.80 -0.04
N GLU C 43 -25.45 24.34 1.07
CA GLU C 43 -25.47 25.80 1.24
C GLU C 43 -24.57 26.48 0.22
N SER C 44 -23.38 25.91 -0.01
CA SER C 44 -22.45 26.50 -0.98
C SER C 44 -23.07 26.52 -2.37
N PHE C 45 -23.70 25.42 -2.76
CA PHE C 45 -24.29 25.36 -4.10
C PHE C 45 -25.56 26.18 -4.21
N ASP C 46 -26.28 26.39 -3.10
CA ASP C 46 -27.35 27.36 -3.10
C ASP C 46 -26.81 28.76 -3.34
N TRP C 47 -25.66 29.07 -2.75
CA TRP C 47 -25.02 30.36 -3.03
C TRP C 47 -24.61 30.46 -4.48
N LEU C 48 -24.11 29.36 -5.06
CA LEU C 48 -23.75 29.39 -6.47
C LEU C 48 -24.94 29.78 -7.34
N LEU C 49 -25.98 28.94 -7.34
CA LEU C 49 -27.18 29.25 -8.12
C LEU C 49 -27.90 30.48 -7.60
N GLY C 50 -27.67 30.87 -6.36
CA GLY C 50 -28.38 32.02 -5.80
C GLY C 50 -29.88 31.85 -5.80
N ASN C 51 -30.35 30.64 -5.48
CA ASN C 51 -31.77 30.32 -5.55
C ASN C 51 -32.49 30.87 -4.31
N ASP C 52 -33.75 30.51 -4.13
CA ASP C 52 -34.53 31.09 -3.04
C ASP C 52 -34.05 30.70 -1.66
N ALA C 53 -33.51 29.50 -1.50
CA ALA C 53 -32.97 29.11 -0.20
C ALA C 53 -31.81 30.03 0.19
N TRP C 54 -30.93 30.35 -0.75
CA TRP C 54 -29.82 31.24 -0.43
C TRP C 54 -30.31 32.65 -0.08
N LYS C 55 -31.34 33.14 -0.78
CA LYS C 55 -31.87 34.46 -0.42
C LYS C 55 -32.48 34.45 0.97
N ALA C 56 -33.19 33.37 1.31
CA ALA C 56 -33.73 33.23 2.66
C ALA C 56 -32.60 33.25 3.68
N ARG C 57 -31.53 32.50 3.40
CA ARG C 57 -30.37 32.49 4.30
C ARG C 57 -29.78 33.88 4.43
N VAL C 58 -29.68 34.62 3.32
CA VAL C 58 -29.06 35.93 3.35
C VAL C 58 -29.87 36.88 4.22
N GLU C 59 -31.18 36.91 4.02
CA GLU C 59 -32.02 37.82 4.79
C GLU C 59 -32.06 37.40 6.27
N SER C 60 -32.07 36.11 6.53
CA SER C 60 -32.05 35.63 7.92
C SER C 60 -30.75 36.02 8.61
N ALA C 61 -29.61 35.88 7.92
CA ALA C 61 -28.34 36.27 8.50
C ALA C 61 -28.29 37.78 8.72
N LEU C 62 -28.81 38.55 7.77
CA LEU C 62 -28.83 40.01 7.92
C LEU C 62 -29.68 40.41 9.12
N GLU C 63 -30.81 39.73 9.34
CA GLU C 63 -31.63 40.03 10.50
C GLU C 63 -30.88 39.79 11.79
N SER C 64 -30.13 38.69 11.87
CA SER C 64 -29.35 38.37 13.05
C SER C 64 -27.99 39.07 13.08
N GLY C 65 -27.67 39.87 12.07
CA GLY C 65 -26.42 40.62 12.06
C GLY C 65 -25.18 39.77 11.95
N GLN C 66 -25.22 38.75 11.09
CA GLN C 66 -24.07 37.90 10.84
C GLN C 66 -23.30 38.41 9.61
N ASP C 67 -22.31 37.64 9.18
CA ASP C 67 -21.57 37.90 7.96
C ASP C 67 -22.02 36.90 6.90
N VAL C 68 -22.46 37.41 5.75
CA VAL C 68 -23.01 36.56 4.69
C VAL C 68 -22.55 37.08 3.34
N PRO C 69 -22.44 36.18 2.34
CA PRO C 69 -22.20 36.65 0.96
C PRO C 69 -23.50 37.16 0.33
N THR C 70 -23.56 38.46 0.09
CA THR C 70 -24.75 39.09 -0.45
C THR C 70 -24.89 38.93 -1.95
N LYS C 71 -23.85 38.43 -2.64
CA LYS C 71 -23.83 38.33 -4.09
C LYS C 71 -23.72 36.86 -4.45
N SER C 72 -24.70 36.34 -5.19
CA SER C 72 -24.68 34.94 -5.55
C SER C 72 -23.48 34.64 -6.45
N GLY C 73 -23.23 33.35 -6.67
CA GLY C 73 -22.06 32.95 -7.43
C GLY C 73 -22.14 33.36 -8.90
N LEU C 74 -23.21 32.95 -9.57
CA LEU C 74 -23.32 33.23 -10.99
C LEU C 74 -23.62 34.70 -11.25
N GLU C 75 -24.32 35.36 -10.35
CA GLU C 75 -24.56 36.78 -10.53
C GLU C 75 -23.25 37.48 -10.77
N GLU C 76 -22.33 37.35 -9.82
CA GLU C 76 -21.04 38.03 -9.94
C GLU C 76 -20.14 37.46 -11.03
N ILE C 77 -20.35 36.22 -11.43
CA ILE C 77 -19.55 35.66 -12.53
C ILE C 77 -19.98 36.30 -13.85
N PHE C 78 -21.27 36.55 -14.01
CA PHE C 78 -21.73 37.24 -15.21
C PHE C 78 -21.29 38.68 -15.12
N GLU C 79 -21.21 39.21 -13.90
CA GLU C 79 -20.72 40.57 -13.72
C GLU C 79 -19.25 40.63 -14.11
N GLU C 80 -18.52 39.56 -13.83
CA GLU C 80 -17.10 39.51 -14.19
C GLU C 80 -16.94 39.63 -15.69
N ILE C 81 -17.74 38.89 -16.45
CA ILE C 81 -17.63 38.90 -17.91
C ILE C 81 -18.66 39.85 -18.49
N SER C 82 -19.13 40.78 -17.68
CA SER C 82 -20.17 41.69 -18.13
C SER C 82 -19.73 42.59 -19.30
N PRO C 83 -18.76 43.51 -19.08
CA PRO C 83 -18.44 44.41 -20.20
C PRO C 83 -17.42 43.84 -21.17
N ILE C 84 -17.82 43.64 -22.43
CA ILE C 84 -16.90 43.11 -23.45
C ILE C 84 -17.06 43.94 -24.72
N GLU C 85 -15.95 44.45 -25.27
CA GLU C 85 -16.00 45.31 -26.46
C GLU C 85 -14.93 44.97 -27.48
N ASP C 86 -15.08 45.45 -28.72
CA ASP C 86 -14.13 45.10 -29.79
C ASP C 86 -12.94 46.03 -29.68
N PHE C 87 -12.03 45.96 -30.65
CA PHE C 87 -10.82 46.78 -30.59
C PHE C 87 -11.15 48.22 -30.24
N SER C 88 -12.04 48.84 -31.01
CA SER C 88 -12.42 50.22 -30.77
C SER C 88 -13.56 50.32 -29.79
N GLY C 89 -14.27 49.22 -29.59
CA GLY C 89 -15.42 49.23 -28.70
C GLY C 89 -16.60 49.88 -29.37
N SER C 90 -16.61 49.89 -30.70
CA SER C 90 -17.71 50.46 -31.45
C SER C 90 -19.01 49.83 -31.02
N MET C 91 -18.96 48.57 -30.61
CA MET C 91 -20.15 47.89 -30.12
C MET C 91 -19.77 47.17 -28.85
N SER C 92 -20.76 46.77 -28.06
CA SER C 92 -20.50 46.10 -26.80
C SER C 92 -21.53 45.04 -26.49
N LEU C 93 -21.16 44.04 -25.70
CA LEU C 93 -22.07 42.99 -25.28
C LEU C 93 -21.97 42.85 -23.78
N THR C 94 -23.12 42.79 -23.10
CA THR C 94 -23.16 42.73 -21.65
C THR C 94 -24.15 41.65 -21.20
N PHE C 95 -23.91 41.11 -20.00
CA PHE C 95 -24.76 40.11 -19.40
C PHE C 95 -25.32 40.63 -18.09
N ARG C 96 -26.48 40.12 -17.70
CA ARG C 96 -27.30 40.74 -16.67
C ARG C 96 -28.03 39.61 -15.94
N ASP C 97 -29.13 39.95 -15.26
CA ASP C 97 -29.86 39.02 -14.41
C ASP C 97 -30.02 37.66 -15.05
N HIS C 98 -29.64 36.62 -14.30
CA HIS C 98 -29.80 35.26 -14.80
C HIS C 98 -30.87 34.56 -13.97
N ARG C 99 -31.47 33.52 -14.51
CA ARG C 99 -32.51 32.76 -13.83
C ARG C 99 -32.54 31.36 -14.42
N PHE C 100 -33.32 30.50 -13.78
CA PHE C 100 -33.33 29.06 -14.08
C PHE C 100 -34.72 28.60 -14.46
N GLU C 101 -34.78 27.65 -15.38
CA GLU C 101 -36.01 26.96 -15.74
C GLU C 101 -36.06 25.60 -15.05
N PRO C 102 -37.23 25.09 -14.66
CA PRO C 102 -37.27 23.80 -13.95
C PRO C 102 -36.63 22.69 -14.78
N PRO C 103 -36.01 21.70 -14.13
CA PRO C 103 -35.33 20.65 -14.91
C PRO C 103 -36.29 19.89 -15.81
N LYS C 104 -35.77 19.46 -16.96
CA LYS C 104 -36.58 18.68 -17.88
C LYS C 104 -36.94 17.33 -17.28
N ASN C 105 -36.02 16.71 -16.56
CA ASN C 105 -36.19 15.38 -16.00
C ASN C 105 -36.03 15.42 -14.48
N SER C 106 -36.64 14.43 -13.82
CA SER C 106 -36.50 14.29 -12.39
C SER C 106 -35.23 13.54 -12.12
N ILE C 107 -34.89 13.35 -10.85
CA ILE C 107 -33.60 12.72 -10.51
C ILE C 107 -33.62 11.23 -10.88
N ASP C 108 -34.70 10.53 -10.57
CA ASP C 108 -34.79 9.11 -10.92
C ASP C 108 -34.84 8.93 -12.43
N GLU C 109 -35.50 9.84 -13.13
CA GLU C 109 -35.56 9.77 -14.58
C GLU C 109 -34.15 9.86 -15.12
N CYS C 110 -33.37 10.82 -14.62
CA CYS C 110 -31.98 10.94 -15.05
C CYS C 110 -31.20 9.69 -14.74
N LYS C 111 -31.40 9.12 -13.54
CA LYS C 111 -30.64 7.94 -13.13
C LYS C 111 -30.89 6.77 -14.06
N ASP C 112 -32.15 6.53 -14.43
CA ASP C 112 -32.47 5.37 -15.25
C ASP C 112 -32.10 5.57 -16.71
N ARG C 113 -32.25 6.80 -17.22
CA ARG C 113 -32.12 7.06 -18.65
C ARG C 113 -30.76 7.62 -19.04
N ASP C 114 -29.79 7.65 -18.12
CA ASP C 114 -28.44 8.11 -18.40
C ASP C 114 -28.44 9.55 -18.91
N PHE C 115 -28.90 10.45 -18.05
CA PHE C 115 -28.89 11.88 -18.33
C PHE C 115 -28.13 12.60 -17.21
N THR C 116 -28.15 13.93 -17.26
CA THR C 116 -27.57 14.77 -16.22
C THR C 116 -28.69 15.59 -15.59
N TYR C 117 -28.78 15.58 -14.27
CA TYR C 117 -29.80 16.36 -13.59
C TYR C 117 -29.45 17.83 -13.68
N ALA C 118 -29.96 18.51 -14.70
CA ALA C 118 -29.59 19.87 -15.01
C ALA C 118 -30.82 20.72 -15.24
N ALA C 119 -30.69 22.01 -14.96
CA ALA C 119 -31.73 23.00 -15.18
C ALA C 119 -31.28 24.01 -16.23
N PRO C 120 -32.13 24.38 -17.19
CA PRO C 120 -31.74 25.43 -18.13
C PRO C 120 -31.45 26.75 -17.43
N LEU C 121 -30.43 27.45 -17.92
CA LEU C 121 -30.02 28.75 -17.39
C LEU C 121 -30.20 29.79 -18.47
N PHE C 122 -30.86 30.90 -18.13
CA PHE C 122 -31.20 31.93 -19.10
C PHE C 122 -30.78 33.28 -18.57
N VAL C 123 -30.10 34.06 -19.41
CA VAL C 123 -29.63 35.39 -19.07
C VAL C 123 -30.15 36.36 -20.13
N THR C 124 -30.18 37.64 -19.77
CA THR C 124 -30.63 38.71 -20.69
C THR C 124 -29.38 39.41 -21.21
N ALA C 125 -28.89 38.94 -22.35
CA ALA C 125 -27.69 39.49 -22.98
C ALA C 125 -28.08 40.71 -23.81
N GLU C 126 -27.42 41.84 -23.53
CA GLU C 126 -27.71 43.11 -24.18
C GLU C 126 -26.58 43.47 -25.13
N PHE C 127 -26.93 43.79 -26.36
CA PHE C 127 -25.99 44.26 -27.37
C PHE C 127 -26.23 45.74 -27.62
N THR C 128 -25.16 46.53 -27.67
CA THR C 128 -25.27 47.96 -27.86
C THR C 128 -24.24 48.43 -28.88
N ASN C 129 -24.63 49.44 -29.67
CA ASN C 129 -23.72 50.15 -30.56
C ASN C 129 -23.55 51.56 -29.98
N ASN C 130 -22.40 51.78 -29.34
CA ASN C 130 -22.22 53.03 -28.59
C ASN C 130 -22.23 54.24 -29.51
N GLU C 131 -21.69 54.13 -30.72
CA GLU C 131 -21.70 55.26 -31.65
C GLU C 131 -23.12 55.66 -31.99
N THR C 132 -23.98 54.69 -32.28
CA THR C 132 -25.37 54.98 -32.59
C THR C 132 -26.20 55.22 -31.34
N GLY C 133 -25.82 54.62 -30.21
CA GLY C 133 -26.61 54.68 -29.00
C GLY C 133 -27.70 53.65 -28.92
N GLU C 134 -27.80 52.73 -29.89
CA GLU C 134 -28.83 51.71 -29.88
C GLU C 134 -28.48 50.62 -28.87
N ILE C 135 -29.52 50.11 -28.20
CA ILE C 135 -29.40 48.99 -27.27
C ILE C 135 -30.45 47.95 -27.63
N LYS C 136 -30.02 46.69 -27.74
CA LYS C 136 -30.90 45.59 -28.11
C LYS C 136 -30.75 44.47 -27.08
N SER C 137 -31.84 44.13 -26.43
CA SER C 137 -31.86 43.09 -25.40
C SER C 137 -32.41 41.79 -25.97
N GLN C 138 -31.86 40.67 -25.52
CA GLN C 138 -32.28 39.36 -25.98
C GLN C 138 -31.90 38.33 -24.93
N THR C 139 -32.80 37.35 -24.74
CA THR C 139 -32.60 36.30 -23.73
C THR C 139 -31.86 35.14 -24.38
N VAL C 140 -30.73 34.74 -23.79
CA VAL C 140 -29.82 33.77 -24.37
C VAL C 140 -29.80 32.51 -23.52
N PHE C 141 -29.94 31.36 -24.18
CA PHE C 141 -29.82 30.05 -23.55
C PHE C 141 -28.35 29.82 -23.21
N MET C 142 -28.01 29.87 -21.92
CA MET C 142 -26.65 29.67 -21.47
C MET C 142 -26.32 28.22 -21.12
N GLY C 143 -27.25 27.29 -21.32
CA GLY C 143 -26.96 25.88 -21.18
C GLY C 143 -27.72 25.26 -20.02
N ASP C 144 -27.64 23.93 -19.96
CA ASP C 144 -28.28 23.15 -18.92
C ASP C 144 -27.29 22.97 -17.78
N PHE C 145 -27.36 23.87 -16.81
CA PHE C 145 -26.45 23.85 -15.68
C PHE C 145 -26.77 22.64 -14.80
N PRO C 146 -25.82 21.73 -14.57
CA PRO C 146 -26.12 20.60 -13.67
C PRO C 146 -26.46 21.07 -12.28
N LEU C 147 -27.41 20.37 -11.65
CA LEU C 147 -27.87 20.67 -10.30
C LEU C 147 -27.46 19.56 -9.35
N MET C 148 -27.41 19.91 -8.07
CA MET C 148 -27.04 18.94 -7.05
C MET C 148 -28.31 18.38 -6.45
N THR C 149 -28.29 17.10 -6.11
CA THR C 149 -29.45 16.49 -5.48
C THR C 149 -29.58 17.06 -4.09
N ASN C 150 -30.69 16.79 -3.42
CA ASN C 150 -30.87 17.27 -2.06
C ASN C 150 -29.78 16.71 -1.19
N LYS C 151 -29.34 15.50 -1.49
CA LYS C 151 -28.26 14.89 -0.73
C LYS C 151 -27.02 15.73 -0.84
N GLY C 152 -26.62 16.06 -2.06
CA GLY C 152 -25.37 16.78 -2.26
C GLY C 152 -24.61 16.12 -3.38
N THR C 153 -25.14 15.04 -3.92
CA THR C 153 -24.51 14.40 -5.05
C THR C 153 -24.98 15.03 -6.34
N PHE C 154 -24.25 14.77 -7.41
CA PHE C 154 -24.65 15.30 -8.70
C PHE C 154 -24.90 14.09 -9.55
N VAL C 155 -25.90 14.14 -10.43
CA VAL C 155 -26.16 13.02 -11.34
C VAL C 155 -25.64 13.43 -12.71
N ILE C 156 -24.62 12.73 -13.19
CA ILE C 156 -24.01 13.00 -14.49
C ILE C 156 -23.93 11.68 -15.25
N ASN C 157 -24.46 11.69 -16.48
CA ASN C 157 -24.32 10.56 -17.40
C ASN C 157 -24.79 9.25 -16.77
N GLY C 158 -25.78 9.34 -15.88
CA GLY C 158 -26.41 8.19 -15.28
C GLY C 158 -25.83 7.77 -13.94
N THR C 159 -24.71 8.37 -13.53
CA THR C 159 -24.03 7.98 -12.30
C THR C 159 -23.99 9.15 -11.32
N GLU C 160 -24.01 8.83 -10.04
CA GLU C 160 -23.91 9.83 -8.99
C GLU C 160 -22.44 10.13 -8.71
N ARG C 161 -22.17 11.40 -8.40
CA ARG C 161 -20.81 11.88 -8.22
C ARG C 161 -20.81 12.94 -7.13
N VAL C 162 -19.66 13.07 -6.47
CA VAL C 162 -19.44 14.05 -5.41
C VAL C 162 -18.29 14.95 -5.82
N VAL C 163 -18.45 16.25 -5.60
CA VAL C 163 -17.40 17.23 -5.75
C VAL C 163 -16.89 17.55 -4.35
N VAL C 164 -15.68 17.10 -4.04
CA VAL C 164 -15.12 17.22 -2.70
C VAL C 164 -14.44 18.58 -2.56
N SER C 165 -14.71 19.27 -1.46
CA SER C 165 -14.11 20.57 -1.22
C SER C 165 -12.60 20.44 -1.16
N GLN C 166 -11.90 21.49 -1.60
CA GLN C 166 -10.44 21.48 -1.65
C GLN C 166 -9.85 22.32 -0.54
N LEU C 167 -8.84 21.78 0.13
CA LEU C 167 -8.08 22.48 1.15
C LEU C 167 -6.84 23.05 0.47
N VAL C 168 -6.77 24.37 0.36
CA VAL C 168 -5.74 25.05 -0.41
C VAL C 168 -5.10 26.13 0.45
N ARG C 169 -3.97 26.65 -0.03
CA ARG C 169 -3.38 27.84 0.56
C ARG C 169 -4.21 29.06 0.20
N SER C 170 -4.59 29.84 1.19
CA SER C 170 -5.42 31.00 0.92
C SER C 170 -4.58 32.09 0.25
N PRO C 171 -5.18 32.91 -0.62
CA PRO C 171 -4.45 34.05 -1.15
C PRO C 171 -4.13 35.06 -0.06
N GLY C 172 -2.98 35.71 -0.21
CA GLY C 172 -2.53 36.67 0.78
C GLY C 172 -1.03 36.82 0.71
N VAL C 173 -0.48 37.48 1.72
CA VAL C 173 0.94 37.77 1.81
C VAL C 173 1.55 36.92 2.91
N TYR C 174 2.50 36.06 2.54
CA TYR C 174 3.18 35.16 3.46
C TYR C 174 4.61 35.63 3.65
N PHE C 175 5.03 35.75 4.92
CA PHE C 175 6.38 36.17 5.29
C PHE C 175 7.07 34.97 5.92
N ASP C 176 7.96 34.34 5.15
CA ASP C 176 8.65 33.13 5.57
C ASP C 176 10.07 33.45 6.04
N SER C 177 10.63 32.53 6.81
CA SER C 177 12.00 32.64 7.29
C SER C 177 12.69 31.28 7.18
N SER C 178 14.01 31.32 7.08
CA SER C 178 14.81 30.11 6.94
C SER C 178 16.26 30.47 7.29
N ILE C 179 17.14 29.47 7.19
CA ILE C 179 18.54 29.61 7.54
C ILE C 179 19.39 29.11 6.39
N ASP C 180 20.24 29.99 5.83
CA ASP C 180 21.33 29.56 4.98
C ASP C 180 22.25 28.68 5.80
N LYS C 181 22.28 27.39 5.49
CA LYS C 181 22.98 26.42 6.32
C LYS C 181 24.48 26.48 6.13
N THR C 182 24.95 26.74 4.90
CA THR C 182 26.38 26.88 4.67
C THR C 182 26.93 28.09 5.42
N SER C 183 26.25 29.24 5.30
CA SER C 183 26.65 30.45 6.01
C SER C 183 26.01 30.59 7.38
N ASP C 184 25.05 29.73 7.72
CA ASP C 184 24.38 29.77 9.02
C ASP C 184 23.80 31.16 9.29
N LYS C 185 23.07 31.68 8.30
CA LYS C 185 22.60 33.06 8.33
C LYS C 185 21.09 33.11 8.15
N ASP C 186 20.45 34.05 8.86
CA ASP C 186 19.02 34.22 8.72
C ASP C 186 18.68 34.70 7.30
N ILE C 187 17.55 34.21 6.77
CA ILE C 187 17.02 34.70 5.51
C ILE C 187 15.51 34.84 5.64
N PHE C 188 14.97 35.95 5.16
CA PHE C 188 13.54 36.21 5.18
C PHE C 188 13.04 36.36 3.74
N SER C 189 11.77 36.01 3.55
CA SER C 189 11.14 36.07 2.24
C SER C 189 9.71 36.57 2.40
N ALA C 190 9.21 37.22 1.36
CA ALA C 190 7.83 37.66 1.29
C ALA C 190 7.24 37.20 -0.02
N LYS C 191 5.94 36.92 -0.01
CA LYS C 191 5.28 36.44 -1.22
C LYS C 191 3.81 36.83 -1.18
N ILE C 192 3.36 37.56 -2.20
CA ILE C 192 1.95 37.94 -2.31
C ILE C 192 1.30 36.93 -3.26
N ILE C 193 0.31 36.20 -2.74
CA ILE C 193 -0.42 35.21 -3.53
C ILE C 193 -1.73 35.80 -4.03
N PRO C 194 -2.05 35.68 -5.32
CA PRO C 194 -3.39 36.07 -5.78
C PRO C 194 -4.33 34.89 -5.85
N SER C 195 -5.62 35.15 -6.08
CA SER C 195 -6.55 34.07 -6.36
C SER C 195 -6.24 33.41 -7.70
N ARG C 196 -5.90 34.20 -8.71
CA ARG C 196 -5.71 33.71 -10.07
C ARG C 196 -4.48 34.24 -10.78
N GLY C 197 -3.89 35.34 -10.34
CA GLY C 197 -2.78 35.94 -11.07
C GLY C 197 -1.46 35.23 -10.88
N ALA C 198 -0.38 35.99 -10.75
CA ALA C 198 0.96 35.45 -10.56
C ALA C 198 1.59 36.03 -9.29
N TRP C 199 2.71 35.43 -8.90
CA TRP C 199 3.38 35.77 -7.65
C TRP C 199 4.52 36.74 -7.90
N LEU C 200 4.99 37.36 -6.81
CA LEU C 200 6.24 38.10 -6.81
C LEU C 200 6.98 37.74 -5.52
N GLU C 201 7.96 36.85 -5.63
CA GLU C 201 8.74 36.40 -4.49
C GLU C 201 9.84 37.42 -4.22
N MET C 202 9.88 37.92 -2.97
CA MET C 202 10.80 38.99 -2.59
C MET C 202 11.64 38.54 -1.42
N GLU C 203 12.93 38.33 -1.64
CA GLU C 203 13.83 37.75 -0.63
C GLU C 203 14.82 38.79 -0.11
N ILE C 204 15.15 38.68 1.17
CA ILE C 204 16.06 39.59 1.86
C ILE C 204 17.13 38.81 2.61
N ASP C 205 18.13 39.53 3.11
CA ASP C 205 19.16 39.01 4.00
C ASP C 205 20.04 37.94 3.35
N LYS C 206 19.96 37.78 2.03
CA LYS C 206 20.87 36.85 1.36
C LYS C 206 22.31 37.33 1.53
N ARG C 207 22.57 38.59 1.18
CA ARG C 207 23.79 39.30 1.52
C ARG C 207 23.44 40.62 2.20
N ASP C 208 22.35 40.62 2.97
CA ASP C 208 21.71 41.85 3.43
C ASP C 208 21.22 42.67 2.24
N MET C 209 20.80 42.00 1.18
CA MET C 209 20.45 42.61 -0.09
C MET C 209 19.03 42.18 -0.44
N VAL C 210 18.08 43.11 -0.41
CA VAL C 210 16.70 42.79 -0.75
C VAL C 210 16.60 42.60 -2.26
N GLY C 211 15.84 41.58 -2.68
CA GLY C 211 15.69 41.30 -4.09
C GLY C 211 14.32 40.77 -4.45
N VAL C 212 13.71 41.33 -5.50
CA VAL C 212 12.40 40.90 -5.96
C VAL C 212 12.57 39.81 -7.01
N ARG C 213 11.58 38.95 -7.10
CA ARG C 213 11.54 37.91 -8.12
C ARG C 213 10.15 37.93 -8.75
N ILE C 214 10.07 38.39 -10.00
CA ILE C 214 8.80 38.57 -10.69
C ILE C 214 8.53 37.33 -11.55
N ASP C 215 7.37 36.71 -11.32
CA ASP C 215 6.93 35.57 -12.11
C ASP C 215 7.97 34.45 -12.11
N ARG C 216 8.61 34.25 -10.97
CA ARG C 216 9.57 33.15 -10.79
C ARG C 216 10.73 33.24 -11.78
N LYS C 217 11.07 34.46 -12.20
CA LYS C 217 12.20 34.69 -13.08
C LYS C 217 13.45 34.88 -12.21
N ARG C 218 14.53 35.38 -12.80
CA ARG C 218 15.73 35.64 -12.03
C ARG C 218 15.56 36.88 -11.16
N LYS C 219 16.09 36.80 -9.94
CA LYS C 219 15.86 37.84 -8.95
C LYS C 219 16.58 39.12 -9.32
N GLN C 220 15.95 40.25 -8.99
CA GLN C 220 16.54 41.58 -9.12
C GLN C 220 16.35 42.34 -7.83
N SER C 221 17.14 43.39 -7.66
CA SER C 221 17.03 44.22 -6.47
C SER C 221 15.66 44.91 -6.44
N VAL C 222 15.20 45.21 -5.22
CA VAL C 222 13.96 45.96 -5.06
C VAL C 222 14.05 47.29 -5.77
N THR C 223 15.16 48.00 -5.58
CA THR C 223 15.27 49.37 -6.06
C THR C 223 14.99 49.48 -7.55
N VAL C 224 15.27 48.42 -8.30
CA VAL C 224 14.97 48.42 -9.74
C VAL C 224 13.46 48.49 -9.96
N LEU C 225 12.72 47.54 -9.40
CA LEU C 225 11.28 47.51 -9.61
C LEU C 225 10.60 48.74 -9.00
N LEU C 226 11.04 49.14 -7.80
CA LEU C 226 10.48 50.33 -7.18
C LEU C 226 10.80 51.58 -8.00
N LYS C 227 11.90 51.54 -8.77
CA LYS C 227 12.17 52.59 -9.74
C LYS C 227 11.39 52.39 -11.04
N ALA C 228 10.96 51.16 -11.33
CA ALA C 228 10.09 50.91 -12.47
C ALA C 228 8.70 51.48 -12.30
N LEU C 229 8.42 52.12 -11.16
CA LEU C 229 7.18 52.85 -10.95
C LEU C 229 7.51 54.28 -10.58
N GLY C 230 6.49 55.06 -10.18
CA GLY C 230 6.69 56.48 -9.97
C GLY C 230 7.68 56.84 -8.89
N TRP C 231 8.01 55.90 -8.00
CA TRP C 231 8.89 56.21 -6.89
C TRP C 231 10.30 56.53 -7.38
N THR C 232 10.92 57.54 -6.79
CA THR C 232 12.26 57.98 -7.13
C THR C 232 13.21 57.78 -5.95
N THR C 233 14.51 57.94 -6.24
CA THR C 233 15.53 57.66 -5.23
C THR C 233 15.37 58.57 -4.01
N GLU C 234 15.07 59.85 -4.24
CA GLU C 234 14.94 60.78 -3.13
C GLU C 234 13.83 60.34 -2.19
N GLN C 235 12.67 60.01 -2.73
CA GLN C 235 11.56 59.56 -1.89
C GLN C 235 11.87 58.22 -1.24
N ILE C 236 12.55 57.33 -1.97
CA ILE C 236 12.94 56.03 -1.41
C ILE C 236 13.76 56.24 -0.14
N LEU C 237 14.79 57.07 -0.22
CA LEU C 237 15.56 57.37 0.98
C LEU C 237 14.72 58.13 2.01
N GLU C 238 13.76 58.93 1.55
CA GLU C 238 12.94 59.71 2.47
C GLU C 238 12.17 58.80 3.42
N GLU C 239 11.45 57.83 2.88
CA GLU C 239 10.64 56.93 3.70
C GLU C 239 11.25 55.54 3.88
N PHE C 240 12.50 55.34 3.47
CA PHE C 240 13.30 54.18 3.85
C PHE C 240 14.70 54.60 4.31
N GLY C 241 14.77 55.61 5.17
CA GLY C 241 16.05 56.19 5.53
C GLY C 241 16.71 55.60 6.77
N GLU C 242 16.29 54.39 7.15
CA GLU C 242 16.75 53.80 8.41
C GLU C 242 17.28 52.39 8.29
N TYR C 243 17.04 51.67 7.20
CA TYR C 243 17.32 50.24 7.11
C TYR C 243 18.48 49.98 6.16
N GLU C 244 19.50 49.29 6.66
CA GLU C 244 20.76 49.17 5.94
C GLU C 244 20.61 48.40 4.63
N SER C 245 19.82 47.34 4.63
CA SER C 245 19.81 46.41 3.50
C SER C 245 19.43 47.11 2.21
N MET C 246 18.37 47.93 2.26
CA MET C 246 17.85 48.51 1.04
C MET C 246 18.67 49.72 0.60
N ARG C 247 19.28 50.44 1.55
CA ARG C 247 20.30 51.41 1.18
C ARG C 247 21.44 50.74 0.43
N ALA C 248 21.89 49.59 0.92
CA ALA C 248 22.97 48.87 0.26
C ALA C 248 22.57 48.44 -1.14
N THR C 249 21.33 47.96 -1.30
CA THR C 249 20.87 47.58 -2.64
C THR C 249 20.87 48.79 -3.57
N LEU C 250 20.40 49.94 -3.07
CA LEU C 250 20.39 51.14 -3.90
C LEU C 250 21.81 51.54 -4.31
N GLU C 251 22.76 51.43 -3.38
CA GLU C 251 24.15 51.69 -3.75
C GLU C 251 24.62 50.72 -4.83
N LYS C 252 24.27 49.44 -4.68
CA LYS C 252 24.57 48.47 -5.72
C LYS C 252 23.75 48.68 -6.99
N ASP C 253 22.67 49.45 -6.91
CA ASP C 253 21.84 49.69 -8.08
C ASP C 253 22.59 50.54 -9.10
N HIS C 254 22.56 50.13 -10.36
CA HIS C 254 23.20 50.85 -11.46
C HIS C 254 22.21 51.64 -12.29
N THR C 255 21.11 51.00 -12.71
CA THR C 255 20.10 51.71 -13.48
C THR C 255 19.50 52.83 -12.65
N GLN C 256 19.24 53.96 -13.31
CA GLN C 256 18.67 55.13 -12.66
C GLN C 256 17.53 55.64 -13.53
N GLY C 257 16.59 56.33 -12.89
CA GLY C 257 15.43 56.82 -13.58
C GLY C 257 14.43 55.72 -13.89
N GLN C 258 13.20 56.14 -14.18
CA GLN C 258 12.11 55.20 -14.41
C GLN C 258 12.32 54.40 -15.70
N ASP C 259 12.63 55.10 -16.80
CA ASP C 259 12.57 54.46 -18.11
C ASP C 259 13.56 53.31 -18.22
N ASP C 260 14.79 53.52 -17.75
CA ASP C 260 15.76 52.44 -17.75
C ASP C 260 15.30 51.28 -16.87
N ALA C 261 14.58 51.58 -15.79
CA ALA C 261 14.05 50.52 -14.93
C ALA C 261 13.06 49.65 -15.71
N LEU C 262 12.10 50.27 -16.40
CA LEU C 262 11.19 49.48 -17.21
C LEU C 262 11.95 48.70 -18.28
N LEU C 263 12.94 49.32 -18.92
CA LEU C 263 13.67 48.62 -19.98
C LEU C 263 14.39 47.38 -19.44
N ASP C 264 15.04 47.51 -18.28
CA ASP C 264 15.80 46.37 -17.78
C ASP C 264 14.89 45.28 -17.24
N ILE C 265 13.75 45.64 -16.63
CA ILE C 265 12.82 44.59 -16.21
C ILE C 265 12.24 43.89 -17.43
N TYR C 266 11.99 44.63 -18.51
CA TYR C 266 11.56 43.99 -19.75
C TYR C 266 12.62 43.04 -20.28
N ARG C 267 13.88 43.44 -20.21
CA ARG C 267 14.97 42.59 -20.69
C ARG C 267 15.04 41.30 -19.90
N LYS C 268 14.98 41.40 -18.56
CA LYS C 268 15.12 40.19 -17.75
C LYS C 268 13.89 39.29 -17.87
N LEU C 269 12.69 39.89 -17.89
CA LEU C 269 11.48 39.08 -17.99
C LEU C 269 11.28 38.52 -19.38
N ARG C 270 11.60 39.31 -20.41
CA ARG C 270 11.30 38.96 -21.79
C ARG C 270 12.56 39.11 -22.63
N PRO C 271 13.44 38.11 -22.63
CA PRO C 271 14.63 38.18 -23.49
C PRO C 271 14.27 38.04 -24.96
N GLY C 272 15.20 38.47 -25.81
CA GLY C 272 15.00 38.38 -27.25
C GLY C 272 13.83 39.23 -27.72
N GLU C 273 13.78 40.48 -27.28
CA GLU C 273 12.67 41.37 -27.55
C GLU C 273 13.19 42.80 -27.56
N PRO C 274 12.64 43.69 -28.38
CA PRO C 274 13.08 45.09 -28.36
C PRO C 274 12.72 45.76 -27.04
N PRO C 275 13.67 46.39 -26.35
CA PRO C 275 13.29 47.19 -25.17
C PRO C 275 12.55 48.46 -25.56
N THR C 276 11.35 48.62 -25.01
CA THR C 276 10.55 49.81 -25.25
C THR C 276 9.82 50.18 -23.97
N ARG C 277 9.57 51.49 -23.78
CA ARG C 277 8.79 51.93 -22.64
C ARG C 277 7.38 51.37 -22.70
N GLU C 278 6.72 51.45 -23.86
CA GLU C 278 5.34 51.03 -23.98
C GLU C 278 5.19 49.54 -23.70
N ALA C 279 6.09 48.72 -24.25
CA ALA C 279 5.98 47.28 -24.05
C ALA C 279 6.15 46.91 -22.58
N ALA C 280 7.12 47.53 -21.91
CA ALA C 280 7.37 47.21 -20.51
C ALA C 280 6.23 47.69 -19.61
N GLN C 281 5.74 48.92 -19.84
CA GLN C 281 4.62 49.42 -19.07
C GLN C 281 3.40 48.52 -19.25
N THR C 282 3.11 48.15 -20.49
CA THR C 282 1.98 47.27 -20.75
C THR C 282 2.17 45.92 -20.09
N LEU C 283 3.38 45.37 -20.14
CA LEU C 283 3.63 44.07 -19.53
C LEU C 283 3.38 44.11 -18.03
N LEU C 284 3.92 45.14 -17.35
CA LEU C 284 3.69 45.25 -15.91
C LEU C 284 2.22 45.40 -15.60
N GLU C 285 1.55 46.33 -16.28
CA GLU C 285 0.13 46.58 -15.98
C GLU C 285 -0.71 45.34 -16.23
N ASN C 286 -0.44 44.64 -17.34
CA ASN C 286 -1.18 43.42 -17.66
C ASN C 286 -0.92 42.34 -16.63
N LEU C 287 0.34 42.14 -16.23
CA LEU C 287 0.70 41.03 -15.36
C LEU C 287 0.20 41.21 -13.93
N TYR C 288 0.46 42.37 -13.30
CA TYR C 288 0.11 42.46 -11.85
C TYR C 288 -0.92 43.55 -11.52
N PHE C 289 -1.15 44.51 -12.43
CA PHE C 289 -2.04 45.60 -12.08
C PHE C 289 -3.33 45.63 -12.90
N ASN C 290 -3.65 44.56 -13.61
CA ASN C 290 -4.86 44.51 -14.45
C ASN C 290 -5.97 43.77 -13.70
N PRO C 291 -7.13 44.41 -13.47
CA PRO C 291 -8.17 43.65 -12.77
C PRO C 291 -8.61 42.37 -13.49
N LYS C 292 -8.25 42.22 -14.77
CA LYS C 292 -8.61 41.04 -15.55
C LYS C 292 -7.62 39.88 -15.36
N ARG C 293 -6.34 40.10 -15.66
CA ARG C 293 -5.38 39.00 -15.60
C ARG C 293 -5.03 38.61 -14.18
N TYR C 294 -4.99 39.58 -13.27
CA TYR C 294 -4.55 39.37 -11.89
C TYR C 294 -5.75 39.58 -10.97
N ASP C 295 -6.04 38.59 -10.13
CA ASP C 295 -7.18 38.64 -9.22
C ASP C 295 -6.73 38.31 -7.81
N LEU C 296 -6.71 39.32 -6.96
CA LEU C 296 -6.50 39.15 -5.52
C LEU C 296 -7.88 39.29 -4.87
N ALA C 297 -8.61 38.17 -4.85
CA ALA C 297 -10.03 38.20 -4.51
C ALA C 297 -10.25 38.69 -3.09
N LYS C 298 -11.52 38.82 -2.68
CA LYS C 298 -11.83 39.38 -1.38
C LYS C 298 -11.21 38.54 -0.26
N VAL C 299 -11.05 37.23 -0.47
CA VAL C 299 -10.26 36.46 0.49
C VAL C 299 -8.83 36.98 0.54
N GLY C 300 -8.21 37.15 -0.63
CA GLY C 300 -6.86 37.66 -0.66
C GLY C 300 -6.78 39.12 -0.21
N ARG C 301 -7.76 39.93 -0.64
CA ARG C 301 -7.78 41.32 -0.22
C ARG C 301 -7.85 41.42 1.29
N TYR C 302 -8.72 40.62 1.92
CA TYR C 302 -8.84 40.61 3.37
C TYR C 302 -7.54 40.16 4.03
N LYS C 303 -6.89 39.12 3.49
CA LYS C 303 -5.66 38.63 4.09
C LYS C 303 -4.56 39.69 4.06
N VAL C 304 -4.36 40.33 2.90
CA VAL C 304 -3.33 41.37 2.83
C VAL C 304 -3.72 42.60 3.64
N ASN C 305 -5.01 42.93 3.75
CA ASN C 305 -5.40 44.06 4.59
C ASN C 305 -5.07 43.78 6.05
N LYS C 306 -5.34 42.56 6.52
CA LYS C 306 -5.14 42.28 7.93
C LYS C 306 -3.65 42.08 8.26
N LYS C 307 -2.89 41.46 7.35
CA LYS C 307 -1.49 41.19 7.64
C LYS C 307 -0.66 42.48 7.62
N LEU C 308 -0.61 43.15 6.48
CA LEU C 308 0.17 44.37 6.34
C LEU C 308 -0.50 45.58 7.00
N GLY C 309 -1.74 45.45 7.45
CA GLY C 309 -2.43 46.55 8.06
C GLY C 309 -3.04 47.54 7.10
N ALA C 310 -2.95 47.29 5.80
CA ALA C 310 -3.54 48.21 4.82
C ALA C 310 -5.02 48.40 5.10
N ASP C 311 -5.45 49.66 5.16
CA ASP C 311 -6.79 50.00 5.59
C ASP C 311 -7.71 50.21 4.39
N GLU C 312 -8.66 49.29 4.22
CA GLU C 312 -9.76 49.40 3.27
C GLU C 312 -9.31 49.86 1.88
N PRO C 313 -8.64 49.01 1.11
CA PRO C 313 -8.46 49.28 -0.32
C PRO C 313 -9.70 48.83 -1.08
N LEU C 314 -9.63 48.92 -2.40
CA LEU C 314 -10.72 48.44 -3.24
C LEU C 314 -10.96 46.97 -2.96
N ASP C 315 -12.11 46.65 -2.36
CA ASP C 315 -12.40 45.31 -1.86
C ASP C 315 -12.39 44.24 -2.94
N ALA C 316 -12.52 44.62 -4.22
CA ALA C 316 -12.35 43.72 -5.34
C ALA C 316 -11.13 44.14 -6.16
N GLY C 317 -10.09 44.60 -5.47
CA GLY C 317 -8.96 45.21 -6.13
C GLY C 317 -7.81 44.26 -6.39
N VAL C 318 -6.79 44.78 -7.07
CA VAL C 318 -5.54 44.09 -7.32
C VAL C 318 -4.45 44.83 -6.56
N LEU C 319 -3.24 44.27 -6.57
CA LEU C 319 -2.15 44.88 -5.84
C LEU C 319 -1.86 46.26 -6.39
N THR C 320 -1.79 47.25 -5.51
CA THR C 320 -1.44 48.61 -5.87
C THR C 320 0.05 48.81 -5.57
N THR C 321 0.53 50.05 -5.67
CA THR C 321 1.86 50.36 -5.18
C THR C 321 1.93 50.13 -3.68
N ASP C 322 0.90 50.60 -2.95
CA ASP C 322 0.93 50.53 -1.50
C ASP C 322 1.13 49.12 -0.98
N ASP C 323 0.57 48.12 -1.66
CA ASP C 323 0.75 46.75 -1.21
C ASP C 323 2.21 46.33 -1.28
N VAL C 324 2.88 46.64 -2.39
CA VAL C 324 4.28 46.24 -2.55
C VAL C 324 5.17 47.00 -1.59
N ILE C 325 4.92 48.30 -1.43
CA ILE C 325 5.73 49.07 -0.49
C ILE C 325 5.49 48.62 0.94
N ALA C 326 4.26 48.22 1.27
CA ALA C 326 3.98 47.68 2.60
C ALA C 326 4.69 46.35 2.81
N THR C 327 4.73 45.50 1.79
CA THR C 327 5.48 44.26 1.91
C THR C 327 6.96 44.55 2.13
N ILE C 328 7.50 45.54 1.43
CA ILE C 328 8.90 45.92 1.64
C ILE C 328 9.13 46.39 3.06
N LYS C 329 8.26 47.26 3.56
CA LYS C 329 8.40 47.76 4.92
C LYS C 329 8.37 46.61 5.92
N TYR C 330 7.40 45.70 5.76
CA TYR C 330 7.24 44.60 6.68
C TYR C 330 8.44 43.67 6.64
N LEU C 331 8.94 43.36 5.44
CA LEU C 331 10.07 42.42 5.33
C LEU C 331 11.35 43.03 5.87
N VAL C 332 11.62 44.29 5.54
CA VAL C 332 12.84 44.92 6.04
C VAL C 332 12.76 45.11 7.55
N LYS C 333 11.56 45.30 8.11
CA LYS C 333 11.43 45.37 9.55
C LYS C 333 11.56 44.00 10.21
N LEU C 334 11.16 42.93 9.52
CA LEU C 334 11.52 41.60 9.97
C LEU C 334 13.04 41.43 10.02
N HIS C 335 13.72 41.90 8.98
CA HIS C 335 15.17 41.83 8.97
C HIS C 335 15.77 42.59 10.14
N ALA C 336 15.28 43.81 10.38
CA ALA C 336 15.85 44.67 11.42
C ALA C 336 15.60 44.13 12.82
N GLY C 337 14.70 43.15 12.97
CA GLY C 337 14.36 42.62 14.28
C GLY C 337 13.15 43.28 14.91
N GLU C 338 12.48 44.19 14.22
CA GLU C 338 11.26 44.77 14.75
C GLU C 338 10.19 43.71 14.92
N THR C 339 9.37 43.86 15.96
CA THR C 339 8.29 42.93 16.26
C THR C 339 6.91 43.55 16.17
N GLU C 340 6.78 44.86 16.41
CA GLU C 340 5.51 45.57 16.32
C GLU C 340 5.73 46.85 15.53
N THR C 341 4.66 47.31 14.88
CA THR C 341 4.75 48.50 14.04
C THR C 341 3.33 48.99 13.74
N VAL C 342 3.25 50.07 12.97
CA VAL C 342 1.99 50.57 12.44
C VAL C 342 1.93 50.17 10.98
N GLY C 343 0.93 49.38 10.61
CA GLY C 343 0.82 48.92 9.24
C GLY C 343 0.64 50.08 8.29
N GLU C 344 1.05 49.87 7.03
CA GLU C 344 1.01 50.93 6.03
C GLU C 344 -0.40 51.48 5.87
N SER C 345 -0.61 52.71 6.31
CA SER C 345 -1.92 53.36 6.23
C SER C 345 -2.98 52.50 6.93
N GLY C 346 -2.79 52.35 8.24
CA GLY C 346 -3.72 51.57 9.02
C GLY C 346 -3.40 51.48 10.50
N ARG C 347 -3.70 50.33 11.10
CA ARG C 347 -3.64 50.12 12.52
C ARG C 347 -2.29 49.52 12.92
N GLU C 348 -2.17 49.11 14.17
CA GLU C 348 -0.93 48.58 14.72
C GLU C 348 -0.87 47.08 14.43
N ILE C 349 0.11 46.67 13.63
CA ILE C 349 0.31 45.28 13.30
C ILE C 349 1.55 44.77 14.05
N VAL C 350 1.70 43.44 14.08
CA VAL C 350 2.83 42.79 14.70
C VAL C 350 3.69 42.19 13.60
N VAL C 351 4.99 42.51 13.62
CA VAL C 351 5.92 42.03 12.62
C VAL C 351 6.34 40.62 13.02
N GLU C 352 5.93 39.64 12.21
CA GLU C 352 6.25 38.26 12.51
C GLU C 352 6.08 37.40 11.28
N THR C 353 6.69 36.23 11.30
CA THR C 353 6.58 35.28 10.21
C THR C 353 5.44 34.32 10.50
N ASP C 354 4.69 33.98 9.44
CA ASP C 354 3.49 33.15 9.55
C ASP C 354 3.76 31.75 9.01
N ASP C 355 2.86 30.83 9.37
CA ASP C 355 2.98 29.42 9.00
C ASP C 355 2.23 29.13 7.71
N ILE C 356 2.43 27.92 7.20
CA ILE C 356 1.73 27.44 6.01
C ILE C 356 0.66 26.42 6.35
N ASP C 357 0.73 25.80 7.53
CA ASP C 357 -0.27 24.84 7.97
C ASP C 357 -1.41 25.46 8.78
N HIS C 358 -1.21 26.64 9.35
CA HIS C 358 -2.24 27.28 10.16
C HIS C 358 -3.52 27.46 9.37
N PHE C 359 -4.66 27.53 10.05
CA PHE C 359 -5.97 27.62 9.40
C PHE C 359 -6.43 29.06 9.25
N GLY C 360 -5.49 29.99 9.16
CA GLY C 360 -5.74 31.28 8.55
C GLY C 360 -5.03 31.32 7.22
N ASN C 361 -3.95 30.56 7.12
CA ASN C 361 -3.16 30.42 5.91
C ASN C 361 -3.64 29.28 5.03
N ARG C 362 -4.72 28.59 5.41
CA ARG C 362 -5.37 27.60 4.59
C ARG C 362 -6.86 27.90 4.53
N ARG C 363 -7.48 27.55 3.41
CA ARG C 363 -8.89 27.83 3.19
C ARG C 363 -9.51 26.67 2.42
N ILE C 364 -10.84 26.71 2.32
CA ILE C 364 -11.63 25.67 1.66
C ILE C 364 -12.28 26.28 0.42
N ARG C 365 -11.95 25.73 -0.74
CA ARG C 365 -12.69 25.99 -1.97
C ARG C 365 -13.80 24.96 -2.03
N ASN C 366 -15.02 25.40 -1.73
CA ASN C 366 -16.17 24.51 -1.68
C ASN C 366 -16.63 24.20 -3.11
N VAL C 367 -17.74 23.47 -3.24
CA VAL C 367 -18.23 23.09 -4.56
C VAL C 367 -18.74 24.31 -5.32
N GLY C 368 -19.41 25.24 -4.63
CA GLY C 368 -19.89 26.43 -5.30
C GLY C 368 -18.78 27.22 -5.94
N GLU C 369 -17.69 27.45 -5.19
CA GLU C 369 -16.57 28.22 -5.73
C GLU C 369 -15.81 27.45 -6.79
N LEU C 370 -15.72 26.13 -6.67
CA LEU C 370 -15.08 25.33 -7.72
C LEU C 370 -15.84 25.43 -9.03
N ILE C 371 -17.16 25.25 -8.99
CA ILE C 371 -17.95 25.39 -10.21
C ILE C 371 -17.90 26.82 -10.70
N GLN C 372 -17.77 27.79 -9.78
CA GLN C 372 -17.60 29.18 -10.20
C GLN C 372 -16.33 29.35 -11.02
N ASN C 373 -15.23 28.75 -10.56
CA ASN C 373 -13.99 28.85 -11.32
C ASN C 373 -14.13 28.22 -12.70
N GLN C 374 -14.78 27.06 -12.78
CA GLN C 374 -14.90 26.42 -14.08
C GLN C 374 -15.82 27.20 -15.02
N VAL C 375 -16.92 27.75 -14.48
CA VAL C 375 -17.79 28.60 -15.29
C VAL C 375 -17.02 29.84 -15.72
N ARG C 376 -16.11 30.33 -14.88
CA ARG C 376 -15.30 31.49 -15.24
C ARG C 376 -14.43 31.18 -16.44
N THR C 377 -13.78 30.01 -16.45
CA THR C 377 -12.99 29.64 -17.62
C THR C 377 -13.86 29.51 -18.87
N GLY C 378 -15.01 28.86 -18.73
CA GLY C 378 -15.90 28.72 -19.87
C GLY C 378 -16.36 30.06 -20.41
N LEU C 379 -16.72 30.98 -19.52
CA LEU C 379 -17.14 32.31 -19.95
C LEU C 379 -16.00 33.11 -20.53
N ALA C 380 -14.77 32.89 -20.07
CA ALA C 380 -13.62 33.55 -20.68
C ALA C 380 -13.46 33.10 -22.13
N ARG C 381 -13.60 31.81 -22.39
CA ARG C 381 -13.49 31.33 -23.77
C ARG C 381 -14.66 31.82 -24.62
N MET C 382 -15.86 31.87 -24.03
CA MET C 382 -17.01 32.44 -24.74
C MET C 382 -16.77 33.91 -25.06
N GLU C 383 -16.17 34.66 -24.13
CA GLU C 383 -15.84 36.05 -24.36
C GLU C 383 -14.83 36.19 -25.49
N ARG C 384 -13.84 35.29 -25.55
CA ARG C 384 -12.88 35.33 -26.64
C ARG C 384 -13.58 35.13 -27.98
N VAL C 385 -14.44 34.12 -28.08
CA VAL C 385 -15.14 33.89 -29.35
C VAL C 385 -16.06 35.07 -29.68
N VAL C 386 -16.67 35.67 -28.66
CA VAL C 386 -17.55 36.81 -28.90
C VAL C 386 -16.75 37.99 -29.43
N ARG C 387 -15.54 38.19 -28.91
CA ARG C 387 -14.70 39.27 -29.42
C ARG C 387 -14.34 39.00 -30.87
N GLU C 388 -13.99 37.75 -31.18
CA GLU C 388 -13.67 37.38 -32.55
C GLU C 388 -14.83 37.74 -33.47
N ARG C 389 -16.05 37.33 -33.11
CA ARG C 389 -17.22 37.63 -33.94
C ARG C 389 -17.59 39.11 -33.91
N MET C 390 -17.19 39.83 -32.87
CA MET C 390 -17.48 41.26 -32.79
C MET C 390 -16.64 42.04 -33.79
N THR C 391 -15.34 41.71 -33.86
CA THR C 391 -14.46 42.40 -34.80
C THR C 391 -14.66 41.88 -36.23
N THR C 392 -14.97 40.60 -36.40
CA THR C 392 -15.04 40.01 -37.73
C THR C 392 -16.32 40.39 -38.46
N GLN C 393 -17.43 40.53 -37.75
CA GLN C 393 -18.73 40.77 -38.36
C GLN C 393 -19.10 42.26 -38.29
N ASP C 394 -20.22 42.59 -38.90
CA ASP C 394 -20.63 43.98 -39.11
C ASP C 394 -21.90 44.29 -38.32
N VAL C 395 -22.08 45.57 -38.01
CA VAL C 395 -23.22 46.06 -37.23
C VAL C 395 -24.46 45.96 -38.09
N GLU C 396 -25.64 46.12 -37.47
CA GLU C 396 -26.96 46.12 -38.10
C GLU C 396 -27.42 44.71 -38.47
N ALA C 397 -26.57 43.69 -38.33
CA ALA C 397 -26.97 42.30 -38.46
C ALA C 397 -26.50 41.49 -37.25
N ILE C 398 -26.15 42.16 -36.16
CA ILE C 398 -25.62 41.51 -34.97
C ILE C 398 -26.64 41.70 -33.86
N THR C 399 -27.08 40.60 -33.27
CA THR C 399 -27.90 40.56 -32.08
C THR C 399 -27.16 39.74 -31.02
N PRO C 400 -27.56 39.82 -29.75
CA PRO C 400 -26.82 39.09 -28.71
C PRO C 400 -26.65 37.61 -29.00
N GLN C 401 -27.65 36.96 -29.59
CA GLN C 401 -27.49 35.58 -30.01
C GLN C 401 -26.47 35.47 -31.14
N THR C 402 -26.44 36.45 -32.05
CA THR C 402 -25.71 36.29 -33.30
C THR C 402 -24.22 36.04 -33.11
N LEU C 403 -23.66 36.40 -31.95
CA LEU C 403 -22.22 36.30 -31.73
C LEU C 403 -21.85 35.48 -30.51
N ILE C 404 -22.83 34.96 -29.75
CA ILE C 404 -22.57 34.16 -28.56
C ILE C 404 -22.50 32.70 -28.95
N ASN C 405 -21.41 32.04 -28.55
CA ASN C 405 -21.26 30.60 -28.69
C ASN C 405 -21.11 30.02 -27.29
N ILE C 406 -22.14 29.30 -26.82
CA ILE C 406 -22.14 28.77 -25.46
C ILE C 406 -21.45 27.41 -25.36
N ARG C 407 -21.06 26.79 -26.47
CA ARG C 407 -20.39 25.50 -26.41
C ARG C 407 -19.18 25.50 -25.48
N PRO C 408 -18.34 26.55 -25.44
CA PRO C 408 -17.26 26.56 -24.44
C PRO C 408 -17.75 26.33 -23.02
N VAL C 409 -18.85 26.96 -22.61
CA VAL C 409 -19.33 26.81 -21.24
C VAL C 409 -19.78 25.39 -20.98
N VAL C 410 -20.56 24.83 -21.92
CA VAL C 410 -21.07 23.47 -21.74
C VAL C 410 -19.92 22.48 -21.64
N ALA C 411 -18.94 22.63 -22.53
CA ALA C 411 -17.80 21.72 -22.50
C ALA C 411 -16.96 21.92 -21.25
N SER C 412 -16.89 23.15 -20.72
CA SER C 412 -16.14 23.38 -19.49
C SER C 412 -16.79 22.67 -18.31
N ILE C 413 -18.11 22.79 -18.17
CA ILE C 413 -18.80 22.12 -17.08
C ILE C 413 -18.67 20.61 -17.23
N LYS C 414 -18.81 20.10 -18.45
CA LYS C 414 -18.63 18.67 -18.68
C LYS C 414 -17.20 18.24 -18.37
N GLU C 415 -16.22 19.05 -18.71
CA GLU C 415 -14.83 18.76 -18.36
C GLU C 415 -14.68 18.59 -16.86
N PHE C 416 -15.23 19.53 -16.09
CA PHE C 416 -15.12 19.44 -14.64
C PHE C 416 -15.80 18.18 -14.11
N PHE C 417 -17.05 17.96 -14.51
CA PHE C 417 -17.83 16.86 -13.94
C PHE C 417 -17.47 15.50 -14.55
N GLY C 418 -16.54 15.44 -15.50
CA GLY C 418 -16.14 14.16 -16.06
C GLY C 418 -14.67 13.83 -15.91
N THR C 419 -13.81 14.83 -15.71
CA THR C 419 -12.37 14.61 -15.72
C THR C 419 -11.65 15.10 -14.47
N SER C 420 -12.20 16.05 -13.73
CA SER C 420 -11.49 16.58 -12.56
C SER C 420 -11.28 15.48 -11.52
N GLN C 421 -10.22 15.66 -10.72
CA GLN C 421 -9.91 14.76 -9.62
C GLN C 421 -10.78 15.03 -8.40
N LEU C 422 -11.32 16.23 -8.27
CA LEU C 422 -12.18 16.58 -7.15
C LEU C 422 -13.63 16.18 -7.36
N SER C 423 -14.02 15.88 -8.60
CA SER C 423 -15.35 15.35 -8.90
C SER C 423 -15.18 13.87 -9.21
N GLN C 424 -15.70 13.01 -8.34
CA GLN C 424 -15.47 11.58 -8.50
C GLN C 424 -16.67 10.81 -7.97
N PHE C 425 -16.72 9.53 -8.36
CA PHE C 425 -17.89 8.70 -8.06
C PHE C 425 -18.15 8.64 -6.56
N MET C 426 -19.44 8.71 -6.20
CA MET C 426 -19.83 8.52 -4.82
C MET C 426 -19.41 7.14 -4.33
N ASP C 427 -18.97 7.08 -3.08
CA ASP C 427 -18.74 5.82 -2.39
C ASP C 427 -20.06 5.41 -1.73
N GLN C 428 -20.76 4.48 -2.37
CA GLN C 428 -22.07 4.00 -1.90
C GLN C 428 -21.94 2.61 -1.27
N ASN C 429 -20.82 2.37 -0.58
CA ASN C 429 -20.69 1.12 0.16
C ASN C 429 -21.76 1.03 1.24
N ASN C 430 -22.02 2.12 1.92
CA ASN C 430 -23.05 2.20 2.95
C ASN C 430 -23.34 3.67 3.22
N PRO C 431 -24.37 4.00 3.98
CA PRO C 431 -24.70 5.43 4.16
C PRO C 431 -23.57 6.25 4.76
N LEU C 432 -22.77 5.67 5.66
CA LEU C 432 -21.69 6.43 6.27
C LEU C 432 -20.57 6.74 5.28
N SER C 433 -20.21 5.77 4.43
CA SER C 433 -19.16 6.03 3.45
C SER C 433 -19.56 7.15 2.50
N GLY C 434 -20.80 7.10 2.00
CA GLY C 434 -21.26 8.19 1.14
C GLY C 434 -21.33 9.51 1.87
N LEU C 435 -21.82 9.49 3.11
CA LEU C 435 -21.95 10.73 3.86
C LEU C 435 -20.59 11.38 4.11
N THR C 436 -19.60 10.60 4.51
CA THR C 436 -18.28 11.13 4.80
C THR C 436 -17.46 11.39 3.54
N HIS C 437 -17.86 10.82 2.41
CA HIS C 437 -17.31 11.27 1.12
C HIS C 437 -17.65 12.72 0.86
N LYS C 438 -18.73 13.22 1.46
CA LYS C 438 -19.23 14.57 1.22
C LYS C 438 -18.81 15.55 2.31
N ARG C 439 -17.96 15.13 3.24
CA ARG C 439 -17.40 16.02 4.26
C ARG C 439 -15.88 16.08 4.18
N ARG C 440 -15.28 15.47 3.17
CA ARG C 440 -13.83 15.50 3.03
C ARG C 440 -13.34 16.91 2.76
N LEU C 441 -12.11 17.18 3.19
CA LEU C 441 -11.36 18.38 2.84
C LEU C 441 -10.12 17.91 2.08
N ASN C 442 -10.27 17.71 0.78
CA ASN C 442 -9.20 17.18 -0.03
C ASN C 442 -8.12 18.23 -0.27
N ALA C 443 -6.88 17.77 -0.41
CA ALA C 443 -5.75 18.63 -0.73
C ALA C 443 -5.07 18.24 -2.03
N LEU C 444 -4.93 16.94 -2.30
CA LEU C 444 -4.35 16.47 -3.55
C LEU C 444 -5.32 16.74 -4.70
N GLY C 445 -4.99 17.67 -5.57
CA GLY C 445 -5.82 18.01 -6.69
C GLY C 445 -5.36 19.26 -7.41
N PRO C 446 -6.09 19.67 -8.44
CA PRO C 446 -5.70 20.88 -9.19
C PRO C 446 -5.73 22.10 -8.30
N GLY C 447 -4.73 22.97 -8.48
CA GLY C 447 -4.62 24.16 -7.66
C GLY C 447 -4.17 23.92 -6.23
N GLY C 448 -3.69 22.71 -5.93
CA GLY C 448 -3.29 22.36 -4.58
C GLY C 448 -2.01 21.55 -4.53
N LEU C 449 -1.84 20.77 -3.47
CA LEU C 449 -0.62 20.01 -3.26
C LEU C 449 -0.58 18.81 -4.21
N SER C 450 0.46 18.00 -4.09
CA SER C 450 0.61 16.76 -4.82
C SER C 450 1.10 15.68 -3.86
N ARG C 451 1.18 14.44 -4.35
CA ARG C 451 1.59 13.34 -3.50
C ARG C 451 3.02 13.51 -3.01
N GLU C 452 3.95 13.79 -3.93
CA GLU C 452 5.36 13.84 -3.59
C GLU C 452 5.77 15.21 -3.07
N ARG C 453 5.17 16.29 -3.60
CA ARG C 453 5.55 17.63 -3.18
C ARG C 453 5.25 17.84 -1.70
N ALA C 454 4.16 17.27 -1.20
CA ALA C 454 3.80 17.43 0.20
C ALA C 454 4.90 16.86 1.10
N GLY C 455 5.29 17.63 2.11
CA GLY C 455 6.35 17.22 3.01
C GLY C 455 5.82 16.58 4.27
N PHE C 456 5.99 17.25 5.41
CA PHE C 456 5.50 16.77 6.69
C PHE C 456 4.53 17.73 7.35
N GLU C 457 4.87 19.02 7.42
CA GLU C 457 4.07 19.96 8.20
C GLU C 457 2.65 20.10 7.66
N VAL C 458 2.41 19.73 6.39
CA VAL C 458 1.04 19.66 5.90
C VAL C 458 0.39 18.35 6.29
N ARG C 459 1.17 17.27 6.34
CA ARG C 459 0.68 15.94 6.68
C ARG C 459 0.58 15.70 8.18
N ASP C 460 0.70 16.74 9.01
CA ASP C 460 0.67 16.60 10.46
C ASP C 460 -0.43 17.48 11.04
N VAL C 461 -1.14 16.95 12.03
CA VAL C 461 -2.22 17.68 12.65
C VAL C 461 -1.66 18.89 13.39
N HIS C 462 -2.31 20.03 13.22
CA HIS C 462 -1.92 21.31 13.79
C HIS C 462 -2.78 21.62 15.00
N PRO C 463 -2.30 22.46 15.93
CA PRO C 463 -3.17 22.90 17.03
C PRO C 463 -4.43 23.61 16.57
N SER C 464 -4.46 24.12 15.34
CA SER C 464 -5.64 24.78 14.80
C SER C 464 -6.62 23.81 14.16
N HIS C 465 -6.23 22.55 13.95
CA HIS C 465 -7.14 21.52 13.46
C HIS C 465 -8.23 21.20 14.47
N TYR C 466 -8.09 21.63 15.72
CA TYR C 466 -9.03 21.26 16.77
C TYR C 466 -10.39 21.89 16.49
N GLY C 467 -11.38 21.05 16.21
CA GLY C 467 -12.72 21.51 15.93
C GLY C 467 -13.02 21.81 14.48
N ARG C 468 -12.03 21.69 13.60
CA ARG C 468 -12.18 22.02 12.19
C ARG C 468 -11.86 20.84 11.28
N MET C 469 -10.73 20.17 11.52
CA MET C 469 -10.34 19.01 10.75
C MET C 469 -10.13 17.85 11.72
N CYS C 470 -10.45 16.65 11.27
CA CYS C 470 -10.41 15.50 12.15
C CYS C 470 -8.98 14.98 12.29
N PRO C 471 -8.44 14.91 13.51
CA PRO C 471 -7.11 14.30 13.65
C PRO C 471 -7.07 12.84 13.28
N ILE C 472 -8.16 12.11 13.48
CA ILE C 472 -8.12 10.64 13.50
C ILE C 472 -8.46 10.05 12.13
N GLU C 473 -9.50 10.56 11.46
CA GLU C 473 -9.90 10.00 10.19
C GLU C 473 -8.98 10.48 9.08
N THR C 474 -8.38 9.54 8.35
CA THR C 474 -7.36 9.85 7.37
C THR C 474 -6.99 8.58 6.60
N PRO C 475 -6.63 8.68 5.32
CA PRO C 475 -6.19 7.47 4.60
C PRO C 475 -4.92 6.88 5.20
N GLU C 476 -4.81 5.56 5.07
CA GLU C 476 -3.70 4.80 5.63
C GLU C 476 -2.63 4.49 4.60
N GLY C 477 -2.49 5.34 3.58
CA GLY C 477 -1.57 5.11 2.51
C GLY C 477 -0.79 6.37 2.14
N PRO C 478 -0.52 6.58 0.86
CA PRO C 478 0.23 7.78 0.45
C PRO C 478 -0.45 9.09 0.82
N ASN C 479 -1.77 9.09 1.05
CA ASN C 479 -2.53 10.32 1.23
C ASN C 479 -2.73 10.69 2.70
N ILE C 480 -1.86 10.18 3.59
CA ILE C 480 -1.99 10.54 5.01
C ILE C 480 -1.84 12.04 5.17
N GLY C 481 -2.79 12.65 5.88
CA GLY C 481 -2.75 14.07 6.16
C GLY C 481 -3.22 14.96 5.03
N LEU C 482 -3.22 14.48 3.79
CA LEU C 482 -3.72 15.27 2.68
C LEU C 482 -5.25 15.25 2.64
N ILE C 483 -5.83 14.07 2.45
CA ILE C 483 -7.28 13.92 2.47
C ILE C 483 -7.72 13.82 3.92
N GLY C 484 -8.63 14.70 4.34
CA GLY C 484 -9.10 14.73 5.71
C GLY C 484 -10.60 14.58 5.83
N SER C 485 -11.19 15.27 6.79
CA SER C 485 -12.63 15.21 6.99
C SER C 485 -13.08 16.33 7.93
N LEU C 486 -14.11 17.07 7.54
CA LEU C 486 -14.59 18.16 8.38
C LEU C 486 -15.05 17.64 9.73
N ALA C 487 -14.79 18.40 10.78
CA ALA C 487 -15.24 18.03 12.10
C ALA C 487 -16.77 18.04 12.13
N SER C 488 -17.32 17.62 13.28
CA SER C 488 -18.77 17.51 13.38
C SER C 488 -19.45 18.87 13.42
N TYR C 489 -18.79 19.89 13.97
CA TYR C 489 -19.37 21.21 14.15
C TYR C 489 -18.74 22.26 13.22
N GLY C 490 -18.01 21.83 12.20
CA GLY C 490 -17.36 22.78 11.32
C GLY C 490 -18.34 23.56 10.47
N ARG C 491 -17.98 24.81 10.19
CA ARG C 491 -18.80 25.69 9.34
C ARG C 491 -17.87 26.45 8.41
N ILE C 492 -18.06 26.28 7.10
CA ILE C 492 -17.19 26.96 6.14
C ILE C 492 -17.57 28.43 6.08
N ASN C 493 -16.59 29.30 6.30
CA ASN C 493 -16.82 30.73 6.28
C ASN C 493 -17.02 31.19 4.84
N PRO C 494 -17.62 32.39 4.63
CA PRO C 494 -17.63 32.98 3.28
C PRO C 494 -16.29 32.93 2.59
N PHE C 495 -15.23 33.33 3.29
CA PHE C 495 -13.89 33.37 2.70
C PHE C 495 -13.32 31.98 2.45
N GLY C 496 -13.92 30.94 3.02
CA GLY C 496 -13.43 29.58 2.86
C GLY C 496 -12.71 29.00 4.06
N PHE C 497 -12.60 29.74 5.16
CA PHE C 497 -12.02 29.21 6.38
C PHE C 497 -13.07 28.46 7.17
N ILE C 498 -12.62 27.54 8.02
CA ILE C 498 -13.52 26.77 8.86
C ILE C 498 -13.68 27.47 10.19
N GLU C 499 -14.89 27.38 10.75
CA GLU C 499 -15.22 27.96 12.04
C GLU C 499 -15.82 26.87 12.92
N THR C 500 -15.63 27.04 14.22
CA THR C 500 -16.12 26.10 15.22
C THR C 500 -16.85 26.89 16.30
N PRO C 501 -17.92 26.36 16.88
CA PRO C 501 -18.66 27.11 17.90
C PRO C 501 -17.97 27.07 19.25
N TYR C 502 -18.22 28.12 20.03
CA TYR C 502 -17.70 28.20 21.39
C TYR C 502 -18.69 28.99 22.24
N ARG C 503 -18.98 28.50 23.43
CA ARG C 503 -19.83 29.21 24.36
C ARG C 503 -19.06 30.37 24.97
N LYS C 504 -19.69 31.55 24.96
CA LYS C 504 -19.08 32.76 25.51
C LYS C 504 -19.10 32.69 27.03
N VAL C 505 -17.93 32.48 27.63
CA VAL C 505 -17.80 32.41 29.08
C VAL C 505 -17.65 33.85 29.56
N VAL C 506 -18.75 34.41 30.08
CA VAL C 506 -18.80 35.84 30.40
C VAL C 506 -18.59 36.00 31.90
N GLU C 507 -17.57 36.77 32.27
CA GLU C 507 -17.03 36.88 33.64
C GLU C 507 -17.09 35.55 34.38
N GLY C 508 -16.66 34.49 33.71
CA GLY C 508 -16.51 33.20 34.33
C GLY C 508 -17.78 32.40 34.51
N GLN C 509 -18.94 32.96 34.18
CA GLN C 509 -20.20 32.22 34.21
C GLN C 509 -20.57 31.85 32.79
N VAL C 510 -20.86 30.57 32.56
CA VAL C 510 -21.11 30.10 31.22
C VAL C 510 -22.43 30.66 30.73
N THR C 511 -22.56 30.78 29.40
CA THR C 511 -23.79 31.23 28.78
C THR C 511 -24.03 30.42 27.52
N ASP C 512 -25.27 30.47 27.03
CA ASP C 512 -25.63 29.79 25.80
C ASP C 512 -25.29 30.61 24.55
N ASP C 513 -24.71 31.80 24.72
CA ASP C 513 -24.35 32.65 23.59
C ASP C 513 -23.18 32.01 22.86
N VAL C 514 -23.47 31.32 21.76
CA VAL C 514 -22.45 30.60 20.99
C VAL C 514 -21.92 31.53 19.91
N ASP C 515 -20.59 31.67 19.85
CA ASP C 515 -19.91 32.40 18.79
C ASP C 515 -19.07 31.43 17.99
N TYR C 516 -19.16 31.53 16.67
CA TYR C 516 -18.34 30.71 15.78
C TYR C 516 -17.03 31.44 15.50
N LEU C 517 -15.93 30.79 15.83
CA LEU C 517 -14.59 31.38 15.69
C LEU C 517 -13.76 30.56 14.73
N THR C 518 -12.90 31.25 13.98
CA THR C 518 -11.91 30.62 13.13
C THR C 518 -10.55 30.59 13.83
N ALA C 519 -9.63 29.82 13.25
CA ALA C 519 -8.36 29.55 13.91
C ALA C 519 -7.63 30.83 14.32
N ASP C 520 -7.68 31.86 13.47
CA ASP C 520 -6.98 33.10 13.77
C ASP C 520 -7.61 33.87 14.92
N GLU C 521 -8.94 33.95 14.96
CA GLU C 521 -9.59 34.52 16.13
C GLU C 521 -9.60 33.55 17.29
N GLU C 522 -9.32 32.27 17.03
CA GLU C 522 -9.25 31.26 18.13
C GLU C 522 -7.92 31.43 18.87
N ASP C 523 -6.86 31.84 18.16
CA ASP C 523 -5.53 32.01 18.75
C ASP C 523 -5.38 33.30 19.53
N ARG C 524 -6.45 34.03 19.85
CA ARG C 524 -6.38 35.20 20.72
C ARG C 524 -7.21 35.02 21.98
N PHE C 525 -7.79 33.85 22.19
CA PHE C 525 -8.71 33.61 23.30
C PHE C 525 -8.27 32.37 24.07
N VAL C 526 -8.77 32.28 25.30
CA VAL C 526 -8.50 31.15 26.19
C VAL C 526 -9.75 30.28 26.24
N ILE C 527 -9.59 29.01 25.87
CA ILE C 527 -10.73 28.13 25.59
C ILE C 527 -10.72 26.99 26.60
N ALA C 528 -11.80 26.88 27.36
CA ALA C 528 -11.94 25.81 28.34
C ALA C 528 -12.37 24.52 27.65
N GLN C 529 -12.83 23.54 28.43
CA GLN C 529 -13.30 22.27 27.91
C GLN C 529 -14.75 22.06 28.32
N ALA C 530 -15.50 21.38 27.44
CA ALA C 530 -16.92 21.17 27.69
C ALA C 530 -17.15 20.33 28.93
N ASN C 531 -16.22 19.45 29.28
CA ASN C 531 -16.36 18.57 30.43
C ASN C 531 -15.84 19.22 31.72
N ALA C 532 -15.45 20.48 31.68
CA ALA C 532 -15.06 21.18 32.90
C ALA C 532 -16.21 21.16 33.90
N ALA C 533 -15.89 20.88 35.16
CA ALA C 533 -16.92 20.80 36.18
C ALA C 533 -17.61 22.15 36.36
N LEU C 534 -18.93 22.10 36.54
CA LEU C 534 -19.74 23.31 36.62
C LEU C 534 -20.90 23.06 37.57
N GLY C 535 -21.26 24.09 38.33
CA GLY C 535 -22.27 23.98 39.36
C GLY C 535 -23.67 24.34 38.85
N ASP C 536 -24.62 24.31 39.79
CA ASP C 536 -26.00 24.69 39.47
C ASP C 536 -26.05 26.10 38.91
N ASP C 537 -25.47 27.06 39.64
CA ASP C 537 -25.14 28.34 39.03
C ASP C 537 -24.01 28.13 38.03
N MET C 538 -24.11 28.79 36.87
CA MET C 538 -23.14 28.56 35.79
C MET C 538 -21.72 29.00 36.09
N ARG C 539 -21.48 29.60 37.25
CA ARG C 539 -20.11 29.93 37.62
C ARG C 539 -19.29 28.67 37.80
N PHE C 540 -17.99 28.77 37.52
CA PHE C 540 -17.11 27.62 37.64
C PHE C 540 -16.97 27.20 39.10
N ALA C 541 -16.72 25.91 39.31
CA ALA C 541 -16.63 25.34 40.64
C ALA C 541 -15.19 25.31 41.15
N GLU C 542 -14.30 24.62 40.43
CA GLU C 542 -12.92 24.48 40.86
C GLU C 542 -12.11 25.70 40.43
N ALA C 543 -11.09 26.03 41.23
CA ALA C 543 -10.24 27.18 40.93
C ALA C 543 -9.46 26.95 39.64
N ARG C 544 -8.86 25.78 39.48
CA ARG C 544 -8.05 25.46 38.30
C ARG C 544 -8.96 24.92 37.22
N VAL C 545 -9.11 25.66 36.13
CA VAL C 545 -9.90 25.25 34.97
C VAL C 545 -8.94 25.06 33.80
N LEU C 546 -8.74 23.85 33.32
CA LEU C 546 -7.79 23.64 32.25
C LEU C 546 -8.28 24.33 31.00
N VAL C 547 -7.38 24.94 30.24
CA VAL C 547 -7.76 25.63 29.02
C VAL C 547 -6.79 25.39 27.88
N ARG C 548 -7.30 25.33 26.65
CA ARG C 548 -6.44 25.19 25.48
C ARG C 548 -6.16 26.59 25.02
N ARG C 549 -4.94 27.08 25.26
CA ARG C 549 -4.61 28.47 24.92
C ARG C 549 -3.85 28.57 23.60
N ARG C 550 -3.67 29.78 23.10
CA ARG C 550 -2.99 30.00 21.83
C ARG C 550 -1.75 29.16 21.59
N GLY C 551 -1.55 28.72 20.35
CA GLY C 551 -0.35 27.97 20.01
C GLY C 551 -0.40 26.51 20.40
N GLY C 552 -1.59 26.00 20.74
CA GLY C 552 -1.71 24.63 21.19
C GLY C 552 -1.02 24.48 22.51
N GLU C 553 -1.32 25.37 23.45
CA GLU C 553 -0.65 25.36 24.74
C GLU C 553 -1.65 25.23 25.86
N VAL C 554 -1.94 24.01 26.28
CA VAL C 554 -2.86 23.81 27.39
C VAL C 554 -2.23 24.35 28.68
N ASP C 555 -2.94 25.22 29.39
CA ASP C 555 -2.39 25.84 30.60
C ASP C 555 -3.47 26.44 31.48
N TYR C 556 -3.81 25.76 32.57
CA TYR C 556 -4.87 26.22 33.49
C TYR C 556 -4.89 27.70 33.88
N VAL C 557 -6.07 28.21 34.18
CA VAL C 557 -6.22 29.62 34.57
C VAL C 557 -7.25 29.72 35.71
N PRO C 558 -7.45 30.94 36.26
CA PRO C 558 -8.39 31.04 37.40
C PRO C 558 -9.84 30.68 37.10
N GLY C 559 -10.36 31.00 35.93
CA GLY C 559 -11.76 30.74 35.62
C GLY C 559 -12.47 31.98 35.20
N ASP C 560 -12.31 33.08 35.94
CA ASP C 560 -12.89 34.33 35.50
C ASP C 560 -12.07 34.76 34.31
N ASP C 561 -10.79 34.41 34.33
CA ASP C 561 -9.92 34.71 33.20
C ASP C 561 -10.42 34.05 31.94
N VAL C 562 -11.04 32.88 32.08
CA VAL C 562 -11.48 32.12 30.91
C VAL C 562 -12.46 32.96 30.12
N ASP C 563 -12.46 32.80 28.80
CA ASP C 563 -13.28 33.61 27.91
C ASP C 563 -14.19 32.80 26.98
N TYR C 564 -13.89 31.52 26.73
CA TYR C 564 -14.73 30.69 25.88
C TYR C 564 -14.62 29.25 26.37
N MET C 565 -15.63 28.45 26.03
CA MET C 565 -15.59 27.02 26.32
C MET C 565 -16.10 26.22 25.12
N ASP C 566 -15.53 25.03 24.95
CA ASP C 566 -16.01 24.11 23.92
C ASP C 566 -17.50 23.82 24.11
N VAL C 567 -18.22 23.77 22.99
CA VAL C 567 -19.66 23.57 23.04
C VAL C 567 -19.96 22.11 23.31
N SER C 568 -19.08 21.21 22.86
CA SER C 568 -19.29 19.78 23.00
C SER C 568 -17.96 19.05 23.19
N PRO C 569 -17.91 17.97 23.99
CA PRO C 569 -16.65 17.24 24.14
C PRO C 569 -16.34 16.30 22.99
N ARG C 570 -17.11 16.35 21.90
CA ARG C 570 -16.79 15.57 20.70
C ARG C 570 -16.82 16.56 19.54
N GLN C 571 -16.48 17.81 19.83
CA GLN C 571 -16.42 18.83 18.79
C GLN C 571 -15.26 18.55 17.89
N MET C 572 -14.16 18.06 18.47
CA MET C 572 -12.96 17.77 17.72
C MET C 572 -13.13 16.62 16.74
N VAL C 573 -13.86 15.59 17.13
CA VAL C 573 -13.98 14.40 16.29
C VAL C 573 -14.88 14.55 15.08
N SER C 574 -14.70 13.69 14.08
CA SER C 574 -15.56 13.71 12.90
C SER C 574 -16.78 12.85 13.13
N VAL C 575 -17.51 12.52 12.08
CA VAL C 575 -18.71 11.70 12.20
C VAL C 575 -18.39 10.22 12.29
N ALA C 576 -17.55 9.72 11.38
CA ALA C 576 -17.23 8.30 11.36
C ALA C 576 -16.48 7.85 12.59
N THR C 577 -15.60 8.72 13.10
CA THR C 577 -14.82 8.39 14.29
C THR C 577 -15.71 8.57 15.52
N ALA C 578 -16.75 9.40 15.41
CA ALA C 578 -17.69 9.56 16.51
C ALA C 578 -18.57 8.33 16.66
N MET C 579 -18.63 7.46 15.64
CA MET C 579 -19.35 6.21 15.74
C MET C 579 -18.76 5.33 16.82
N ILE C 580 -17.43 5.37 16.97
CA ILE C 580 -16.69 4.44 17.81
C ILE C 580 -17.01 4.69 19.27
N PRO C 581 -17.55 3.71 20.02
CA PRO C 581 -17.70 3.90 21.46
C PRO C 581 -16.42 3.54 22.19
N PHE C 582 -16.16 4.24 23.29
CA PHE C 582 -14.91 4.09 24.03
C PHE C 582 -13.72 4.39 23.11
N LEU C 583 -13.73 5.59 22.55
CA LEU C 583 -12.62 6.03 21.71
C LEU C 583 -11.41 6.44 22.54
N GLU C 584 -11.63 7.03 23.70
CA GLU C 584 -10.53 7.46 24.56
C GLU C 584 -9.74 6.29 25.13
N HIS C 585 -10.25 5.06 25.01
CA HIS C 585 -9.53 3.86 25.44
C HIS C 585 -8.81 3.17 24.30
N ASP C 586 -8.50 3.90 23.23
CA ASP C 586 -7.76 3.38 22.09
C ASP C 586 -6.66 4.35 21.70
N ASP C 587 -5.54 3.80 21.24
CA ASP C 587 -4.51 4.64 20.64
C ASP C 587 -5.00 5.16 19.31
N ALA C 588 -4.52 6.35 18.94
CA ALA C 588 -5.01 7.00 17.73
C ALA C 588 -4.75 6.18 16.47
N ASN C 589 -3.74 5.31 16.48
CA ASN C 589 -3.48 4.48 15.31
C ASN C 589 -4.66 3.56 15.02
N ARG C 590 -5.11 2.82 16.03
CA ARG C 590 -6.20 1.87 15.81
C ARG C 590 -7.54 2.57 15.67
N ALA C 591 -7.73 3.74 16.31
CA ALA C 591 -8.93 4.52 16.04
C ALA C 591 -8.98 4.97 14.59
N LEU C 592 -7.84 5.42 14.06
CA LEU C 592 -7.76 5.79 12.65
C LEU C 592 -8.09 4.61 11.75
N MET C 593 -7.46 3.46 12.01
CA MET C 593 -7.75 2.28 11.20
C MET C 593 -9.22 1.90 11.27
N GLY C 594 -9.79 1.91 12.48
CA GLY C 594 -11.18 1.53 12.64
C GLY C 594 -12.13 2.45 11.91
N ALA C 595 -11.90 3.76 12.01
CA ALA C 595 -12.74 4.71 11.29
C ALA C 595 -12.60 4.52 9.78
N ASN C 596 -11.38 4.26 9.30
CA ASN C 596 -11.20 4.01 7.87
C ASN C 596 -11.98 2.79 7.43
N MET C 597 -11.91 1.70 8.19
CA MET C 597 -12.45 0.43 7.72
C MET C 597 -13.94 0.30 7.99
N MET C 598 -14.49 1.14 8.87
CA MET C 598 -15.93 1.19 9.06
C MET C 598 -16.66 1.61 7.79
N ARG C 599 -15.98 2.31 6.88
CA ARG C 599 -16.56 2.76 5.63
C ARG C 599 -16.63 1.68 4.56
N GLN C 600 -15.92 0.57 4.74
CA GLN C 600 -15.94 -0.54 3.80
C GLN C 600 -16.98 -1.59 4.16
N ALA C 601 -17.83 -1.29 5.15
CA ALA C 601 -18.78 -2.28 5.64
C ALA C 601 -19.87 -2.53 4.61
N VAL C 602 -20.04 -3.79 4.21
CA VAL C 602 -21.11 -4.15 3.28
C VAL C 602 -22.45 -3.99 3.99
N PRO C 603 -23.52 -3.54 3.32
CA PRO C 603 -24.84 -3.61 3.94
C PRO C 603 -25.42 -5.02 3.84
N LEU C 604 -26.14 -5.41 4.89
CA LEU C 604 -26.63 -6.76 5.04
C LEU C 604 -28.14 -6.81 4.80
N ILE C 605 -28.64 -8.02 4.55
CA ILE C 605 -30.06 -8.20 4.28
C ILE C 605 -30.89 -7.65 5.42
N LYS C 606 -30.71 -8.21 6.61
CA LYS C 606 -31.34 -7.70 7.83
C LYS C 606 -30.29 -6.95 8.62
N SER C 607 -30.59 -5.70 8.97
CA SER C 607 -29.65 -4.82 9.63
C SER C 607 -30.16 -4.48 11.01
N GLU C 608 -29.28 -4.55 12.01
CA GLU C 608 -29.61 -4.17 13.38
C GLU C 608 -28.61 -3.13 13.86
N SER C 609 -29.13 -2.03 14.40
CA SER C 609 -28.26 -1.00 14.95
C SER C 609 -27.48 -1.58 16.13
N PRO C 610 -26.29 -1.04 16.41
CA PRO C 610 -25.43 -1.69 17.41
C PRO C 610 -26.06 -1.68 18.79
N LEU C 611 -25.88 -2.78 19.51
CA LEU C 611 -26.39 -2.88 20.87
C LEU C 611 -25.74 -1.84 21.76
N VAL C 612 -24.43 -1.67 21.63
CA VAL C 612 -23.69 -0.58 22.26
C VAL C 612 -23.13 0.28 21.14
N GLY C 613 -23.49 1.57 21.16
CA GLY C 613 -23.03 2.49 20.16
C GLY C 613 -22.96 3.88 20.74
N THR C 614 -22.60 4.84 19.89
CA THR C 614 -22.60 6.24 20.27
C THR C 614 -24.01 6.82 20.07
N GLY C 615 -24.22 8.02 20.59
CA GLY C 615 -25.46 8.73 20.32
C GLY C 615 -25.42 9.40 18.96
N MET C 616 -24.98 8.68 17.93
CA MET C 616 -24.66 9.27 16.65
C MET C 616 -25.17 8.51 15.43
N GLU C 617 -25.67 7.27 15.58
CA GLU C 617 -26.17 6.55 14.42
C GLU C 617 -27.41 7.23 13.85
N TYR C 618 -28.31 7.72 14.70
CA TYR C 618 -29.55 8.28 14.20
C TYR C 618 -29.32 9.52 13.36
N ARG C 619 -28.58 10.49 13.89
CA ARG C 619 -28.36 11.72 13.14
C ARG C 619 -27.50 11.48 11.91
N SER C 620 -26.51 10.59 12.01
CA SER C 620 -25.71 10.27 10.84
C SER C 620 -26.55 9.68 9.72
N ALA C 621 -27.46 8.76 10.06
CA ALA C 621 -28.31 8.17 9.04
C ALA C 621 -29.37 9.14 8.53
N ALA C 622 -29.89 9.99 9.40
CA ALA C 622 -30.95 10.91 9.00
C ALA C 622 -30.40 12.01 8.10
N ASP C 623 -29.20 12.52 8.40
CA ASP C 623 -28.61 13.57 7.59
C ASP C 623 -27.94 13.04 6.33
N ALA C 624 -27.81 11.73 6.18
CA ALA C 624 -27.47 11.14 4.89
C ALA C 624 -28.72 11.11 4.04
N GLY C 625 -28.67 10.41 2.90
CA GLY C 625 -29.78 10.44 1.95
C GLY C 625 -30.35 9.08 1.59
N ASP C 626 -30.09 8.06 2.41
CA ASP C 626 -30.61 6.71 2.13
C ASP C 626 -31.87 6.40 2.95
N VAL C 627 -32.23 7.27 3.87
CA VAL C 627 -33.36 7.03 4.77
C VAL C 627 -34.52 7.88 4.28
N VAL C 628 -35.60 7.21 3.83
CA VAL C 628 -36.76 7.92 3.33
C VAL C 628 -37.44 8.63 4.49
N LYS C 629 -37.57 9.94 4.39
CA LYS C 629 -38.14 10.78 5.43
C LYS C 629 -39.47 11.36 4.96
N ALA C 630 -40.20 11.94 5.91
CA ALA C 630 -41.50 12.52 5.65
C ALA C 630 -41.36 14.01 5.40
N GLU C 631 -41.95 14.48 4.28
CA GLU C 631 -41.86 15.88 3.92
C GLU C 631 -42.77 16.75 4.80
N LYS C 632 -43.91 16.23 5.22
CA LYS C 632 -44.84 16.99 6.04
C LYS C 632 -45.66 16.03 6.87
N ALA C 633 -46.28 16.55 7.92
CA ALA C 633 -47.11 15.75 8.80
C ALA C 633 -48.27 15.13 8.02
N GLY C 634 -48.90 14.14 8.62
CA GLY C 634 -50.02 13.46 7.99
C GLY C 634 -50.26 12.11 8.64
N VAL C 635 -50.88 11.22 7.87
CA VAL C 635 -51.19 9.86 8.31
C VAL C 635 -50.90 8.91 7.16
N VAL C 636 -50.34 7.75 7.48
CA VAL C 636 -50.02 6.77 6.45
C VAL C 636 -51.29 6.13 5.93
N GLN C 637 -51.33 5.87 4.63
CA GLN C 637 -52.52 5.34 3.97
C GLN C 637 -52.29 3.93 3.41
N GLU C 638 -51.32 3.76 2.52
CA GLU C 638 -51.07 2.49 1.86
C GLU C 638 -49.59 2.19 1.99
N VAL C 639 -49.26 1.02 2.52
CA VAL C 639 -47.87 0.62 2.78
C VAL C 639 -47.66 -0.74 2.12
N SER C 640 -47.22 -0.73 0.88
CA SER C 640 -46.66 -1.92 0.26
C SER C 640 -45.16 -1.92 0.57
N ALA C 641 -44.44 -2.90 0.04
CA ALA C 641 -42.99 -2.85 0.13
C ALA C 641 -42.43 -1.78 -0.79
N ASP C 642 -43.11 -1.50 -1.90
CA ASP C 642 -42.59 -0.62 -2.94
C ASP C 642 -42.93 0.85 -2.73
N TYR C 643 -43.94 1.18 -1.94
CA TYR C 643 -44.34 2.58 -1.80
C TYR C 643 -45.01 2.81 -0.47
N ILE C 644 -45.05 4.08 -0.07
CA ILE C 644 -45.75 4.53 1.13
C ILE C 644 -46.57 5.75 0.74
N THR C 645 -47.89 5.63 0.83
CA THR C 645 -48.80 6.74 0.53
C THR C 645 -49.28 7.34 1.84
N THR C 646 -49.18 8.67 1.95
CA THR C 646 -49.55 9.39 3.15
C THR C 646 -50.48 10.54 2.80
N THR C 647 -51.52 10.71 3.63
CA THR C 647 -52.50 11.77 3.48
C THR C 647 -52.10 12.90 4.42
N ASN C 648 -51.69 14.02 3.83
CA ASN C 648 -51.14 15.12 4.61
C ASN C 648 -52.23 15.81 5.41
N ASP C 649 -51.81 16.53 6.45
CA ASP C 649 -52.72 17.34 7.23
C ASP C 649 -53.09 18.65 6.55
N ASP C 650 -52.39 19.01 5.47
CA ASP C 650 -52.73 20.18 4.68
C ASP C 650 -53.71 19.87 3.55
N GLY C 651 -54.11 18.61 3.39
CA GLY C 651 -55.07 18.22 2.38
C GLY C 651 -54.49 17.59 1.13
N THR C 652 -53.18 17.31 1.10
CA THR C 652 -52.52 16.74 -0.06
C THR C 652 -52.16 15.28 0.21
N TYR C 653 -51.62 14.63 -0.83
CA TYR C 653 -51.15 13.25 -0.75
C TYR C 653 -49.71 13.20 -1.23
N ILE C 654 -48.91 12.32 -0.63
CA ILE C 654 -47.56 12.05 -1.13
C ILE C 654 -47.34 10.55 -1.17
N THR C 655 -46.81 10.07 -2.29
CA THR C 655 -46.48 8.66 -2.48
C THR C 655 -44.97 8.53 -2.62
N TYR C 656 -44.31 8.06 -1.56
CA TYR C 656 -42.87 7.83 -1.58
C TYR C 656 -42.61 6.48 -2.21
N ARG C 657 -41.95 6.48 -3.36
CA ARG C 657 -41.52 5.23 -4.00
C ARG C 657 -40.17 4.81 -3.43
N LEU C 658 -40.07 3.54 -3.04
CA LEU C 658 -38.89 3.02 -2.36
C LEU C 658 -38.08 2.17 -3.33
N ALA C 659 -36.75 2.34 -3.29
CA ALA C 659 -35.85 1.56 -4.11
C ALA C 659 -35.72 0.14 -3.56
N LYS C 660 -35.77 -0.84 -4.46
CA LYS C 660 -35.74 -2.25 -4.10
C LYS C 660 -34.68 -2.96 -4.93
N PHE C 661 -33.59 -3.35 -4.27
CA PHE C 661 -32.51 -4.10 -4.91
C PHE C 661 -32.00 -3.37 -6.16
N SER C 662 -31.57 -2.13 -5.93
CA SER C 662 -30.97 -1.29 -6.96
C SER C 662 -29.46 -1.32 -6.78
N ARG C 663 -28.74 -1.58 -7.87
CA ARG C 663 -27.29 -1.64 -7.79
C ARG C 663 -26.70 -0.28 -7.41
N SER C 664 -25.59 -0.31 -6.69
CA SER C 664 -24.85 0.87 -6.28
C SER C 664 -23.58 0.99 -7.13
N ASN C 665 -22.87 2.10 -6.92
CA ASN C 665 -21.62 2.31 -7.64
C ASN C 665 -20.63 1.18 -7.39
N GLN C 666 -20.70 0.55 -6.21
CA GLN C 666 -19.75 -0.47 -5.80
C GLN C 666 -20.30 -1.89 -5.88
N GLY C 667 -21.53 -2.07 -6.37
CA GLY C 667 -22.09 -3.40 -6.57
C GLY C 667 -22.95 -3.93 -5.46
N THR C 668 -23.25 -3.13 -4.45
CA THR C 668 -24.10 -3.57 -3.34
C THR C 668 -25.56 -3.34 -3.73
N SER C 669 -26.48 -3.42 -2.75
CA SER C 669 -27.90 -3.20 -2.98
C SER C 669 -28.37 -2.03 -2.11
N VAL C 670 -29.38 -1.32 -2.63
CA VAL C 670 -29.95 -0.17 -1.92
C VAL C 670 -31.41 -0.48 -1.60
N ASN C 671 -31.70 -1.73 -1.29
CA ASN C 671 -33.02 -2.12 -0.84
C ASN C 671 -33.46 -1.25 0.34
N GLN C 672 -34.74 -0.90 0.35
CA GLN C 672 -35.32 -0.10 1.42
C GLN C 672 -36.49 -0.85 2.04
N LYS C 673 -36.67 -0.66 3.34
CA LYS C 673 -37.68 -1.36 4.11
C LYS C 673 -38.52 -0.36 4.89
N VAL C 674 -39.81 -0.61 4.96
CA VAL C 674 -40.74 0.33 5.59
C VAL C 674 -40.66 0.21 7.11
N ILE C 675 -40.94 1.32 7.79
CA ILE C 675 -40.91 1.38 9.24
C ILE C 675 -42.28 1.61 9.85
N VAL C 676 -43.27 2.06 9.08
CA VAL C 676 -44.57 2.47 9.60
C VAL C 676 -45.65 1.55 9.03
N ALA C 677 -46.72 1.39 9.79
CA ALA C 677 -47.90 0.64 9.37
C ALA C 677 -48.98 1.61 8.89
N GLU C 678 -50.06 1.05 8.34
CA GLU C 678 -51.03 1.88 7.64
C GLU C 678 -52.05 2.49 8.59
N GLY C 679 -51.59 3.08 9.69
CA GLY C 679 -52.44 3.91 10.53
C GLY C 679 -51.67 5.00 11.26
N ASP C 680 -50.40 5.15 10.93
CA ASP C 680 -49.48 5.89 11.79
C ASP C 680 -49.52 7.38 11.50
N ARG C 681 -49.51 8.18 12.56
CA ARG C 681 -49.48 9.63 12.44
C ARG C 681 -48.02 10.06 12.25
N ILE C 682 -47.73 10.66 11.10
CA ILE C 682 -46.39 11.05 10.73
C ILE C 682 -46.17 12.51 11.10
N ILE C 683 -44.90 12.88 11.25
CA ILE C 683 -44.48 14.28 11.37
C ILE C 683 -43.36 14.52 10.36
N GLU C 684 -43.21 15.80 9.98
CA GLU C 684 -42.14 16.17 9.06
C GLU C 684 -40.79 15.77 9.62
N GLY C 685 -39.98 15.12 8.80
CA GLY C 685 -38.67 14.64 9.18
C GLY C 685 -38.63 13.22 9.68
N GLN C 686 -39.78 12.66 10.07
CA GLN C 686 -39.81 11.29 10.58
C GLN C 686 -39.42 10.31 9.48
N VAL C 687 -38.81 9.22 9.88
CA VAL C 687 -38.35 8.18 8.96
C VAL C 687 -39.51 7.24 8.66
N LEU C 688 -39.79 7.05 7.37
CA LEU C 688 -40.82 6.12 6.93
C LEU C 688 -40.25 4.80 6.43
N ALA C 689 -39.09 4.83 5.80
CA ALA C 689 -38.38 3.61 5.43
C ALA C 689 -36.90 3.82 5.69
N ASP C 690 -36.18 2.72 5.84
CA ASP C 690 -34.75 2.73 6.13
C ASP C 690 -33.98 2.24 4.90
N GLY C 691 -32.85 2.88 4.63
CA GLY C 691 -32.00 2.50 3.54
C GLY C 691 -31.17 1.29 3.88
N PRO C 692 -30.26 0.90 3.00
CA PRO C 692 -29.36 -0.22 3.32
C PRO C 692 -28.49 0.12 4.52
N ALA C 693 -28.22 -0.89 5.34
CA ALA C 693 -27.46 -0.72 6.57
C ALA C 693 -28.08 0.36 7.45
N THR C 694 -29.35 0.12 7.82
CA THR C 694 -30.06 1.02 8.70
C THR C 694 -31.21 0.25 9.34
N GLU C 695 -31.52 0.58 10.59
CA GLU C 695 -32.63 -0.01 11.32
C GLU C 695 -33.37 1.08 12.07
N ASN C 696 -34.62 1.30 11.69
CA ASN C 696 -35.46 2.33 12.31
C ASN C 696 -34.80 3.71 12.23
N GLY C 697 -34.18 3.99 11.09
CA GLY C 697 -33.52 5.26 10.90
C GLY C 697 -32.23 5.42 11.67
N GLU C 698 -31.65 4.32 12.14
CA GLU C 698 -30.37 4.32 12.83
C GLU C 698 -29.41 3.42 12.06
N MET C 699 -28.21 3.95 11.82
CA MET C 699 -27.20 3.22 11.07
C MET C 699 -26.96 1.83 11.62
N ALA C 700 -26.78 0.86 10.74
CA ALA C 700 -26.48 -0.51 11.18
C ALA C 700 -25.53 -1.11 10.15
N LEU C 701 -24.23 -0.95 10.38
CA LEU C 701 -23.22 -1.40 9.43
C LEU C 701 -22.81 -2.85 9.64
N GLY C 702 -23.06 -3.41 10.83
CA GLY C 702 -22.71 -4.78 11.12
C GLY C 702 -23.75 -5.46 12.00
N LYS C 703 -23.36 -6.48 12.75
CA LYS C 703 -24.28 -7.22 13.60
C LYS C 703 -23.63 -7.50 14.95
N ASN C 704 -24.46 -7.57 15.99
CA ASN C 704 -23.97 -7.92 17.32
C ASN C 704 -23.73 -9.42 17.41
N LEU C 705 -22.48 -9.81 17.65
CA LEU C 705 -22.10 -11.20 17.81
C LEU C 705 -21.60 -11.43 19.23
N LEU C 706 -21.90 -12.62 19.76
CA LEU C 706 -21.39 -13.06 21.06
C LEU C 706 -19.98 -13.58 20.87
N VAL C 707 -19.03 -12.94 21.55
CA VAL C 707 -17.62 -13.20 21.40
C VAL C 707 -17.02 -13.60 22.74
N ALA C 708 -16.13 -14.58 22.72
CA ALA C 708 -15.31 -14.97 23.86
C ALA C 708 -13.86 -14.79 23.50
N PHE C 709 -13.12 -14.05 24.32
CA PHE C 709 -11.70 -13.78 24.06
C PHE C 709 -10.88 -14.98 24.53
N MET C 710 -10.32 -15.72 23.57
CA MET C 710 -9.50 -16.87 23.91
C MET C 710 -8.74 -17.37 22.69
N PRO C 711 -7.57 -17.97 22.86
CA PRO C 711 -7.01 -18.79 21.78
C PRO C 711 -7.85 -20.04 21.60
N TRP C 712 -7.83 -20.58 20.38
CA TRP C 712 -8.66 -21.74 20.07
C TRP C 712 -7.96 -22.56 19.00
N GLU C 713 -7.18 -23.55 19.45
CA GLU C 713 -6.57 -24.56 18.58
C GLU C 713 -5.84 -23.94 17.38
N GLY C 714 -5.33 -22.73 17.56
CA GLY C 714 -4.52 -22.12 16.52
C GLY C 714 -5.28 -21.71 15.28
N HIS C 715 -6.57 -21.45 15.41
CA HIS C 715 -7.39 -21.02 14.28
C HIS C 715 -7.61 -19.52 14.25
N ASN C 716 -7.64 -18.85 15.40
CA ASN C 716 -7.62 -17.39 15.47
C ASN C 716 -6.24 -16.87 15.83
N TYR C 717 -5.22 -17.57 15.34
CA TYR C 717 -3.85 -17.16 15.58
C TYR C 717 -3.44 -16.05 14.66
N GLU C 718 -2.69 -15.09 15.18
CA GLU C 718 -2.20 -13.98 14.37
C GLU C 718 -3.37 -13.22 13.74
N ASP C 719 -4.30 -12.81 14.58
CA ASP C 719 -5.40 -11.90 14.23
C ASP C 719 -6.49 -12.54 13.39
N ALA C 720 -6.39 -13.83 13.06
CA ALA C 720 -7.45 -14.51 12.35
C ALA C 720 -8.71 -14.56 13.23
N ILE C 721 -9.79 -15.09 12.67
CA ILE C 721 -11.11 -15.06 13.31
C ILE C 721 -11.78 -16.41 13.14
N ILE C 722 -12.49 -16.83 14.19
CA ILE C 722 -13.31 -18.04 14.17
C ILE C 722 -14.73 -17.63 14.52
N LEU C 723 -15.70 -18.16 13.77
CA LEU C 723 -17.10 -17.84 14.02
C LEU C 723 -17.96 -19.08 13.80
N SER C 724 -19.09 -19.13 14.48
CA SER C 724 -19.95 -20.31 14.45
C SER C 724 -20.71 -20.39 13.14
N GLN C 725 -21.13 -21.61 12.80
CA GLN C 725 -21.94 -21.81 11.61
C GLN C 725 -23.36 -21.28 11.79
N ARG C 726 -23.75 -20.90 13.00
CA ARG C 726 -25.03 -20.24 13.19
C ARG C 726 -25.17 -19.04 12.27
N LEU C 727 -24.11 -18.23 12.17
CA LEU C 727 -24.16 -17.00 11.38
C LEU C 727 -24.27 -17.29 9.88
N VAL C 728 -23.99 -18.52 9.45
CA VAL C 728 -24.23 -18.89 8.07
C VAL C 728 -25.68 -19.35 7.89
N GLN C 729 -26.19 -20.16 8.82
CA GLN C 729 -27.56 -20.63 8.72
C GLN C 729 -28.55 -19.48 8.84
N ASP C 730 -28.40 -18.66 9.89
CA ASP C 730 -29.33 -17.59 10.20
C ASP C 730 -29.19 -16.43 9.21
N ASP C 731 -28.12 -16.40 8.42
CA ASP C 731 -27.86 -15.32 7.47
C ASP C 731 -27.69 -14.00 8.22
N VAL C 732 -26.92 -14.05 9.31
CA VAL C 732 -26.63 -12.83 10.06
C VAL C 732 -25.69 -11.93 9.28
N LEU C 733 -24.66 -12.50 8.65
CA LEU C 733 -23.64 -11.73 7.95
C LEU C 733 -23.68 -12.02 6.46
N SER C 734 -24.88 -12.08 5.89
CA SER C 734 -25.08 -12.28 4.46
C SER C 734 -25.38 -10.95 3.78
N SER C 735 -25.14 -10.91 2.47
CA SER C 735 -25.34 -9.69 1.68
C SER C 735 -25.80 -10.05 0.29
N ILE C 736 -26.32 -9.06 -0.42
CA ILE C 736 -26.75 -9.21 -1.81
C ILE C 736 -25.92 -8.26 -2.66
N HIS C 737 -25.33 -8.78 -3.73
CA HIS C 737 -24.45 -8.02 -4.60
C HIS C 737 -24.91 -8.17 -6.03
N ILE C 738 -24.93 -7.05 -6.76
CA ILE C 738 -25.51 -6.97 -8.10
C ILE C 738 -24.42 -6.54 -9.07
N GLU C 739 -24.34 -7.24 -10.21
CA GLU C 739 -23.34 -7.00 -11.23
C GLU C 739 -24.06 -6.74 -12.55
N GLU C 740 -23.68 -5.66 -13.23
CA GLU C 740 -24.25 -5.32 -14.53
C GLU C 740 -23.31 -5.73 -15.65
N HIS C 741 -23.88 -6.27 -16.72
CA HIS C 741 -23.13 -6.69 -17.90
C HIS C 741 -23.73 -5.97 -19.10
N GLU C 742 -23.18 -4.80 -19.43
CA GLU C 742 -23.69 -4.00 -20.55
C GLU C 742 -23.00 -4.40 -21.85
N VAL C 743 -23.80 -4.50 -22.91
CA VAL C 743 -23.30 -4.80 -24.24
C VAL C 743 -23.98 -3.87 -25.23
N ASP C 744 -23.27 -3.55 -26.32
CA ASP C 744 -23.75 -2.63 -27.34
C ASP C 744 -23.70 -3.30 -28.70
N ALA C 745 -24.71 -3.01 -29.52
CA ALA C 745 -24.79 -3.49 -30.89
C ALA C 745 -24.31 -2.37 -31.82
N ARG C 746 -23.20 -2.61 -32.51
CA ARG C 746 -22.54 -1.59 -33.31
C ARG C 746 -22.99 -1.69 -34.76
N ASP C 747 -22.41 -0.84 -35.60
CA ASP C 747 -22.61 -0.89 -37.05
C ASP C 747 -21.23 -0.79 -37.69
N THR C 748 -20.66 -1.94 -38.03
CA THR C 748 -19.31 -1.99 -38.60
C THR C 748 -19.37 -1.64 -40.09
N LYS C 749 -18.20 -1.68 -40.73
CA LYS C 749 -18.12 -1.37 -42.15
C LYS C 749 -18.91 -2.38 -42.98
N LEU C 750 -18.89 -3.65 -42.58
CA LEU C 750 -19.54 -4.71 -43.34
C LEU C 750 -21.04 -4.80 -43.09
N GLY C 751 -21.60 -3.95 -42.22
CA GLY C 751 -23.02 -3.94 -41.98
C GLY C 751 -23.35 -3.60 -40.54
N PRO C 752 -24.62 -3.74 -40.17
CA PRO C 752 -25.04 -3.49 -38.79
C PRO C 752 -25.04 -4.74 -37.92
N GLU C 753 -24.68 -4.56 -36.66
CA GLU C 753 -24.81 -5.63 -35.67
C GLU C 753 -26.21 -5.64 -35.10
N GLU C 754 -26.73 -6.84 -34.84
CA GLU C 754 -28.08 -7.03 -34.33
C GLU C 754 -28.07 -7.99 -33.15
N ILE C 755 -28.98 -7.75 -32.22
CA ILE C 755 -29.13 -8.59 -31.03
C ILE C 755 -30.16 -9.66 -31.40
N THR C 756 -29.65 -10.77 -31.92
CA THR C 756 -30.57 -11.83 -32.41
C THR C 756 -30.45 -13.09 -31.57
N ARG C 757 -31.59 -13.67 -31.20
CA ARG C 757 -31.62 -14.90 -30.42
C ARG C 757 -30.98 -16.06 -31.17
N ASP C 758 -31.10 -16.06 -32.51
CA ASP C 758 -30.57 -17.18 -33.32
C ASP C 758 -29.07 -17.03 -33.52
N ILE C 759 -28.28 -17.28 -32.47
CA ILE C 759 -26.82 -17.19 -32.55
C ILE C 759 -26.33 -18.22 -33.57
N PRO C 760 -25.32 -17.90 -34.39
CA PRO C 760 -24.87 -18.86 -35.41
C PRO C 760 -24.21 -20.09 -34.79
N ASN C 761 -24.66 -21.27 -35.22
CA ASN C 761 -24.00 -22.54 -34.95
C ASN C 761 -23.78 -22.75 -33.45
N VAL C 762 -24.89 -22.87 -32.73
CA VAL C 762 -24.89 -23.16 -31.30
C VAL C 762 -25.95 -24.23 -31.01
N SER C 763 -25.76 -24.92 -29.88
CA SER C 763 -26.70 -25.93 -29.46
C SER C 763 -27.97 -25.26 -28.92
N GLU C 764 -29.05 -26.05 -28.83
CA GLU C 764 -30.34 -25.48 -28.45
C GLU C 764 -30.41 -25.12 -26.97
N GLU C 765 -29.59 -25.76 -26.13
CA GLU C 765 -29.71 -25.54 -24.69
C GLU C 765 -29.14 -24.19 -24.26
N VAL C 766 -28.10 -23.71 -24.93
CA VAL C 766 -27.43 -22.48 -24.48
C VAL C 766 -28.35 -21.28 -24.61
N LEU C 767 -29.15 -21.26 -25.68
CA LEU C 767 -30.05 -20.14 -25.91
C LEU C 767 -31.49 -20.52 -25.51
N ALA C 768 -31.67 -21.70 -24.91
CA ALA C 768 -33.00 -22.07 -24.43
C ALA C 768 -33.52 -21.09 -23.41
N ASP C 769 -32.62 -20.42 -22.68
CA ASP C 769 -32.98 -19.45 -21.65
C ASP C 769 -32.89 -18.02 -22.18
N LEU C 770 -33.04 -17.82 -23.48
CA LEU C 770 -32.95 -16.51 -24.11
C LEU C 770 -34.32 -16.10 -24.66
N ASP C 771 -34.68 -14.84 -24.44
CA ASP C 771 -35.95 -14.31 -24.90
C ASP C 771 -36.01 -14.33 -26.43
N GLU C 772 -37.20 -14.05 -26.96
CA GLU C 772 -37.36 -13.99 -28.41
C GLU C 772 -36.53 -12.87 -29.02
N ARG C 773 -36.28 -11.81 -28.25
CA ARG C 773 -35.46 -10.70 -28.72
C ARG C 773 -33.96 -10.95 -28.52
N GLY C 774 -33.58 -12.08 -27.94
CA GLY C 774 -32.19 -12.45 -27.77
C GLY C 774 -31.64 -12.25 -26.37
N ILE C 775 -32.34 -11.51 -25.52
CA ILE C 775 -31.84 -11.24 -24.17
C ILE C 775 -32.28 -12.36 -23.24
N ILE C 776 -31.48 -12.59 -22.19
CA ILE C 776 -31.81 -13.62 -21.21
C ILE C 776 -33.09 -13.23 -20.46
N ARG C 777 -33.78 -14.24 -19.95
CA ARG C 777 -35.04 -14.02 -19.25
C ARG C 777 -34.78 -13.61 -17.81
N ILE C 778 -35.56 -12.62 -17.34
CA ILE C 778 -35.43 -12.19 -15.95
C ILE C 778 -35.79 -13.35 -15.03
N GLY C 779 -35.09 -13.44 -13.91
CA GLY C 779 -35.29 -14.50 -12.95
C GLY C 779 -34.43 -15.73 -13.18
N ALA C 780 -33.86 -15.88 -14.37
CA ALA C 780 -33.01 -17.03 -14.64
C ALA C 780 -31.72 -16.97 -13.84
N GLU C 781 -31.19 -18.14 -13.52
CA GLU C 781 -29.93 -18.27 -12.80
C GLU C 781 -28.81 -18.54 -13.80
N VAL C 782 -27.68 -17.87 -13.61
CA VAL C 782 -26.61 -17.85 -14.61
C VAL C 782 -25.32 -18.38 -14.01
N VAL C 783 -24.56 -19.08 -14.84
CA VAL C 783 -23.25 -19.61 -14.49
C VAL C 783 -22.29 -19.20 -15.60
N ALA C 784 -20.99 -19.32 -15.31
CA ALA C 784 -19.97 -18.90 -16.26
C ALA C 784 -20.16 -19.57 -17.61
N GLY C 785 -20.11 -18.76 -18.66
CA GLY C 785 -20.37 -19.23 -20.01
C GLY C 785 -21.81 -19.11 -20.47
N ASP C 786 -22.69 -18.54 -19.66
CA ASP C 786 -24.09 -18.38 -20.03
C ASP C 786 -24.26 -17.11 -20.85
N ILE C 787 -25.02 -17.21 -21.94
CA ILE C 787 -25.22 -16.09 -22.86
C ILE C 787 -26.21 -15.13 -22.22
N LEU C 788 -25.70 -14.06 -21.60
CA LEU C 788 -26.58 -13.05 -21.05
C LEU C 788 -27.35 -12.33 -22.15
N VAL C 789 -26.67 -11.94 -23.23
CA VAL C 789 -27.29 -11.29 -24.37
C VAL C 789 -26.73 -11.87 -25.64
N GLY C 790 -27.60 -12.25 -26.57
CA GLY C 790 -27.15 -12.83 -27.83
C GLY C 790 -26.96 -11.75 -28.88
N LYS C 791 -25.78 -11.74 -29.50
CA LYS C 791 -25.47 -10.76 -30.53
C LYS C 791 -24.68 -11.44 -31.64
N VAL C 792 -24.78 -10.89 -32.85
CA VAL C 792 -24.11 -11.44 -34.01
C VAL C 792 -23.54 -10.30 -34.84
N THR C 793 -22.30 -10.46 -35.29
CA THR C 793 -21.72 -9.53 -36.24
C THR C 793 -22.41 -9.69 -37.59
N PRO C 794 -22.58 -8.60 -38.35
CA PRO C 794 -23.23 -8.74 -39.67
C PRO C 794 -22.56 -9.75 -40.58
N LYS C 795 -21.23 -9.80 -40.55
CA LYS C 795 -20.47 -10.79 -41.29
C LYS C 795 -18.99 -10.57 -40.94
N GLY C 796 -18.17 -11.55 -41.31
CA GLY C 796 -16.74 -11.45 -41.10
C GLY C 796 -15.98 -11.72 -42.37
N GLU C 797 -15.11 -10.78 -42.78
CA GLU C 797 -14.25 -10.98 -43.94
C GLU C 797 -13.09 -11.90 -43.56
N THR C 798 -13.45 -13.14 -43.24
CA THR C 798 -12.48 -14.15 -42.81
C THR C 798 -11.96 -14.95 -44.00
N GLU C 799 -12.87 -15.59 -44.74
CA GLU C 799 -12.51 -16.36 -45.93
C GLU C 799 -13.55 -16.04 -47.01
N LEU C 800 -13.26 -15.00 -47.81
CA LEU C 800 -14.05 -14.67 -48.98
C LEU C 800 -13.15 -14.41 -50.20
N THR C 801 -11.93 -14.92 -50.17
CA THR C 801 -11.02 -14.79 -51.30
C THR C 801 -11.59 -15.56 -52.49
N PRO C 802 -11.17 -15.20 -53.73
CA PRO C 802 -11.65 -15.93 -54.92
C PRO C 802 -11.68 -17.44 -54.77
N GLU C 803 -10.68 -18.03 -54.09
CA GLU C 803 -10.71 -19.47 -53.84
C GLU C 803 -11.94 -19.86 -53.05
N GLU C 804 -12.18 -19.18 -51.92
CA GLU C 804 -13.34 -19.49 -51.09
C GLU C 804 -14.64 -19.15 -51.81
N ARG C 805 -14.64 -18.10 -52.63
CA ARG C 805 -15.83 -17.76 -53.39
C ARG C 805 -16.18 -18.87 -54.38
N LEU C 806 -15.17 -19.40 -55.08
CA LEU C 806 -15.40 -20.53 -55.98
C LEU C 806 -15.90 -21.75 -55.19
N LEU C 807 -15.29 -22.02 -54.03
CA LEU C 807 -15.72 -23.16 -53.23
C LEU C 807 -17.19 -23.02 -52.84
N ARG C 808 -17.59 -21.84 -52.37
CA ARG C 808 -18.98 -21.63 -51.98
C ARG C 808 -19.91 -21.73 -53.18
N ALA C 809 -19.49 -21.18 -54.32
CA ALA C 809 -20.33 -21.24 -55.51
C ALA C 809 -20.58 -22.69 -55.94
N ILE C 810 -19.53 -23.53 -55.90
CA ILE C 810 -19.71 -24.93 -56.24
C ILE C 810 -20.56 -25.64 -55.18
N PHE C 811 -20.37 -25.29 -53.91
CA PHE C 811 -21.12 -25.93 -52.84
C PHE C 811 -22.62 -25.69 -53.01
N GLY C 812 -23.01 -24.47 -53.33
CA GLY C 812 -24.41 -24.08 -53.38
C GLY C 812 -24.98 -23.61 -52.06
N GLU C 813 -24.21 -23.67 -50.98
CA GLU C 813 -24.61 -23.19 -49.66
C GLU C 813 -23.65 -22.08 -49.26
N LYS C 814 -24.17 -20.85 -49.20
CA LYS C 814 -23.35 -19.71 -48.78
C LYS C 814 -23.13 -19.78 -47.28
N ALA C 815 -22.04 -20.42 -46.87
CA ALA C 815 -21.75 -20.59 -45.44
C ALA C 815 -21.69 -19.24 -44.75
N ARG C 816 -22.42 -19.13 -43.64
CA ARG C 816 -22.49 -17.88 -42.91
C ARG C 816 -21.11 -17.48 -42.40
N GLU C 817 -20.75 -16.21 -42.57
CA GLU C 817 -19.46 -15.68 -42.17
C GLU C 817 -19.59 -14.72 -40.98
N VAL C 818 -20.57 -14.97 -40.12
CA VAL C 818 -20.89 -14.09 -39.01
C VAL C 818 -20.08 -14.50 -37.79
N ARG C 819 -19.68 -13.51 -37.00
CA ARG C 819 -18.92 -13.72 -35.78
C ARG C 819 -19.86 -13.75 -34.59
N ASP C 820 -19.67 -14.75 -33.72
CA ASP C 820 -20.47 -14.88 -32.50
C ASP C 820 -19.84 -13.99 -31.43
N THR C 821 -20.39 -12.80 -31.25
CA THR C 821 -19.96 -11.86 -30.23
C THR C 821 -20.95 -11.78 -29.08
N SER C 822 -21.56 -12.90 -28.72
CA SER C 822 -22.59 -12.92 -27.69
C SER C 822 -22.00 -12.55 -26.34
N LEU C 823 -22.66 -11.63 -25.64
CA LEU C 823 -22.27 -11.34 -24.27
C LEU C 823 -22.42 -12.57 -23.41
N LYS C 824 -21.43 -12.83 -22.56
CA LYS C 824 -21.42 -14.01 -21.71
C LYS C 824 -21.01 -13.61 -20.31
N VAL C 825 -21.41 -14.43 -19.34
CA VAL C 825 -21.07 -14.16 -17.94
C VAL C 825 -19.56 -14.28 -17.78
N PRO C 826 -18.87 -13.32 -17.17
CA PRO C 826 -17.43 -13.49 -16.94
C PRO C 826 -17.17 -14.70 -16.07
N HIS C 827 -16.10 -15.41 -16.38
CA HIS C 827 -15.79 -16.64 -15.66
C HIS C 827 -15.58 -16.36 -14.18
N GLY C 828 -16.23 -17.16 -13.34
CA GLY C 828 -16.15 -16.99 -11.90
C GLY C 828 -17.29 -16.24 -11.26
N GLU C 829 -18.36 -15.95 -11.99
CA GLU C 829 -19.53 -15.25 -11.47
C GLU C 829 -20.77 -16.11 -11.62
N ILE C 830 -21.70 -15.95 -10.69
CA ILE C 830 -23.00 -16.61 -10.71
C ILE C 830 -24.04 -15.66 -10.15
N GLY C 831 -25.30 -16.04 -10.27
CA GLY C 831 -26.37 -15.27 -9.69
C GLY C 831 -27.66 -15.46 -10.47
N LYS C 832 -28.67 -14.68 -10.08
CA LYS C 832 -29.97 -14.65 -10.73
C LYS C 832 -30.16 -13.32 -11.43
N VAL C 833 -30.71 -13.36 -12.64
CA VAL C 833 -30.90 -12.15 -13.43
C VAL C 833 -31.97 -11.30 -12.75
N ILE C 834 -31.55 -10.22 -12.09
CA ILE C 834 -32.49 -9.39 -11.36
C ILE C 834 -33.14 -8.34 -12.25
N GLY C 835 -32.55 -8.02 -13.40
CA GLY C 835 -33.16 -7.00 -14.24
C GLY C 835 -32.55 -6.95 -15.62
N VAL C 836 -33.29 -6.31 -16.52
CA VAL C 836 -32.83 -6.03 -17.88
C VAL C 836 -33.31 -4.63 -18.27
N ARG C 837 -32.43 -3.89 -18.94
CA ARG C 837 -32.77 -2.59 -19.50
C ARG C 837 -32.27 -2.55 -20.94
N VAL C 838 -33.08 -2.01 -21.84
CA VAL C 838 -32.75 -1.94 -23.26
C VAL C 838 -32.98 -0.53 -23.75
N PHE C 839 -31.92 0.11 -24.24
CA PHE C 839 -32.00 1.37 -24.95
C PHE C 839 -31.81 1.10 -26.43
N ASP C 840 -32.53 1.85 -27.27
CA ASP C 840 -32.50 1.61 -28.71
C ASP C 840 -32.52 2.94 -29.45
N ARG C 841 -32.01 2.91 -30.69
CA ARG C 841 -32.00 4.10 -31.53
C ARG C 841 -33.35 4.31 -32.22
N GLU C 842 -34.04 3.23 -32.57
CA GLU C 842 -35.33 3.36 -33.25
C GLU C 842 -36.33 4.09 -32.36
N GLU C 843 -36.32 3.83 -31.07
CA GLU C 843 -37.14 4.57 -30.13
C GLU C 843 -36.46 5.89 -29.79
N GLY C 844 -37.09 6.66 -28.90
CA GLY C 844 -36.58 7.97 -28.55
C GLY C 844 -35.35 7.95 -27.65
N ASP C 845 -34.90 6.77 -27.23
CA ASP C 845 -33.77 6.68 -26.33
C ASP C 845 -32.49 7.16 -27.02
N GLU C 846 -31.81 8.12 -26.39
CA GLU C 846 -30.55 8.60 -26.91
C GLU C 846 -29.49 7.52 -26.81
N LEU C 847 -28.53 7.56 -27.73
CA LEU C 847 -27.40 6.65 -27.71
C LEU C 847 -26.18 7.40 -28.26
N PRO C 848 -24.97 6.97 -27.91
CA PRO C 848 -23.79 7.57 -28.52
C PRO C 848 -23.71 7.23 -30.00
N PRO C 849 -23.01 8.04 -30.79
CA PRO C 849 -22.95 7.75 -32.24
C PRO C 849 -22.25 6.43 -32.51
N GLY C 850 -22.94 5.55 -33.24
CA GLY C 850 -22.38 4.27 -33.63
C GLY C 850 -23.14 3.08 -33.09
N VAL C 851 -23.60 3.15 -31.85
CA VAL C 851 -24.30 2.03 -31.22
C VAL C 851 -25.78 2.13 -31.54
N ASN C 852 -26.37 1.01 -31.97
CA ASN C 852 -27.80 0.95 -32.27
C ASN C 852 -28.62 0.54 -31.05
N GLN C 853 -28.14 -0.44 -30.29
CA GLN C 853 -28.83 -0.94 -29.12
C GLN C 853 -27.85 -1.07 -27.96
N LEU C 854 -28.35 -0.87 -26.75
CA LEU C 854 -27.57 -1.00 -25.52
C LEU C 854 -28.38 -1.82 -24.53
N VAL C 855 -27.86 -2.99 -24.17
CA VAL C 855 -28.54 -3.91 -23.25
C VAL C 855 -27.73 -3.97 -21.97
N ARG C 856 -28.35 -3.60 -20.86
CA ARG C 856 -27.74 -3.65 -19.53
C ARG C 856 -28.51 -4.68 -18.70
N VAL C 857 -27.88 -5.81 -18.41
CA VAL C 857 -28.50 -6.87 -17.64
C VAL C 857 -27.88 -6.88 -16.25
N TYR C 858 -28.74 -6.82 -15.22
CA TYR C 858 -28.33 -6.88 -13.83
C TYR C 858 -28.53 -8.30 -13.33
N VAL C 859 -27.46 -8.91 -12.83
CA VAL C 859 -27.46 -10.24 -12.25
C VAL C 859 -27.16 -10.09 -10.76
N ALA C 860 -28.02 -10.62 -9.91
CA ALA C 860 -27.87 -10.50 -8.47
C ALA C 860 -27.43 -11.84 -7.89
N GLN C 861 -26.68 -11.77 -6.79
CA GLN C 861 -26.19 -12.94 -6.09
C GLN C 861 -26.24 -12.68 -4.60
N LYS C 862 -26.41 -13.76 -3.83
CA LYS C 862 -26.38 -13.70 -2.37
C LYS C 862 -25.07 -14.29 -1.88
N ARG C 863 -24.33 -13.52 -1.09
CA ARG C 863 -23.07 -13.93 -0.51
C ARG C 863 -23.30 -14.25 0.96
N LYS C 864 -22.99 -15.49 1.33
CA LYS C 864 -22.95 -15.92 2.72
C LYS C 864 -21.52 -15.82 3.23
N ILE C 865 -21.37 -15.52 4.52
CA ILE C 865 -20.04 -15.40 5.09
C ILE C 865 -19.34 -16.74 5.01
N THR C 866 -18.14 -16.75 4.43
CA THR C 866 -17.35 -17.95 4.23
C THR C 866 -15.95 -17.73 4.77
N ASP C 867 -15.12 -18.77 4.72
CA ASP C 867 -13.75 -18.67 5.16
C ASP C 867 -12.95 -17.95 4.07
N GLY C 868 -12.47 -16.75 4.39
CA GLY C 868 -11.80 -15.91 3.43
C GLY C 868 -12.24 -14.47 3.52
N ASP C 869 -13.50 -14.26 3.91
CA ASP C 869 -14.00 -12.91 4.08
C ASP C 869 -13.27 -12.22 5.23
N LYS C 870 -13.60 -10.94 5.43
CA LYS C 870 -12.90 -10.10 6.38
C LYS C 870 -13.90 -9.38 7.26
N LEU C 871 -13.83 -9.62 8.56
CA LEU C 871 -14.66 -8.94 9.53
C LEU C 871 -13.81 -7.92 10.29
N ALA C 872 -14.48 -7.05 11.02
CA ALA C 872 -13.79 -5.99 11.75
C ALA C 872 -14.75 -5.41 12.78
N GLY C 873 -14.19 -4.68 13.73
CA GLY C 873 -14.97 -3.92 14.69
C GLY C 873 -14.72 -2.44 14.52
N ARG C 874 -15.17 -1.64 15.49
CA ARG C 874 -15.02 -0.19 15.42
C ARG C 874 -13.75 0.29 16.11
N HIS C 875 -12.78 -0.60 16.33
CA HIS C 875 -11.53 -0.25 17.00
C HIS C 875 -10.30 -0.70 16.21
N GLY C 876 -10.45 -0.89 14.90
CA GLY C 876 -9.32 -1.35 14.11
C GLY C 876 -8.95 -2.79 14.36
N ASN C 877 -9.86 -3.59 14.92
CA ASN C 877 -9.59 -4.98 15.23
C ASN C 877 -10.16 -5.87 14.12
N LYS C 878 -9.41 -5.93 13.03
CA LYS C 878 -9.81 -6.63 11.82
C LYS C 878 -9.05 -7.93 11.66
N GLY C 879 -9.69 -8.90 11.03
CA GLY C 879 -9.03 -10.15 10.70
C GLY C 879 -9.85 -10.92 9.71
N VAL C 880 -9.14 -11.73 8.91
CA VAL C 880 -9.78 -12.59 7.92
C VAL C 880 -10.51 -13.69 8.67
N ILE C 881 -11.37 -14.42 7.97
CA ILE C 881 -12.12 -15.54 8.53
C ILE C 881 -11.36 -16.82 8.17
N SER C 882 -10.94 -17.57 9.19
CA SER C 882 -10.14 -18.77 9.00
C SER C 882 -10.94 -20.05 9.06
N LYS C 883 -11.83 -20.18 10.03
CA LYS C 883 -12.62 -21.40 10.23
C LYS C 883 -14.04 -21.05 10.61
N ILE C 884 -14.98 -21.85 10.13
CA ILE C 884 -16.38 -21.78 10.55
C ILE C 884 -16.70 -23.09 11.25
N ASN C 885 -16.95 -23.01 12.56
CA ASN C 885 -17.16 -24.22 13.36
C ASN C 885 -18.61 -24.67 13.29
N PRO C 886 -18.88 -25.98 13.39
CA PRO C 886 -20.24 -26.41 13.71
C PRO C 886 -20.68 -25.80 15.03
N ILE C 887 -22.00 -25.59 15.19
CA ILE C 887 -22.47 -24.90 16.38
C ILE C 887 -22.15 -25.66 17.66
N GLU C 888 -21.99 -26.98 17.58
CA GLU C 888 -21.65 -27.75 18.77
C GLU C 888 -20.17 -27.64 19.14
N ASP C 889 -19.28 -27.52 18.14
CA ASP C 889 -17.86 -27.42 18.43
C ASP C 889 -17.49 -26.13 19.15
N MET C 890 -18.36 -25.14 19.10
CA MET C 890 -17.96 -23.83 19.61
C MET C 890 -18.18 -23.80 21.13
N PRO C 891 -17.34 -23.09 21.89
CA PRO C 891 -17.55 -23.03 23.34
C PRO C 891 -18.91 -22.44 23.66
N PHE C 892 -19.50 -22.92 24.76
CA PHE C 892 -20.82 -22.48 25.18
C PHE C 892 -20.82 -22.11 26.65
N LEU C 893 -21.74 -21.22 27.00
CA LEU C 893 -21.90 -20.75 28.37
C LEU C 893 -22.60 -21.83 29.20
N GLU C 894 -22.97 -21.49 30.43
CA GLU C 894 -23.51 -22.49 31.35
C GLU C 894 -24.89 -22.98 30.91
N ASP C 895 -25.79 -22.06 30.56
CA ASP C 895 -27.14 -22.49 30.19
C ASP C 895 -27.21 -23.09 28.80
N GLY C 896 -26.14 -23.02 28.02
CA GLY C 896 -26.02 -23.76 26.77
C GLY C 896 -25.80 -22.91 25.54
N THR C 897 -26.03 -21.60 25.61
CA THR C 897 -25.91 -20.76 24.43
C THR C 897 -24.46 -20.78 23.93
N PRO C 898 -24.20 -21.16 22.68
CA PRO C 898 -22.82 -21.04 22.17
C PRO C 898 -22.44 -19.59 21.95
N VAL C 899 -21.15 -19.32 21.84
CA VAL C 899 -20.66 -17.99 21.46
C VAL C 899 -20.58 -17.96 19.94
N ASP C 900 -20.66 -16.75 19.38
CA ASP C 900 -20.75 -16.60 17.93
C ASP C 900 -19.38 -16.54 17.28
N ILE C 901 -18.42 -15.86 17.92
CA ILE C 901 -17.12 -15.58 17.32
C ILE C 901 -16.05 -15.69 18.40
N ILE C 902 -14.84 -16.10 18.01
CA ILE C 902 -13.72 -16.26 18.93
C ILE C 902 -12.60 -15.34 18.46
N LEU C 903 -12.13 -14.47 19.36
CA LEU C 903 -11.10 -13.49 19.05
C LEU C 903 -9.91 -13.70 19.99
N ASN C 904 -8.71 -13.61 19.43
CA ASN C 904 -7.50 -13.81 20.21
C ASN C 904 -7.34 -12.66 21.20
N PRO C 905 -7.06 -12.94 22.48
CA PRO C 905 -6.79 -11.84 23.42
C PRO C 905 -5.38 -11.27 23.30
N LEU C 906 -4.51 -11.90 22.51
CA LEU C 906 -3.15 -11.38 22.32
C LEU C 906 -3.18 -10.01 21.67
N ALA C 907 -4.09 -9.80 20.71
CA ALA C 907 -4.09 -8.57 19.94
C ALA C 907 -4.43 -7.36 20.80
N VAL C 908 -5.30 -7.52 21.80
CA VAL C 908 -5.86 -6.36 22.49
C VAL C 908 -4.79 -5.52 23.18
N PRO C 909 -3.89 -6.10 23.99
CA PRO C 909 -2.88 -5.25 24.65
C PRO C 909 -1.71 -4.90 23.74
N SER C 910 -1.31 -5.82 22.87
CA SER C 910 -0.20 -5.53 21.97
C SER C 910 -0.58 -4.45 20.96
N ARG C 911 -1.74 -4.59 20.32
CA ARG C 911 -2.26 -3.54 19.45
C ARG C 911 -2.73 -2.33 20.24
N MET C 912 -2.91 -2.47 21.55
CA MET C 912 -3.18 -1.34 22.43
C MET C 912 -4.49 -0.65 22.05
N ASN C 913 -5.57 -1.42 22.02
CA ASN C 913 -6.93 -0.92 21.84
C ASN C 913 -7.83 -1.57 22.87
N PRO C 914 -7.67 -1.23 24.15
CA PRO C 914 -8.52 -1.82 25.19
C PRO C 914 -9.87 -1.13 25.32
N GLY C 915 -10.50 -0.83 24.18
CA GLY C 915 -11.84 -0.29 24.16
C GLY C 915 -12.81 -1.32 23.62
N GLN C 916 -12.28 -2.33 22.92
CA GLN C 916 -13.14 -3.41 22.45
C GLN C 916 -13.58 -4.32 23.60
N VAL C 917 -12.75 -4.43 24.65
CA VAL C 917 -13.18 -5.18 25.83
C VAL C 917 -14.26 -4.42 26.60
N LEU C 918 -14.12 -3.10 26.70
CA LEU C 918 -15.17 -2.30 27.31
C LEU C 918 -16.47 -2.41 26.51
N GLU C 919 -16.35 -2.38 25.18
CA GLU C 919 -17.53 -2.53 24.33
C GLU C 919 -18.17 -3.90 24.55
N ILE C 920 -17.34 -4.94 24.67
CA ILE C 920 -17.83 -6.29 24.90
C ILE C 920 -18.60 -6.35 26.21
N HIS C 921 -18.02 -5.79 27.27
CA HIS C 921 -18.67 -5.83 28.57
C HIS C 921 -19.99 -5.07 28.55
N LEU C 922 -20.01 -3.88 27.96
CA LEU C 922 -21.25 -3.12 27.91
C LEU C 922 -22.28 -3.78 26.99
N GLY C 923 -21.83 -4.49 25.96
CA GLY C 923 -22.77 -5.21 25.10
C GLY C 923 -23.45 -6.35 25.84
N TRP C 924 -22.67 -7.13 26.59
CA TRP C 924 -23.28 -8.16 27.43
C TRP C 924 -24.22 -7.51 28.44
N LEU C 925 -23.77 -6.41 29.04
CA LEU C 925 -24.58 -5.75 30.05
C LEU C 925 -25.91 -5.28 29.50
N ALA C 926 -25.92 -4.77 28.26
CA ALA C 926 -27.15 -4.30 27.64
C ALA C 926 -28.04 -5.46 27.21
N SER C 927 -27.45 -6.55 26.70
CA SER C 927 -28.26 -7.69 26.30
C SER C 927 -29.01 -8.28 27.49
N ARG C 928 -28.33 -8.42 28.63
CA ARG C 928 -28.96 -8.86 29.87
C ARG C 928 -29.17 -7.62 30.74
N GLY C 929 -30.32 -6.99 30.54
CA GLY C 929 -30.61 -5.71 31.15
C GLY C 929 -30.41 -5.71 32.65
N TRP C 930 -30.31 -4.53 33.25
CA TRP C 930 -30.00 -4.39 34.66
C TRP C 930 -31.10 -3.63 35.38
N ASP C 931 -31.06 -3.71 36.70
CA ASP C 931 -32.04 -3.03 37.57
C ASP C 931 -31.27 -2.59 38.81
N VAL C 932 -30.90 -1.30 38.84
CA VAL C 932 -30.00 -0.78 39.86
C VAL C 932 -30.71 0.39 40.55
N SER C 933 -32.03 0.45 40.43
CA SER C 933 -32.78 1.54 41.03
C SER C 933 -32.61 1.53 42.55
N GLY C 934 -32.19 2.66 43.10
CA GLY C 934 -32.10 2.83 44.53
C GLY C 934 -31.10 1.93 45.23
N LEU C 935 -29.80 2.15 44.97
CA LEU C 935 -28.74 1.43 45.67
C LEU C 935 -27.86 2.32 46.54
N ALA C 936 -27.93 3.64 46.36
CA ALA C 936 -27.17 4.58 47.18
C ALA C 936 -25.66 4.37 47.05
N GLU C 937 -25.22 3.87 45.91
CA GLU C 937 -23.80 3.77 45.58
C GLU C 937 -23.47 4.81 44.51
N GLU C 938 -22.18 5.16 44.43
CA GLU C 938 -21.79 6.28 43.57
C GLU C 938 -22.11 6.01 42.12
N TRP C 939 -21.67 4.85 41.60
CA TRP C 939 -21.98 4.51 40.22
C TRP C 939 -23.49 4.40 40.02
N ALA C 940 -24.17 3.72 40.93
CA ALA C 940 -25.63 3.63 40.84
C ALA C 940 -26.28 4.99 40.96
N GLN C 941 -25.75 5.85 41.82
CA GLN C 941 -26.31 7.19 41.98
C GLN C 941 -26.20 7.98 40.68
N ARG C 942 -25.04 7.91 40.02
CA ARG C 942 -24.88 8.58 38.74
C ARG C 942 -25.83 8.01 37.69
N LEU C 943 -25.93 6.68 37.64
CA LEU C 943 -26.79 6.07 36.63
C LEU C 943 -28.27 6.36 36.85
N GLN C 944 -28.71 6.55 38.09
CA GLN C 944 -30.11 6.88 38.32
C GLN C 944 -30.40 8.36 38.21
N VAL C 945 -29.42 9.24 38.48
CA VAL C 945 -29.65 10.66 38.24
C VAL C 945 -29.65 10.94 36.73
N ILE C 946 -28.82 10.22 35.97
CA ILE C 946 -28.87 10.33 34.52
C ILE C 946 -30.17 9.76 33.98
N GLY C 947 -30.53 8.56 34.43
CA GLY C 947 -31.76 7.92 34.01
C GLY C 947 -31.56 6.60 33.30
N ALA C 948 -30.41 5.95 33.54
CA ALA C 948 -30.10 4.64 32.97
C ALA C 948 -30.02 3.55 34.04
N ASP C 949 -30.67 3.77 35.20
CA ASP C 949 -30.55 2.83 36.30
C ASP C 949 -31.27 1.52 36.00
N LYS C 950 -32.46 1.60 35.42
CA LYS C 950 -33.23 0.42 35.04
C LYS C 950 -33.25 0.31 33.52
N VAL C 951 -32.93 -0.87 33.01
CA VAL C 951 -32.85 -1.10 31.58
C VAL C 951 -33.32 -2.51 31.27
N GLU C 952 -34.38 -2.63 30.46
CA GLU C 952 -34.89 -3.94 30.11
C GLU C 952 -33.91 -4.68 29.20
N PRO C 953 -33.94 -6.01 29.20
CA PRO C 953 -33.03 -6.75 28.32
C PRO C 953 -33.25 -6.41 26.85
N GLY C 954 -32.16 -6.41 26.10
CA GLY C 954 -32.18 -6.12 24.68
C GLY C 954 -32.15 -4.64 24.35
N THR C 955 -32.21 -3.75 25.34
CA THR C 955 -32.19 -2.33 25.07
C THR C 955 -30.85 -1.92 24.47
N ASN C 956 -30.89 -0.99 23.52
CA ASN C 956 -29.69 -0.44 22.93
C ASN C 956 -29.20 0.72 23.77
N VAL C 957 -27.89 0.79 23.99
CA VAL C 957 -27.28 1.80 24.85
C VAL C 957 -26.41 2.71 24.02
N ALA C 958 -26.28 3.96 24.46
CA ALA C 958 -25.47 4.98 23.81
C ALA C 958 -24.26 5.29 24.68
N THR C 959 -23.08 5.24 24.07
CA THR C 959 -21.82 5.55 24.74
C THR C 959 -21.20 6.77 24.05
N PRO C 960 -21.47 7.99 24.53
CA PRO C 960 -20.86 9.17 23.90
C PRO C 960 -19.35 9.09 23.92
N VAL C 961 -18.72 9.61 22.86
CA VAL C 961 -17.34 9.30 22.58
C VAL C 961 -16.37 9.90 23.58
N PHE C 962 -16.82 10.89 24.37
CA PHE C 962 -16.00 11.44 25.46
C PHE C 962 -16.82 11.61 26.74
N ASP C 963 -18.09 11.21 26.75
CA ASP C 963 -18.94 11.25 27.94
C ASP C 963 -19.60 9.90 28.11
N GLY C 964 -18.87 8.83 27.83
CA GLY C 964 -19.46 7.50 27.86
C GLY C 964 -19.58 6.82 29.20
N ALA C 965 -19.79 5.52 29.18
CA ALA C 965 -19.90 4.75 30.42
C ALA C 965 -18.57 4.68 31.13
N ARG C 966 -18.59 4.72 32.45
CA ARG C 966 -17.36 4.65 33.22
C ARG C 966 -17.00 3.20 33.43
N GLU C 967 -15.74 2.91 33.76
CA GLU C 967 -15.31 1.54 33.95
C GLU C 967 -15.98 1.00 35.21
N ASP C 968 -16.03 1.84 36.24
CA ASP C 968 -16.64 1.42 37.50
C ASP C 968 -18.12 1.10 37.33
N GLU C 969 -18.81 1.90 36.54
CA GLU C 969 -20.24 1.68 36.33
C GLU C 969 -20.44 0.36 35.64
N LEU C 970 -19.60 0.06 34.66
CA LEU C 970 -19.72 -1.21 33.94
C LEU C 970 -19.57 -2.36 34.91
N ALA C 971 -18.58 -2.29 35.79
CA ALA C 971 -18.35 -3.35 36.76
C ALA C 971 -19.50 -3.48 37.73
N GLY C 972 -19.95 -2.35 38.28
CA GLY C 972 -21.05 -2.37 39.23
C GLY C 972 -22.29 -2.93 38.60
N LEU C 973 -22.62 -2.47 37.41
CA LEU C 973 -23.81 -2.93 36.73
C LEU C 973 -23.73 -4.41 36.47
N LEU C 974 -22.53 -4.91 36.20
CA LEU C 974 -22.36 -6.33 35.90
C LEU C 974 -22.79 -7.20 37.07
N GLN C 975 -22.71 -6.65 38.27
CA GLN C 975 -23.16 -7.38 39.46
C GLN C 975 -24.68 -7.42 39.53
N HIS C 976 -25.35 -6.43 38.93
CA HIS C 976 -26.81 -6.34 38.97
C HIS C 976 -27.45 -6.57 37.60
N THR C 977 -26.96 -7.58 36.88
CA THR C 977 -27.52 -7.92 35.58
C THR C 977 -28.68 -8.88 35.76
N ILE C 978 -29.85 -8.52 35.27
CA ILE C 978 -31.04 -9.36 35.43
C ILE C 978 -30.70 -10.82 35.11
N PRO C 979 -30.91 -11.75 36.06
CA PRO C 979 -30.62 -13.17 35.82
C PRO C 979 -31.54 -13.87 34.85
N ASN C 980 -31.10 -15.01 34.31
CA ASN C 980 -31.91 -15.77 33.34
C ASN C 980 -32.59 -16.99 33.97
N ARG C 981 -31.82 -17.96 34.43
CA ARG C 981 -32.37 -19.16 35.07
C ARG C 981 -32.14 -18.99 36.53
N ASP C 982 -33.20 -18.80 37.29
CA ASP C 982 -33.05 -18.51 38.71
C ASP C 982 -32.18 -17.27 38.81
N GLY C 983 -31.06 -17.32 39.54
CA GLY C 983 -30.18 -16.16 39.68
C GLY C 983 -28.97 -16.28 38.79
N GLU C 984 -29.04 -17.16 37.79
CA GLU C 984 -27.89 -17.37 36.93
C GLU C 984 -27.41 -16.08 36.32
N ARG C 985 -26.14 -15.77 36.49
CA ARG C 985 -25.55 -14.60 35.88
C ARG C 985 -24.26 -15.15 35.34
N MET C 986 -24.29 -15.76 34.17
CA MET C 986 -23.09 -16.41 33.65
C MET C 986 -21.84 -15.56 33.82
N VAL C 987 -21.94 -14.26 33.57
CA VAL C 987 -20.78 -13.38 33.70
C VAL C 987 -20.58 -12.88 35.13
N LEU C 988 -19.40 -13.13 35.69
CA LEU C 988 -19.08 -12.68 37.04
C LEU C 988 -18.69 -11.21 37.03
N PRO C 989 -18.62 -10.57 38.22
CA PRO C 989 -18.18 -9.17 38.26
C PRO C 989 -16.79 -8.98 37.64
N SER C 990 -15.99 -10.03 37.54
CA SER C 990 -14.70 -9.95 36.87
C SER C 990 -14.81 -9.74 35.37
N GLY C 991 -16.02 -9.64 34.83
CA GLY C 991 -16.15 -9.53 33.38
C GLY C 991 -16.01 -10.84 32.65
N LYS C 992 -15.94 -11.95 33.37
CA LYS C 992 -15.60 -13.23 32.79
C LYS C 992 -16.67 -14.26 33.14
N ALA C 993 -16.84 -15.24 32.27
CA ALA C 993 -17.81 -16.30 32.45
C ALA C 993 -17.13 -17.65 32.26
N ARG C 994 -17.72 -18.68 32.86
CA ARG C 994 -17.19 -20.03 32.77
C ARG C 994 -17.79 -20.72 31.56
N LEU C 995 -16.93 -21.19 30.67
CA LEU C 995 -17.32 -21.80 29.41
C LEU C 995 -17.01 -23.29 29.43
N PHE C 996 -17.49 -23.97 28.38
CA PHE C 996 -17.29 -25.40 28.21
C PHE C 996 -16.69 -25.66 26.85
N ASP C 997 -15.94 -26.75 26.74
CA ASP C 997 -15.29 -27.14 25.50
C ASP C 997 -16.28 -27.95 24.65
N GLY C 998 -16.72 -27.37 23.54
CA GLY C 998 -17.69 -28.04 22.70
C GLY C 998 -17.17 -29.27 22.00
N ARG C 999 -15.86 -29.45 21.94
CA ARG C 999 -15.25 -30.61 21.28
C ARG C 999 -14.87 -31.73 22.24
N SER C 1000 -14.80 -31.44 23.54
CA SER C 1000 -14.48 -32.47 24.53
C SER C 1000 -15.53 -32.48 25.65
N GLY C 1001 -16.12 -31.32 25.92
CA GLY C 1001 -17.14 -31.19 26.95
C GLY C 1001 -16.62 -30.72 28.29
N GLU C 1002 -15.31 -30.73 28.49
CA GLU C 1002 -14.77 -30.38 29.80
C GLU C 1002 -14.80 -28.87 29.99
N PRO C 1003 -15.13 -28.38 31.19
CA PRO C 1003 -15.09 -26.93 31.41
C PRO C 1003 -13.69 -26.39 31.24
N PHE C 1004 -13.60 -25.18 30.71
CA PHE C 1004 -12.27 -24.62 30.53
C PHE C 1004 -11.67 -24.25 31.88
N PRO C 1005 -10.34 -24.34 32.03
CA PRO C 1005 -9.76 -24.23 33.39
C PRO C 1005 -10.10 -22.95 34.13
N GLU C 1006 -10.14 -21.82 33.44
CA GLU C 1006 -10.37 -20.52 34.04
C GLU C 1006 -11.51 -19.82 33.33
N PRO C 1007 -12.14 -18.82 33.96
CA PRO C 1007 -13.19 -18.07 33.28
C PRO C 1007 -12.66 -17.38 32.03
N ILE C 1008 -13.56 -17.18 31.07
CA ILE C 1008 -13.26 -16.47 29.84
C ILE C 1008 -14.07 -15.18 29.85
N SER C 1009 -13.57 -14.18 29.12
CA SER C 1009 -14.25 -12.89 28.99
C SER C 1009 -15.15 -12.95 27.76
N VAL C 1010 -16.46 -12.79 27.97
CA VAL C 1010 -17.45 -12.95 26.94
C VAL C 1010 -18.36 -11.73 26.91
N GLY C 1011 -18.94 -11.48 25.74
CA GLY C 1011 -19.96 -10.46 25.62
C GLY C 1011 -20.27 -10.16 24.17
N TYR C 1012 -21.08 -9.14 23.95
CA TYR C 1012 -21.59 -8.82 22.62
C TYR C 1012 -20.79 -7.67 22.02
N MET C 1013 -20.24 -7.90 20.83
CA MET C 1013 -19.48 -6.88 20.11
C MET C 1013 -20.02 -6.75 18.69
N TYR C 1014 -20.04 -5.53 18.15
CA TYR C 1014 -20.58 -5.24 16.83
C TYR C 1014 -19.50 -5.55 15.79
N ILE C 1015 -19.75 -6.53 14.93
CA ILE C 1015 -18.81 -6.98 13.92
C ILE C 1015 -19.32 -6.51 12.56
N LEU C 1016 -18.44 -5.88 11.79
CA LEU C 1016 -18.78 -5.32 10.48
C LEU C 1016 -18.21 -6.23 9.40
N LYS C 1017 -19.01 -6.47 8.36
CA LYS C 1017 -18.56 -7.21 7.19
C LYS C 1017 -18.03 -6.22 6.16
N LEU C 1018 -16.73 -6.28 5.87
CA LEU C 1018 -16.09 -5.29 5.02
C LEU C 1018 -16.21 -5.67 3.55
N HIS C 1019 -16.16 -4.66 2.69
CA HIS C 1019 -16.35 -4.87 1.25
C HIS C 1019 -15.18 -5.62 0.62
N HIS C 1020 -14.10 -5.84 1.35
CA HIS C 1020 -13.05 -6.72 0.87
C HIS C 1020 -13.60 -8.14 0.84
N LEU C 1021 -14.01 -8.59 -0.34
CA LEU C 1021 -14.68 -9.88 -0.52
C LEU C 1021 -13.70 -10.87 -1.14
N VAL C 1022 -13.67 -12.08 -0.59
CA VAL C 1022 -12.72 -13.08 -1.03
C VAL C 1022 -12.95 -13.47 -2.48
N ASP C 1023 -14.20 -13.38 -2.97
CA ASP C 1023 -14.50 -13.81 -4.32
C ASP C 1023 -13.76 -12.98 -5.35
N ASP C 1024 -13.73 -11.66 -5.15
CA ASP C 1024 -13.08 -10.78 -6.13
C ASP C 1024 -11.57 -10.99 -6.15
N LYS C 1025 -10.96 -11.20 -4.99
CA LYS C 1025 -9.51 -11.20 -4.91
C LYS C 1025 -8.91 -12.43 -5.58
N LEU C 1026 -9.59 -13.57 -5.53
CA LEU C 1026 -9.05 -14.79 -6.12
C LEU C 1026 -8.80 -14.57 -7.60
N HIS C 1027 -7.52 -14.53 -7.98
CA HIS C 1027 -7.10 -14.24 -9.35
C HIS C 1027 -6.16 -15.35 -9.78
N ALA C 1028 -6.40 -15.92 -10.96
CA ALA C 1028 -5.64 -17.05 -11.45
C ALA C 1028 -5.45 -16.94 -12.95
N ARG C 1029 -4.45 -17.66 -13.45
CA ARG C 1029 -4.10 -17.60 -14.86
C ARG C 1029 -3.26 -18.81 -15.24
N SER C 1030 -3.50 -19.32 -16.43
CA SER C 1030 -2.57 -20.22 -17.11
C SER C 1030 -2.05 -19.62 -18.41
N THR C 1031 -2.97 -19.18 -19.28
CA THR C 1031 -2.61 -18.40 -20.46
C THR C 1031 -3.76 -17.42 -20.71
N GLY C 1032 -3.46 -16.35 -21.44
CA GLY C 1032 -4.46 -15.31 -21.65
C GLY C 1032 -3.95 -14.11 -22.40
N PRO C 1033 -4.56 -12.93 -22.16
CA PRO C 1033 -4.20 -11.74 -22.95
C PRO C 1033 -2.81 -11.20 -22.67
N TYR C 1034 -1.97 -11.20 -23.70
CA TYR C 1034 -0.66 -10.58 -23.62
C TYR C 1034 -0.75 -9.11 -24.03
N SER C 1035 0.36 -8.39 -23.85
CA SER C 1035 0.43 -6.97 -24.16
C SER C 1035 0.98 -6.76 -25.57
N MET C 1036 0.88 -5.52 -26.03
CA MET C 1036 1.17 -5.22 -27.44
C MET C 1036 2.67 -5.08 -27.69
N ILE C 1037 3.31 -4.09 -27.08
CA ILE C 1037 4.72 -3.84 -27.33
C ILE C 1037 5.57 -4.98 -26.78
N THR C 1038 5.41 -5.27 -25.49
CA THR C 1038 6.05 -6.42 -24.87
C THR C 1038 5.07 -7.58 -24.86
N GLN C 1039 5.53 -8.74 -25.33
CA GLN C 1039 4.67 -9.91 -25.44
C GLN C 1039 4.56 -10.61 -24.07
N GLN C 1040 4.07 -9.86 -23.10
CA GLN C 1040 4.02 -10.30 -21.71
C GLN C 1040 2.57 -10.37 -21.23
N PRO C 1041 2.27 -11.24 -20.25
CA PRO C 1041 0.94 -11.25 -19.67
C PRO C 1041 0.52 -9.87 -19.18
N LEU C 1042 -0.77 -9.56 -19.39
CA LEU C 1042 -1.32 -8.29 -18.97
C LEU C 1042 -1.72 -8.33 -17.50
N GLY C 1043 -1.94 -7.16 -16.92
CA GLY C 1043 -2.35 -7.04 -15.54
C GLY C 1043 -3.85 -6.86 -15.39
N GLY C 1044 -4.28 -6.84 -14.13
CA GLY C 1044 -5.69 -6.68 -13.81
C GLY C 1044 -6.43 -8.01 -13.78
N LYS C 1045 -7.36 -8.16 -12.84
CA LYS C 1045 -8.06 -9.44 -12.70
C LYS C 1045 -9.03 -9.66 -13.85
N ALA C 1046 -9.82 -8.63 -14.20
CA ALA C 1046 -10.83 -8.78 -15.25
C ALA C 1046 -10.21 -9.17 -16.59
N GLN C 1047 -8.93 -8.90 -16.78
CA GLN C 1047 -8.21 -9.32 -17.97
C GLN C 1047 -7.66 -10.75 -17.84
N PHE C 1048 -7.97 -11.45 -16.75
CA PHE C 1048 -7.35 -12.75 -16.46
C PHE C 1048 -5.84 -12.62 -16.43
N GLY C 1049 -5.35 -11.52 -15.87
CA GLY C 1049 -3.95 -11.17 -15.96
C GLY C 1049 -3.01 -12.13 -15.26
N GLY C 1050 -1.72 -11.79 -15.27
CA GLY C 1050 -0.72 -12.51 -14.53
C GLY C 1050 -0.28 -11.78 -13.27
N GLN C 1051 0.69 -12.36 -12.59
CA GLN C 1051 1.24 -11.79 -11.36
C GLN C 1051 2.61 -11.20 -11.64
N ARG C 1052 2.79 -9.95 -11.23
CA ARG C 1052 4.03 -9.22 -11.47
C ARG C 1052 5.14 -9.85 -10.64
N PHE C 1053 6.09 -10.51 -11.31
CA PHE C 1053 7.21 -11.13 -10.60
C PHE C 1053 8.32 -10.09 -10.58
N GLY C 1054 8.25 -9.19 -9.60
CA GLY C 1054 9.13 -8.05 -9.55
C GLY C 1054 10.60 -8.42 -9.49
N GLU C 1055 11.48 -7.43 -9.47
CA GLU C 1055 12.91 -7.73 -9.44
C GLU C 1055 13.35 -8.22 -8.07
N MET C 1056 12.63 -7.85 -7.01
CA MET C 1056 12.93 -8.41 -5.68
C MET C 1056 12.81 -9.92 -5.69
N GLU C 1057 11.80 -10.44 -6.40
CA GLU C 1057 11.64 -11.88 -6.51
C GLU C 1057 12.76 -12.50 -7.33
N VAL C 1058 13.26 -11.78 -8.34
CA VAL C 1058 14.41 -12.28 -9.09
C VAL C 1058 15.61 -12.38 -8.17
N TRP C 1059 15.79 -11.40 -7.28
CA TRP C 1059 16.86 -11.47 -6.29
C TRP C 1059 16.67 -12.69 -5.40
N ALA C 1060 15.43 -12.95 -4.97
CA ALA C 1060 15.18 -14.10 -4.11
C ALA C 1060 15.54 -15.41 -4.80
N LEU C 1061 15.08 -15.60 -6.04
CA LEU C 1061 15.41 -16.81 -6.77
C LEU C 1061 16.90 -16.92 -7.07
N GLU C 1062 17.59 -15.80 -7.27
CA GLU C 1062 19.04 -15.85 -7.46
C GLU C 1062 19.75 -16.25 -6.19
N ALA C 1063 19.29 -15.72 -5.04
CA ALA C 1063 19.88 -16.07 -3.76
C ALA C 1063 19.69 -17.56 -3.48
N TYR C 1064 18.51 -18.10 -3.78
CA TYR C 1064 18.32 -19.55 -3.66
C TYR C 1064 19.26 -20.33 -4.55
N GLY C 1065 19.74 -19.73 -5.63
CA GLY C 1065 20.44 -20.48 -6.65
C GLY C 1065 19.55 -21.19 -7.63
N ALA C 1066 18.26 -20.87 -7.66
CA ALA C 1066 17.31 -21.51 -8.57
C ALA C 1066 17.51 -20.92 -9.95
N ALA C 1067 18.36 -21.57 -10.74
CA ALA C 1067 18.69 -21.03 -12.06
C ALA C 1067 17.63 -21.38 -13.08
N TYR C 1068 17.30 -22.67 -13.23
CA TYR C 1068 16.37 -23.09 -14.28
C TYR C 1068 14.96 -22.54 -14.03
N ALA C 1069 14.54 -22.45 -12.77
CA ALA C 1069 13.22 -21.91 -12.48
C ALA C 1069 13.10 -20.47 -12.96
N LEU C 1070 14.09 -19.65 -12.64
CA LEU C 1070 14.07 -18.25 -13.05
C LEU C 1070 14.08 -18.12 -14.57
N GLN C 1071 14.88 -18.93 -15.25
CA GLN C 1071 14.90 -18.91 -16.70
C GLN C 1071 13.54 -19.30 -17.27
N GLU C 1072 12.93 -20.34 -16.71
CA GLU C 1072 11.65 -20.81 -17.21
C GLU C 1072 10.59 -19.73 -17.06
N LEU C 1073 10.53 -19.08 -15.90
CA LEU C 1073 9.47 -18.13 -15.63
C LEU C 1073 9.77 -16.72 -16.13
N LEU C 1074 10.97 -16.44 -16.58
CA LEU C 1074 11.25 -15.17 -17.25
C LEU C 1074 11.07 -15.25 -18.76
N THR C 1075 11.11 -16.46 -19.33
CA THR C 1075 10.97 -16.66 -20.77
C THR C 1075 9.74 -17.49 -21.12
N ILE C 1076 9.62 -18.71 -20.60
CA ILE C 1076 8.52 -19.57 -20.99
C ILE C 1076 7.20 -19.03 -20.44
N LYS C 1077 7.18 -18.60 -19.19
CA LYS C 1077 5.96 -18.07 -18.60
C LYS C 1077 5.67 -16.64 -19.04
N SER C 1078 6.57 -16.00 -19.77
CA SER C 1078 6.34 -14.64 -20.23
C SER C 1078 7.36 -14.28 -21.28
N ASP C 1079 6.91 -13.65 -22.35
CA ASP C 1079 7.78 -12.90 -23.25
C ASP C 1079 8.64 -13.81 -24.14
N ASP C 1080 8.14 -14.99 -24.48
CA ASP C 1080 8.82 -15.87 -25.44
C ASP C 1080 7.73 -16.54 -26.27
N VAL C 1081 7.41 -15.94 -27.42
CA VAL C 1081 6.24 -16.35 -28.20
C VAL C 1081 6.32 -17.84 -28.54
N THR C 1082 7.45 -18.25 -29.13
CA THR C 1082 7.60 -19.66 -29.48
C THR C 1082 7.61 -20.53 -28.24
N GLY C 1083 8.31 -20.10 -27.18
CA GLY C 1083 8.30 -20.85 -25.94
C GLY C 1083 6.92 -20.92 -25.32
N ARG C 1084 6.19 -19.81 -25.34
CA ARG C 1084 4.85 -19.79 -24.77
C ARG C 1084 3.94 -20.77 -25.49
N VAL C 1085 4.02 -20.82 -26.82
CA VAL C 1085 3.19 -21.75 -27.57
C VAL C 1085 3.61 -23.20 -27.31
N LYS C 1086 4.92 -23.45 -27.36
CA LYS C 1086 5.40 -24.82 -27.34
C LYS C 1086 5.32 -25.46 -25.95
N VAL C 1087 5.43 -24.67 -24.88
CA VAL C 1087 5.25 -25.25 -23.54
C VAL C 1087 3.83 -25.75 -23.38
N TYR C 1088 2.85 -24.95 -23.81
CA TYR C 1088 1.45 -25.37 -23.73
C TYR C 1088 1.21 -26.58 -24.60
N GLU C 1089 1.77 -26.59 -25.82
CA GLU C 1089 1.59 -27.74 -26.70
C GLU C 1089 2.18 -29.00 -26.07
N ALA C 1090 3.39 -28.89 -25.50
CA ALA C 1090 4.04 -30.04 -24.91
C ALA C 1090 3.26 -30.57 -23.71
N ILE C 1091 2.73 -29.68 -22.88
CA ILE C 1091 1.99 -30.14 -21.70
C ILE C 1091 0.69 -30.81 -22.11
N VAL C 1092 -0.07 -30.18 -23.01
CA VAL C 1092 -1.36 -30.77 -23.38
C VAL C 1092 -1.16 -32.09 -24.10
N LYS C 1093 -0.19 -32.15 -25.02
CA LYS C 1093 0.13 -33.42 -25.67
C LYS C 1093 0.88 -34.34 -24.72
N GLY C 1094 1.77 -33.77 -23.91
CA GLY C 1094 2.59 -34.53 -22.99
C GLY C 1094 3.99 -34.71 -23.56
N GLU C 1095 4.91 -33.87 -23.11
CA GLU C 1095 6.27 -33.86 -23.65
C GLU C 1095 7.11 -32.94 -22.77
N ASN C 1096 8.42 -33.00 -22.98
CA ASN C 1096 9.34 -32.12 -22.25
C ASN C 1096 9.08 -30.67 -22.62
N ILE C 1097 9.16 -29.80 -21.61
CA ILE C 1097 9.05 -28.36 -21.87
C ILE C 1097 10.29 -27.89 -22.63
N PRO C 1098 10.14 -27.18 -23.75
CA PRO C 1098 11.31 -26.87 -24.58
C PRO C 1098 12.26 -25.89 -23.91
N GLU C 1099 13.49 -25.88 -24.41
CA GLU C 1099 14.49 -24.96 -23.89
C GLU C 1099 14.07 -23.52 -24.18
N PRO C 1100 14.31 -22.59 -23.26
CA PRO C 1100 13.92 -21.20 -23.52
C PRO C 1100 14.68 -20.60 -24.70
N GLY C 1101 14.29 -19.38 -25.05
CA GLY C 1101 14.89 -18.62 -26.13
C GLY C 1101 15.16 -17.19 -25.72
N ILE C 1102 15.09 -16.31 -26.70
CA ILE C 1102 15.40 -14.88 -26.50
C ILE C 1102 14.12 -14.16 -26.13
N PRO C 1103 14.07 -13.42 -25.01
CA PRO C 1103 12.85 -12.66 -24.69
C PRO C 1103 12.57 -11.62 -25.77
N GLU C 1104 11.27 -11.42 -26.04
CA GLU C 1104 10.88 -10.37 -26.97
C GLU C 1104 11.15 -8.99 -26.39
N SER C 1105 11.16 -8.88 -25.07
CA SER C 1105 11.51 -7.61 -24.43
C SER C 1105 12.92 -7.18 -24.82
N PHE C 1106 13.85 -8.12 -24.89
CA PHE C 1106 15.21 -7.82 -25.33
C PHE C 1106 15.22 -7.34 -26.78
N LYS C 1107 14.40 -7.98 -27.64
CA LYS C 1107 14.35 -7.58 -29.04
C LYS C 1107 13.85 -6.15 -29.18
N VAL C 1108 12.76 -5.82 -28.49
CA VAL C 1108 12.24 -4.46 -28.56
C VAL C 1108 13.23 -3.48 -27.95
N LEU C 1109 13.95 -3.89 -26.90
CA LEU C 1109 14.96 -3.00 -26.32
C LEU C 1109 16.04 -2.67 -27.34
N ILE C 1110 16.57 -3.68 -28.02
CA ILE C 1110 17.65 -3.42 -28.96
C ILE C 1110 17.15 -2.60 -30.14
N LYS C 1111 15.92 -2.85 -30.60
CA LYS C 1111 15.37 -2.04 -31.69
C LYS C 1111 15.17 -0.59 -31.25
N GLU C 1112 14.71 -0.39 -30.02
CA GLU C 1112 14.51 0.95 -29.50
C GLU C 1112 15.82 1.72 -29.42
N MET C 1113 16.84 1.12 -28.81
CA MET C 1113 18.10 1.83 -28.68
C MET C 1113 18.87 1.85 -29.99
N GLN C 1114 18.47 1.05 -30.98
CA GLN C 1114 18.94 1.23 -32.34
C GLN C 1114 18.33 2.48 -32.96
N SER C 1115 17.02 2.65 -32.78
CA SER C 1115 16.35 3.87 -33.22
C SER C 1115 16.96 5.08 -32.55
N LEU C 1116 17.56 4.92 -31.37
CA LEU C 1116 18.37 5.98 -30.78
C LEU C 1116 19.76 6.09 -31.42
N CYS C 1117 20.00 5.40 -32.54
CA CYS C 1117 21.25 5.52 -33.30
C CYS C 1117 22.43 4.94 -32.54
N LEU C 1118 22.25 3.75 -31.98
CA LEU C 1118 23.33 2.98 -31.36
C LEU C 1118 23.42 1.66 -32.09
N ASN C 1119 24.59 1.37 -32.67
CA ASN C 1119 24.79 0.16 -33.46
C ASN C 1119 24.92 -1.03 -32.51
N VAL C 1120 23.78 -1.43 -31.95
CA VAL C 1120 23.73 -2.47 -30.92
C VAL C 1120 23.54 -3.80 -31.66
N GLU C 1121 24.65 -4.50 -31.85
CA GLU C 1121 24.67 -5.77 -32.56
C GLU C 1121 25.02 -6.88 -31.58
N VAL C 1122 24.17 -7.90 -31.51
CA VAL C 1122 24.41 -9.05 -30.65
C VAL C 1122 25.50 -9.88 -31.32
N LEU C 1123 26.71 -9.80 -30.81
CA LEU C 1123 27.89 -10.36 -31.47
C LEU C 1123 28.30 -11.68 -30.85
N SER C 1124 28.70 -12.63 -31.70
CA SER C 1124 29.35 -13.84 -31.27
C SER C 1124 30.87 -13.63 -31.25
N SER C 1125 31.56 -14.53 -30.56
CA SER C 1125 33.01 -14.48 -30.55
C SER C 1125 33.62 -14.81 -31.90
N ASP C 1126 32.84 -15.40 -32.81
CA ASP C 1126 33.27 -15.68 -34.17
C ASP C 1126 32.53 -14.83 -35.19
N GLY C 1127 31.73 -13.85 -34.75
CA GLY C 1127 30.98 -13.02 -35.66
C GLY C 1127 29.76 -12.38 -35.02
N MET C 1128 28.62 -12.45 -35.71
CA MET C 1128 27.38 -11.88 -35.20
C MET C 1128 26.55 -12.99 -34.60
N SER C 1129 26.24 -12.89 -33.32
CA SER C 1129 25.51 -13.95 -32.63
C SER C 1129 24.04 -13.90 -32.98
N ILE C 1130 23.40 -15.08 -32.96
CA ILE C 1130 22.03 -15.22 -33.45
C ILE C 1130 21.13 -14.21 -32.75
N GLU C 1131 20.28 -13.52 -33.50
CA GLU C 1131 19.47 -12.49 -32.85
C GLU C 1131 18.56 -13.13 -31.80
N PHE D 7 25.69 -15.95 -28.44
CA PHE D 7 25.50 -14.78 -27.53
C PHE D 7 26.74 -14.56 -26.68
N ASP D 8 27.89 -14.44 -27.34
CA ASP D 8 29.14 -14.25 -26.61
C ASP D 8 29.29 -12.83 -26.08
N GLU D 9 28.82 -11.83 -26.81
CA GLU D 9 28.97 -10.45 -26.37
C GLU D 9 27.94 -9.57 -27.07
N LEU D 10 27.85 -8.33 -26.60
CA LEU D 10 26.90 -7.35 -27.12
C LEU D 10 27.57 -5.99 -27.07
N ARG D 11 27.80 -5.38 -28.22
CA ARG D 11 28.54 -4.12 -28.30
C ARG D 11 27.67 -3.01 -28.86
N ILE D 12 27.95 -1.79 -28.42
CA ILE D 12 27.32 -0.59 -28.97
C ILE D 12 28.39 0.45 -29.24
N GLY D 13 28.29 1.11 -30.38
CA GLY D 13 29.15 2.21 -30.73
C GLY D 13 28.33 3.36 -31.29
N LEU D 14 28.91 4.11 -32.23
CA LEU D 14 28.18 5.15 -32.92
C LEU D 14 27.52 4.57 -34.16
N ALA D 15 26.36 5.13 -34.50
CA ALA D 15 25.62 4.73 -35.68
C ALA D 15 25.91 5.71 -36.80
N THR D 16 26.66 5.26 -37.81
CA THR D 16 26.98 6.11 -38.95
C THR D 16 25.72 6.34 -39.78
N ALA D 17 25.84 7.19 -40.80
CA ALA D 17 24.77 7.31 -41.77
C ALA D 17 24.63 6.02 -42.58
N ASP D 18 25.76 5.42 -42.96
CA ASP D 18 25.72 4.20 -43.74
C ASP D 18 25.08 3.06 -42.97
N ASP D 19 25.36 2.96 -41.66
CA ASP D 19 24.73 1.92 -40.86
C ASP D 19 23.22 2.07 -40.82
N ILE D 20 22.74 3.30 -40.62
CA ILE D 20 21.30 3.54 -40.59
C ILE D 20 20.69 3.21 -41.93
N ARG D 21 21.34 3.62 -43.03
CA ARG D 21 20.82 3.26 -44.35
C ARG D 21 20.82 1.76 -44.57
N GLN D 22 21.77 1.04 -43.96
CA GLN D 22 21.83 -0.40 -44.11
C GLN D 22 20.72 -1.09 -43.33
N TRP D 23 20.36 -0.57 -42.16
CA TRP D 23 19.24 -1.13 -41.42
C TRP D 23 17.95 -1.04 -42.21
N SER D 24 17.72 0.10 -42.83
CA SER D 24 16.40 0.44 -43.35
C SER D 24 16.05 -0.36 -44.60
N HIS D 25 14.75 -0.40 -44.88
CA HIS D 25 14.22 -0.98 -46.11
C HIS D 25 13.56 0.03 -47.02
N GLY D 26 13.22 1.21 -46.51
CA GLY D 26 12.64 2.26 -47.32
C GLY D 26 12.63 3.55 -46.53
N GLU D 27 12.25 4.63 -47.22
CA GLU D 27 12.29 5.97 -46.64
C GLU D 27 10.88 6.45 -46.30
N VAL D 28 10.70 6.94 -45.08
CA VAL D 28 9.46 7.56 -44.66
C VAL D 28 9.47 9.00 -45.16
N LYS D 29 8.58 9.32 -46.11
CA LYS D 29 8.56 10.63 -46.75
C LYS D 29 7.35 11.47 -46.39
N LYS D 30 6.29 10.87 -45.88
CA LYS D 30 5.06 11.60 -45.59
C LYS D 30 4.76 11.60 -44.09
N PRO D 31 4.24 12.71 -43.54
CA PRO D 31 3.88 12.77 -42.11
C PRO D 31 2.47 12.24 -41.84
N GLU D 32 2.13 11.10 -42.44
CA GLU D 32 0.78 10.56 -42.40
C GLU D 32 0.85 9.13 -41.92
N THR D 33 -0.06 8.78 -41.00
CA THR D 33 -0.07 7.45 -40.40
C THR D 33 -1.00 6.49 -41.14
N ILE D 34 -2.29 6.80 -41.15
CA ILE D 34 -3.29 5.96 -41.80
C ILE D 34 -4.43 6.86 -42.27
N ASN D 35 -5.27 6.30 -43.15
CA ASN D 35 -6.46 7.02 -43.58
C ASN D 35 -7.54 6.91 -42.50
N TYR D 36 -8.04 8.06 -42.05
CA TYR D 36 -9.05 8.06 -41.00
C TYR D 36 -10.33 7.37 -41.45
N ARG D 37 -10.60 7.37 -42.76
CA ARG D 37 -11.83 6.81 -43.28
C ARG D 37 -11.72 5.29 -43.44
N THR D 38 -10.82 4.84 -44.31
CA THR D 38 -10.72 3.41 -44.63
C THR D 38 -9.85 2.63 -43.66
N LEU D 39 -9.15 3.30 -42.74
CA LEU D 39 -8.35 2.65 -41.71
C LEU D 39 -7.35 1.67 -42.33
N LYS D 40 -6.44 2.22 -43.11
CA LYS D 40 -5.40 1.45 -43.79
C LYS D 40 -4.10 2.22 -43.76
N PRO D 41 -2.96 1.54 -43.88
CA PRO D 41 -1.69 2.25 -44.04
C PRO D 41 -1.68 3.10 -45.30
N GLU D 42 -1.02 4.24 -45.22
CA GLU D 42 -0.75 5.06 -46.40
C GLU D 42 0.56 4.58 -47.03
N LYS D 43 1.08 5.35 -47.98
CA LYS D 43 2.30 4.98 -48.70
C LYS D 43 3.40 5.98 -48.39
N ASP D 44 4.58 5.48 -48.04
CA ASP D 44 5.75 6.31 -47.74
C ASP D 44 5.45 7.30 -46.61
N GLY D 45 4.69 6.84 -45.61
CA GLY D 45 4.50 7.57 -44.38
C GLY D 45 4.69 6.66 -43.20
N LEU D 46 4.48 7.21 -42.01
CA LEU D 46 4.53 6.41 -40.80
C LEU D 46 3.47 5.31 -40.88
N PHE D 47 3.80 4.14 -40.36
CA PHE D 47 2.97 2.94 -40.43
C PHE D 47 2.79 2.43 -41.85
N CYS D 48 3.56 2.94 -42.81
CA CYS D 48 3.41 2.51 -44.20
C CYS D 48 3.57 1.01 -44.32
N GLU D 49 3.10 0.44 -45.43
CA GLU D 49 3.16 -0.99 -45.67
C GLU D 49 4.20 -1.38 -46.70
N LYS D 50 4.62 -0.45 -47.55
CA LYS D 50 5.67 -0.76 -48.53
C LYS D 50 7.03 -0.88 -47.86
N ILE D 51 7.33 0.00 -46.92
CA ILE D 51 8.63 0.01 -46.26
C ILE D 51 8.65 -0.93 -45.07
N PHE D 52 7.58 -0.97 -44.28
CA PHE D 52 7.44 -1.93 -43.20
C PHE D 52 6.76 -3.19 -43.76
N GLY D 53 6.36 -4.10 -42.87
CA GLY D 53 5.77 -5.35 -43.30
C GLY D 53 4.28 -5.25 -43.55
N PRO D 54 3.71 -6.26 -44.19
CA PRO D 54 2.26 -6.26 -44.42
C PRO D 54 1.49 -6.24 -43.12
N THR D 55 0.38 -5.50 -43.11
CA THR D 55 -0.45 -5.38 -41.92
C THR D 55 -1.26 -6.63 -41.62
N ARG D 56 -1.52 -7.44 -42.65
CA ARG D 56 -2.27 -8.69 -42.48
C ARG D 56 -1.43 -9.84 -42.97
N ASP D 57 -1.52 -10.98 -42.28
CA ASP D 57 -0.69 -12.12 -42.63
C ASP D 57 -0.95 -12.55 -44.07
N TRP D 58 0.12 -12.65 -44.85
CA TRP D 58 0.06 -13.14 -46.22
C TRP D 58 -0.90 -12.29 -47.07
N GLU D 59 -0.66 -10.98 -47.08
CA GLU D 59 -1.47 -10.05 -47.85
C GLU D 59 -0.59 -8.92 -48.36
N CYS D 60 -1.15 -8.11 -49.26
CA CYS D 60 -0.46 -6.94 -49.80
C CYS D 60 -1.47 -5.81 -49.91
N TYR D 61 -0.93 -4.59 -50.05
CA TYR D 61 -1.75 -3.38 -49.93
C TYR D 61 -2.88 -3.36 -50.96
N CYS D 62 -2.55 -3.53 -52.24
CA CYS D 62 -3.55 -3.36 -53.28
C CYS D 62 -4.58 -4.48 -53.26
N GLY D 63 -4.12 -5.73 -53.14
CA GLY D 63 -5.01 -6.88 -53.08
C GLY D 63 -4.76 -7.92 -54.16
N LYS D 64 -3.87 -7.66 -55.12
CA LYS D 64 -3.60 -8.66 -56.16
C LYS D 64 -3.05 -9.94 -55.56
N TYR D 65 -2.31 -9.85 -54.47
CA TYR D 65 -1.76 -11.00 -53.76
C TYR D 65 -2.34 -11.11 -52.36
N LYS D 66 -3.58 -10.66 -52.18
CA LYS D 66 -4.29 -10.90 -50.93
C LYS D 66 -4.50 -12.39 -50.68
N ARG D 67 -4.46 -13.20 -51.73
CA ARG D 67 -4.58 -14.65 -51.56
C ARG D 67 -3.44 -15.19 -50.72
N VAL D 68 -3.73 -16.15 -49.85
CA VAL D 68 -2.67 -16.62 -48.92
C VAL D 68 -1.66 -17.51 -49.65
N ARG D 69 -1.98 -18.02 -50.84
CA ARG D 69 -1.10 -19.02 -51.45
C ARG D 69 0.32 -18.48 -51.64
N PHE D 70 0.45 -17.22 -52.04
CA PHE D 70 1.76 -16.66 -52.33
C PHE D 70 2.60 -16.58 -51.06
N LYS D 71 3.92 -16.78 -51.22
CA LYS D 71 4.81 -16.81 -50.02
C LYS D 71 6.19 -16.22 -50.33
N GLY D 72 6.43 -14.95 -49.96
CA GLY D 72 7.73 -14.32 -50.10
C GLY D 72 7.95 -13.52 -51.37
N ILE D 73 6.98 -13.49 -52.28
CA ILE D 73 7.16 -12.73 -53.52
C ILE D 73 6.80 -11.27 -53.30
N ILE D 74 7.31 -10.42 -54.18
CA ILE D 74 7.05 -8.98 -54.16
C ILE D 74 5.91 -8.67 -55.13
N CYS D 75 4.95 -7.88 -54.67
CA CYS D 75 3.85 -7.47 -55.52
C CYS D 75 4.34 -6.49 -56.59
N GLU D 76 3.58 -6.41 -57.68
CA GLU D 76 3.98 -5.65 -58.86
C GLU D 76 3.30 -4.30 -58.98
N ARG D 77 2.36 -3.96 -58.10
CA ARG D 77 1.65 -2.69 -58.16
C ARG D 77 1.91 -1.81 -56.95
N CYS D 78 1.74 -2.34 -55.74
CA CYS D 78 1.88 -1.56 -54.53
C CYS D 78 3.28 -1.62 -53.93
N GLY D 79 4.00 -2.71 -54.15
CA GLY D 79 5.35 -2.87 -53.62
C GLY D 79 5.45 -3.54 -52.28
N VAL D 80 4.40 -4.21 -51.82
CA VAL D 80 4.42 -4.94 -50.55
C VAL D 80 4.67 -6.41 -50.83
N GLU D 81 5.69 -6.96 -50.18
CA GLU D 81 5.97 -8.39 -50.30
C GLU D 81 4.99 -9.19 -49.43
N VAL D 82 4.75 -10.43 -49.84
CA VAL D 82 3.81 -11.31 -49.15
C VAL D 82 4.61 -12.18 -48.18
N THR D 83 4.34 -12.02 -46.90
CA THR D 83 4.96 -12.80 -45.83
C THR D 83 4.16 -12.53 -44.56
N ARG D 84 4.69 -12.98 -43.42
CA ARG D 84 3.97 -12.83 -42.18
C ARG D 84 3.79 -11.38 -41.78
N ALA D 85 2.84 -11.13 -40.90
CA ALA D 85 2.52 -9.78 -40.48
C ALA D 85 3.29 -9.33 -39.25
N LYS D 86 4.15 -10.21 -38.71
CA LYS D 86 4.97 -9.88 -37.56
C LYS D 86 6.24 -9.15 -37.96
N VAL D 87 6.51 -9.08 -39.25
CA VAL D 87 7.68 -8.35 -39.75
C VAL D 87 7.61 -6.89 -39.35
N ARG D 88 6.40 -6.36 -39.17
CA ARG D 88 6.24 -4.98 -38.74
C ARG D 88 6.84 -4.73 -37.36
N ARG D 89 7.04 -5.78 -36.56
CA ARG D 89 7.76 -5.63 -35.30
C ARG D 89 9.25 -5.48 -35.53
N GLU D 90 9.77 -6.01 -36.63
CA GLU D 90 11.21 -6.10 -36.88
C GLU D 90 11.70 -5.16 -37.95
N ARG D 91 10.90 -4.89 -38.98
CA ARG D 91 11.37 -4.09 -40.12
C ARG D 91 11.50 -2.63 -39.73
N MET D 92 12.55 -2.00 -40.23
CA MET D 92 12.89 -0.62 -39.91
C MET D 92 12.97 0.21 -41.17
N GLY D 93 12.89 1.53 -41.00
CA GLY D 93 13.02 2.48 -42.08
C GLY D 93 13.93 3.63 -41.67
N HIS D 94 14.14 4.56 -42.60
CA HIS D 94 14.95 5.73 -42.31
C HIS D 94 14.32 6.95 -42.96
N ILE D 95 14.82 8.13 -42.59
CA ILE D 95 14.47 9.38 -43.26
C ILE D 95 15.76 10.14 -43.50
N GLU D 96 15.97 10.57 -44.75
CA GLU D 96 17.14 11.35 -45.13
C GLU D 96 16.92 12.82 -44.80
N LEU D 97 17.67 13.36 -43.86
CA LEU D 97 17.55 14.77 -43.53
C LEU D 97 18.26 15.62 -44.58
N ALA D 98 17.75 16.84 -44.77
CA ALA D 98 18.37 17.81 -45.67
C ALA D 98 19.50 18.56 -44.96
N ALA D 99 19.23 19.05 -43.74
CA ALA D 99 20.24 19.72 -42.93
C ALA D 99 20.73 18.78 -41.86
N PRO D 100 22.02 18.45 -41.78
CA PRO D 100 22.49 17.61 -40.68
C PRO D 100 22.24 18.28 -39.33
N VAL D 101 22.03 17.44 -38.31
CA VAL D 101 21.76 17.90 -36.96
C VAL D 101 22.59 17.07 -35.99
N THR D 102 22.80 17.63 -34.80
CA THR D 102 23.58 16.97 -33.76
C THR D 102 22.70 16.10 -32.89
N HIS D 103 23.30 15.05 -32.33
CA HIS D 103 22.61 14.14 -31.43
C HIS D 103 22.61 14.76 -30.03
N ILE D 104 21.40 14.94 -29.46
CA ILE D 104 21.26 15.60 -28.17
C ILE D 104 21.94 14.84 -27.05
N TRP D 105 22.27 13.56 -27.26
CA TRP D 105 23.03 12.81 -26.27
C TRP D 105 24.49 13.24 -26.29
N TYR D 106 25.15 13.04 -27.43
CA TYR D 106 26.59 13.24 -27.53
C TYR D 106 26.98 14.70 -27.41
N PHE D 107 26.03 15.61 -27.57
CA PHE D 107 26.28 17.02 -27.39
C PHE D 107 25.19 17.56 -26.51
N LYS D 108 25.45 18.64 -25.78
CA LYS D 108 24.44 19.26 -24.94
C LYS D 108 23.92 18.29 -23.89
N GLY D 109 24.81 17.45 -23.37
CA GLY D 109 24.46 16.41 -22.42
C GLY D 109 25.27 16.52 -21.15
N VAL D 110 25.51 15.37 -20.52
CA VAL D 110 26.25 15.30 -19.27
C VAL D 110 27.67 15.75 -19.57
N PRO D 111 28.37 16.45 -18.65
CA PRO D 111 29.66 17.07 -19.00
C PRO D 111 30.71 16.12 -19.55
N SER D 112 30.99 15.03 -18.84
CA SER D 112 32.09 14.16 -19.25
C SER D 112 31.87 13.59 -20.64
N ARG D 113 30.61 13.47 -21.06
CA ARG D 113 30.24 12.96 -22.38
C ARG D 113 29.78 14.06 -23.32
N LEU D 114 30.13 15.31 -23.02
CA LEU D 114 29.70 16.48 -23.80
C LEU D 114 30.55 16.68 -25.04
N GLY D 115 31.25 15.65 -25.50
CA GLY D 115 32.17 15.80 -26.61
C GLY D 115 33.57 16.08 -26.12
N TYR D 116 33.95 17.35 -26.06
CA TYR D 116 35.30 17.82 -25.74
C TYR D 116 36.30 17.45 -26.82
N LEU D 117 35.86 16.82 -27.91
CA LEU D 117 36.74 16.60 -29.04
C LEU D 117 37.09 17.92 -29.70
N LEU D 118 36.13 18.84 -29.75
CA LEU D 118 36.33 20.22 -30.17
C LEU D 118 36.15 21.10 -28.94
N ASP D 119 37.25 21.67 -28.44
CA ASP D 119 37.18 22.44 -27.20
C ASP D 119 36.24 23.62 -27.39
N LEU D 120 35.08 23.56 -26.75
CA LEU D 120 34.07 24.60 -26.87
C LEU D 120 33.21 24.61 -25.62
N ALA D 121 32.92 25.79 -25.11
CA ALA D 121 32.08 25.92 -23.94
C ALA D 121 30.65 25.52 -24.28
N PRO D 122 29.84 25.17 -23.28
CA PRO D 122 28.43 24.85 -23.58
C PRO D 122 27.69 26.01 -24.23
N LYS D 123 27.99 27.25 -23.84
CA LYS D 123 27.30 28.39 -24.43
C LYS D 123 27.69 28.58 -25.89
N ASP D 124 28.96 28.38 -26.22
CA ASP D 124 29.42 28.53 -27.60
C ASP D 124 28.72 27.52 -28.51
N LEU D 125 28.59 26.27 -28.05
CA LEU D 125 27.89 25.26 -28.84
C LEU D 125 26.39 25.54 -28.88
N GLU D 126 25.83 26.05 -27.79
CA GLU D 126 24.44 26.48 -27.81
C GLU D 126 24.21 27.52 -28.89
N LYS D 127 25.16 28.43 -29.06
CA LYS D 127 25.00 29.47 -30.07
C LYS D 127 25.21 28.92 -31.48
N VAL D 128 26.21 28.07 -31.67
CA VAL D 128 26.52 27.57 -33.02
C VAL D 128 25.42 26.63 -33.50
N ILE D 129 25.02 25.67 -32.68
CA ILE D 129 24.13 24.60 -33.15
C ILE D 129 22.77 25.17 -33.53
N TYR D 130 22.23 26.03 -32.68
CA TYR D 130 20.90 26.59 -32.89
C TYR D 130 20.95 27.91 -33.63
N PHE D 131 21.73 27.91 -34.72
CA PHE D 131 21.82 28.99 -35.70
C PHE D 131 21.69 30.38 -35.09
N ALA D 132 22.51 30.65 -34.07
CA ALA D 132 22.57 31.96 -33.43
C ALA D 132 23.95 32.62 -33.52
N ALA D 133 24.97 31.88 -33.94
CA ALA D 133 26.29 32.45 -34.13
C ALA D 133 27.04 31.60 -35.15
N TYR D 134 27.97 32.24 -35.84
CA TYR D 134 28.74 31.58 -36.88
C TYR D 134 29.94 30.86 -36.25
N MET D 135 30.71 30.18 -37.09
CA MET D 135 31.92 29.51 -36.63
C MET D 135 32.76 29.16 -37.84
N ILE D 136 34.07 29.30 -37.71
CA ILE D 136 35.00 29.11 -38.81
C ILE D 136 35.45 27.65 -38.82
N THR D 137 35.32 27.01 -39.99
CA THR D 137 35.73 25.64 -40.18
C THR D 137 37.06 25.51 -40.91
N PHE D 138 37.66 26.62 -41.34
CA PHE D 138 38.89 26.55 -42.11
C PHE D 138 39.45 27.96 -42.27
N VAL D 139 40.78 28.07 -42.19
CA VAL D 139 41.47 29.33 -42.43
C VAL D 139 42.76 29.03 -43.20
N ASP D 140 43.02 29.82 -44.23
CA ASP D 140 44.27 29.72 -44.98
C ASP D 140 45.30 30.64 -44.32
N GLU D 141 45.84 30.15 -43.19
CA GLU D 141 46.80 30.95 -42.44
C GLU D 141 48.07 31.21 -43.24
N GLU D 142 48.56 30.20 -43.96
CA GLU D 142 49.78 30.39 -44.75
C GLU D 142 49.55 31.42 -45.85
N ARG D 143 48.44 31.32 -46.58
CA ARG D 143 48.14 32.29 -47.62
C ARG D 143 47.83 33.66 -47.02
N ARG D 144 47.17 33.66 -45.86
CA ARG D 144 46.89 34.94 -45.19
C ARG D 144 48.18 35.64 -44.82
N THR D 145 49.16 34.91 -44.29
CA THR D 145 50.44 35.52 -43.95
C THR D 145 51.19 35.94 -45.21
N ARG D 146 51.09 35.14 -46.28
CA ARG D 146 51.75 35.50 -47.52
C ARG D 146 51.22 36.81 -48.09
N ASP D 147 49.90 36.97 -48.10
CA ASP D 147 49.27 38.19 -48.61
C ASP D 147 49.15 39.29 -47.56
N LEU D 148 49.57 39.03 -46.33
CA LEU D 148 49.52 40.07 -45.30
C LEU D 148 50.26 41.33 -45.70
N PRO D 149 51.44 41.30 -46.32
CA PRO D 149 51.98 42.54 -46.89
C PRO D 149 50.99 43.20 -47.86
N SER D 150 50.50 42.45 -48.84
CA SER D 150 49.55 43.01 -49.80
C SER D 150 48.28 43.47 -49.11
N LEU D 151 47.75 42.68 -48.18
CA LEU D 151 46.47 43.01 -47.56
C LEU D 151 46.59 44.22 -46.64
N GLU D 152 47.67 44.30 -45.85
CA GLU D 152 47.83 45.46 -44.98
C GLU D 152 48.13 46.71 -45.80
N ALA D 153 48.87 46.57 -46.90
CA ALA D 153 49.06 47.70 -47.80
C ALA D 153 47.72 48.15 -48.40
N HIS D 154 46.87 47.19 -48.78
CA HIS D 154 45.57 47.54 -49.33
C HIS D 154 44.69 48.23 -48.28
N VAL D 155 44.74 47.75 -47.04
CA VAL D 155 43.93 48.36 -45.99
C VAL D 155 44.45 49.76 -45.67
N SER D 156 45.78 49.93 -45.71
CA SER D 156 46.33 51.28 -45.56
C SER D 156 45.90 52.17 -46.72
N VAL D 157 45.83 51.62 -47.92
CA VAL D 157 45.38 52.40 -49.08
C VAL D 157 43.91 52.79 -48.92
N GLU D 158 43.09 51.88 -48.42
CA GLU D 158 41.68 52.20 -48.18
C GLU D 158 41.54 53.24 -47.06
N ARG D 159 42.35 53.12 -46.01
CA ARG D 159 42.36 54.15 -44.96
C ARG D 159 42.78 55.49 -45.53
N GLN D 160 43.78 55.49 -46.42
CA GLN D 160 44.22 56.74 -47.04
C GLN D 160 43.17 57.31 -47.99
N GLN D 161 42.41 56.45 -48.67
CA GLN D 161 41.33 56.94 -49.52
C GLN D 161 40.20 57.51 -48.68
N ILE D 162 39.89 56.85 -47.57
CA ILE D 162 38.91 57.39 -46.63
C ILE D 162 39.37 58.73 -46.11
N GLU D 163 40.67 58.85 -45.79
CA GLU D 163 41.20 60.13 -45.32
C GLU D 163 41.23 61.17 -46.42
N GLN D 164 41.43 60.75 -47.67
CA GLN D 164 41.46 61.69 -48.78
C GLN D 164 40.08 62.26 -49.06
N ARG D 165 39.07 61.39 -49.13
CA ARG D 165 37.71 61.89 -49.30
C ARG D 165 37.23 62.62 -48.06
N ARG D 166 37.73 62.23 -46.88
CA ARG D 166 37.42 62.96 -45.65
C ARG D 166 38.02 64.36 -45.67
N ASP D 167 39.23 64.51 -46.21
CA ASP D 167 39.87 65.81 -46.31
C ASP D 167 39.23 66.66 -47.40
N SER D 168 38.81 66.05 -48.51
CA SER D 168 38.03 66.78 -49.50
C SER D 168 36.71 67.25 -48.91
N ASP D 169 36.07 66.39 -48.10
CA ASP D 169 34.84 66.79 -47.42
C ASP D 169 35.12 67.84 -46.35
N LEU D 170 36.31 67.83 -45.76
CA LEU D 170 36.68 68.89 -44.81
C LEU D 170 36.87 70.22 -45.52
N GLU D 171 37.50 70.20 -46.70
CA GLU D 171 37.60 71.41 -47.50
C GLU D 171 36.21 71.90 -47.91
N ALA D 172 35.34 70.98 -48.34
CA ALA D 172 33.97 71.35 -48.66
C ALA D 172 33.23 71.87 -47.44
N ARG D 173 33.53 71.33 -46.25
CA ARG D 173 32.90 71.79 -45.03
C ARG D 173 33.37 73.20 -44.67
N ALA D 174 34.66 73.47 -44.85
CA ALA D 174 35.16 74.82 -44.63
C ALA D 174 34.52 75.80 -45.61
N LYS D 175 34.42 75.42 -46.87
CA LYS D 175 33.75 76.27 -47.86
C LYS D 175 32.29 76.48 -47.49
N LYS D 176 31.59 75.42 -47.06
CA LYS D 176 30.19 75.53 -46.69
C LYS D 176 30.02 76.43 -45.47
N LEU D 177 30.88 76.26 -44.46
CA LEU D 177 30.80 77.09 -43.27
C LEU D 177 31.03 78.56 -43.62
N GLU D 178 32.08 78.83 -44.41
CA GLU D 178 32.35 80.21 -44.82
C GLU D 178 31.18 80.78 -45.59
N THR D 179 30.66 80.03 -46.56
CA THR D 179 29.57 80.52 -47.40
C THR D 179 28.33 80.80 -46.56
N ASP D 180 27.89 79.83 -45.76
CA ASP D 180 26.66 80.02 -45.00
C ASP D 180 26.81 81.13 -43.98
N LEU D 181 27.93 81.16 -43.24
CA LEU D 181 28.15 82.22 -42.27
C LEU D 181 28.10 83.59 -42.95
N ALA D 182 28.88 83.77 -44.01
CA ALA D 182 28.95 85.07 -44.66
C ALA D 182 27.59 85.49 -45.22
N GLU D 183 26.91 84.57 -45.92
CA GLU D 183 25.67 84.94 -46.59
C GLU D 183 24.54 85.18 -45.60
N LEU D 184 24.45 84.37 -44.55
CA LEU D 184 23.43 84.59 -43.54
C LEU D 184 23.70 85.88 -42.76
N GLU D 185 24.98 86.15 -42.45
CA GLU D 185 25.30 87.40 -41.77
C GLU D 185 24.95 88.59 -42.64
N ALA D 186 25.21 88.49 -43.94
CA ALA D 186 24.80 89.55 -44.87
C ALA D 186 23.29 89.71 -44.88
N GLU D 187 22.56 88.60 -44.89
CA GLU D 187 21.10 88.66 -44.84
C GLU D 187 20.63 89.23 -43.50
N GLY D 188 21.13 88.68 -42.40
CA GLY D 188 20.73 89.15 -41.08
C GLY D 188 19.25 89.03 -40.82
N ALA D 189 18.64 87.90 -41.21
CA ALA D 189 17.22 87.73 -41.01
C ALA D 189 16.85 87.63 -39.54
N LYS D 190 17.82 87.28 -38.69
CA LYS D 190 17.59 87.11 -37.26
C LYS D 190 18.82 87.62 -36.51
N ALA D 191 18.72 87.66 -35.19
CA ALA D 191 19.81 88.17 -34.37
C ALA D 191 20.99 87.21 -34.30
N ASP D 192 20.77 85.93 -34.61
CA ASP D 192 21.82 84.90 -34.48
C ASP D 192 21.82 83.98 -35.69
N VAL D 193 21.67 84.55 -36.88
CA VAL D 193 21.72 83.73 -38.10
C VAL D 193 23.10 83.10 -38.24
N ARG D 194 24.14 83.88 -38.00
CA ARG D 194 25.49 83.38 -38.13
C ARG D 194 25.75 82.34 -37.05
N ARG D 195 25.22 82.54 -35.84
CA ARG D 195 25.40 81.57 -34.77
C ARG D 195 24.48 80.37 -34.94
N LYS D 196 23.26 80.57 -35.43
CA LYS D 196 22.36 79.44 -35.68
C LYS D 196 22.95 78.51 -36.74
N VAL D 197 23.42 79.08 -37.85
CA VAL D 197 24.04 78.23 -38.87
C VAL D 197 25.43 77.77 -38.46
N ARG D 198 26.06 78.43 -37.49
CA ARG D 198 27.26 77.87 -36.88
C ARG D 198 26.92 76.61 -36.10
N GLU D 199 25.81 76.63 -35.36
CA GLU D 199 25.35 75.41 -34.70
C GLU D 199 25.03 74.33 -35.72
N GLY D 200 24.37 74.71 -36.82
CA GLY D 200 24.05 73.73 -37.85
C GLY D 200 25.29 73.14 -38.50
N ALA D 201 26.25 74.00 -38.84
CA ALA D 201 27.49 73.52 -39.47
C ALA D 201 28.33 72.72 -38.50
N GLU D 202 28.33 73.09 -37.21
CA GLU D 202 29.02 72.27 -36.22
C GLU D 202 28.32 70.93 -36.03
N ARG D 203 26.99 70.90 -36.13
CA ARG D 203 26.28 69.63 -36.09
C ARG D 203 26.68 68.75 -37.27
N GLU D 204 26.74 69.34 -38.47
CA GLU D 204 27.18 68.57 -39.64
C GLU D 204 28.61 68.10 -39.48
N MET D 205 29.49 68.97 -39.01
CA MET D 205 30.90 68.63 -38.85
C MET D 205 31.09 67.54 -37.79
N LYS D 206 30.38 67.63 -36.67
CA LYS D 206 30.45 66.61 -35.65
C LYS D 206 29.85 65.30 -36.14
N GLN D 207 28.76 65.37 -36.91
CA GLN D 207 28.18 64.15 -37.48
C GLN D 207 29.18 63.47 -38.39
N LEU D 208 29.84 64.23 -39.26
CA LEU D 208 30.81 63.64 -40.17
C LEU D 208 32.03 63.13 -39.41
N ARG D 209 32.49 63.88 -38.40
CA ARG D 209 33.61 63.40 -37.58
C ARG D 209 33.28 62.07 -36.94
N ASP D 210 32.13 62.00 -36.24
CA ASP D 210 31.77 60.79 -35.52
C ASP D 210 31.49 59.63 -36.46
N ARG D 211 30.85 59.91 -37.61
CA ARG D 211 30.53 58.85 -38.55
C ARG D 211 31.79 58.33 -39.24
N ALA D 212 32.71 59.23 -39.61
CA ALA D 212 33.98 58.81 -40.17
C ALA D 212 34.78 57.99 -39.16
N GLN D 213 34.80 58.43 -37.90
CA GLN D 213 35.46 57.65 -36.86
C GLN D 213 34.79 56.29 -36.71
N ARG D 214 33.46 56.25 -36.74
CA ARG D 214 32.74 55.00 -36.59
C ARG D 214 33.09 54.03 -37.71
N GLU D 215 33.12 54.51 -38.95
CA GLU D 215 33.38 53.60 -40.07
C GLU D 215 34.85 53.20 -40.17
N ILE D 216 35.79 54.11 -39.86
CA ILE D 216 37.19 53.68 -39.85
C ILE D 216 37.45 52.70 -38.72
N ASP D 217 36.79 52.90 -37.57
CA ASP D 217 36.89 51.92 -36.50
C ASP D 217 36.22 50.60 -36.88
N ARG D 218 35.15 50.66 -37.67
CA ARG D 218 34.55 49.45 -38.20
C ARG D 218 35.53 48.69 -39.08
N LEU D 219 36.21 49.40 -39.97
CA LEU D 219 37.21 48.76 -40.81
C LEU D 219 38.38 48.24 -39.99
N ASP D 220 38.78 48.97 -38.95
CA ASP D 220 39.84 48.49 -38.06
C ASP D 220 39.42 47.21 -37.35
N GLU D 221 38.18 47.16 -36.86
CA GLU D 221 37.67 45.97 -36.21
C GLU D 221 37.66 44.80 -37.17
N VAL D 222 37.17 45.02 -38.40
CA VAL D 222 37.13 43.96 -39.40
C VAL D 222 38.55 43.49 -39.70
N TRP D 223 39.48 44.44 -39.86
CA TRP D 223 40.87 44.09 -40.17
C TRP D 223 41.51 43.26 -39.06
N ASN D 224 41.41 43.72 -37.82
CA ASN D 224 42.09 43.00 -36.73
C ASN D 224 41.39 41.68 -36.43
N ARG D 225 40.08 41.59 -36.71
CA ARG D 225 39.36 40.35 -36.52
C ARG D 225 39.85 39.35 -37.54
N PHE D 226 40.04 39.79 -38.77
CA PHE D 226 40.59 38.90 -39.78
C PHE D 226 42.02 38.50 -39.43
N LYS D 227 42.80 39.44 -38.89
CA LYS D 227 44.16 39.13 -38.49
C LYS D 227 44.20 38.04 -37.43
N ASN D 228 43.31 38.13 -36.44
CA ASN D 228 43.17 37.12 -35.39
C ASN D 228 41.88 36.35 -35.70
N LEU D 229 41.99 35.34 -36.56
CA LEU D 229 40.85 34.54 -36.99
C LEU D 229 41.28 33.09 -37.02
N LYS D 230 40.67 32.29 -36.16
CA LYS D 230 41.04 30.89 -36.07
C LYS D 230 39.82 30.03 -36.05
N VAL D 231 40.00 28.75 -36.32
CA VAL D 231 38.90 27.80 -36.24
C VAL D 231 38.36 27.81 -34.81
N GLN D 232 37.10 27.41 -34.65
CA GLN D 232 36.39 27.49 -33.38
C GLN D 232 36.38 28.92 -32.85
N ASP D 233 36.03 29.86 -33.73
CA ASP D 233 35.84 31.26 -33.36
C ASP D 233 34.47 31.70 -33.83
N LEU D 234 33.71 32.33 -32.94
CA LEU D 234 32.29 32.61 -33.16
C LEU D 234 32.08 34.08 -33.43
N GLU D 235 31.39 34.39 -34.53
CA GLU D 235 30.93 35.76 -34.81
C GLU D 235 29.48 35.86 -34.37
N GLY D 236 29.26 36.38 -33.16
CA GLY D 236 27.90 36.51 -32.66
C GLY D 236 27.07 37.45 -33.51
N ASP D 237 27.64 38.59 -33.90
CA ASP D 237 26.93 39.59 -34.69
C ASP D 237 27.05 39.25 -36.17
N GLU D 238 25.90 39.14 -36.84
CA GLU D 238 25.89 38.76 -38.25
C GLU D 238 26.34 39.90 -39.16
N LEU D 239 26.12 41.15 -38.76
CA LEU D 239 26.56 42.28 -39.57
C LEU D 239 28.08 42.29 -39.72
N LEU D 240 28.79 42.05 -38.62
CA LEU D 240 30.25 42.03 -38.67
C LEU D 240 30.74 40.86 -39.53
N TYR D 241 30.08 39.70 -39.44
CA TYR D 241 30.44 38.58 -40.29
C TYR D 241 30.21 38.92 -41.76
N ARG D 242 29.14 39.65 -42.05
CA ARG D 242 28.89 40.05 -43.43
C ARG D 242 30.00 40.98 -43.89
N GLU D 243 30.42 41.91 -43.04
CA GLU D 243 31.52 42.81 -43.38
C GLU D 243 32.78 42.01 -43.68
N LEU D 244 33.10 41.04 -42.82
CA LEU D 244 34.30 40.23 -43.02
C LEU D 244 34.24 39.45 -44.33
N ARG D 245 33.10 38.82 -44.60
CA ARG D 245 32.97 38.03 -45.82
C ARG D 245 33.09 38.92 -47.05
N ASP D 246 32.50 40.11 -47.02
CA ASP D 246 32.61 41.02 -48.15
C ASP D 246 34.05 41.48 -48.33
N ARG D 247 34.76 41.72 -47.22
CA ARG D 247 36.07 42.37 -47.31
C ARG D 247 37.17 41.36 -47.64
N PHE D 248 37.39 40.41 -46.72
CA PHE D 248 38.49 39.45 -46.88
C PHE D 248 38.03 38.02 -47.05
N GLY D 249 36.99 37.78 -47.86
CA GLY D 249 36.59 36.43 -48.16
C GLY D 249 37.70 35.68 -48.87
N THR D 250 37.43 34.41 -49.16
CA THR D 250 38.29 33.50 -49.92
C THR D 250 39.46 32.98 -49.09
N TYR D 251 39.67 33.47 -47.87
CA TYR D 251 40.72 32.98 -46.99
C TYR D 251 40.20 32.10 -45.86
N PHE D 252 39.01 32.40 -45.34
CA PHE D 252 38.38 31.62 -44.29
C PHE D 252 37.03 31.13 -44.76
N ASP D 253 36.56 30.05 -44.13
CA ASP D 253 35.26 29.48 -44.40
C ASP D 253 34.48 29.41 -43.10
N GLY D 254 33.22 29.88 -43.12
CA GLY D 254 32.38 29.89 -41.95
C GLY D 254 31.07 29.17 -42.20
N SER D 255 30.35 28.92 -41.11
CA SER D 255 29.07 28.22 -41.20
C SER D 255 28.31 28.41 -39.89
N MET D 256 27.06 27.95 -39.90
CA MET D 256 26.20 27.88 -38.73
C MET D 256 25.67 26.47 -38.56
N GLY D 257 25.28 26.15 -37.34
CA GLY D 257 24.62 24.89 -37.08
C GLY D 257 25.55 23.69 -37.16
N ALA D 258 24.93 22.52 -37.28
CA ALA D 258 25.67 21.27 -37.23
C ALA D 258 26.51 21.01 -38.48
N ALA D 259 26.34 21.79 -39.54
CA ALA D 259 27.21 21.64 -40.70
C ALA D 259 28.65 22.01 -40.35
N ALA D 260 28.83 23.08 -39.58
CA ALA D 260 30.16 23.47 -39.14
C ALA D 260 30.78 22.37 -38.29
N LEU D 261 30.01 21.80 -37.37
CA LEU D 261 30.53 20.72 -36.54
C LEU D 261 30.90 19.51 -37.39
N GLN D 262 30.07 19.17 -38.37
CA GLN D 262 30.39 18.05 -39.24
C GLN D 262 31.70 18.29 -39.98
N LYS D 263 31.88 19.51 -40.50
CA LYS D 263 33.12 19.83 -41.20
C LYS D 263 34.33 19.72 -40.28
N ARG D 264 34.20 20.20 -39.04
CA ARG D 264 35.32 20.12 -38.10
C ARG D 264 35.63 18.66 -37.76
N LEU D 265 34.61 17.89 -37.35
CA LEU D 265 34.83 16.49 -37.02
C LEU D 265 35.38 15.70 -38.19
N GLU D 266 35.10 16.12 -39.43
CA GLU D 266 35.71 15.44 -40.56
C GLU D 266 37.17 15.84 -40.74
N SER D 267 37.45 17.15 -40.74
CA SER D 267 38.82 17.61 -40.97
C SER D 267 39.70 17.33 -39.76
N PHE D 268 39.20 17.62 -38.56
CA PHE D 268 39.99 17.50 -37.35
C PHE D 268 40.48 16.07 -37.15
N ASP D 269 41.78 15.92 -36.92
CA ASP D 269 42.38 14.61 -36.64
C ASP D 269 42.80 14.55 -35.18
N LEU D 270 42.70 13.35 -34.60
CA LEU D 270 42.78 13.18 -33.15
C LEU D 270 44.17 12.89 -32.64
N ASP D 271 45.07 12.39 -33.49
CA ASP D 271 46.40 12.02 -33.01
C ASP D 271 47.13 13.23 -32.41
N GLU D 272 47.17 14.33 -33.15
CA GLU D 272 47.89 15.51 -32.67
C GLU D 272 47.25 16.09 -31.41
N GLU D 273 45.91 16.06 -31.34
CA GLU D 273 45.22 16.56 -30.16
C GLU D 273 45.58 15.72 -28.94
N ALA D 274 45.58 14.40 -29.09
CA ALA D 274 45.99 13.52 -27.99
C ALA D 274 47.43 13.81 -27.60
N GLU D 275 48.30 14.08 -28.58
CA GLU D 275 49.68 14.40 -28.28
C GLU D 275 49.78 15.65 -27.41
N ARG D 276 49.12 16.74 -27.80
CA ARG D 276 49.23 17.96 -26.99
C ARG D 276 48.61 17.75 -25.62
N LEU D 277 47.52 16.97 -25.55
CA LEU D 277 46.89 16.73 -24.26
C LEU D 277 47.82 15.95 -23.33
N ARG D 278 48.55 14.98 -23.89
CA ARG D 278 49.54 14.25 -23.11
C ARG D 278 50.66 15.19 -22.66
N GLU D 279 51.09 16.10 -23.52
CA GLU D 279 52.11 17.06 -23.13
C GLU D 279 51.64 17.91 -21.96
N ILE D 280 50.43 18.46 -22.05
CA ILE D 280 49.96 19.38 -21.01
C ILE D 280 49.68 18.64 -19.71
N ILE D 281 49.10 17.44 -19.78
CA ILE D 281 48.86 16.68 -18.56
C ILE D 281 50.17 16.28 -17.92
N ARG D 282 51.21 16.01 -18.72
CA ARG D 282 52.51 15.69 -18.13
C ARG D 282 53.05 16.88 -17.35
N THR D 283 52.84 18.10 -17.86
CA THR D 283 53.32 19.33 -17.22
C THR D 283 52.12 20.28 -17.10
N GLY D 284 51.36 20.15 -16.02
CA GLY D 284 50.17 20.96 -15.82
C GLY D 284 50.01 21.34 -14.37
N LYS D 285 49.29 22.43 -14.14
CA LYS D 285 49.10 23.00 -12.82
C LYS D 285 47.61 23.20 -12.55
N GLY D 286 47.16 22.69 -11.41
CA GLY D 286 45.82 23.00 -10.93
C GLY D 286 44.72 22.55 -11.89
N GLN D 287 43.74 23.43 -12.09
CA GLN D 287 42.53 23.07 -12.82
C GLN D 287 42.83 22.70 -14.26
N LYS D 288 43.86 23.32 -14.85
CA LYS D 288 44.15 23.08 -16.27
C LYS D 288 44.48 21.62 -16.52
N LYS D 289 45.25 21.00 -15.61
CA LYS D 289 45.59 19.60 -15.77
C LYS D 289 44.35 18.71 -15.68
N THR D 290 43.46 19.01 -14.74
CA THR D 290 42.23 18.23 -14.60
C THR D 290 41.38 18.33 -15.86
N ARG D 291 41.23 19.54 -16.40
CA ARG D 291 40.47 19.70 -17.62
C ARG D 291 41.14 18.95 -18.78
N ALA D 292 42.47 19.02 -18.84
CA ALA D 292 43.19 18.35 -19.91
C ALA D 292 42.96 16.84 -19.87
N LEU D 293 43.04 16.24 -18.68
CA LEU D 293 42.82 14.79 -18.61
C LEU D 293 41.34 14.44 -18.85
N LYS D 294 40.42 15.29 -18.41
CA LYS D 294 39.00 15.04 -18.69
C LYS D 294 38.76 15.00 -20.19
N ARG D 295 39.30 15.97 -20.93
CA ARG D 295 39.15 15.95 -22.38
C ARG D 295 39.92 14.80 -23.01
N LEU D 296 41.08 14.45 -22.44
CA LEU D 296 41.87 13.35 -22.97
C LEU D 296 41.11 12.03 -22.88
N LYS D 297 40.26 11.87 -21.87
CA LYS D 297 39.45 10.66 -21.79
C LYS D 297 38.65 10.46 -23.06
N VAL D 298 37.90 11.48 -23.49
CA VAL D 298 37.06 11.36 -24.68
C VAL D 298 37.92 11.26 -25.93
N VAL D 299 38.98 12.07 -26.01
CA VAL D 299 39.82 12.06 -27.20
C VAL D 299 40.44 10.68 -27.40
N SER D 300 40.95 10.08 -26.32
CA SER D 300 41.51 8.74 -26.42
C SER D 300 40.44 7.71 -26.73
N ALA D 301 39.24 7.89 -26.17
CA ALA D 301 38.14 6.98 -26.47
C ALA D 301 37.88 6.92 -27.96
N PHE D 302 37.86 8.09 -28.61
CA PHE D 302 37.64 8.12 -30.05
C PHE D 302 38.89 7.67 -30.82
N LEU D 303 40.08 7.96 -30.30
CA LEU D 303 41.30 7.67 -31.03
C LEU D 303 41.57 6.17 -31.10
N GLN D 304 41.47 5.47 -29.96
CA GLN D 304 41.83 4.07 -29.92
C GLN D 304 40.89 3.23 -30.78
N THR D 305 39.60 3.54 -30.75
CA THR D 305 38.61 2.74 -31.44
C THR D 305 38.46 3.17 -32.90
N SER D 306 37.88 2.28 -33.70
CA SER D 306 37.67 2.55 -35.12
C SER D 306 36.47 3.43 -35.37
N ASN D 307 35.51 3.46 -34.44
CA ASN D 307 34.32 4.30 -34.63
C ASN D 307 34.74 5.76 -34.71
N SER D 308 34.37 6.42 -35.80
CA SER D 308 34.77 7.79 -36.03
C SER D 308 33.86 8.75 -35.29
N PRO D 309 34.35 9.96 -34.97
CA PRO D 309 33.48 10.94 -34.30
C PRO D 309 32.41 11.52 -35.20
N LYS D 310 32.50 11.31 -36.52
CA LYS D 310 31.51 11.87 -37.44
C LYS D 310 30.11 11.34 -37.17
N GLY D 311 29.97 10.21 -36.48
CA GLY D 311 28.67 9.72 -36.10
C GLY D 311 27.94 10.61 -35.12
N MET D 312 28.61 11.62 -34.56
CA MET D 312 28.00 12.51 -33.59
C MET D 312 27.11 13.56 -34.23
N VAL D 313 27.14 13.70 -35.55
CA VAL D 313 26.25 14.57 -36.30
C VAL D 313 25.46 13.70 -37.27
N LEU D 314 24.15 13.95 -37.34
CA LEU D 314 23.22 13.05 -38.01
C LEU D 314 22.71 13.65 -39.31
N ASP D 315 22.70 12.85 -40.37
CA ASP D 315 22.07 13.19 -41.63
C ASP D 315 20.89 12.31 -41.97
N CYS D 316 20.79 11.12 -41.36
CA CYS D 316 19.64 10.23 -41.50
C CYS D 316 19.15 9.86 -40.11
N VAL D 317 17.84 9.77 -39.95
CA VAL D 317 17.21 9.40 -38.69
C VAL D 317 16.45 8.09 -38.93
N PRO D 318 16.74 7.02 -38.18
CA PRO D 318 15.97 5.79 -38.34
C PRO D 318 14.63 5.87 -37.64
N VAL D 319 13.66 5.12 -38.16
CA VAL D 319 12.30 5.07 -37.62
C VAL D 319 12.07 3.70 -37.02
N ILE D 320 11.64 3.68 -35.76
CA ILE D 320 11.41 2.44 -35.02
C ILE D 320 10.29 1.68 -35.72
N PRO D 321 10.30 0.34 -35.73
CA PRO D 321 9.26 -0.38 -36.45
C PRO D 321 7.89 -0.02 -35.94
N PRO D 322 6.88 0.00 -36.82
CA PRO D 322 5.57 0.56 -36.42
C PRO D 322 4.91 -0.18 -35.27
N ASP D 323 5.03 -1.50 -35.20
CA ASP D 323 4.35 -2.26 -34.15
C ASP D 323 4.88 -1.94 -32.77
N LEU D 324 6.07 -1.36 -32.65
CA LEU D 324 6.58 -0.89 -31.38
C LEU D 324 6.02 0.47 -31.00
N ARG D 325 5.33 1.15 -31.93
CA ARG D 325 4.68 2.43 -31.67
C ARG D 325 3.31 2.40 -32.34
N PRO D 326 2.41 1.55 -31.86
CA PRO D 326 1.17 1.30 -32.59
C PRO D 326 0.10 2.34 -32.29
N MET D 327 -0.83 2.47 -33.23
CA MET D 327 -2.05 3.23 -33.06
C MET D 327 -3.23 2.30 -33.27
N VAL D 328 -4.20 2.35 -32.36
CA VAL D 328 -5.29 1.38 -32.33
C VAL D 328 -6.62 2.12 -32.19
N GLN D 329 -7.65 1.59 -32.84
CA GLN D 329 -9.00 2.16 -32.79
C GLN D 329 -9.61 1.98 -31.41
N LEU D 330 -9.81 3.08 -30.70
CA LEU D 330 -10.56 3.09 -29.45
C LEU D 330 -12.03 3.34 -29.72
N ASP D 331 -12.87 2.69 -28.93
CA ASP D 331 -14.32 2.77 -29.13
C ASP D 331 -14.78 4.21 -29.08
N GLY D 332 -15.78 4.52 -29.90
CA GLY D 332 -16.22 5.88 -30.09
C GLY D 332 -15.62 6.56 -31.30
N GLY D 333 -14.97 5.83 -32.19
CA GLY D 333 -14.33 6.42 -33.35
C GLY D 333 -13.02 7.11 -33.05
N ARG D 334 -12.34 6.73 -31.96
CA ARG D 334 -11.11 7.41 -31.55
C ARG D 334 -9.91 6.55 -31.90
N PHE D 335 -8.73 7.11 -31.68
CA PHE D 335 -7.47 6.42 -31.93
C PHE D 335 -6.51 6.71 -30.78
N ALA D 336 -5.93 5.65 -30.22
CA ALA D 336 -4.88 5.75 -29.22
C ALA D 336 -3.56 5.42 -29.90
N THR D 337 -2.65 6.40 -29.95
CA THR D 337 -1.40 6.28 -30.69
C THR D 337 -0.22 6.62 -29.80
N SER D 338 0.94 6.09 -30.17
CA SER D 338 2.16 6.35 -29.43
C SER D 338 2.65 7.78 -29.68
N ASP D 339 3.31 8.35 -28.66
CA ASP D 339 3.86 9.69 -28.78
C ASP D 339 4.96 9.74 -29.83
N LEU D 340 5.67 8.62 -30.02
CA LEU D 340 6.70 8.57 -31.04
C LEU D 340 6.16 8.94 -32.40
N ASN D 341 4.90 8.58 -32.69
CA ASN D 341 4.30 8.96 -33.95
C ASN D 341 4.22 10.48 -34.07
N ASP D 342 3.82 11.16 -33.00
CA ASP D 342 3.76 12.61 -33.04
C ASP D 342 5.13 13.23 -33.27
N LEU D 343 6.15 12.70 -32.57
CA LEU D 343 7.49 13.28 -32.74
C LEU D 343 8.04 13.01 -34.15
N TYR D 344 7.82 11.81 -34.67
CA TYR D 344 8.23 11.51 -36.04
C TYR D 344 7.50 12.41 -37.03
N ARG D 345 6.22 12.68 -36.78
CA ARG D 345 5.47 13.58 -37.65
C ARG D 345 6.07 14.98 -37.61
N ARG D 346 6.45 15.46 -36.42
CA ARG D 346 7.07 16.79 -36.34
C ARG D 346 8.35 16.84 -37.16
N VAL D 347 9.22 15.84 -37.00
CA VAL D 347 10.50 15.91 -37.69
C VAL D 347 10.30 15.79 -39.19
N ILE D 348 9.37 14.95 -39.64
CA ILE D 348 9.14 14.81 -41.08
C ILE D 348 8.52 16.08 -41.64
N ASN D 349 7.58 16.69 -40.90
CA ASN D 349 7.01 17.96 -41.32
C ASN D 349 8.09 18.99 -41.55
N ARG D 350 8.97 19.17 -40.56
CA ARG D 350 9.97 20.22 -40.67
C ARG D 350 11.04 19.88 -41.71
N ASN D 351 11.37 18.60 -41.87
CA ASN D 351 12.30 18.20 -42.93
C ASN D 351 11.74 18.52 -44.31
N ASN D 352 10.46 18.19 -44.54
CA ASN D 352 9.86 18.46 -45.84
C ASN D 352 9.73 19.95 -46.09
N ARG D 353 9.35 20.73 -45.06
CA ARG D 353 9.28 22.17 -45.24
C ARG D 353 10.66 22.75 -45.54
N LEU D 354 11.70 22.22 -44.89
CA LEU D 354 13.06 22.66 -45.19
C LEU D 354 13.43 22.34 -46.63
N LYS D 355 13.07 21.15 -47.11
CA LYS D 355 13.38 20.80 -48.48
C LYS D 355 12.69 21.75 -49.45
N ARG D 356 11.43 22.07 -49.18
CA ARG D 356 10.72 23.07 -50.00
C ARG D 356 11.46 24.40 -49.99
N LEU D 357 11.79 24.90 -48.79
CA LEU D 357 12.46 26.19 -48.68
C LEU D 357 13.77 26.20 -49.45
N LEU D 358 14.52 25.10 -49.39
CA LEU D 358 15.75 24.99 -50.17
C LEU D 358 15.45 25.06 -51.66
N ASP D 359 14.39 24.38 -52.10
CA ASP D 359 14.07 24.37 -53.52
C ASP D 359 13.74 25.77 -54.03
N LEU D 360 12.98 26.54 -53.26
CA LEU D 360 12.60 27.89 -53.65
C LEU D 360 13.74 28.90 -53.53
N GLY D 361 14.87 28.51 -52.97
CA GLY D 361 15.94 29.47 -52.74
C GLY D 361 15.54 30.57 -51.79
N ALA D 362 14.89 30.22 -50.68
CA ALA D 362 14.39 31.20 -49.75
C ALA D 362 15.56 31.92 -49.09
N PRO D 363 15.31 33.11 -48.51
CA PRO D 363 16.39 33.86 -47.88
C PRO D 363 17.08 33.06 -46.78
N GLU D 364 18.20 33.62 -46.30
CA GLU D 364 18.97 32.95 -45.26
C GLU D 364 18.18 32.82 -43.97
N ILE D 365 17.40 33.85 -43.63
CA ILE D 365 16.70 33.86 -42.33
C ILE D 365 15.70 32.71 -42.26
N ILE D 366 14.91 32.53 -43.32
CA ILE D 366 13.85 31.52 -43.28
C ILE D 366 14.45 30.12 -43.22
N VAL D 367 15.47 29.87 -44.04
CA VAL D 367 16.11 28.55 -44.03
C VAL D 367 16.79 28.30 -42.69
N ASN D 368 17.40 29.34 -42.10
CA ASN D 368 18.01 29.18 -40.78
C ASN D 368 16.97 28.84 -39.73
N ASN D 369 15.83 29.52 -39.76
CA ASN D 369 14.77 29.24 -38.79
C ASN D 369 14.27 27.81 -38.95
N GLU D 370 14.09 27.37 -40.20
CA GLU D 370 13.60 26.01 -40.42
C GLU D 370 14.63 24.99 -39.99
N LYS D 371 15.92 25.24 -40.23
CA LYS D 371 16.96 24.30 -39.82
C LYS D 371 17.04 24.22 -38.29
N ARG D 372 16.93 25.37 -37.62
CA ARG D 372 16.90 25.37 -36.16
C ARG D 372 15.70 24.58 -35.66
N MET D 373 14.53 24.76 -36.28
CA MET D 373 13.34 24.03 -35.86
C MET D 373 13.50 22.53 -36.09
N LEU D 374 14.12 22.13 -37.20
CA LEU D 374 14.38 20.71 -37.43
C LEU D 374 15.32 20.15 -36.37
N GLN D 375 16.34 20.93 -36.00
CA GLN D 375 17.24 20.51 -34.93
C GLN D 375 16.47 20.28 -33.63
N GLU D 376 15.65 21.26 -33.24
CA GLU D 376 14.87 21.11 -32.02
C GLU D 376 13.90 19.94 -32.11
N ALA D 377 13.37 19.67 -33.30
CA ALA D 377 12.45 18.56 -33.46
C ALA D 377 13.15 17.21 -33.25
N VAL D 378 14.32 17.04 -33.86
CA VAL D 378 15.05 15.79 -33.62
C VAL D 378 15.48 15.71 -32.17
N ASP D 379 15.82 16.84 -31.54
CA ASP D 379 16.16 16.84 -30.13
C ASP D 379 15.00 16.35 -29.28
N ALA D 380 13.78 16.81 -29.58
CA ALA D 380 12.62 16.33 -28.86
C ALA D 380 12.35 14.87 -29.15
N LEU D 381 12.63 14.43 -30.38
CA LEU D 381 12.46 13.02 -30.72
C LEU D 381 13.37 12.14 -29.88
N PHE D 382 14.60 12.58 -29.65
CA PHE D 382 15.55 11.77 -28.90
C PHE D 382 15.44 11.96 -27.39
N ASP D 383 15.24 13.20 -26.93
CA ASP D 383 15.05 13.47 -25.50
C ASP D 383 14.20 14.73 -25.40
N ASN D 384 12.96 14.60 -24.94
CA ASN D 384 12.04 15.74 -24.96
C ASN D 384 12.43 16.81 -23.94
N GLY D 385 13.04 16.42 -22.84
CA GLY D 385 13.19 17.33 -21.71
C GLY D 385 14.54 17.99 -21.54
N ARG D 386 15.54 17.63 -22.34
CA ARG D 386 16.89 18.13 -22.10
C ARG D 386 16.96 19.65 -22.25
N ARG D 387 16.47 20.18 -23.36
CA ARG D 387 16.57 21.60 -23.67
C ARG D 387 15.19 22.20 -23.88
N GLY D 388 15.01 23.41 -23.38
CA GLY D 388 13.78 24.15 -23.61
C GLY D 388 12.60 23.51 -22.89
N ARG D 389 11.42 23.93 -23.32
CA ARG D 389 10.19 23.34 -22.79
C ARG D 389 9.91 22.02 -23.50
N PRO D 390 9.27 21.06 -22.82
CA PRO D 390 8.91 19.82 -23.48
C PRO D 390 7.75 19.98 -24.44
N VAL D 391 7.68 19.06 -25.40
CA VAL D 391 6.59 19.01 -26.37
C VAL D 391 5.47 18.18 -25.74
N THR D 392 4.42 18.85 -25.30
CA THR D 392 3.30 18.15 -24.69
C THR D 392 2.47 17.45 -25.76
N GLY D 393 1.73 16.42 -25.33
CA GLY D 393 0.91 15.64 -26.24
C GLY D 393 -0.56 16.03 -26.13
N PRO D 394 -1.44 15.06 -25.84
CA PRO D 394 -2.88 15.42 -25.77
C PRO D 394 -3.18 16.41 -24.66
N GLY D 395 -2.79 16.09 -23.43
CA GLY D 395 -2.90 17.02 -22.32
C GLY D 395 -1.65 17.86 -22.18
N ASN D 396 -1.53 18.52 -21.04
CA ASN D 396 -0.36 19.34 -20.73
C ASN D 396 0.87 18.49 -20.41
N ARG D 397 0.71 17.19 -20.21
CA ARG D 397 1.83 16.35 -19.85
C ARG D 397 2.83 16.25 -21.01
N PRO D 398 4.12 16.07 -20.72
CA PRO D 398 5.10 15.94 -21.80
C PRO D 398 4.93 14.66 -22.61
N LEU D 399 5.42 14.72 -23.84
CA LEU D 399 5.44 13.55 -24.70
C LEU D 399 6.56 12.60 -24.29
N LYS D 400 6.51 11.39 -24.87
CA LYS D 400 7.50 10.37 -24.56
C LYS D 400 8.56 10.29 -25.62
N SER D 401 9.80 10.51 -25.22
CA SER D 401 10.94 10.47 -26.13
C SER D 401 11.49 9.05 -26.23
N LEU D 402 12.22 8.80 -27.32
CA LEU D 402 12.80 7.48 -27.53
C LEU D 402 13.75 7.08 -26.41
N SER D 403 14.39 8.05 -25.77
CA SER D 403 15.26 7.77 -24.63
C SER D 403 14.51 7.77 -23.32
N ASP D 404 13.33 8.39 -23.26
CA ASP D 404 12.47 8.27 -22.09
C ASP D 404 11.85 6.89 -21.97
N MET D 405 11.90 6.09 -23.03
CA MET D 405 11.40 4.72 -23.00
C MET D 405 12.42 3.72 -22.47
N LEU D 406 13.64 4.16 -22.18
CA LEU D 406 14.69 3.30 -21.65
C LEU D 406 15.00 3.55 -20.18
N LYS D 407 14.88 4.79 -19.72
CA LYS D 407 15.29 5.18 -18.38
C LYS D 407 14.06 5.26 -17.46
N GLY D 408 14.33 5.60 -16.20
CA GLY D 408 13.27 5.76 -15.22
C GLY D 408 12.85 4.45 -14.60
N LYS D 409 11.98 4.56 -13.59
CA LYS D 409 11.45 3.38 -12.94
C LYS D 409 10.62 2.55 -13.92
N GLN D 410 9.83 3.21 -14.75
CA GLN D 410 8.92 2.55 -15.69
C GLN D 410 9.58 2.26 -17.04
N GLY D 411 10.87 2.53 -17.19
CA GLY D 411 11.56 2.29 -18.43
C GLY D 411 11.55 0.83 -18.82
N ARG D 412 12.13 0.55 -19.98
CA ARG D 412 12.19 -0.82 -20.49
C ARG D 412 12.95 -1.72 -19.52
N PHE D 413 14.14 -1.28 -19.11
CA PHE D 413 15.00 -2.11 -18.27
C PHE D 413 14.32 -2.46 -16.95
N ARG D 414 13.80 -1.46 -16.26
CA ARG D 414 13.33 -1.62 -14.88
C ARG D 414 11.85 -1.97 -14.79
N GLN D 415 11.17 -2.22 -15.91
CA GLN D 415 9.78 -2.64 -15.86
C GLN D 415 9.46 -3.83 -16.75
N ASN D 416 10.33 -4.22 -17.69
CA ASN D 416 9.98 -5.30 -18.61
C ASN D 416 11.07 -6.35 -18.79
N LEU D 417 12.32 -6.08 -18.45
CA LEU D 417 13.40 -7.04 -18.63
C LEU D 417 13.88 -7.67 -17.33
N LEU D 418 13.74 -6.98 -16.21
CA LEU D 418 14.07 -7.54 -14.90
C LEU D 418 12.83 -8.16 -14.25
N GLY D 419 11.71 -7.45 -14.27
CA GLY D 419 10.47 -7.93 -13.68
C GLY D 419 9.34 -8.05 -14.69
N LYS D 420 8.83 -9.26 -14.87
CA LYS D 420 7.81 -9.55 -15.87
C LYS D 420 6.58 -10.16 -15.20
N ARG D 421 5.41 -9.80 -15.73
CA ARG D 421 4.20 -10.56 -15.42
C ARG D 421 4.31 -11.94 -16.06
N VAL D 422 3.81 -12.96 -15.36
CA VAL D 422 4.10 -14.35 -15.73
C VAL D 422 2.81 -15.15 -15.82
N ASP D 423 2.89 -16.23 -16.61
CA ASP D 423 1.81 -17.19 -16.77
C ASP D 423 1.78 -18.14 -15.57
N TYR D 424 0.77 -19.01 -15.55
CA TYR D 424 0.65 -20.06 -14.54
C TYR D 424 0.81 -19.51 -13.14
N SER D 425 0.20 -18.36 -12.88
CA SER D 425 0.31 -17.69 -11.59
C SER D 425 -1.08 -17.28 -11.10
N ALA D 426 -1.21 -17.20 -9.79
CA ALA D 426 -2.49 -16.86 -9.17
C ALA D 426 -2.21 -16.12 -7.87
N ARG D 427 -3.28 -15.68 -7.21
CA ARG D 427 -3.14 -15.07 -5.89
C ARG D 427 -4.49 -15.16 -5.19
N SER D 428 -4.47 -14.93 -3.88
CA SER D 428 -5.70 -14.81 -3.11
C SER D 428 -5.35 -14.44 -1.67
N VAL D 429 -6.37 -14.11 -0.88
CA VAL D 429 -6.15 -13.84 0.53
C VAL D 429 -5.61 -15.11 1.19
N ILE D 430 -4.96 -14.92 2.34
CA ILE D 430 -4.24 -15.98 3.02
C ILE D 430 -4.90 -16.23 4.36
N VAL D 431 -5.15 -17.50 4.68
CA VAL D 431 -5.73 -17.91 5.94
C VAL D 431 -4.85 -18.97 6.57
N VAL D 432 -4.99 -19.13 7.89
CA VAL D 432 -4.13 -20.02 8.66
C VAL D 432 -4.75 -21.41 8.69
N GLY D 433 -3.99 -22.40 8.22
CA GLY D 433 -4.35 -23.78 8.43
C GLY D 433 -3.47 -24.41 9.49
N PRO D 434 -3.95 -24.47 10.74
CA PRO D 434 -3.12 -25.00 11.82
C PRO D 434 -2.98 -26.51 11.82
N GLN D 435 -3.62 -27.21 10.89
CA GLN D 435 -3.51 -28.66 10.79
C GLN D 435 -2.53 -29.10 9.69
N LEU D 436 -1.79 -28.16 9.11
CA LEU D 436 -0.89 -28.46 8.01
C LEU D 436 0.47 -28.88 8.51
N LYS D 437 1.12 -29.75 7.74
CA LYS D 437 2.53 -30.02 7.97
C LYS D 437 3.36 -28.86 7.42
N LEU D 438 4.63 -28.80 7.86
CA LEU D 438 5.47 -27.65 7.52
C LEU D 438 5.61 -27.48 6.01
N HIS D 439 5.57 -28.58 5.25
CA HIS D 439 5.77 -28.56 3.81
C HIS D 439 4.46 -28.67 3.04
N GLN D 440 3.37 -28.14 3.58
CA GLN D 440 2.05 -28.26 2.98
C GLN D 440 1.36 -26.90 2.90
N CYS D 441 0.67 -26.68 1.79
CA CYS D 441 -0.18 -25.51 1.61
C CYS D 441 -1.51 -25.97 1.03
N GLY D 442 -2.59 -25.38 1.55
CA GLY D 442 -3.91 -25.60 1.01
C GLY D 442 -4.31 -24.43 0.15
N LEU D 443 -4.60 -24.70 -1.12
CA LEU D 443 -4.89 -23.68 -2.10
C LEU D 443 -6.33 -23.83 -2.61
N PRO D 444 -7.06 -22.72 -2.85
CA PRO D 444 -8.48 -22.85 -3.24
C PRO D 444 -8.70 -23.74 -4.45
N LYS D 445 -9.95 -24.16 -4.63
CA LYS D 445 -10.25 -25.15 -5.67
C LYS D 445 -10.20 -24.53 -7.07
N ALA D 446 -10.82 -23.36 -7.23
CA ALA D 446 -10.81 -22.70 -8.54
C ALA D 446 -9.39 -22.30 -8.94
N MET D 447 -8.61 -21.81 -7.99
CA MET D 447 -7.22 -21.44 -8.27
C MET D 447 -6.42 -22.65 -8.75
N ALA D 448 -6.52 -23.77 -8.03
CA ALA D 448 -5.82 -24.98 -8.45
C ALA D 448 -6.29 -25.44 -9.81
N LEU D 449 -7.60 -25.33 -10.08
CA LEU D 449 -8.11 -25.72 -11.39
C LEU D 449 -7.52 -24.86 -12.49
N GLU D 450 -7.43 -23.55 -12.27
CA GLU D 450 -6.92 -22.64 -13.29
C GLU D 450 -5.43 -22.85 -13.53
N LEU D 451 -4.64 -22.94 -12.45
CA LEU D 451 -3.19 -23.04 -12.60
C LEU D 451 -2.80 -24.31 -13.34
N PHE D 452 -3.45 -25.43 -13.03
CA PHE D 452 -3.04 -26.75 -13.51
C PHE D 452 -3.83 -27.19 -14.74
N LYS D 453 -4.48 -26.26 -15.45
CA LYS D 453 -5.41 -26.61 -16.53
C LYS D 453 -4.82 -27.61 -17.52
N PRO D 454 -3.70 -27.30 -18.20
CA PRO D 454 -3.23 -28.21 -19.25
C PRO D 454 -2.93 -29.61 -18.74
N PHE D 455 -2.38 -29.72 -17.52
CA PHE D 455 -2.17 -31.04 -16.94
C PHE D 455 -3.49 -31.75 -16.72
N VAL D 456 -4.51 -31.01 -16.29
CA VAL D 456 -5.83 -31.60 -16.05
C VAL D 456 -6.41 -32.12 -17.36
N MET D 457 -6.28 -31.35 -18.45
CA MET D 457 -6.79 -31.83 -19.74
C MET D 457 -6.02 -33.06 -20.20
N LYS D 458 -4.70 -33.06 -20.04
CA LYS D 458 -3.91 -34.22 -20.44
C LYS D 458 -4.35 -35.46 -19.65
N ARG D 459 -4.52 -35.32 -18.34
CA ARG D 459 -4.91 -36.46 -17.53
C ARG D 459 -6.33 -36.93 -17.87
N LEU D 460 -7.24 -35.98 -18.12
CA LEU D 460 -8.60 -36.36 -18.50
C LEU D 460 -8.60 -37.15 -19.81
N VAL D 461 -7.81 -36.71 -20.79
CA VAL D 461 -7.75 -37.43 -22.05
C VAL D 461 -7.10 -38.81 -21.86
N ASP D 462 -6.02 -38.87 -21.07
CA ASP D 462 -5.32 -40.14 -20.88
C ASP D 462 -6.18 -41.13 -20.09
N LEU D 463 -6.91 -40.64 -19.09
CA LEU D 463 -7.80 -41.48 -18.29
C LEU D 463 -9.10 -41.82 -19.01
N ASN D 464 -9.25 -41.43 -20.28
CA ASN D 464 -10.39 -41.74 -21.13
C ASN D 464 -11.66 -41.04 -20.69
N HIS D 465 -11.56 -40.05 -19.80
CA HIS D 465 -12.72 -39.21 -19.49
C HIS D 465 -13.14 -38.35 -20.67
N ALA D 466 -12.28 -38.18 -21.66
CA ALA D 466 -12.60 -37.43 -22.86
C ALA D 466 -11.95 -38.12 -24.05
N GLN D 467 -12.53 -37.90 -25.23
CA GLN D 467 -12.00 -38.46 -26.46
C GLN D 467 -11.03 -37.51 -27.17
N ASN D 468 -11.04 -36.22 -26.83
CA ASN D 468 -10.19 -35.26 -27.48
C ASN D 468 -9.86 -34.13 -26.51
N ILE D 469 -8.81 -33.38 -26.84
CA ILE D 469 -8.34 -32.33 -25.94
C ILE D 469 -9.36 -31.20 -25.85
N LYS D 470 -10.01 -30.86 -26.96
CA LYS D 470 -10.98 -29.78 -26.95
C LYS D 470 -12.17 -30.13 -26.07
N SER D 471 -12.63 -31.38 -26.11
CA SER D 471 -13.71 -31.81 -25.23
C SER D 471 -13.28 -31.72 -23.77
N ALA D 472 -12.02 -32.08 -23.49
CA ALA D 472 -11.50 -31.94 -22.14
C ALA D 472 -11.52 -30.48 -21.69
N LYS D 473 -11.12 -29.57 -22.58
CA LYS D 473 -11.18 -28.14 -22.26
C LYS D 473 -12.61 -27.69 -22.00
N ARG D 474 -13.55 -28.15 -22.82
CA ARG D 474 -14.95 -27.80 -22.63
C ARG D 474 -15.45 -28.24 -21.25
N MET D 475 -15.16 -29.49 -20.89
CA MET D 475 -15.63 -30.01 -19.62
C MET D 475 -14.95 -29.32 -18.45
N VAL D 476 -13.66 -29.02 -18.59
CA VAL D 476 -12.95 -28.30 -17.54
C VAL D 476 -13.58 -26.93 -17.33
N GLU D 477 -13.92 -26.24 -18.41
CA GLU D 477 -14.65 -24.99 -18.28
C GLU D 477 -16.00 -25.21 -17.61
N ARG D 478 -16.66 -26.33 -17.90
CA ARG D 478 -17.95 -26.62 -17.28
C ARG D 478 -17.81 -27.02 -15.81
N GLY D 479 -16.61 -27.35 -15.36
CA GLY D 479 -16.41 -27.66 -13.95
C GLY D 479 -17.09 -28.94 -13.50
N ARG D 480 -16.91 -30.02 -14.26
CA ARG D 480 -17.51 -31.29 -13.89
C ARG D 480 -16.82 -31.87 -12.65
N THR D 481 -17.41 -32.94 -12.11
CA THR D 481 -16.86 -33.56 -10.91
C THR D 481 -15.60 -34.37 -11.22
N VAL D 482 -15.60 -35.10 -12.35
CA VAL D 482 -14.43 -35.87 -12.73
C VAL D 482 -13.23 -34.95 -12.93
N VAL D 483 -13.48 -33.71 -13.38
CA VAL D 483 -12.40 -32.73 -13.47
C VAL D 483 -11.79 -32.49 -12.10
N TYR D 484 -12.65 -32.37 -11.07
CA TYR D 484 -12.17 -32.10 -9.72
C TYR D 484 -11.39 -33.30 -9.17
N ASP D 485 -11.86 -34.51 -9.43
CA ASP D 485 -11.11 -35.69 -9.03
C ASP D 485 -9.76 -35.76 -9.72
N VAL D 486 -9.72 -35.43 -11.02
CA VAL D 486 -8.47 -35.45 -11.76
C VAL D 486 -7.52 -34.36 -11.25
N LEU D 487 -8.05 -33.21 -10.86
CA LEU D 487 -7.20 -32.18 -10.27
C LEU D 487 -6.59 -32.67 -8.97
N GLU D 488 -7.38 -33.36 -8.14
CA GLU D 488 -6.83 -33.97 -6.94
C GLU D 488 -5.73 -34.97 -7.29
N GLU D 489 -5.93 -35.75 -8.34
CA GLU D 489 -4.92 -36.71 -8.75
C GLU D 489 -3.64 -36.00 -9.20
N VAL D 490 -3.78 -34.88 -9.90
CA VAL D 490 -2.64 -34.30 -10.62
C VAL D 490 -1.83 -33.32 -9.76
N ILE D 491 -2.46 -32.60 -8.82
CA ILE D 491 -1.69 -31.62 -8.05
C ILE D 491 -0.61 -32.29 -7.22
N ALA D 492 -0.72 -33.58 -6.94
CA ALA D 492 0.28 -34.27 -6.15
C ALA D 492 1.62 -34.27 -6.85
N GLU D 493 2.69 -34.10 -6.07
CA GLU D 493 4.07 -34.14 -6.56
C GLU D 493 4.39 -33.00 -7.52
N HIS D 494 3.68 -31.88 -7.39
CA HIS D 494 3.97 -30.69 -8.18
C HIS D 494 4.20 -29.52 -7.23
N PRO D 495 5.46 -29.27 -6.82
CA PRO D 495 5.70 -28.21 -5.85
C PRO D 495 5.21 -26.87 -6.37
N VAL D 496 4.76 -26.04 -5.43
CA VAL D 496 4.09 -24.79 -5.75
C VAL D 496 4.76 -23.68 -4.96
N LEU D 497 5.21 -22.63 -5.64
CA LEU D 497 5.99 -21.56 -5.03
C LEU D 497 5.03 -20.49 -4.53
N LEU D 498 4.88 -20.38 -3.22
CA LEU D 498 4.11 -19.32 -2.60
C LEU D 498 5.01 -18.11 -2.38
N ASN D 499 4.41 -16.93 -2.40
CA ASN D 499 5.16 -15.68 -2.40
C ASN D 499 4.29 -14.58 -1.80
N ARG D 500 4.92 -13.62 -1.15
CA ARG D 500 4.26 -12.41 -0.70
C ARG D 500 4.82 -11.20 -1.44
N ALA D 501 4.05 -10.11 -1.43
CA ALA D 501 4.37 -8.99 -2.32
C ALA D 501 5.75 -8.40 -2.04
N PRO D 502 6.02 -7.81 -0.87
CA PRO D 502 7.38 -7.31 -0.64
C PRO D 502 8.32 -8.42 -0.24
N THR D 503 9.18 -8.85 -1.17
CA THR D 503 10.11 -9.96 -0.92
C THR D 503 11.43 -9.39 -0.41
N LEU D 504 11.51 -9.28 0.92
CA LEU D 504 12.66 -8.67 1.56
C LEU D 504 13.84 -9.63 1.67
N HIS D 505 13.66 -10.91 1.38
CA HIS D 505 14.77 -11.84 1.41
C HIS D 505 14.32 -13.15 0.76
N ARG D 506 15.26 -14.10 0.67
CA ARG D 506 14.98 -15.32 -0.07
C ARG D 506 13.88 -16.15 0.59
N LEU D 507 13.75 -16.10 1.92
CA LEU D 507 12.63 -16.76 2.58
C LEU D 507 11.40 -15.86 2.52
N GLY D 508 11.07 -15.38 1.32
CA GLY D 508 9.85 -14.65 1.05
C GLY D 508 9.14 -15.27 -0.14
N ILE D 509 9.83 -16.14 -0.86
CA ILE D 509 9.23 -17.07 -1.81
C ILE D 509 9.68 -18.46 -1.38
N GLN D 510 8.72 -19.34 -1.09
CA GLN D 510 9.00 -20.67 -0.57
C GLN D 510 8.15 -21.71 -1.28
N ALA D 511 8.75 -22.87 -1.55
CA ALA D 511 8.02 -23.95 -2.21
C ALA D 511 7.31 -24.82 -1.17
N PHE D 512 6.07 -25.19 -1.49
CA PHE D 512 5.25 -26.06 -0.66
C PHE D 512 4.73 -27.21 -1.51
N GLU D 513 4.30 -28.28 -0.84
CA GLU D 513 3.58 -29.35 -1.51
C GLU D 513 2.09 -29.01 -1.52
N PRO D 514 1.44 -28.90 -2.68
CA PRO D 514 0.06 -28.43 -2.69
C PRO D 514 -0.93 -29.54 -2.38
N GLN D 515 -1.89 -29.26 -1.49
CA GLN D 515 -3.00 -30.15 -1.21
C GLN D 515 -4.28 -29.40 -1.53
N LEU D 516 -5.23 -30.12 -2.14
CA LEU D 516 -6.42 -29.49 -2.68
C LEU D 516 -7.44 -29.24 -1.58
N VAL D 517 -7.91 -27.99 -1.49
CA VAL D 517 -8.77 -27.55 -0.39
C VAL D 517 -9.91 -26.72 -0.96
N GLU D 518 -11.02 -26.71 -0.23
CA GLU D 518 -12.19 -25.92 -0.59
C GLU D 518 -11.96 -24.47 -0.16
N GLY D 519 -13.02 -23.66 -0.19
CA GLY D 519 -12.91 -22.28 0.21
C GLY D 519 -12.38 -21.39 -0.91
N LYS D 520 -12.17 -20.12 -0.56
CA LYS D 520 -11.70 -19.11 -1.49
C LYS D 520 -10.41 -18.45 -1.03
N ALA D 521 -9.72 -19.01 -0.03
CA ALA D 521 -8.50 -18.44 0.51
C ALA D 521 -7.44 -19.52 0.57
N ILE D 522 -6.18 -19.10 0.59
CA ILE D 522 -5.04 -20.00 0.61
C ILE D 522 -4.68 -20.32 2.06
N GLN D 523 -4.57 -21.61 2.37
CA GLN D 523 -4.20 -22.08 3.69
C GLN D 523 -2.69 -22.17 3.81
N ILE D 524 -2.14 -21.56 4.85
CA ILE D 524 -0.70 -21.49 5.06
C ILE D 524 -0.38 -21.93 6.48
N HIS D 525 0.86 -22.40 6.67
CA HIS D 525 1.29 -22.89 7.97
C HIS D 525 1.36 -21.73 8.96
N PRO D 526 1.10 -21.99 10.25
CA PRO D 526 1.06 -20.86 11.20
C PRO D 526 2.43 -20.25 11.49
N LEU D 527 3.51 -21.03 11.43
CA LEU D 527 4.83 -20.55 11.85
C LEU D 527 5.72 -20.16 10.69
N VAL D 528 5.22 -20.15 9.46
CA VAL D 528 5.96 -19.60 8.33
C VAL D 528 5.50 -18.16 8.09
N CYS D 529 4.83 -17.58 9.08
CA CYS D 529 4.34 -16.21 8.97
C CYS D 529 5.41 -15.17 9.26
N THR D 530 6.55 -15.57 9.82
CA THR D 530 7.66 -14.65 10.04
C THR D 530 8.58 -14.59 8.83
N ALA D 531 8.77 -15.72 8.15
CA ALA D 531 9.53 -15.69 6.90
C ALA D 531 8.85 -14.80 5.87
N PHE D 532 7.53 -14.87 5.77
CA PHE D 532 6.77 -14.03 4.85
C PHE D 532 6.37 -12.70 5.47
N ASN D 533 6.44 -12.57 6.79
CA ASN D 533 5.84 -11.43 7.51
C ASN D 533 4.33 -11.38 7.30
N ALA D 534 3.73 -12.52 7.00
CA ALA D 534 2.30 -12.54 6.67
C ALA D 534 1.37 -12.78 7.85
N ASP D 535 0.69 -11.74 8.30
CA ASP D 535 -0.31 -11.91 9.35
C ASP D 535 -1.66 -12.00 8.70
N PHE D 536 -2.62 -12.65 9.35
CA PHE D 536 -3.94 -12.87 8.76
C PHE D 536 -4.88 -11.71 9.06
N ASP D 537 -4.66 -10.58 8.40
CA ASP D 537 -5.46 -9.38 8.61
C ASP D 537 -5.92 -8.91 7.25
N GLY D 538 -6.04 -9.82 6.30
CA GLY D 538 -6.43 -9.46 4.94
C GLY D 538 -5.25 -9.50 3.99
N ASP D 539 -4.12 -10.00 4.45
CA ASP D 539 -2.94 -10.12 3.59
C ASP D 539 -3.23 -11.03 2.43
N GLN D 540 -2.45 -10.89 1.37
CA GLN D 540 -2.61 -11.74 0.20
C GLN D 540 -1.34 -12.45 -0.18
N MET D 541 -1.48 -13.61 -0.81
CA MET D 541 -0.35 -14.42 -1.21
C MET D 541 -0.49 -14.74 -2.69
N ALA D 542 0.59 -14.56 -3.43
CA ALA D 542 0.70 -14.99 -4.81
C ALA D 542 1.31 -16.38 -4.87
N VAL D 543 1.13 -17.03 -6.01
CA VAL D 543 1.47 -18.44 -6.15
C VAL D 543 1.86 -18.73 -7.59
N HIS D 544 2.91 -19.53 -7.77
CA HIS D 544 3.45 -19.86 -9.08
C HIS D 544 3.68 -21.35 -9.19
N LEU D 545 3.66 -21.86 -10.42
CA LEU D 545 3.76 -23.29 -10.70
C LEU D 545 4.96 -23.57 -11.61
N PRO D 546 6.07 -24.09 -11.08
CA PRO D 546 7.16 -24.51 -11.97
C PRO D 546 6.71 -25.62 -12.91
N LEU D 547 7.26 -25.59 -14.13
CA LEU D 547 6.82 -26.48 -15.21
C LEU D 547 7.86 -27.53 -15.57
N SER D 548 9.09 -27.13 -15.85
CA SER D 548 10.11 -28.08 -16.26
C SER D 548 10.47 -29.01 -15.11
N ALA D 549 11.05 -30.16 -15.46
CA ALA D 549 11.51 -31.08 -14.43
C ALA D 549 12.58 -30.44 -13.57
N GLU D 550 13.51 -29.72 -14.19
CA GLU D 550 14.55 -29.02 -13.43
C GLU D 550 13.95 -27.97 -12.52
N ALA D 551 12.96 -27.21 -13.00
CA ALA D 551 12.39 -26.14 -12.20
C ALA D 551 11.80 -26.68 -10.89
N GLN D 552 10.96 -27.71 -10.99
CA GLN D 552 10.35 -28.26 -9.79
C GLN D 552 11.35 -29.05 -8.95
N ALA D 553 12.35 -29.66 -9.57
CA ALA D 553 13.39 -30.32 -8.78
C ALA D 553 14.13 -29.32 -7.90
N GLU D 554 14.52 -28.17 -8.47
CA GLU D 554 15.09 -27.11 -7.67
C GLU D 554 14.11 -26.62 -6.62
N ALA D 555 12.84 -26.46 -6.99
CA ALA D 555 11.85 -26.00 -6.01
C ALA D 555 11.86 -26.90 -4.78
N ARG D 556 11.72 -28.21 -4.99
CA ARG D 556 11.61 -29.12 -3.85
C ARG D 556 12.93 -29.22 -3.08
N ILE D 557 14.07 -29.25 -3.77
CA ILE D 557 15.34 -29.48 -3.08
C ILE D 557 15.78 -28.22 -2.35
N LEU D 558 15.74 -27.07 -3.02
CA LEU D 558 16.30 -25.84 -2.48
C LEU D 558 15.29 -25.02 -1.71
N MET D 559 14.09 -24.81 -2.27
CA MET D 559 13.16 -23.81 -1.79
C MET D 559 12.09 -24.35 -0.84
N LEU D 560 12.08 -25.66 -0.60
CA LEU D 560 11.01 -26.26 0.20
C LEU D 560 11.00 -25.68 1.61
N SER D 561 9.79 -25.46 2.14
CA SER D 561 9.67 -24.77 3.42
C SER D 561 10.31 -25.56 4.55
N SER D 562 10.35 -26.90 4.44
CA SER D 562 10.97 -27.70 5.49
C SER D 562 12.47 -27.44 5.57
N ASN D 563 13.12 -27.20 4.44
CA ASN D 563 14.56 -26.96 4.44
C ASN D 563 14.88 -25.57 4.97
N ASN D 564 14.04 -24.58 4.67
CA ASN D 564 14.33 -23.18 5.02
C ASN D 564 13.82 -22.91 6.43
N ILE D 565 14.65 -23.28 7.41
CA ILE D 565 14.33 -23.04 8.81
C ILE D 565 15.16 -21.92 9.41
N LEU D 566 16.36 -21.68 8.90
CA LEU D 566 17.28 -20.69 9.45
C LEU D 566 17.32 -19.46 8.56
N LYS D 567 17.31 -18.29 9.20
CA LYS D 567 17.44 -17.05 8.44
C LYS D 567 18.85 -16.91 7.89
N PRO D 568 19.02 -16.28 6.72
CA PRO D 568 20.39 -16.01 6.24
C PRO D 568 21.04 -14.79 6.86
N ALA D 569 20.29 -13.94 7.56
CA ALA D 569 20.86 -12.71 8.08
C ALA D 569 21.79 -12.97 9.25
N ASP D 570 21.38 -13.83 10.19
CA ASP D 570 22.17 -14.10 11.38
C ASP D 570 22.29 -15.58 11.73
N GLY D 571 21.50 -16.47 11.13
CA GLY D 571 21.58 -17.89 11.42
C GLY D 571 20.63 -18.37 12.50
N ARG D 572 19.93 -17.47 13.18
CA ARG D 572 18.92 -17.90 14.13
C ARG D 572 17.72 -18.48 13.40
N PRO D 573 17.06 -19.51 13.94
CA PRO D 573 15.88 -20.06 13.26
C PRO D 573 14.77 -19.02 13.16
N VAL D 574 14.07 -19.05 12.03
CA VAL D 574 12.98 -18.12 11.78
C VAL D 574 11.63 -18.83 11.80
N THR D 575 11.56 -20.05 11.28
CA THR D 575 10.33 -20.85 11.32
C THR D 575 10.32 -21.64 12.62
N MET D 576 9.97 -20.95 13.69
CA MET D 576 9.86 -21.54 15.02
C MET D 576 8.57 -21.03 15.66
N PRO D 577 8.07 -21.74 16.69
CA PRO D 577 6.80 -21.34 17.31
C PRO D 577 6.80 -19.92 17.82
N THR D 578 5.64 -19.29 17.88
CA THR D 578 5.55 -17.89 18.29
C THR D 578 4.15 -17.47 18.69
N GLN D 579 4.05 -16.36 19.41
CA GLN D 579 2.74 -15.83 19.80
C GLN D 579 1.97 -16.85 20.68
N ASP D 580 0.77 -17.26 20.30
CA ASP D 580 0.00 -18.16 21.15
C ASP D 580 0.71 -19.50 21.37
N MET D 581 1.45 -19.98 20.37
CA MET D 581 2.14 -21.25 20.50
C MET D 581 3.15 -21.21 21.64
N VAL D 582 3.93 -20.14 21.71
CA VAL D 582 4.90 -20.00 22.79
C VAL D 582 4.21 -19.69 24.11
N LEU D 583 3.06 -19.02 24.07
CA LEU D 583 2.30 -18.76 25.29
C LEU D 583 1.74 -20.07 25.82
N GLY D 584 1.58 -21.05 24.94
CA GLY D 584 1.10 -22.35 25.35
C GLY D 584 2.17 -23.25 25.91
N LEU D 585 3.36 -23.21 25.32
CA LEU D 585 4.48 -24.00 25.84
C LEU D 585 5.00 -23.37 27.11
N PHE D 586 4.84 -22.06 27.27
CA PHE D 586 5.20 -21.38 28.51
C PHE D 586 4.26 -21.75 29.63
N PHE D 587 2.96 -21.81 29.35
CA PHE D 587 2.02 -22.33 30.34
C PHE D 587 2.35 -23.77 30.70
N LEU D 588 2.73 -24.56 29.70
CA LEU D 588 3.07 -25.96 29.94
C LEU D 588 4.26 -26.08 30.89
N THR D 589 5.35 -25.38 30.60
CA THR D 589 6.58 -25.53 31.40
C THR D 589 6.88 -24.42 32.43
N THR D 590 5.91 -23.59 32.77
CA THR D 590 6.13 -22.56 33.81
C THR D 590 6.12 -23.16 35.20
N ASP D 591 6.44 -22.34 36.20
CA ASP D 591 6.46 -22.80 37.59
C ASP D 591 5.07 -22.88 38.20
N SER D 592 4.98 -23.07 39.52
CA SER D 592 3.69 -23.19 40.20
C SER D 592 3.32 -21.92 40.95
N GLU D 593 4.13 -20.89 40.81
CA GLU D 593 3.89 -19.66 41.55
C GLU D 593 2.54 -19.05 41.23
N GLY D 594 1.74 -18.79 42.25
CA GLY D 594 0.45 -18.16 42.06
C GLY D 594 -0.46 -19.00 41.20
N ARG D 595 -0.26 -20.32 41.22
CA ARG D 595 -1.08 -21.23 40.42
C ARG D 595 -1.72 -22.29 41.31
N SER D 596 -1.80 -22.02 42.62
CA SER D 596 -2.45 -22.94 43.55
C SER D 596 -2.31 -24.41 43.16
N PRO D 597 -1.10 -24.97 43.34
CA PRO D 597 -0.89 -26.35 42.91
C PRO D 597 -1.67 -27.33 43.76
N LYS D 598 -1.80 -28.54 43.23
CA LYS D 598 -2.40 -29.66 43.94
C LYS D 598 -1.57 -30.90 43.67
N GLY D 599 -1.47 -31.74 44.69
CA GLY D 599 -0.60 -32.91 44.58
C GLY D 599 0.86 -32.56 44.45
N GLU D 600 1.31 -31.49 45.11
CA GLU D 600 2.71 -31.11 45.10
C GLU D 600 3.48 -31.95 46.10
N GLY D 601 4.66 -32.41 45.69
CA GLY D 601 5.47 -33.29 46.50
C GLY D 601 5.16 -34.76 46.34
N ARG D 602 4.11 -35.10 45.59
CA ARG D 602 3.79 -36.51 45.36
C ARG D 602 4.80 -37.11 44.38
N ALA D 603 4.82 -38.44 44.36
CA ALA D 603 5.72 -39.19 43.49
C ALA D 603 4.91 -40.13 42.60
N PHE D 604 5.31 -40.21 41.33
CA PHE D 604 4.60 -41.00 40.34
C PHE D 604 5.57 -41.95 39.66
N GLY D 605 5.11 -43.16 39.38
CA GLY D 605 5.92 -44.16 38.72
C GLY D 605 5.98 -44.02 37.21
N SER D 606 5.31 -43.01 36.65
CA SER D 606 5.31 -42.77 35.22
C SER D 606 4.55 -41.47 34.99
N SER D 607 4.59 -40.99 33.74
CA SER D 607 3.79 -39.83 33.37
C SER D 607 2.34 -40.21 33.09
N ALA D 608 2.10 -41.44 32.66
CA ALA D 608 0.73 -41.90 32.49
C ALA D 608 -0.06 -41.80 33.79
N GLU D 609 0.56 -42.23 34.89
CA GLU D 609 -0.05 -42.05 36.21
C GLU D 609 -0.21 -40.57 36.53
N ALA D 610 0.74 -39.74 36.10
CA ALA D 610 0.65 -38.31 36.35
C ALA D 610 -0.55 -37.70 35.63
N ILE D 611 -0.78 -38.08 34.38
CA ILE D 611 -1.94 -37.54 33.67
C ILE D 611 -3.23 -38.14 34.22
N MET D 612 -3.20 -39.37 34.73
CA MET D 612 -4.36 -39.89 35.44
C MET D 612 -4.72 -38.99 36.62
N ALA D 613 -3.72 -38.64 37.43
CA ALA D 613 -3.96 -37.74 38.55
C ALA D 613 -4.42 -36.37 38.08
N PHE D 614 -3.87 -35.88 36.96
CA PHE D 614 -4.29 -34.60 36.43
C PHE D 614 -5.75 -34.61 36.02
N ASP D 615 -6.19 -35.67 35.33
CA ASP D 615 -7.58 -35.80 34.95
C ASP D 615 -8.48 -35.90 36.18
N ALA D 616 -8.02 -36.63 37.21
CA ALA D 616 -8.82 -36.75 38.42
C ALA D 616 -9.03 -35.43 39.12
N GLY D 617 -8.26 -34.40 38.79
CA GLY D 617 -8.35 -33.12 39.45
C GLY D 617 -7.53 -32.99 40.71
N ASP D 618 -6.72 -34.00 41.05
CA ASP D 618 -5.89 -33.99 42.24
C ASP D 618 -4.42 -33.73 41.91
N LEU D 619 -4.11 -33.36 40.67
CA LEU D 619 -2.77 -32.94 40.31
C LEU D 619 -2.88 -31.77 39.33
N THR D 620 -1.90 -30.88 39.37
CA THR D 620 -1.81 -29.77 38.44
C THR D 620 -0.69 -30.03 37.43
N LEU D 621 -0.84 -29.45 36.24
CA LEU D 621 0.18 -29.59 35.21
C LEU D 621 1.50 -28.94 35.62
N GLN D 622 1.47 -28.05 36.61
CA GLN D 622 2.60 -27.21 36.99
C GLN D 622 2.84 -27.29 38.49
N ALA D 623 2.82 -28.51 39.05
CA ALA D 623 3.04 -28.75 40.46
C ALA D 623 4.27 -29.62 40.63
N LYS D 624 5.13 -29.25 41.58
CA LYS D 624 6.39 -29.95 41.79
C LYS D 624 6.12 -31.38 42.25
N ILE D 625 6.50 -32.35 41.42
CA ILE D 625 6.27 -33.76 41.70
C ILE D 625 7.46 -34.57 41.23
N ASP D 626 7.68 -35.71 41.88
CA ASP D 626 8.80 -36.59 41.60
C ASP D 626 8.33 -37.67 40.63
N ILE D 627 8.73 -37.55 39.37
CA ILE D 627 8.30 -38.48 38.32
C ILE D 627 9.47 -39.38 37.95
N ARG D 628 9.18 -40.64 37.71
CA ARG D 628 10.16 -41.60 37.22
C ARG D 628 10.08 -41.68 35.71
N PHE D 629 11.26 -41.73 35.07
CA PHE D 629 11.36 -41.81 33.63
C PHE D 629 12.07 -43.10 33.22
N PRO D 630 11.55 -43.82 32.19
CA PRO D 630 12.03 -45.19 31.94
C PRO D 630 13.34 -45.25 31.17
N VAL D 631 13.74 -46.47 30.81
CA VAL D 631 14.92 -46.67 30.00
C VAL D 631 14.77 -45.93 28.68
N GLY D 632 15.82 -45.23 28.27
CA GLY D 632 15.83 -44.50 27.02
C GLY D 632 15.84 -43.00 27.24
N THR D 633 15.10 -42.53 28.24
CA THR D 633 15.07 -41.12 28.55
C THR D 633 16.45 -40.63 28.98
N ILE D 634 16.89 -39.54 28.38
CA ILE D 634 18.17 -38.92 28.69
C ILE D 634 17.93 -37.83 29.73
N PRO D 635 18.52 -37.90 30.92
CA PRO D 635 18.21 -36.90 31.95
C PRO D 635 18.71 -35.53 31.56
N PRO D 636 18.40 -34.50 32.36
CA PRO D 636 18.94 -33.18 32.08
C PRO D 636 20.45 -33.17 32.17
N ARG D 637 21.08 -32.32 31.35
CA ARG D 637 22.53 -32.17 31.42
C ARG D 637 22.96 -31.63 32.77
N GLY D 638 22.20 -30.67 33.32
CA GLY D 638 22.56 -30.10 34.60
C GLY D 638 22.39 -31.07 35.76
N PHE D 639 21.37 -31.93 35.70
CA PHE D 639 21.04 -32.81 36.80
C PHE D 639 21.90 -34.08 36.83
N GLU D 640 22.60 -34.40 35.74
CA GLU D 640 23.35 -35.65 35.69
C GLU D 640 24.38 -35.80 36.80
N PRO D 641 25.26 -34.83 37.07
CA PRO D 641 26.32 -35.06 38.08
C PRO D 641 25.73 -35.41 39.44
N PRO D 642 24.52 -34.86 39.80
CA PRO D 642 23.72 -35.45 40.88
C PRO D 642 23.00 -36.73 40.50
N ALA D 643 23.74 -37.69 39.91
CA ALA D 643 23.15 -38.98 39.61
C ALA D 643 22.97 -39.78 40.89
N ARG D 644 22.16 -40.84 40.80
CA ARG D 644 21.82 -41.61 41.99
C ARG D 644 23.05 -42.33 42.55
N GLU D 645 23.23 -42.21 43.87
CA GLU D 645 24.37 -42.83 44.52
C GLU D 645 24.18 -44.34 44.61
N GLU D 646 25.18 -45.09 44.16
CA GLU D 646 25.11 -46.54 44.19
C GLU D 646 26.50 -47.11 43.91
N GLY D 647 26.79 -48.25 44.52
CA GLY D 647 28.06 -48.90 44.27
C GLY D 647 28.24 -49.29 42.81
N GLU D 648 27.18 -49.79 42.19
CA GLU D 648 27.25 -50.15 40.78
C GLU D 648 27.37 -48.90 39.91
N PRO D 649 27.99 -49.01 38.73
CA PRO D 649 28.06 -47.85 37.83
C PRO D 649 26.75 -47.67 37.09
N GLU D 650 26.01 -46.63 37.44
CA GLU D 650 24.71 -46.39 36.83
C GLU D 650 24.86 -45.73 35.47
N TRP D 651 24.14 -46.26 34.48
CA TRP D 651 24.21 -45.78 33.11
C TRP D 651 23.26 -44.59 32.92
N GLN D 652 23.66 -43.45 33.49
CA GLN D 652 22.86 -42.24 33.46
C GLN D 652 22.35 -41.92 32.06
N GLN D 653 23.17 -42.24 31.05
CA GLN D 653 22.74 -42.04 29.66
C GLN D 653 21.53 -42.93 29.34
N GLY D 654 21.58 -44.20 29.74
CA GLY D 654 20.61 -45.17 29.29
C GLY D 654 19.97 -46.04 30.37
N ASP D 655 19.67 -45.46 31.53
CA ASP D 655 19.02 -46.18 32.62
C ASP D 655 17.81 -45.40 33.11
N THR D 656 16.89 -46.12 33.72
CA THR D 656 15.73 -45.48 34.33
C THR D 656 16.20 -44.54 35.44
N PHE D 657 15.50 -43.41 35.59
CA PHE D 657 15.89 -42.46 36.61
C PHE D 657 14.66 -41.78 37.16
N THR D 658 14.88 -40.89 38.13
CA THR D 658 13.81 -40.19 38.82
C THR D 658 14.18 -38.73 38.95
N LEU D 659 13.18 -37.85 38.80
CA LEU D 659 13.45 -36.42 38.73
C LEU D 659 12.32 -35.65 39.40
N LYS D 660 12.68 -34.67 40.22
CA LYS D 660 11.70 -33.78 40.84
C LYS D 660 11.28 -32.72 39.81
N THR D 661 10.48 -33.18 38.85
CA THR D 661 10.08 -32.38 37.71
C THR D 661 8.68 -31.82 37.98
N THR D 662 8.05 -31.27 36.95
CA THR D 662 6.62 -30.96 36.98
C THR D 662 5.97 -31.67 35.79
N LEU D 663 4.67 -31.93 35.91
CA LEU D 663 3.98 -32.70 34.88
C LEU D 663 4.05 -32.01 33.53
N GLY D 664 3.86 -30.69 33.52
CA GLY D 664 3.90 -29.96 32.27
C GLY D 664 5.23 -30.11 31.54
N ARG D 665 6.33 -30.09 32.28
CA ARG D 665 7.63 -30.29 31.65
C ARG D 665 7.81 -31.71 31.15
N ALA D 666 7.28 -32.69 31.88
CA ALA D 666 7.31 -34.07 31.39
C ALA D 666 6.53 -34.21 30.10
N LEU D 667 5.43 -33.46 29.96
CA LEU D 667 4.68 -33.46 28.71
C LEU D 667 5.45 -32.75 27.60
N PHE D 668 6.09 -31.63 27.94
CA PHE D 668 6.85 -30.88 26.95
C PHE D 668 7.99 -31.72 26.37
N ASN D 669 8.69 -32.46 27.22
CA ASN D 669 9.84 -33.22 26.78
C ASN D 669 9.47 -34.46 25.98
N GLU D 670 8.17 -34.76 25.82
CA GLU D 670 7.73 -35.78 24.90
C GLU D 670 7.56 -35.27 23.48
N LEU D 671 7.53 -33.95 23.29
CA LEU D 671 7.49 -33.37 21.96
C LEU D 671 8.86 -33.45 21.27
N LEU D 672 9.92 -33.26 22.05
CA LEU D 672 11.27 -33.30 21.51
C LEU D 672 11.65 -34.74 21.18
N PRO D 673 12.65 -34.95 20.33
CA PRO D 673 13.04 -36.33 19.99
C PRO D 673 13.57 -37.08 21.20
N GLU D 674 13.48 -38.40 21.12
CA GLU D 674 13.79 -39.23 22.28
C GLU D 674 15.23 -39.04 22.74
N ASP D 675 16.17 -38.94 21.80
CA ASP D 675 17.57 -38.78 22.15
C ASP D 675 17.87 -37.44 22.82
N TYR D 676 16.97 -36.47 22.73
CA TYR D 676 17.24 -35.15 23.26
C TYR D 676 17.30 -35.19 24.79
N PRO D 677 18.27 -34.50 25.41
CA PRO D 677 18.27 -34.42 26.88
C PRO D 677 17.02 -33.76 27.41
N PHE D 678 16.65 -34.15 28.64
CA PHE D 678 15.47 -33.60 29.28
C PHE D 678 15.62 -32.09 29.49
N VAL D 679 14.48 -31.40 29.48
CA VAL D 679 14.40 -29.95 29.66
C VAL D 679 13.60 -29.69 30.92
N ASP D 680 14.15 -28.89 31.83
CA ASP D 680 13.56 -28.68 33.16
C ASP D 680 13.56 -27.19 33.51
N TYR D 681 13.07 -26.36 32.60
CA TYR D 681 12.98 -24.93 32.87
C TYR D 681 11.88 -24.33 32.01
N GLU D 682 11.45 -23.12 32.38
CA GLU D 682 10.41 -22.41 31.65
C GLU D 682 10.87 -22.13 30.22
N VAL D 683 10.29 -22.83 29.25
CA VAL D 683 10.64 -22.62 27.84
C VAL D 683 9.67 -21.57 27.31
N GLY D 684 9.99 -20.30 27.59
CA GLY D 684 9.09 -19.24 27.20
C GLY D 684 9.14 -18.83 25.74
N LYS D 685 10.17 -18.08 25.34
CA LYS D 685 10.38 -17.74 23.93
C LYS D 685 11.85 -17.90 23.54
N LYS D 686 12.76 -17.46 24.40
CA LYS D 686 14.20 -17.49 24.10
C LYS D 686 14.81 -18.88 24.28
N GLN D 687 14.38 -19.61 25.27
CA GLN D 687 14.85 -20.97 25.44
C GLN D 687 14.28 -21.88 24.35
N LEU D 688 13.07 -21.59 23.88
CA LEU D 688 12.54 -22.33 22.74
C LEU D 688 13.36 -22.05 21.48
N SER D 689 13.78 -20.81 21.30
CA SER D 689 14.65 -20.49 20.18
C SER D 689 15.98 -21.24 20.28
N GLU D 690 16.55 -21.31 21.48
CA GLU D 690 17.79 -22.06 21.66
C GLU D 690 17.58 -23.55 21.36
N ILE D 691 16.48 -24.11 21.83
CA ILE D 691 16.21 -25.53 21.61
C ILE D 691 16.01 -25.81 20.12
N VAL D 692 15.30 -24.93 19.42
CA VAL D 692 15.08 -25.12 18.00
C VAL D 692 16.39 -24.98 17.24
N ASN D 693 17.24 -24.03 17.64
CA ASN D 693 18.55 -23.91 17.01
C ASN D 693 19.39 -25.16 17.21
N ASP D 694 19.37 -25.71 18.42
CA ASP D 694 20.12 -26.94 18.70
C ASP D 694 19.58 -28.10 17.87
N LEU D 695 18.25 -28.20 17.77
CA LEU D 695 17.65 -29.27 16.96
C LEU D 695 18.07 -29.13 15.50
N ALA D 696 18.04 -27.91 14.96
CA ALA D 696 18.42 -27.71 13.57
C ALA D 696 19.88 -28.04 13.35
N GLU D 697 20.76 -27.61 14.27
CA GLU D 697 22.19 -27.79 14.08
C GLU D 697 22.67 -29.18 14.41
N ARG D 698 21.85 -29.99 15.09
CA ARG D 698 22.24 -31.33 15.50
C ARG D 698 21.50 -32.44 14.76
N TYR D 699 20.18 -32.31 14.58
CA TYR D 699 19.37 -33.37 14.01
C TYR D 699 19.06 -33.09 12.53
N PRO D 700 18.81 -34.13 11.74
CA PRO D 700 18.50 -33.89 10.32
C PRO D 700 17.19 -33.17 10.14
N LYS D 701 17.02 -32.58 8.95
CA LYS D 701 15.95 -31.62 8.73
C LYS D 701 14.56 -32.24 8.90
N VAL D 702 14.38 -33.51 8.51
CA VAL D 702 13.06 -34.12 8.60
C VAL D 702 12.62 -34.23 10.06
N ILE D 703 13.53 -34.67 10.93
CA ILE D 703 13.18 -34.77 12.35
C ILE D 703 12.98 -33.39 12.96
N VAL D 704 13.74 -32.39 12.51
CA VAL D 704 13.53 -31.05 13.02
C VAL D 704 12.14 -30.54 12.63
N ALA D 705 11.72 -30.81 11.39
CA ALA D 705 10.37 -30.43 10.97
C ALA D 705 9.31 -31.16 11.78
N ALA D 706 9.52 -32.45 12.04
CA ALA D 706 8.57 -33.20 12.84
C ALA D 706 8.48 -32.63 14.26
N THR D 707 9.63 -32.29 14.85
CA THR D 707 9.64 -31.69 16.18
C THR D 707 8.94 -30.34 16.18
N LEU D 708 9.14 -29.56 15.12
CA LEU D 708 8.44 -28.28 15.02
C LEU D 708 6.93 -28.48 14.94
N ASP D 709 6.49 -29.49 14.19
CA ASP D 709 5.06 -29.79 14.10
C ASP D 709 4.51 -30.20 15.46
N ASN D 710 5.24 -31.07 16.17
CA ASN D 710 4.78 -31.48 17.50
C ASN D 710 4.71 -30.30 18.46
N LEU D 711 5.72 -29.43 18.42
CA LEU D 711 5.71 -28.24 19.27
C LEU D 711 4.55 -27.34 18.90
N LYS D 712 4.25 -27.19 17.61
CA LYS D 712 3.11 -26.40 17.18
C LYS D 712 1.82 -26.95 17.77
N ALA D 713 1.59 -28.24 17.61
CA ALA D 713 0.36 -28.86 18.08
C ALA D 713 0.23 -28.69 19.59
N ALA D 714 1.30 -28.99 20.33
CA ALA D 714 1.25 -28.87 21.79
C ALA D 714 1.03 -27.43 22.21
N GLY D 715 1.70 -26.48 21.54
CA GLY D 715 1.54 -25.09 21.90
C GLY D 715 0.13 -24.59 21.70
N PHE D 716 -0.49 -24.93 20.57
CA PHE D 716 -1.88 -24.55 20.36
C PHE D 716 -2.78 -25.21 21.40
N PHE D 717 -2.61 -26.53 21.58
CA PHE D 717 -3.45 -27.29 22.49
C PHE D 717 -3.43 -26.68 23.89
N TRP D 718 -2.24 -26.39 24.41
CA TRP D 718 -2.13 -25.86 25.76
C TRP D 718 -2.30 -24.35 25.83
N ALA D 719 -2.31 -23.66 24.68
CA ALA D 719 -2.68 -22.25 24.67
C ALA D 719 -4.17 -22.07 24.82
N THR D 720 -4.97 -23.02 24.31
CA THR D 720 -6.41 -22.93 24.51
C THR D 720 -6.77 -22.96 25.99
N ARG D 721 -6.11 -23.83 26.77
CA ARG D 721 -6.44 -24.02 28.18
C ARG D 721 -5.64 -23.11 29.11
N SER D 722 -4.80 -22.22 28.57
CA SER D 722 -3.93 -21.42 29.42
C SER D 722 -4.73 -20.54 30.37
N GLY D 723 -5.92 -20.12 29.96
CA GLY D 723 -6.70 -19.18 30.74
C GLY D 723 -6.34 -17.73 30.50
N VAL D 724 -5.53 -17.43 29.49
CA VAL D 724 -5.20 -16.06 29.14
C VAL D 724 -6.37 -15.47 28.36
N THR D 725 -7.08 -14.53 28.97
CA THR D 725 -8.24 -13.89 28.36
C THR D 725 -8.27 -12.46 28.84
N VAL D 726 -8.08 -11.51 27.92
CA VAL D 726 -8.05 -10.11 28.31
C VAL D 726 -9.44 -9.69 28.76
N ALA D 727 -9.49 -9.06 29.92
CA ALA D 727 -10.71 -8.44 30.45
C ALA D 727 -10.33 -7.11 31.06
N ILE D 728 -11.33 -6.26 31.28
CA ILE D 728 -11.06 -4.93 31.81
C ILE D 728 -10.48 -4.98 33.22
N SER D 729 -10.71 -6.07 33.96
CA SER D 729 -10.07 -6.21 35.26
C SER D 729 -8.63 -6.73 35.14
N ASP D 730 -8.35 -7.53 34.10
CA ASP D 730 -7.00 -8.03 33.89
C ASP D 730 -6.02 -6.94 33.52
N ILE D 731 -6.50 -5.76 33.15
CA ILE D 731 -5.66 -4.59 32.98
C ILE D 731 -5.69 -3.86 34.31
N VAL D 732 -4.66 -4.07 35.13
CA VAL D 732 -4.63 -3.60 36.51
C VAL D 732 -3.88 -2.28 36.56
N VAL D 733 -4.60 -1.20 36.88
CA VAL D 733 -3.96 0.09 37.12
C VAL D 733 -3.36 0.04 38.51
N PRO D 734 -2.05 0.22 38.68
CA PRO D 734 -1.48 0.16 40.04
C PRO D 734 -2.05 1.26 40.93
N ASP D 735 -2.28 0.91 42.20
CA ASP D 735 -2.66 1.92 43.17
C ASP D 735 -1.52 2.92 43.41
N ALA D 736 -0.30 2.57 43.05
CA ALA D 736 0.82 3.49 43.16
C ALA D 736 0.63 4.70 42.26
N LYS D 737 0.10 4.48 41.06
CA LYS D 737 -0.01 5.56 40.10
C LYS D 737 -0.71 6.81 40.65
N LYS D 738 -1.78 6.64 41.40
CA LYS D 738 -2.52 7.78 41.93
C LYS D 738 -1.62 8.70 42.74
N GLU D 739 -1.02 8.16 43.81
CA GLU D 739 -0.24 9.01 44.71
C GLU D 739 0.99 9.56 44.03
N ILE D 740 1.66 8.75 43.20
CA ILE D 740 2.85 9.23 42.50
C ILE D 740 2.50 10.40 41.59
N VAL D 741 1.48 10.23 40.76
CA VAL D 741 1.07 11.28 39.84
C VAL D 741 0.55 12.51 40.57
N LYS D 742 -0.03 12.33 41.76
CA LYS D 742 -0.49 13.47 42.55
C LYS D 742 0.68 14.25 43.14
N GLY D 743 1.67 13.55 43.69
CA GLY D 743 2.82 14.25 44.26
C GLY D 743 3.64 14.96 43.21
N TYR D 744 3.91 14.28 42.10
CA TYR D 744 4.65 14.94 41.02
C TYR D 744 3.82 16.06 40.40
N GLU D 745 2.49 15.93 40.42
CA GLU D 745 1.63 17.02 40.00
C GLU D 745 1.76 18.22 40.94
N GLY D 746 1.88 17.98 42.24
CA GLY D 746 2.13 19.07 43.17
C GLY D 746 3.45 19.76 42.91
N GLN D 747 4.49 18.98 42.62
CA GLN D 747 5.77 19.58 42.26
C GLN D 747 5.66 20.40 40.98
N ASP D 748 4.91 19.90 39.99
CA ASP D 748 4.65 20.65 38.77
C ASP D 748 3.95 21.96 39.10
N GLU D 749 2.99 21.92 40.03
CA GLU D 749 2.28 23.13 40.44
C GLU D 749 3.26 24.13 41.03
N LYS D 750 4.17 23.65 41.88
CA LYS D 750 5.18 24.55 42.47
C LYS D 750 6.05 25.19 41.39
N VAL D 751 6.50 24.39 40.42
CA VAL D 751 7.35 24.93 39.35
C VAL D 751 6.58 25.96 38.53
N GLN D 752 5.31 25.69 38.22
CA GLN D 752 4.51 26.65 37.48
C GLN D 752 4.33 27.94 38.26
N LYS D 753 4.13 27.84 39.58
CA LYS D 753 4.00 29.03 40.39
C LYS D 753 5.30 29.84 40.39
N GLN D 754 6.45 29.16 40.45
CA GLN D 754 7.71 29.89 40.45
C GLN D 754 7.99 30.49 39.07
N TYR D 755 7.43 29.90 38.01
CA TYR D 755 7.52 30.54 36.70
C TYR D 755 6.64 31.79 36.62
N GLU D 756 5.38 31.68 37.04
CA GLU D 756 4.49 32.82 36.95
C GLU D 756 4.90 33.95 37.89
N ARG D 757 5.64 33.64 38.96
CA ARG D 757 6.17 34.68 39.82
C ARG D 757 7.35 35.41 39.18
N GLY D 758 7.95 34.85 38.14
CA GLY D 758 8.97 35.52 37.35
C GLY D 758 10.41 35.17 37.67
N LEU D 759 10.65 34.18 38.54
CA LEU D 759 12.02 33.83 38.87
C LEU D 759 12.71 33.13 37.70
N ILE D 760 12.01 32.23 37.02
CA ILE D 760 12.59 31.42 35.96
C ILE D 760 12.04 31.87 34.62
N THR D 761 12.61 31.34 33.55
CA THR D 761 12.13 31.57 32.19
C THR D 761 11.12 30.49 31.82
N LYS D 762 10.63 30.55 30.58
CA LYS D 762 9.70 29.53 30.11
C LYS D 762 10.47 28.28 29.74
N GLU D 763 11.67 28.42 29.18
CA GLU D 763 12.49 27.26 28.85
C GLU D 763 12.89 26.49 30.09
N GLU D 764 13.28 27.21 31.15
CA GLU D 764 13.62 26.56 32.42
C GLU D 764 12.41 25.83 32.99
N ARG D 765 11.25 26.48 32.97
CA ARG D 765 10.03 25.84 33.43
C ARG D 765 9.76 24.56 32.66
N THR D 766 9.88 24.62 31.33
CA THR D 766 9.68 23.43 30.51
C THR D 766 10.62 22.34 30.99
N GLN D 767 11.94 22.55 30.86
CA GLN D 767 12.89 21.49 31.16
C GLN D 767 12.68 20.91 32.56
N GLU D 768 12.36 21.76 33.53
CA GLU D 768 12.06 21.25 34.87
C GLU D 768 10.85 20.32 34.84
N LEU D 769 9.79 20.71 34.13
CA LEU D 769 8.59 19.87 34.11
C LEU D 769 8.83 18.58 33.34
N ILE D 770 9.60 18.62 32.25
CA ILE D 770 9.93 17.37 31.55
C ILE D 770 10.70 16.44 32.47
N ALA D 771 11.65 16.97 33.24
CA ALA D 771 12.37 16.11 34.19
C ALA D 771 11.42 15.51 35.23
N ILE D 772 10.55 16.36 35.80
CA ILE D 772 9.62 15.90 36.82
C ILE D 772 8.75 14.77 36.28
N TRP D 773 8.21 14.96 35.08
CA TRP D 773 7.27 13.99 34.55
C TRP D 773 7.95 12.76 33.97
N THR D 774 9.21 12.85 33.55
CA THR D 774 9.96 11.64 33.25
C THR D 774 10.16 10.81 34.52
N LYS D 775 10.49 11.47 35.63
CA LYS D 775 10.59 10.76 36.90
C LYS D 775 9.26 10.07 37.23
N ALA D 776 8.16 10.82 37.11
CA ALA D 776 6.86 10.26 37.43
C ALA D 776 6.53 9.07 36.52
N THR D 777 6.82 9.19 35.22
CA THR D 777 6.50 8.13 34.29
C THR D 777 7.28 6.86 34.62
N ASN D 778 8.58 6.98 34.87
CA ASN D 778 9.37 5.79 35.19
C ASN D 778 8.96 5.19 36.53
N GLU D 779 8.64 6.03 37.51
CA GLU D 779 8.18 5.50 38.80
C GLU D 779 6.88 4.72 38.62
N VAL D 780 5.94 5.26 37.87
CA VAL D 780 4.69 4.55 37.63
C VAL D 780 4.94 3.27 36.84
N ALA D 781 5.89 3.30 35.90
CA ALA D 781 6.20 2.10 35.13
C ALA D 781 6.70 0.98 36.02
N GLU D 782 7.66 1.30 36.91
CA GLU D 782 8.19 0.25 37.78
C GLU D 782 7.13 -0.24 38.76
N ALA D 783 6.30 0.67 39.29
CA ALA D 783 5.23 0.23 40.18
C ALA D 783 4.25 -0.67 39.46
N MET D 784 3.90 -0.33 38.21
CA MET D 784 2.99 -1.15 37.43
C MET D 784 3.59 -2.53 37.19
N ASN D 785 4.88 -2.59 36.87
CA ASN D 785 5.54 -3.88 36.68
C ASN D 785 5.46 -4.69 37.97
N ASP D 786 5.65 -4.03 39.11
CA ASP D 786 5.59 -4.74 40.40
C ASP D 786 4.18 -5.27 40.67
N ASN D 787 3.15 -4.50 40.35
CA ASN D 787 1.81 -4.78 40.86
C ASN D 787 1.27 -6.12 40.37
N PHE D 788 1.16 -6.30 39.06
CA PHE D 788 0.50 -7.51 38.54
C PHE D 788 1.19 -8.83 38.85
N PRO D 789 0.40 -9.89 39.10
CA PRO D 789 1.05 -11.19 39.29
C PRO D 789 1.69 -11.69 38.01
N LYS D 790 2.47 -12.78 38.11
CA LYS D 790 3.03 -13.41 36.94
C LYS D 790 2.08 -14.39 36.27
N THR D 791 0.95 -14.69 36.90
CA THR D 791 -0.09 -15.52 36.30
C THR D 791 -1.15 -14.70 35.57
N ASN D 792 -0.97 -13.40 35.46
CA ASN D 792 -1.91 -12.56 34.75
C ASN D 792 -1.88 -12.91 33.26
N PRO D 793 -3.00 -12.69 32.54
CA PRO D 793 -2.98 -12.95 31.09
C PRO D 793 -1.93 -12.14 30.36
N VAL D 794 -2.01 -10.81 30.48
CA VAL D 794 -1.07 -9.95 29.77
C VAL D 794 0.36 -10.21 30.22
N SER D 795 0.55 -10.38 31.53
CA SER D 795 1.86 -10.72 32.05
C SER D 795 2.36 -12.02 31.44
N MET D 796 1.47 -13.00 31.28
CA MET D 796 1.87 -14.28 30.70
C MET D 796 2.32 -14.10 29.26
N MET D 797 1.53 -13.39 28.45
CA MET D 797 1.88 -13.27 27.03
C MET D 797 3.10 -12.38 26.82
N VAL D 798 3.38 -11.47 27.75
CA VAL D 798 4.57 -10.62 27.63
C VAL D 798 5.81 -11.38 28.08
N ASN D 799 5.80 -11.89 29.31
CA ASN D 799 6.96 -12.60 29.85
C ASN D 799 7.26 -13.87 29.09
N SER D 800 6.25 -14.48 28.47
CA SER D 800 6.49 -15.65 27.62
C SER D 800 7.14 -15.28 26.29
N GLY D 801 7.27 -13.99 26.00
CA GLY D 801 7.79 -13.58 24.69
C GLY D 801 6.85 -13.91 23.56
N ALA D 802 5.54 -13.76 23.76
CA ALA D 802 4.54 -14.04 22.75
C ALA D 802 4.18 -12.79 21.95
N ARG D 803 3.66 -11.77 22.62
CA ARG D 803 3.38 -10.49 21.97
C ARG D 803 3.23 -9.43 23.04
N GLY D 804 4.11 -8.43 23.01
CA GLY D 804 4.00 -7.30 23.91
C GLY D 804 5.31 -6.85 24.48
N ASN D 805 5.34 -5.60 24.95
CA ASN D 805 6.48 -5.03 25.64
C ASN D 805 5.99 -4.42 26.95
N MET D 806 6.90 -3.82 27.72
CA MET D 806 6.51 -3.24 28.99
C MET D 806 6.07 -1.80 28.88
N MET D 807 6.52 -1.08 27.85
CA MET D 807 6.08 0.30 27.64
C MET D 807 4.62 0.26 27.20
N GLN D 808 4.27 -0.65 26.31
CA GLN D 808 2.88 -0.83 25.92
C GLN D 808 1.99 -1.08 27.14
N MET D 809 2.46 -1.92 28.05
CA MET D 809 1.69 -2.18 29.27
C MET D 809 1.65 -0.94 30.13
N ARG D 810 2.72 -0.14 30.14
CA ARG D 810 2.70 1.12 30.88
C ARG D 810 1.63 2.05 30.35
N GLN D 811 1.53 2.17 29.03
CA GLN D 811 0.51 3.04 28.43
C GLN D 811 -0.89 2.50 28.68
N ILE D 812 -1.07 1.18 28.61
CA ILE D 812 -2.40 0.59 28.76
C ILE D 812 -2.86 0.68 30.20
N ALA D 813 -1.97 0.41 31.16
CA ALA D 813 -2.34 0.23 32.55
C ALA D 813 -1.96 1.42 33.43
N GLY D 814 -0.70 1.84 33.42
CA GLY D 814 -0.24 2.83 34.37
C GLY D 814 -0.27 4.27 33.88
N MET D 815 0.39 4.55 32.77
CA MET D 815 0.57 5.92 32.32
C MET D 815 1.06 5.94 30.89
N ARG D 816 0.58 6.90 30.10
CA ARG D 816 1.02 7.05 28.72
C ARG D 816 2.30 7.89 28.70
N GLY D 817 2.31 9.01 29.44
CA GLY D 817 3.51 9.80 29.56
C GLY D 817 3.59 10.93 28.55
N LEU D 818 4.81 11.48 28.44
CA LEU D 818 5.08 12.56 27.50
C LEU D 818 5.05 12.05 26.07
N VAL D 819 4.61 12.91 25.15
CA VAL D 819 4.47 12.56 23.74
C VAL D 819 5.12 13.64 22.90
N SER D 820 5.48 13.26 21.67
CA SER D 820 6.07 14.20 20.73
C SER D 820 5.08 15.29 20.33
N ASN D 821 5.28 16.50 20.83
CA ASN D 821 4.43 17.64 20.49
C ASN D 821 4.60 17.96 19.00
N ALA D 822 3.83 18.93 18.51
CA ALA D 822 4.01 19.40 17.15
C ALA D 822 5.44 19.89 16.94
N LYS D 823 5.85 19.97 15.67
CA LYS D 823 7.20 20.36 15.27
C LYS D 823 8.27 19.66 16.10
N ASN D 824 8.01 18.39 16.42
CA ASN D 824 8.96 17.52 17.11
C ASN D 824 9.52 18.18 18.37
N GLU D 825 8.61 18.40 19.31
CA GLU D 825 8.95 18.91 20.63
C GLU D 825 8.35 17.99 21.68
N THR D 826 8.58 18.32 22.95
CA THR D 826 8.04 17.56 24.07
C THR D 826 7.03 18.43 24.81
N ILE D 827 5.79 17.98 24.83
CA ILE D 827 4.77 18.68 25.64
C ILE D 827 5.22 18.71 27.10
N PRO D 828 5.24 19.87 27.77
CA PRO D 828 5.59 19.86 29.20
C PRO D 828 4.65 19.00 30.03
N ARG D 829 3.36 19.30 29.96
CA ARG D 829 2.38 18.50 30.68
C ARG D 829 2.19 17.16 29.97
N PRO D 830 2.29 16.03 30.69
CA PRO D 830 2.13 14.73 30.01
C PRO D 830 0.68 14.29 29.97
N ILE D 831 0.46 13.07 29.46
CA ILE D 831 -0.84 12.42 29.57
C ILE D 831 -0.83 11.60 30.86
N LYS D 832 -1.45 12.17 31.90
CA LYS D 832 -1.49 11.53 33.21
C LYS D 832 -2.65 10.56 33.32
N ALA D 833 -2.77 9.65 32.37
CA ALA D 833 -3.88 8.70 32.38
C ALA D 833 -3.60 7.61 31.36
N SER D 834 -3.84 6.37 31.77
CA SER D 834 -3.71 5.25 30.86
C SER D 834 -4.98 5.12 30.02
N PHE D 835 -4.92 4.25 29.02
CA PHE D 835 -6.07 4.05 28.15
C PHE D 835 -7.23 3.41 28.91
N ARG D 836 -6.94 2.57 29.90
CA ARG D 836 -8.01 2.01 30.72
C ARG D 836 -8.75 3.10 31.48
N GLU D 837 -8.02 4.06 32.05
CA GLU D 837 -8.67 5.15 32.77
C GLU D 837 -9.44 6.05 31.81
N GLY D 838 -8.90 6.27 30.62
CA GLY D 838 -9.56 7.07 29.61
C GLY D 838 -8.93 8.43 29.41
N LEU D 839 -8.37 8.65 28.22
CA LEU D 839 -7.77 9.93 27.89
C LEU D 839 -8.84 11.01 27.78
N SER D 840 -8.46 12.23 28.11
CA SER D 840 -9.37 13.37 27.98
C SER D 840 -9.40 13.81 26.51
N VAL D 841 -10.07 14.94 26.26
CA VAL D 841 -10.16 15.44 24.88
C VAL D 841 -8.81 15.96 24.42
N LEU D 842 -8.25 16.90 25.18
CA LEU D 842 -6.96 17.48 24.81
C LEU D 842 -5.85 16.44 24.84
N GLU D 843 -5.92 15.49 25.76
CA GLU D 843 -4.94 14.42 25.81
C GLU D 843 -4.95 13.61 24.51
N TYR D 844 -6.14 13.25 24.02
CA TYR D 844 -6.24 12.52 22.77
C TYR D 844 -5.75 13.35 21.59
N PHE D 845 -6.13 14.63 21.56
CA PHE D 845 -5.71 15.50 20.47
C PHE D 845 -4.19 15.63 20.44
N ILE D 846 -3.56 15.74 21.61
CA ILE D 846 -2.11 15.79 21.67
C ILE D 846 -1.50 14.45 21.28
N SER D 847 -2.12 13.34 21.67
CA SER D 847 -1.54 12.04 21.40
C SER D 847 -1.55 11.68 19.92
N THR D 848 -2.50 12.21 19.14
CA THR D 848 -2.56 11.84 17.73
C THR D 848 -1.38 12.37 16.91
N HIS D 849 -0.67 13.39 17.40
CA HIS D 849 0.50 13.92 16.71
C HIS D 849 1.49 12.82 16.36
N GLY D 850 1.99 12.13 17.39
CA GLY D 850 2.98 11.10 17.18
C GLY D 850 2.47 9.94 16.34
N ALA D 851 1.19 9.61 16.46
CA ALA D 851 0.62 8.54 15.65
C ALA D 851 0.70 8.88 14.17
N ARG D 852 0.26 10.10 13.82
CA ARG D 852 0.32 10.53 12.43
C ARG D 852 1.76 10.54 11.96
N LYS D 853 2.65 11.11 12.76
CA LYS D 853 4.06 11.21 12.37
C LYS D 853 4.66 9.83 12.12
N GLY D 854 4.36 8.86 12.99
CA GLY D 854 4.89 7.52 12.81
C GLY D 854 4.34 6.84 11.58
N LEU D 855 3.05 7.05 11.30
CA LEU D 855 2.46 6.46 10.09
C LEU D 855 3.14 7.00 8.84
N ALA D 856 3.32 8.32 8.76
CA ALA D 856 3.99 8.89 7.61
C ALA D 856 5.45 8.41 7.51
N ASP D 857 6.13 8.33 8.66
CA ASP D 857 7.51 7.88 8.67
C ASP D 857 7.62 6.46 8.11
N THR D 858 6.73 5.56 8.55
CA THR D 858 6.77 4.20 8.01
C THR D 858 6.51 4.19 6.52
N ALA D 859 5.52 4.98 6.08
CA ALA D 859 5.19 5.01 4.66
C ALA D 859 6.40 5.41 3.82
N LEU D 860 7.16 6.40 4.28
CA LEU D 860 8.33 6.83 3.51
C LEU D 860 9.49 5.84 3.65
N ARG D 861 9.71 5.32 4.85
CA ARG D 861 10.84 4.43 5.09
C ARG D 861 10.74 3.13 4.33
N THR D 862 9.52 2.67 3.99
CA THR D 862 9.44 1.49 3.13
C THR D 862 10.19 1.72 1.82
N ALA D 863 9.88 2.81 1.13
CA ALA D 863 10.54 3.10 -0.14
C ALA D 863 12.03 3.41 0.07
N ASP D 864 12.36 4.08 1.18
CA ASP D 864 13.76 4.36 1.46
C ASP D 864 14.58 3.08 1.55
N SER D 865 14.09 2.11 2.35
CA SER D 865 14.78 0.84 2.47
C SER D 865 14.79 0.08 1.15
N GLY D 866 13.73 0.19 0.36
CA GLY D 866 13.74 -0.44 -0.95
C GLY D 866 14.85 0.08 -1.84
N TYR D 867 15.02 1.40 -1.86
CA TYR D 867 16.10 1.99 -2.64
C TYR D 867 17.46 1.55 -2.12
N LEU D 868 17.63 1.53 -0.80
CA LEU D 868 18.89 1.08 -0.23
C LEU D 868 19.21 -0.35 -0.63
N THR D 869 18.20 -1.23 -0.58
CA THR D 869 18.42 -2.62 -0.96
C THR D 869 18.74 -2.74 -2.44
N ARG D 870 18.09 -1.92 -3.28
CA ARG D 870 18.42 -1.93 -4.70
C ARG D 870 19.88 -1.59 -4.93
N ARG D 871 20.37 -0.53 -4.28
CA ARG D 871 21.77 -0.17 -4.43
C ARG D 871 22.69 -1.26 -3.90
N LEU D 872 22.37 -1.84 -2.75
CA LEU D 872 23.23 -2.88 -2.19
C LEU D 872 23.28 -4.09 -3.12
N VAL D 873 22.14 -4.47 -3.69
CA VAL D 873 22.12 -5.61 -4.60
C VAL D 873 22.94 -5.31 -5.84
N ASP D 874 22.79 -4.11 -6.41
CA ASP D 874 23.51 -3.82 -7.64
C ASP D 874 25.01 -3.83 -7.41
N VAL D 875 25.46 -3.30 -6.26
CA VAL D 875 26.89 -3.34 -5.95
C VAL D 875 27.34 -4.77 -5.76
N SER D 876 26.72 -5.49 -4.83
CA SER D 876 27.25 -6.77 -4.38
C SER D 876 26.97 -7.91 -5.35
N GLN D 877 26.06 -7.72 -6.30
CA GLN D 877 25.75 -8.80 -7.21
C GLN D 877 26.99 -9.25 -7.97
N ASP D 878 27.03 -10.54 -8.30
CA ASP D 878 28.10 -11.19 -9.03
C ASP D 878 29.31 -11.52 -8.16
N VAL D 879 29.28 -11.24 -6.86
CA VAL D 879 30.27 -11.80 -5.95
C VAL D 879 29.80 -13.20 -5.58
N ILE D 880 30.24 -14.18 -6.36
CA ILE D 880 29.73 -15.54 -6.31
C ILE D 880 30.86 -16.48 -5.91
N ILE D 881 30.55 -17.44 -5.04
CA ILE D 881 31.55 -18.40 -4.59
C ILE D 881 31.87 -19.33 -5.75
N ARG D 882 33.04 -19.14 -6.36
CA ARG D 882 33.48 -19.95 -7.49
C ARG D 882 34.63 -20.89 -7.14
N GLU D 883 35.18 -20.80 -5.93
CA GLU D 883 36.37 -21.54 -5.55
C GLU D 883 36.11 -22.31 -4.26
N GLU D 884 36.43 -23.60 -4.26
CA GLU D 884 36.26 -24.41 -3.05
C GLU D 884 37.20 -23.93 -1.95
N ASP D 885 38.46 -23.65 -2.29
CA ASP D 885 39.44 -23.29 -1.27
C ASP D 885 40.62 -22.60 -1.95
N CYS D 886 40.84 -21.34 -1.58
CA CYS D 886 42.13 -20.70 -1.83
C CYS D 886 43.07 -21.04 -0.69
N GLY D 887 44.36 -21.20 -1.01
CA GLY D 887 45.31 -21.65 -0.02
C GLY D 887 45.87 -20.56 0.86
N THR D 888 45.07 -19.54 1.17
CA THR D 888 45.55 -18.45 1.99
C THR D 888 45.74 -18.88 3.43
N GLU D 889 46.51 -18.08 4.17
CA GLU D 889 46.69 -18.25 5.61
C GLU D 889 46.43 -16.95 6.36
N ARG D 890 45.89 -15.94 5.69
CA ARG D 890 45.62 -14.64 6.28
C ARG D 890 44.20 -14.59 6.81
N GLY D 891 43.96 -13.64 7.72
CA GLY D 891 42.66 -13.53 8.33
C GLY D 891 42.55 -12.28 9.18
N LEU D 892 41.41 -12.17 9.86
CA LEU D 892 41.15 -11.08 10.79
C LEU D 892 41.47 -11.51 12.22
N LYS D 893 42.05 -10.56 12.97
CA LYS D 893 42.37 -10.75 14.38
C LYS D 893 41.18 -10.29 15.20
N LEU D 894 40.17 -11.13 15.27
CA LEU D 894 38.94 -10.74 15.94
C LEU D 894 39.04 -11.02 17.43
N PRO D 895 38.53 -10.14 18.31
CA PRO D 895 38.53 -10.45 19.75
C PRO D 895 37.66 -11.65 20.07
N ILE D 896 38.27 -12.75 20.51
CA ILE D 896 37.50 -13.97 20.76
C ILE D 896 36.80 -13.90 22.10
N ALA D 897 37.53 -13.58 23.18
CA ALA D 897 36.96 -13.44 24.52
C ALA D 897 37.60 -12.21 25.18
N THR D 898 37.02 -11.05 24.90
CA THR D 898 37.41 -9.79 25.54
C THR D 898 36.52 -9.58 26.76
N ARG D 899 36.45 -8.34 27.26
CA ARG D 899 35.67 -8.00 28.44
C ARG D 899 36.27 -8.61 29.71
N ASP D 900 37.57 -8.39 29.92
CA ASP D 900 38.23 -8.79 31.17
C ASP D 900 38.05 -7.67 32.20
N ALA D 901 36.80 -7.52 32.64
CA ALA D 901 36.46 -6.42 33.54
C ALA D 901 37.21 -6.54 34.86
N ASP D 902 36.87 -7.53 35.68
CA ASP D 902 37.65 -7.87 36.87
C ASP D 902 38.57 -9.04 36.62
N GLY D 903 39.40 -8.95 35.59
CA GLY D 903 40.30 -10.04 35.25
C GLY D 903 39.59 -11.36 35.02
N THR D 904 38.43 -11.33 34.37
CA THR D 904 37.62 -12.52 34.13
C THR D 904 37.41 -12.67 32.63
N LEU D 905 37.77 -13.84 32.10
CA LEU D 905 37.65 -14.09 30.66
C LEU D 905 36.21 -14.46 30.33
N ARG D 906 35.51 -13.53 29.70
CA ARG D 906 34.13 -13.76 29.33
C ARG D 906 33.94 -13.67 27.83
N LYS D 907 33.15 -14.57 27.26
CA LYS D 907 32.83 -14.49 25.85
C LYS D 907 32.30 -13.10 25.52
N ALA D 908 32.76 -12.54 24.40
CA ALA D 908 32.37 -11.17 24.06
C ALA D 908 30.87 -11.09 23.80
N GLU D 909 30.34 -9.88 23.90
CA GLU D 909 28.90 -9.68 23.81
C GLU D 909 28.36 -9.84 22.40
N ASP D 910 29.21 -9.92 21.38
CA ASP D 910 28.75 -10.01 20.00
C ASP D 910 29.57 -11.03 19.21
N VAL D 911 29.90 -12.15 19.83
CA VAL D 911 30.54 -13.24 19.11
C VAL D 911 29.57 -13.87 18.12
N GLU D 912 28.26 -13.78 18.38
CA GLU D 912 27.27 -14.38 17.50
C GLU D 912 27.31 -13.75 16.12
N THR D 913 27.44 -12.43 16.06
CA THR D 913 27.44 -11.74 14.77
C THR D 913 28.82 -11.69 14.15
N SER D 914 29.86 -11.49 14.96
CA SER D 914 31.20 -11.21 14.46
C SER D 914 32.03 -12.46 14.19
N VAL D 915 32.23 -13.29 15.20
CA VAL D 915 33.17 -14.40 15.12
C VAL D 915 32.50 -15.73 14.78
N TYR D 916 31.22 -15.89 15.12
CA TYR D 916 30.53 -17.15 14.81
C TYR D 916 30.49 -17.37 13.31
N ALA D 917 30.55 -18.63 12.92
CA ALA D 917 30.44 -19.12 11.55
C ALA D 917 31.68 -18.82 10.71
N ARG D 918 32.64 -18.04 11.21
CA ARG D 918 33.86 -17.74 10.48
C ARG D 918 34.90 -18.80 10.80
N MET D 919 35.42 -19.45 9.78
CA MET D 919 36.38 -20.52 9.99
C MET D 919 37.69 -19.96 10.55
N LEU D 920 38.62 -20.87 10.82
CA LEU D 920 39.88 -20.55 11.49
C LEU D 920 41.02 -20.59 10.49
N ALA D 921 41.87 -19.55 10.53
CA ALA D 921 42.99 -19.48 9.61
C ALA D 921 43.96 -20.64 9.80
N GLU D 922 44.46 -20.78 11.03
CA GLU D 922 45.40 -21.83 11.34
C GLU D 922 45.17 -22.33 12.76
N ASP D 923 45.82 -23.42 13.14
CA ASP D 923 45.62 -24.01 14.46
C ASP D 923 45.99 -23.03 15.55
N VAL D 924 45.22 -23.02 16.63
CA VAL D 924 45.45 -22.13 17.77
C VAL D 924 46.00 -22.98 18.90
N VAL D 925 47.16 -22.57 19.43
CA VAL D 925 47.86 -23.29 20.48
C VAL D 925 48.23 -22.28 21.57
N ILE D 926 47.88 -22.61 22.82
CA ILE D 926 48.18 -21.74 23.95
C ILE D 926 48.95 -22.51 25.02
N ASP D 927 48.78 -23.83 25.05
CA ASP D 927 49.43 -24.69 26.03
C ASP D 927 50.31 -25.75 25.36
N GLY D 928 50.73 -25.52 24.12
CA GLY D 928 51.51 -26.48 23.38
C GLY D 928 50.71 -27.58 22.71
N LYS D 929 49.39 -27.45 22.66
CA LYS D 929 48.53 -28.43 22.02
C LYS D 929 47.45 -27.70 21.22
N VAL D 930 46.93 -28.38 20.19
CA VAL D 930 45.96 -27.77 19.28
C VAL D 930 44.61 -27.76 19.98
N ILE D 931 44.16 -26.57 20.38
CA ILE D 931 42.83 -26.44 20.95
C ILE D 931 41.77 -26.45 19.85
N ALA D 932 42.02 -25.74 18.76
CA ALA D 932 41.10 -25.68 17.61
C ALA D 932 41.91 -25.98 16.36
N PRO D 933 41.60 -27.04 15.60
CA PRO D 933 42.35 -27.28 14.36
C PRO D 933 42.08 -26.19 13.33
N ALA D 934 42.92 -26.17 12.31
CA ALA D 934 42.80 -25.17 11.27
C ALA D 934 41.53 -25.39 10.46
N ASN D 935 41.06 -24.31 9.84
CA ASN D 935 39.95 -24.28 8.88
C ASN D 935 38.82 -25.25 9.27
N VAL D 936 38.30 -25.04 10.48
CA VAL D 936 37.15 -25.78 10.98
C VAL D 936 36.09 -24.78 11.40
N ASP D 937 34.82 -25.18 11.28
CA ASP D 937 33.72 -24.29 11.62
C ASP D 937 33.85 -23.86 13.08
N LEU D 938 33.70 -22.55 13.30
CA LEU D 938 33.98 -21.94 14.60
C LEU D 938 32.67 -21.81 15.38
N GLY D 939 32.24 -22.93 15.96
CA GLY D 939 31.05 -22.98 16.76
C GLY D 939 31.31 -22.69 18.22
N ASP D 940 30.24 -22.78 19.02
CA ASP D 940 30.31 -22.34 20.42
C ASP D 940 31.24 -23.19 21.25
N VAL D 941 31.37 -24.48 20.95
CA VAL D 941 32.24 -25.34 21.75
C VAL D 941 33.67 -24.84 21.69
N LEU D 942 34.15 -24.47 20.49
CA LEU D 942 35.46 -23.87 20.37
C LEU D 942 35.55 -22.57 21.16
N ILE D 943 34.46 -21.81 21.20
CA ILE D 943 34.46 -20.56 21.95
C ILE D 943 34.69 -20.83 23.43
N ASP D 944 33.96 -21.81 23.98
CA ASP D 944 34.14 -22.13 25.40
C ASP D 944 35.56 -22.61 25.67
N ALA D 945 36.09 -23.46 24.79
CA ALA D 945 37.46 -23.94 24.96
C ALA D 945 38.43 -22.76 25.02
N LEU D 946 38.35 -21.86 24.04
CA LEU D 946 39.33 -20.80 23.92
C LEU D 946 39.17 -19.76 25.02
N VAL D 947 37.95 -19.43 25.41
CA VAL D 947 37.76 -18.47 26.50
C VAL D 947 38.23 -19.06 27.82
N ALA D 948 37.99 -20.36 28.03
CA ALA D 948 38.48 -20.99 29.25
C ALA D 948 40.01 -20.97 29.29
N HIS D 949 40.66 -21.22 28.16
CA HIS D 949 42.12 -21.28 28.14
C HIS D 949 42.79 -19.91 28.10
N GLY D 950 42.05 -18.83 27.86
CA GLY D 950 42.52 -17.49 28.16
C GLY D 950 42.86 -16.61 26.96
N VAL D 951 42.73 -17.10 25.73
CA VAL D 951 43.07 -16.26 24.59
C VAL D 951 42.14 -15.05 24.53
N GLU D 952 42.59 -14.01 23.82
CA GLU D 952 41.82 -12.78 23.65
C GLU D 952 41.68 -12.37 22.19
N GLU D 953 42.15 -13.19 21.25
CA GLU D 953 42.01 -12.93 19.83
C GLU D 953 41.89 -14.26 19.09
N VAL D 954 41.60 -14.17 17.80
CA VAL D 954 41.54 -15.37 16.94
C VAL D 954 41.67 -14.92 15.50
N LYS D 955 42.36 -15.73 14.70
CA LYS D 955 42.68 -15.41 13.31
C LYS D 955 41.73 -16.19 12.40
N THR D 956 40.74 -15.49 11.85
CA THR D 956 39.69 -16.12 11.05
C THR D 956 39.84 -15.81 9.57
N ARG D 957 39.67 -16.83 8.73
CA ARG D 957 39.60 -16.61 7.30
C ARG D 957 38.39 -15.75 6.97
N SER D 958 38.53 -14.92 5.92
CA SER D 958 37.48 -14.00 5.55
C SER D 958 37.59 -13.64 4.09
N ILE D 959 36.50 -13.08 3.55
CA ILE D 959 36.51 -12.61 2.17
C ILE D 959 37.43 -11.40 2.04
N LEU D 960 37.43 -10.52 3.04
CA LEU D 960 38.24 -9.31 2.99
C LEU D 960 39.71 -9.63 2.78
N THR D 961 40.19 -10.71 3.37
CA THR D 961 41.57 -11.16 3.22
C THR D 961 41.69 -12.32 2.24
N CYS D 962 40.62 -12.67 1.54
CA CYS D 962 40.66 -13.78 0.60
C CYS D 962 41.48 -13.40 -0.62
N GLU D 963 42.29 -14.33 -1.10
CA GLU D 963 43.15 -14.14 -2.26
C GLU D 963 42.93 -15.34 -3.19
N SER D 964 41.92 -15.25 -4.06
CA SER D 964 41.56 -16.31 -4.97
C SER D 964 41.51 -15.77 -6.39
N GLN D 965 41.92 -16.60 -7.35
CA GLN D 965 41.92 -16.18 -8.74
C GLN D 965 40.51 -15.88 -9.23
N VAL D 966 39.54 -16.69 -8.83
CA VAL D 966 38.16 -16.56 -9.29
C VAL D 966 37.33 -16.06 -8.13
N GLY D 967 37.22 -14.73 -8.00
CA GLY D 967 36.31 -14.14 -7.04
C GLY D 967 36.57 -14.58 -5.62
N THR D 968 35.49 -14.96 -4.93
CA THR D 968 35.54 -15.41 -3.56
C THR D 968 35.53 -16.93 -3.51
N CYS D 969 35.99 -17.47 -2.38
CA CYS D 969 36.06 -18.91 -2.16
C CYS D 969 35.16 -19.28 -0.98
N ALA D 970 34.67 -20.52 -1.00
CA ALA D 970 33.73 -20.97 0.03
C ALA D 970 34.38 -20.95 1.40
N MET D 971 35.62 -21.40 1.50
CA MET D 971 36.26 -21.58 2.81
C MET D 971 36.43 -20.23 3.51
N CYS D 972 36.82 -19.20 2.77
CA CYS D 972 37.04 -17.90 3.40
C CYS D 972 35.73 -17.25 3.83
N TYR D 973 34.66 -17.41 3.04
CA TYR D 973 33.38 -16.82 3.44
C TYR D 973 32.90 -17.44 4.75
N GLY D 974 32.97 -18.76 4.87
CA GLY D 974 32.58 -19.45 6.08
C GLY D 974 31.53 -20.50 5.83
N ARG D 975 30.51 -20.53 6.67
CA ARG D 975 29.36 -21.41 6.49
C ARG D 975 28.14 -20.55 6.19
N SER D 976 27.29 -21.03 5.28
CA SER D 976 26.09 -20.30 4.92
C SER D 976 25.16 -20.23 6.12
N LEU D 977 24.86 -19.01 6.58
CA LEU D 977 24.04 -18.85 7.76
C LEU D 977 22.62 -19.40 7.56
N ALA D 978 22.22 -19.61 6.32
CA ALA D 978 20.89 -20.14 6.02
C ALA D 978 20.85 -21.66 6.01
N THR D 979 21.85 -22.31 5.42
CA THR D 979 21.88 -23.76 5.31
C THR D 979 22.63 -24.44 6.44
N GLY D 980 23.47 -23.71 7.17
CA GLY D 980 24.20 -24.31 8.28
C GLY D 980 25.49 -24.99 7.87
N LYS D 981 25.47 -25.70 6.75
CA LYS D 981 26.64 -26.42 6.28
C LYS D 981 27.63 -25.45 5.64
N LEU D 982 28.69 -25.98 5.04
CA LEU D 982 29.67 -25.14 4.37
C LEU D 982 29.05 -24.51 3.13
N VAL D 983 29.51 -23.29 2.81
CA VAL D 983 28.96 -22.57 1.67
C VAL D 983 29.23 -23.36 0.40
N ASP D 984 28.20 -23.53 -0.42
CA ASP D 984 28.33 -24.27 -1.66
C ASP D 984 28.80 -23.34 -2.78
N ILE D 985 29.61 -23.90 -3.68
CA ILE D 985 30.15 -23.12 -4.78
C ILE D 985 29.01 -22.74 -5.72
N GLY D 986 28.97 -21.48 -6.12
CA GLY D 986 27.88 -20.94 -6.89
C GLY D 986 26.84 -20.20 -6.07
N GLU D 987 27.12 -19.92 -4.80
CA GLU D 987 26.18 -19.23 -3.93
C GLU D 987 26.24 -17.73 -4.23
N ALA D 988 25.09 -17.15 -4.56
CA ALA D 988 25.00 -15.72 -4.82
C ALA D 988 25.06 -14.99 -3.48
N VAL D 989 26.27 -14.93 -2.93
CA VAL D 989 26.44 -14.36 -1.59
C VAL D 989 26.16 -12.87 -1.58
N GLY D 990 26.41 -12.18 -2.68
CA GLY D 990 26.18 -10.74 -2.71
C GLY D 990 24.73 -10.37 -2.54
N ILE D 991 23.84 -11.06 -3.27
CA ILE D 991 22.42 -10.81 -3.13
C ILE D 991 21.94 -11.16 -1.73
N ILE D 992 22.47 -12.25 -1.16
CA ILE D 992 22.10 -12.63 0.19
C ILE D 992 22.50 -11.55 1.19
N ALA D 993 23.72 -11.01 1.04
CA ALA D 993 24.16 -9.96 1.93
C ALA D 993 23.33 -8.69 1.78
N ALA D 994 23.01 -8.32 0.53
CA ALA D 994 22.19 -7.14 0.30
C ALA D 994 20.80 -7.31 0.90
N GLN D 995 20.17 -8.47 0.70
CA GLN D 995 18.86 -8.72 1.28
C GLN D 995 18.92 -8.75 2.79
N SER D 996 19.99 -9.31 3.35
CA SER D 996 20.13 -9.37 4.80
C SER D 996 20.25 -7.98 5.40
N ILE D 997 20.97 -7.08 4.74
CA ILE D 997 21.07 -5.70 5.24
C ILE D 997 19.80 -4.91 4.96
N GLY D 998 19.04 -5.27 3.92
CA GLY D 998 17.84 -4.53 3.56
C GLY D 998 16.61 -4.91 4.35
N GLU D 999 16.51 -6.17 4.79
CA GLU D 999 15.32 -6.62 5.51
C GLU D 999 15.00 -5.74 6.72
N PRO D 1000 15.91 -5.55 7.67
CA PRO D 1000 15.58 -4.73 8.84
C PRO D 1000 15.50 -3.24 8.56
N GLY D 1001 15.71 -2.81 7.32
CA GLY D 1001 15.71 -1.39 7.02
C GLY D 1001 14.40 -0.72 7.38
N THR D 1002 13.28 -1.41 7.16
CA THR D 1002 11.98 -0.82 7.45
C THR D 1002 11.77 -0.62 8.95
N GLN D 1003 12.32 -1.51 9.76
CA GLN D 1003 12.04 -1.54 11.20
C GLN D 1003 13.09 -0.83 12.03
N LEU D 1004 14.03 -0.11 11.41
CA LEU D 1004 15.04 0.61 12.19
C LEU D 1004 14.38 1.65 13.07
N THR D 1005 13.73 2.64 12.46
CA THR D 1005 12.94 3.63 13.20
C THR D 1005 13.80 4.44 14.15
N MET D 1006 14.98 4.83 13.66
CA MET D 1006 15.90 5.63 14.43
C MET D 1006 15.95 7.05 13.93
N ARG D 1007 15.29 7.97 14.61
CA ARG D 1007 15.39 9.39 14.28
C ARG D 1007 15.00 10.17 15.52
N THR D 1008 15.43 11.43 15.57
CA THR D 1008 15.22 12.24 16.76
C THR D 1008 13.74 12.36 17.10
N PHE D 1009 13.39 12.01 18.34
CA PHE D 1009 12.01 12.16 18.78
C PHE D 1009 11.61 13.64 18.83
N HIS D 1010 12.51 14.48 19.33
CA HIS D 1010 12.27 15.92 19.44
C HIS D 1010 13.51 16.65 18.93
N THR D 1011 13.29 17.90 18.49
CA THR D 1011 14.41 18.70 17.99
C THR D 1011 15.45 18.92 19.08
N GLY D 1012 15.01 19.22 20.30
CA GLY D 1012 15.93 19.40 21.41
C GLY D 1012 16.84 20.59 21.29
N GLY D 1013 16.56 21.51 20.36
CA GLY D 1013 17.43 22.66 20.18
C GLY D 1013 18.86 22.31 19.85
N VAL D 1014 19.06 21.26 19.06
CA VAL D 1014 20.38 20.79 18.68
C VAL D 1014 20.41 20.55 17.17
N ALA D 1015 21.47 21.02 16.53
CA ALA D 1015 21.69 20.78 15.11
C ALA D 1015 23.18 20.59 14.89
N GLY D 1016 23.53 19.79 13.88
CA GLY D 1016 24.93 19.49 13.61
C GLY D 1016 25.53 18.46 14.55
N ASP D 1017 25.40 18.67 15.86
CA ASP D 1017 25.90 17.69 16.82
C ASP D 1017 25.20 16.35 16.64
N ASP D 1018 23.87 16.39 16.47
CA ASP D 1018 23.11 15.17 16.25
C ASP D 1018 23.34 14.66 14.82
N ILE D 1019 24.28 13.73 14.65
CA ILE D 1019 24.49 13.14 13.34
C ILE D 1019 23.23 12.39 12.92
N THR D 1020 23.12 12.12 11.62
CA THR D 1020 21.96 11.41 11.11
C THR D 1020 21.87 10.04 11.79
N GLN D 1021 20.65 9.66 12.16
CA GLN D 1021 20.39 8.43 12.90
C GLN D 1021 19.50 7.50 12.08
N GLY D 1022 19.79 6.21 12.14
CA GLY D 1022 18.95 5.21 11.50
C GLY D 1022 19.31 4.92 10.06
N LEU D 1023 18.30 4.68 9.25
CA LEU D 1023 18.54 4.42 7.83
C LEU D 1023 19.30 5.55 7.15
N PRO D 1024 19.05 6.83 7.44
CA PRO D 1024 19.95 7.87 6.91
C PRO D 1024 21.40 7.63 7.28
N ARG D 1025 21.67 7.16 8.50
CA ARG D 1025 23.04 6.85 8.88
C ARG D 1025 23.59 5.69 8.05
N VAL D 1026 22.77 4.66 7.81
CA VAL D 1026 23.26 3.52 7.05
C VAL D 1026 23.60 3.92 5.62
N VAL D 1027 22.74 4.73 4.99
CA VAL D 1027 23.05 5.19 3.64
C VAL D 1027 24.29 6.08 3.66
N GLU D 1028 24.46 6.88 4.73
CA GLU D 1028 25.63 7.72 4.83
C GLU D 1028 26.92 6.90 4.86
N LEU D 1029 26.96 5.87 5.69
CA LEU D 1029 28.15 5.01 5.72
C LEU D 1029 28.34 4.25 4.40
N PHE D 1030 27.26 3.72 3.83
CA PHE D 1030 27.42 2.86 2.67
C PHE D 1030 27.76 3.64 1.40
N GLU D 1031 27.31 4.89 1.29
CA GLU D 1031 27.62 5.69 0.13
C GLU D 1031 29.02 6.31 0.17
N ALA D 1032 29.71 6.21 1.30
CA ALA D 1032 30.99 6.86 1.58
C ALA D 1032 30.83 8.37 1.73
N ARG D 1033 29.59 8.88 1.75
CA ARG D 1033 29.38 10.31 1.92
C ARG D 1033 29.96 10.77 3.24
N THR D 1034 30.54 11.97 3.24
CA THR D 1034 31.15 12.50 4.45
C THR D 1034 30.07 12.67 5.52
N PRO D 1035 30.31 12.19 6.75
CA PRO D 1035 29.27 12.33 7.79
C PRO D 1035 28.87 13.78 8.02
N LYS D 1036 27.59 13.97 8.35
CA LYS D 1036 27.06 15.31 8.58
C LYS D 1036 27.79 16.01 9.71
N GLY D 1037 27.91 15.34 10.86
CA GLY D 1037 28.65 15.90 11.98
C GLY D 1037 30.11 15.50 11.92
N VAL D 1038 30.78 15.91 10.84
CA VAL D 1038 32.17 15.52 10.62
C VAL D 1038 33.06 16.11 11.71
N ALA D 1039 34.12 15.37 12.06
CA ALA D 1039 35.12 15.82 13.02
C ALA D 1039 36.49 15.43 12.46
N PRO D 1040 37.46 16.34 12.44
CA PRO D 1040 38.78 15.97 11.90
C PRO D 1040 39.48 14.94 12.77
N ILE D 1041 40.39 14.20 12.15
CA ILE D 1041 41.14 13.13 12.80
C ILE D 1041 42.63 13.40 12.56
N SER D 1042 43.40 13.35 13.65
CA SER D 1042 44.80 13.76 13.60
C SER D 1042 45.58 12.97 12.55
N GLU D 1043 46.39 13.69 11.79
CA GLU D 1043 47.18 13.05 10.74
C GLU D 1043 48.38 12.28 11.28
N ALA D 1044 49.00 12.80 12.34
CA ALA D 1044 50.15 12.15 12.95
C ALA D 1044 50.20 12.50 14.42
N SER D 1045 50.88 11.64 15.20
CA SER D 1045 51.05 11.90 16.62
C SER D 1045 51.77 13.23 16.82
N GLY D 1046 51.25 14.05 17.72
CA GLY D 1046 51.78 15.40 17.82
C GLY D 1046 51.27 16.14 19.04
N ARG D 1047 51.68 17.40 19.13
CA ARG D 1047 51.23 18.29 20.19
C ARG D 1047 50.15 19.20 19.61
N VAL D 1048 48.95 19.11 20.21
CA VAL D 1048 47.78 19.86 19.67
C VAL D 1048 47.38 20.96 20.66
N ARG D 1049 47.11 22.17 20.15
CA ARG D 1049 46.73 23.32 20.93
C ARG D 1049 45.65 24.07 20.19
N ILE D 1050 45.15 25.16 20.75
CA ILE D 1050 44.08 25.97 20.18
C ILE D 1050 44.65 27.32 19.77
N GLU D 1051 44.35 27.73 18.54
CA GLU D 1051 44.68 29.06 18.06
C GLU D 1051 43.39 29.79 17.72
N GLU D 1052 42.42 29.70 18.63
CA GLU D 1052 41.09 30.26 18.40
C GLU D 1052 41.19 31.75 18.10
N THR D 1053 40.51 32.18 17.03
CA THR D 1053 40.40 33.57 16.67
C THR D 1053 38.93 33.96 16.71
N GLU D 1054 38.65 35.18 17.17
CA GLU D 1054 37.27 35.63 17.31
C GLU D 1054 36.56 35.57 15.97
N LYS D 1055 37.25 35.90 14.88
CA LYS D 1055 36.66 35.80 13.55
C LYS D 1055 36.40 34.34 13.18
N THR D 1056 37.33 33.45 13.52
CA THR D 1056 37.23 32.06 13.12
C THR D 1056 38.03 31.21 14.09
N LYS D 1057 37.35 30.29 14.78
CA LYS D 1057 38.04 29.40 15.72
C LYS D 1057 38.86 28.37 14.94
N LYS D 1058 39.93 27.91 15.57
CA LYS D 1058 40.89 27.02 14.93
C LYS D 1058 41.50 26.10 15.97
N ILE D 1059 41.84 24.88 15.56
CA ILE D 1059 42.58 23.95 16.41
C ILE D 1059 43.78 23.46 15.60
N VAL D 1060 44.99 23.67 16.11
CA VAL D 1060 46.22 23.45 15.37
C VAL D 1060 47.04 22.40 16.10
N VAL D 1061 47.50 21.39 15.36
CA VAL D 1061 48.36 20.34 15.90
C VAL D 1061 49.65 20.39 15.10
N THR D 1062 50.77 20.49 15.80
CA THR D 1062 52.09 20.37 15.17
C THR D 1062 52.69 19.03 15.59
N PRO D 1063 53.10 18.16 14.67
CA PRO D 1063 53.67 16.88 15.08
C PRO D 1063 55.14 17.00 15.45
N ASP D 1064 55.56 16.09 16.33
CA ASP D 1064 56.97 15.95 16.67
C ASP D 1064 57.65 15.18 15.55
N ASP D 1065 58.88 14.74 15.79
CA ASP D 1065 59.65 14.00 14.78
C ASP D 1065 59.94 14.85 13.55
N GLY D 1066 60.03 16.17 13.75
CA GLY D 1066 60.38 17.08 12.67
C GLY D 1066 59.41 17.08 11.51
N SER D 1067 58.12 17.17 11.81
CA SER D 1067 57.07 17.15 10.80
C SER D 1067 56.48 18.55 10.60
N ASP D 1068 55.72 18.69 9.52
CA ASP D 1068 55.03 19.94 9.24
C ASP D 1068 53.75 20.04 10.06
N GLU D 1069 53.38 21.27 10.40
CA GLU D 1069 52.20 21.51 11.21
C GLU D 1069 50.93 21.36 10.38
N THR D 1070 49.82 21.13 11.07
CA THR D 1070 48.50 21.04 10.45
C THR D 1070 47.48 21.78 11.31
N ALA D 1071 46.41 22.23 10.68
CA ALA D 1071 45.38 23.01 11.35
C ALA D 1071 44.01 22.58 10.85
N PHE D 1072 42.99 22.80 11.69
CA PHE D 1072 41.61 22.47 11.35
C PHE D 1072 40.74 23.66 11.72
N PRO D 1073 39.94 24.19 10.79
CA PRO D 1073 38.93 25.20 11.17
C PRO D 1073 37.73 24.51 11.81
N ILE D 1074 37.39 24.95 13.01
CA ILE D 1074 36.33 24.35 13.81
C ILE D 1074 35.33 25.43 14.22
N SER D 1075 34.08 25.03 14.42
CA SER D 1075 33.06 25.97 14.82
C SER D 1075 33.21 26.33 16.30
N LYS D 1076 32.52 27.40 16.70
CA LYS D 1076 32.55 27.83 18.10
C LYS D 1076 31.99 26.74 19.00
N ARG D 1077 30.88 26.14 18.61
CA ARG D 1077 30.26 25.05 19.36
C ARG D 1077 30.91 23.75 18.89
N ALA D 1078 31.95 23.33 19.61
CA ALA D 1078 32.76 22.19 19.22
C ALA D 1078 32.91 21.13 20.30
N ARG D 1079 32.67 21.44 21.57
CA ARG D 1079 32.71 20.43 22.63
C ARG D 1079 33.94 19.59 22.43
N LEU D 1080 35.12 20.20 22.43
CA LEU D 1080 36.34 19.48 22.09
C LEU D 1080 36.62 18.37 23.09
N LEU D 1081 36.95 17.19 22.58
CA LEU D 1081 37.29 16.04 23.40
C LEU D 1081 38.80 15.88 23.59
N VAL D 1082 39.61 16.79 23.08
CA VAL D 1082 41.05 16.78 23.25
C VAL D 1082 41.47 18.12 23.81
N GLY D 1083 42.26 18.10 24.89
CA GLY D 1083 42.71 19.33 25.50
C GLY D 1083 43.83 19.98 24.73
N GLU D 1084 44.15 21.21 25.13
CA GLU D 1084 45.18 22.00 24.45
C GLU D 1084 46.57 21.55 24.87
N GLY D 1085 47.54 21.68 23.94
CA GLY D 1085 48.92 21.29 24.24
C GLY D 1085 49.04 19.83 24.63
N ASP D 1086 48.11 18.97 24.16
CA ASP D 1086 48.16 17.57 24.55
C ASP D 1086 48.76 16.72 23.44
N HIS D 1087 49.08 15.47 23.80
CA HIS D 1087 49.71 14.53 22.89
C HIS D 1087 48.63 13.70 22.20
N VAL D 1088 48.35 14.03 20.94
CA VAL D 1088 47.47 13.22 20.12
C VAL D 1088 48.31 12.18 19.39
N GLU D 1089 47.64 11.14 18.88
CA GLU D 1089 48.28 10.05 18.18
C GLU D 1089 47.85 10.04 16.72
N VAL D 1090 48.41 9.09 15.96
CA VAL D 1090 48.27 9.10 14.50
C VAL D 1090 46.81 8.93 14.07
N GLY D 1091 46.00 8.26 14.89
CA GLY D 1091 44.65 7.89 14.48
C GLY D 1091 43.56 8.26 15.46
N GLN D 1092 43.65 9.44 16.06
CA GLN D 1092 42.71 9.88 17.08
C GLN D 1092 41.90 11.07 16.60
N LYS D 1093 40.69 11.20 17.13
CA LYS D 1093 39.82 12.31 16.80
C LYS D 1093 40.20 13.55 17.60
N LEU D 1094 39.64 14.69 17.20
CA LEU D 1094 39.91 15.97 17.86
C LEU D 1094 38.67 16.57 18.49
N THR D 1095 37.54 16.60 17.78
CA THR D 1095 36.29 17.10 18.31
C THR D 1095 35.22 16.02 18.20
N VAL D 1096 34.11 16.25 18.90
CA VAL D 1096 33.02 15.28 18.95
C VAL D 1096 32.29 15.31 17.62
N GLY D 1097 32.13 14.15 17.01
CA GLY D 1097 31.47 14.07 15.71
C GLY D 1097 31.60 12.69 15.13
N ALA D 1098 31.45 12.61 13.81
CA ALA D 1098 31.54 11.35 13.08
C ALA D 1098 32.76 11.41 12.16
N THR D 1099 33.74 10.55 12.42
CA THR D 1099 34.95 10.52 11.61
C THR D 1099 34.63 10.14 10.17
N ASN D 1100 35.33 10.77 9.23
CA ASN D 1100 35.18 10.42 7.83
C ASN D 1100 35.79 9.05 7.57
N PRO D 1101 35.09 8.17 6.85
CA PRO D 1101 35.77 6.94 6.39
C PRO D 1101 36.99 7.21 5.54
N HIS D 1102 36.97 8.31 4.77
CA HIS D 1102 38.13 8.63 3.94
C HIS D 1102 39.36 8.88 4.79
N ASP D 1103 39.21 9.61 5.90
CA ASP D 1103 40.34 9.83 6.80
C ASP D 1103 40.86 8.51 7.34
N VAL D 1104 39.97 7.67 7.85
CA VAL D 1104 40.40 6.41 8.44
C VAL D 1104 41.10 5.54 7.41
N LEU D 1105 40.72 5.67 6.14
CA LEU D 1105 41.45 4.96 5.08
C LEU D 1105 42.78 5.63 4.77
N ARG D 1106 42.87 6.95 4.95
CA ARG D 1106 44.07 7.68 4.55
C ARG D 1106 45.18 7.56 5.59
N ILE D 1107 44.89 7.94 6.83
CA ILE D 1107 45.93 8.06 7.85
C ILE D 1107 46.16 6.73 8.58
N LEU D 1108 45.11 5.94 8.81
CA LEU D 1108 45.29 4.67 9.52
C LEU D 1108 45.66 3.53 8.58
N GLY D 1109 44.80 3.22 7.62
CA GLY D 1109 45.04 2.13 6.69
C GLY D 1109 43.73 1.53 6.22
N GLN D 1110 43.84 0.34 5.63
CA GLN D 1110 42.69 -0.36 5.05
C GLN D 1110 41.99 -1.28 6.04
N ARG D 1111 42.73 -2.01 6.87
CA ARG D 1111 42.08 -2.77 7.93
C ARG D 1111 41.32 -1.83 8.85
N ALA D 1112 41.86 -0.64 9.10
CA ALA D 1112 41.19 0.32 9.96
C ALA D 1112 39.88 0.77 9.36
N VAL D 1113 39.83 1.05 8.05
CA VAL D 1113 38.58 1.52 7.47
C VAL D 1113 37.56 0.39 7.43
N GLN D 1114 38.01 -0.84 7.14
CA GLN D 1114 37.09 -1.98 7.20
C GLN D 1114 36.47 -2.10 8.59
N VAL D 1115 37.31 -2.09 9.62
CA VAL D 1115 36.83 -2.23 10.99
C VAL D 1115 35.88 -1.08 11.33
N HIS D 1116 36.26 0.15 10.97
CA HIS D 1116 35.46 1.30 11.32
C HIS D 1116 34.09 1.24 10.67
N LEU D 1117 34.03 0.91 9.38
CA LEU D 1117 32.75 0.87 8.69
C LEU D 1117 31.86 -0.23 9.26
N VAL D 1118 32.42 -1.43 9.45
CA VAL D 1118 31.62 -2.52 9.98
C VAL D 1118 31.08 -2.16 11.37
N GLY D 1119 31.95 -1.64 12.23
CA GLY D 1119 31.51 -1.26 13.56
C GLY D 1119 30.47 -0.16 13.53
N GLU D 1120 30.63 0.81 12.63
CA GLU D 1120 29.72 1.95 12.62
C GLU D 1120 28.32 1.56 12.13
N VAL D 1121 28.24 0.66 11.15
CA VAL D 1121 26.91 0.20 10.72
C VAL D 1121 26.29 -0.71 11.79
N GLN D 1122 27.08 -1.65 12.32
CA GLN D 1122 26.58 -2.51 13.37
C GLN D 1122 26.18 -1.73 14.60
N LYS D 1123 26.73 -0.52 14.79
CA LYS D 1123 26.36 0.28 15.95
C LYS D 1123 24.87 0.57 15.96
N VAL D 1124 24.34 1.14 14.88
CA VAL D 1124 22.90 1.39 14.82
C VAL D 1124 22.14 0.07 14.75
N TYR D 1125 22.64 -0.90 13.97
CA TYR D 1125 21.86 -2.11 13.76
C TYR D 1125 21.64 -2.87 15.07
N ASN D 1126 22.67 -2.94 15.92
CA ASN D 1126 22.56 -3.59 17.22
C ASN D 1126 22.09 -2.65 18.32
N SER D 1127 22.02 -1.34 18.08
CA SER D 1127 21.30 -0.47 18.99
C SER D 1127 19.80 -0.70 18.89
N GLN D 1128 19.31 -1.00 17.68
CA GLN D 1128 17.91 -1.38 17.54
C GLN D 1128 17.63 -2.75 18.15
N GLY D 1129 18.60 -3.66 18.08
CA GLY D 1129 18.39 -5.06 18.41
C GLY D 1129 18.43 -5.96 17.19
N VAL D 1130 18.36 -5.39 15.99
CA VAL D 1130 18.60 -6.16 14.78
C VAL D 1130 19.97 -6.79 14.86
N SER D 1131 20.08 -8.02 14.36
CA SER D 1131 21.33 -8.76 14.36
C SER D 1131 21.63 -9.21 12.94
N ILE D 1132 22.72 -8.70 12.37
CA ILE D 1132 23.23 -9.13 11.08
C ILE D 1132 24.66 -9.59 11.29
N HIS D 1133 25.00 -10.73 10.69
CA HIS D 1133 26.38 -11.19 10.74
C HIS D 1133 27.28 -10.18 10.03
N ASP D 1134 28.52 -10.08 10.53
CA ASP D 1134 29.46 -9.12 9.97
C ASP D 1134 29.90 -9.48 8.56
N LYS D 1135 29.70 -10.73 8.13
CA LYS D 1135 30.07 -11.11 6.76
C LYS D 1135 29.24 -10.35 5.74
N HIS D 1136 27.96 -10.15 6.02
CA HIS D 1136 27.09 -9.49 5.05
C HIS D 1136 27.49 -8.03 4.86
N ILE D 1137 27.99 -7.38 5.90
CA ILE D 1137 28.57 -6.06 5.75
C ILE D 1137 29.91 -6.14 5.04
N GLU D 1138 30.72 -7.13 5.39
CA GLU D 1138 32.05 -7.26 4.82
C GLU D 1138 32.00 -7.42 3.31
N ILE D 1139 30.95 -8.04 2.79
CA ILE D 1139 30.82 -8.16 1.33
C ILE D 1139 30.76 -6.78 0.70
N ILE D 1140 29.91 -5.90 1.25
CA ILE D 1140 29.77 -4.56 0.71
C ILE D 1140 31.07 -3.78 0.89
N ILE D 1141 31.71 -3.93 2.06
CA ILE D 1141 32.95 -3.20 2.31
C ILE D 1141 34.04 -3.66 1.34
N ARG D 1142 34.09 -4.95 1.04
CA ARG D 1142 35.04 -5.46 0.06
C ARG D 1142 34.77 -4.86 -1.31
N GLN D 1143 33.50 -4.75 -1.69
CA GLN D 1143 33.18 -4.15 -2.98
C GLN D 1143 33.53 -2.67 -3.02
N MET D 1144 33.43 -1.97 -1.88
CA MET D 1144 33.68 -0.53 -1.83
C MET D 1144 35.15 -0.17 -1.94
N LEU D 1145 36.06 -1.11 -1.70
CA LEU D 1145 37.49 -0.83 -1.64
C LEU D 1145 38.25 -1.60 -2.71
N ARG D 1146 37.61 -1.85 -3.85
CA ARG D 1146 38.21 -2.66 -4.90
C ARG D 1146 38.95 -1.82 -5.94
N ARG D 1147 38.97 -0.49 -5.81
CA ARG D 1147 39.59 0.39 -6.78
C ARG D 1147 40.55 1.35 -6.10
N VAL D 1148 41.56 1.78 -6.86
CA VAL D 1148 42.63 2.64 -6.37
C VAL D 1148 42.78 3.80 -7.35
N THR D 1149 42.99 5.00 -6.82
CA THR D 1149 43.23 6.16 -7.68
C THR D 1149 44.73 6.29 -7.92
N ILE D 1150 45.11 6.31 -9.19
CA ILE D 1150 46.51 6.15 -9.58
C ILE D 1150 47.16 7.51 -9.75
N ILE D 1151 48.44 7.60 -9.40
CA ILE D 1151 49.24 8.80 -9.61
C ILE D 1151 50.65 8.36 -9.95
N GLU D 1152 51.39 9.27 -10.61
CA GLU D 1152 52.71 8.96 -11.18
C GLU D 1152 52.57 7.78 -12.15
N SER D 1153 51.79 8.03 -13.21
CA SER D 1153 51.27 6.96 -14.04
C SER D 1153 51.79 6.95 -15.47
N GLY D 1154 52.59 7.94 -15.88
CA GLY D 1154 53.09 7.95 -17.25
C GLY D 1154 53.94 6.74 -17.56
N ASP D 1155 54.69 6.27 -16.56
CA ASP D 1155 55.51 5.08 -16.72
C ASP D 1155 54.70 3.81 -16.87
N ALA D 1156 53.68 3.63 -16.03
CA ALA D 1156 52.90 2.38 -16.04
C ALA D 1156 51.96 2.26 -17.23
N GLU D 1157 51.98 3.23 -18.14
CA GLU D 1157 51.18 3.15 -19.36
C GLU D 1157 49.68 3.32 -19.14
N LEU D 1158 49.30 4.20 -18.23
CA LEU D 1158 47.87 4.50 -18.03
C LEU D 1158 47.76 5.96 -17.60
N LEU D 1159 46.55 6.45 -17.32
CA LEU D 1159 46.36 7.85 -16.99
C LEU D 1159 46.24 8.09 -15.50
N PRO D 1160 46.83 9.19 -14.99
CA PRO D 1160 46.62 9.48 -13.57
C PRO D 1160 45.13 9.66 -13.32
N GLY D 1161 44.63 9.14 -12.20
CA GLY D 1161 43.20 9.18 -11.95
C GLY D 1161 42.55 7.99 -12.60
N GLU D 1162 41.24 8.04 -12.83
CA GLU D 1162 40.51 6.95 -13.49
C GLU D 1162 40.22 5.78 -12.55
N LEU D 1163 40.53 5.96 -11.27
CA LEU D 1163 40.31 4.88 -10.30
C LEU D 1163 40.54 3.52 -10.93
N VAL D 1164 41.75 3.29 -11.42
CA VAL D 1164 42.09 1.99 -11.97
C VAL D 1164 41.76 0.93 -10.94
N GLU D 1165 41.27 -0.22 -11.37
CA GLU D 1165 40.97 -1.29 -10.44
C GLU D 1165 42.24 -1.70 -9.72
N ARG D 1166 42.11 -2.13 -8.47
CA ARG D 1166 43.26 -2.60 -7.74
C ARG D 1166 43.93 -3.68 -8.54
N THR D 1167 43.14 -4.62 -9.04
CA THR D 1167 43.68 -5.71 -9.81
C THR D 1167 44.40 -5.19 -11.03
N LYS D 1168 43.78 -4.26 -11.74
CA LYS D 1168 44.38 -3.70 -12.94
C LYS D 1168 45.68 -3.02 -12.60
N PHE D 1169 45.65 -2.19 -11.57
CA PHE D 1169 46.83 -1.46 -11.19
C PHE D 1169 47.97 -2.44 -10.98
N GLU D 1170 47.73 -3.51 -10.25
CA GLU D 1170 48.78 -4.48 -9.95
C GLU D 1170 49.35 -5.22 -11.16
N THR D 1171 48.49 -5.73 -12.04
CA THR D 1171 48.94 -6.48 -13.22
C THR D 1171 49.78 -5.62 -14.15
N GLU D 1172 49.32 -4.40 -14.45
CA GLU D 1172 50.06 -3.55 -15.36
C GLU D 1172 51.32 -2.98 -14.73
N ASN D 1173 51.35 -2.77 -13.41
CA ASN D 1173 52.63 -2.46 -12.78
C ASN D 1173 53.59 -3.63 -12.87
N ARG D 1174 53.09 -4.86 -12.70
CA ARG D 1174 53.94 -6.03 -12.88
C ARG D 1174 54.50 -6.04 -14.30
N ARG D 1175 53.67 -5.76 -15.29
CA ARG D 1175 54.13 -5.78 -16.68
C ARG D 1175 55.18 -4.70 -16.94
N VAL D 1176 54.94 -3.48 -16.47
CA VAL D 1176 55.90 -2.41 -16.75
C VAL D 1176 57.22 -2.67 -16.03
N VAL D 1177 57.16 -3.25 -14.82
CA VAL D 1177 58.39 -3.62 -14.14
C VAL D 1177 59.10 -4.74 -14.89
N GLN D 1178 58.33 -5.67 -15.47
CA GLN D 1178 58.94 -6.73 -16.27
C GLN D 1178 59.67 -6.16 -17.47
N GLU D 1179 59.08 -5.15 -18.13
CA GLU D 1179 59.78 -4.49 -19.23
C GLU D 1179 61.05 -3.82 -18.74
N GLY D 1180 61.00 -3.18 -17.58
CA GLY D 1180 62.16 -2.53 -17.01
C GLY D 1180 61.85 -1.19 -16.37
N GLY D 1181 60.86 -0.48 -16.90
CA GLY D 1181 60.48 0.78 -16.32
C GLY D 1181 59.87 0.62 -14.94
N HIS D 1182 60.03 1.64 -14.10
CA HIS D 1182 59.48 1.58 -12.76
C HIS D 1182 57.98 1.62 -12.83
N PRO D 1183 57.30 1.25 -11.73
CA PRO D 1183 55.85 1.21 -11.73
C PRO D 1183 55.22 2.49 -11.18
N ALA D 1184 53.96 2.70 -11.55
CA ALA D 1184 53.16 3.79 -11.05
C ALA D 1184 52.76 3.54 -9.59
N SER D 1185 52.22 4.58 -8.95
CA SER D 1185 51.84 4.50 -7.55
C SER D 1185 50.34 4.69 -7.40
N GLY D 1186 49.79 4.21 -6.28
CA GLY D 1186 48.37 4.20 -6.07
C GLY D 1186 47.92 4.61 -4.69
N ARG D 1187 46.98 5.54 -4.62
CA ARG D 1187 46.33 5.91 -3.37
C ARG D 1187 45.08 5.06 -3.24
N PRO D 1188 44.94 4.22 -2.20
CA PRO D 1188 43.68 3.47 -2.03
C PRO D 1188 42.48 4.40 -1.94
N GLN D 1189 41.36 4.02 -2.55
CA GLN D 1189 40.18 4.87 -2.63
C GLN D 1189 38.97 4.10 -2.13
N LEU D 1190 38.18 4.75 -1.27
CA LEU D 1190 36.92 4.21 -0.78
C LEU D 1190 35.79 4.79 -1.64
N MET D 1191 35.18 3.94 -2.45
CA MET D 1191 34.08 4.35 -3.31
C MET D 1191 32.77 4.31 -2.55
N GLY D 1192 31.72 4.87 -3.16
CA GLY D 1192 30.36 4.68 -2.71
C GLY D 1192 29.77 3.42 -3.33
N ILE D 1193 28.47 3.24 -3.08
CA ILE D 1193 27.77 2.09 -3.65
C ILE D 1193 27.23 2.40 -5.04
N THR D 1194 26.60 3.57 -5.22
CA THR D 1194 26.16 3.96 -6.55
C THR D 1194 27.34 4.06 -7.51
N LYS D 1195 28.41 4.74 -7.08
CA LYS D 1195 29.57 4.90 -7.96
C LYS D 1195 30.26 3.58 -8.23
N ALA D 1196 30.44 2.76 -7.20
CA ALA D 1196 31.09 1.46 -7.41
C ALA D 1196 30.27 0.57 -8.33
N SER D 1197 28.94 0.71 -8.30
CA SER D 1197 28.11 -0.08 -9.19
C SER D 1197 28.18 0.45 -10.62
N LEU D 1198 28.15 1.77 -10.79
CA LEU D 1198 28.17 2.36 -12.12
C LEU D 1198 29.50 2.13 -12.84
N ALA D 1199 30.56 1.81 -12.12
CA ALA D 1199 31.87 1.55 -12.71
C ALA D 1199 32.02 0.12 -13.22
N THR D 1200 30.91 -0.61 -13.37
CA THR D 1200 30.98 -1.99 -13.79
C THR D 1200 31.56 -2.09 -15.20
N GLU D 1201 32.31 -3.18 -15.45
CA GLU D 1201 32.84 -3.42 -16.78
C GLU D 1201 31.70 -3.65 -17.78
N SER D 1202 30.70 -4.41 -17.40
CA SER D 1202 29.54 -4.64 -18.25
C SER D 1202 28.64 -3.40 -18.26
N TRP D 1203 28.31 -2.91 -19.45
CA TRP D 1203 27.47 -1.72 -19.57
C TRP D 1203 25.98 -2.05 -19.50
N LEU D 1204 25.59 -3.30 -19.74
CA LEU D 1204 24.18 -3.67 -19.57
C LEU D 1204 23.75 -3.47 -18.12
N SER D 1205 24.55 -3.95 -17.17
CA SER D 1205 24.18 -3.81 -15.76
C SER D 1205 24.14 -2.35 -15.33
N ALA D 1206 25.14 -1.57 -15.77
CA ALA D 1206 25.17 -0.16 -15.41
C ALA D 1206 23.98 0.59 -15.99
N ALA D 1207 23.62 0.29 -17.25
CA ALA D 1207 22.46 0.90 -17.86
C ALA D 1207 21.18 0.49 -17.14
N SER D 1208 21.10 -0.78 -16.74
CA SER D 1208 19.91 -1.27 -16.03
C SER D 1208 19.75 -0.57 -14.70
N PHE D 1209 20.85 -0.33 -13.98
CA PHE D 1209 20.76 0.23 -12.64
C PHE D 1209 20.32 1.69 -12.67
N GLN D 1210 21.12 2.56 -13.25
CA GLN D 1210 20.88 3.99 -13.17
C GLN D 1210 21.56 4.69 -14.33
N GLU D 1211 21.17 5.94 -14.56
CA GLU D 1211 21.81 6.82 -15.54
C GLU D 1211 21.93 6.12 -16.89
N THR D 1212 20.79 5.71 -17.42
CA THR D 1212 20.79 4.96 -18.68
C THR D 1212 21.34 5.79 -19.82
N THR D 1213 20.97 7.07 -19.88
CA THR D 1213 21.46 7.93 -20.96
C THR D 1213 22.97 8.09 -20.89
N ARG D 1214 23.49 8.47 -19.72
CA ARG D 1214 24.92 8.68 -19.56
C ARG D 1214 25.68 7.38 -19.80
N VAL D 1215 25.21 6.28 -19.23
CA VAL D 1215 25.90 5.00 -19.35
C VAL D 1215 25.95 4.57 -20.81
N LEU D 1216 24.81 4.64 -21.50
CA LEU D 1216 24.77 4.21 -22.89
C LEU D 1216 25.58 5.12 -23.79
N THR D 1217 25.57 6.42 -23.52
CA THR D 1217 26.39 7.35 -24.30
C THR D 1217 27.87 7.04 -24.14
N ASP D 1218 28.31 6.84 -22.89
CA ASP D 1218 29.72 6.51 -22.66
C ASP D 1218 30.09 5.17 -23.31
N ALA D 1219 29.19 4.19 -23.22
CA ALA D 1219 29.45 2.90 -23.84
C ALA D 1219 29.54 3.02 -25.36
N ALA D 1220 28.74 3.89 -25.96
CA ALA D 1220 28.81 4.08 -27.40
C ALA D 1220 30.09 4.79 -27.80
N ILE D 1221 30.49 5.82 -27.04
CA ILE D 1221 31.73 6.51 -27.33
C ILE D 1221 32.91 5.55 -27.23
N ASN D 1222 32.94 4.75 -26.16
CA ASN D 1222 34.05 3.82 -25.96
C ASN D 1222 33.98 2.61 -26.87
N ALA D 1223 32.82 2.35 -27.50
CA ALA D 1223 32.62 1.16 -28.30
C ALA D 1223 32.93 -0.10 -27.49
N LYS D 1224 32.56 -0.06 -26.21
CA LYS D 1224 32.89 -1.13 -25.27
C LYS D 1224 31.82 -2.21 -25.34
N SER D 1225 32.23 -3.45 -25.51
CA SER D 1225 31.30 -4.57 -25.57
C SER D 1225 31.08 -5.16 -24.19
N ASP D 1226 29.98 -5.87 -24.05
CA ASP D 1226 29.59 -6.53 -22.81
C ASP D 1226 29.65 -8.03 -23.02
N SER D 1227 30.43 -8.73 -22.19
CA SER D 1227 30.46 -10.17 -22.19
C SER D 1227 29.35 -10.71 -21.30
N LEU D 1228 28.86 -11.91 -21.64
CA LEU D 1228 27.65 -12.44 -21.01
C LEU D 1228 27.80 -12.61 -19.50
N ILE D 1229 29.03 -12.74 -19.00
CA ILE D 1229 29.29 -13.03 -17.59
C ILE D 1229 28.63 -11.98 -16.71
N GLY D 1230 27.90 -12.43 -15.70
CA GLY D 1230 27.17 -11.56 -14.79
C GLY D 1230 25.80 -12.16 -14.50
N LEU D 1231 25.17 -11.64 -13.44
CA LEU D 1231 23.82 -12.10 -13.10
C LEU D 1231 22.76 -11.26 -13.80
N LYS D 1232 22.75 -9.95 -13.53
CA LYS D 1232 21.74 -9.07 -14.10
C LYS D 1232 21.76 -9.16 -15.62
N GLU D 1233 22.92 -8.93 -16.21
CA GLU D 1233 23.05 -8.92 -17.66
C GLU D 1233 22.80 -10.28 -18.29
N ASN D 1234 22.68 -11.35 -17.49
CA ASN D 1234 22.24 -12.63 -18.00
C ASN D 1234 20.75 -12.86 -17.81
N VAL D 1235 20.10 -12.11 -16.92
CA VAL D 1235 18.63 -12.16 -16.88
C VAL D 1235 18.01 -11.18 -17.87
N ILE D 1236 18.73 -10.14 -18.30
CA ILE D 1236 18.21 -9.31 -19.39
C ILE D 1236 18.08 -10.13 -20.67
N ILE D 1237 19.16 -10.83 -21.05
CA ILE D 1237 19.12 -11.65 -22.26
C ILE D 1237 18.26 -12.89 -22.06
N GLY D 1238 17.91 -13.22 -20.82
CA GLY D 1238 17.15 -14.42 -20.54
C GLY D 1238 17.98 -15.67 -20.68
N LYS D 1239 18.96 -15.82 -19.78
CA LYS D 1239 19.84 -16.97 -19.80
C LYS D 1239 20.06 -17.48 -18.40
N LEU D 1240 20.53 -18.72 -18.30
CA LEU D 1240 20.83 -19.29 -16.99
C LEU D 1240 21.89 -18.46 -16.28
N ILE D 1241 21.57 -18.02 -15.07
CA ILE D 1241 22.47 -17.13 -14.33
C ILE D 1241 23.75 -17.88 -14.01
N PRO D 1242 24.91 -17.20 -13.87
CA PRO D 1242 26.15 -17.86 -13.47
C PRO D 1242 26.25 -18.11 -11.96
N ALA D 1243 25.20 -18.67 -11.39
CA ALA D 1243 25.13 -18.91 -9.96
C ALA D 1243 24.21 -20.09 -9.70
N GLY D 1244 24.24 -20.57 -8.47
CA GLY D 1244 23.37 -21.68 -8.10
C GLY D 1244 23.66 -22.90 -8.95
N THR D 1245 22.59 -23.50 -9.48
CA THR D 1245 22.73 -24.68 -10.31
C THR D 1245 22.89 -24.35 -11.79
N GLY D 1246 22.95 -23.06 -12.15
CA GLY D 1246 23.18 -22.67 -13.52
C GLY D 1246 24.63 -22.64 -13.95
N LEU D 1247 25.56 -22.88 -13.04
CA LEU D 1247 26.97 -22.87 -13.38
C LEU D 1247 27.28 -23.97 -14.39
N SER D 1248 28.28 -23.72 -15.24
CA SER D 1248 28.61 -24.67 -16.30
C SER D 1248 28.98 -26.04 -15.74
N ARG D 1249 29.50 -26.09 -14.52
CA ARG D 1249 29.77 -27.36 -13.87
C ARG D 1249 28.48 -28.17 -13.71
N TYR D 1250 27.43 -27.53 -13.23
CA TYR D 1250 26.14 -28.19 -13.05
C TYR D 1250 25.33 -28.27 -14.34
N ARG D 1251 25.62 -27.40 -15.31
CA ARG D 1251 24.84 -27.41 -16.56
C ARG D 1251 24.99 -28.73 -17.30
N ASN D 1252 26.18 -29.32 -17.27
CA ASN D 1252 26.42 -30.60 -17.94
C ASN D 1252 25.65 -31.72 -17.26
N THR E 12 11.41 52.14 -44.79
CA THR E 12 9.94 51.91 -44.90
C THR E 12 9.65 50.59 -45.63
N VAL E 13 8.57 49.92 -45.23
CA VAL E 13 8.24 48.64 -45.84
C VAL E 13 7.92 48.79 -47.32
N GLY E 14 7.41 49.94 -47.75
CA GLY E 14 6.97 50.09 -49.12
C GLY E 14 8.08 49.88 -50.12
N GLY E 15 9.23 50.52 -49.90
CA GLY E 15 10.37 50.31 -50.77
C GLY E 15 10.85 48.88 -50.75
N LEU E 16 10.80 48.25 -49.58
CA LEU E 16 11.20 46.85 -49.47
C LEU E 16 10.33 45.96 -50.33
N VAL E 17 9.00 46.15 -50.27
CA VAL E 17 8.13 45.29 -51.06
C VAL E 17 8.29 45.60 -52.54
N HIS E 18 8.50 46.87 -52.88
CA HIS E 18 8.71 47.23 -54.28
C HIS E 18 9.94 46.52 -54.85
N ARG E 19 11.06 46.59 -54.13
CA ARG E 19 12.26 45.92 -54.60
C ARG E 19 12.11 44.40 -54.57
N ALA E 20 11.31 43.87 -53.64
CA ALA E 20 11.12 42.43 -53.56
C ALA E 20 10.31 41.91 -54.74
N VAL E 21 9.19 42.57 -55.05
CA VAL E 21 8.40 42.19 -56.22
C VAL E 21 9.22 42.41 -57.49
N ASP E 22 10.07 43.43 -57.49
CA ASP E 22 11.01 43.57 -58.60
C ASP E 22 11.92 42.36 -58.70
N GLY E 23 12.38 41.85 -57.56
CA GLY E 23 13.19 40.65 -57.51
C GLY E 23 14.52 40.83 -56.81
N ASP E 24 14.63 41.87 -55.98
CA ASP E 24 15.87 42.14 -55.26
C ASP E 24 16.01 41.16 -54.11
N GLU E 25 17.06 40.33 -54.15
CA GLU E 25 17.25 39.32 -53.12
C GLU E 25 17.49 39.94 -51.75
N GLN E 26 18.26 41.04 -51.70
CA GLN E 26 18.50 41.71 -50.43
C GLN E 26 17.20 42.27 -49.88
N ALA E 27 16.36 42.85 -50.75
CA ALA E 27 15.09 43.37 -50.30
C ALA E 27 14.20 42.25 -49.78
N THR E 28 14.18 41.11 -50.48
CA THR E 28 13.40 39.96 -50.00
C THR E 28 13.88 39.51 -48.63
N HIS E 29 15.20 39.41 -48.46
CA HIS E 29 15.76 39.01 -47.17
C HIS E 29 15.34 39.97 -46.07
N ASP E 30 15.50 41.28 -46.31
CA ASP E 30 15.21 42.26 -45.27
C ASP E 30 13.72 42.34 -44.96
N LEU E 31 12.86 42.14 -45.97
CA LEU E 31 11.42 42.20 -45.73
C LEU E 31 10.94 40.95 -45.01
N LEU E 32 11.47 39.77 -45.36
CA LEU E 32 11.06 38.56 -44.68
C LEU E 32 11.61 38.51 -43.26
N ALA E 33 12.76 39.14 -43.01
CA ALA E 33 13.26 39.26 -41.64
C ALA E 33 12.32 40.06 -40.75
N HIS E 34 11.49 40.91 -41.34
CA HIS E 34 10.45 41.63 -40.61
C HIS E 34 9.11 40.89 -40.61
N VAL E 35 8.82 40.15 -41.68
CA VAL E 35 7.58 39.37 -41.73
C VAL E 35 7.60 38.27 -40.67
N HIS E 36 8.73 37.59 -40.53
CA HIS E 36 8.78 36.42 -39.64
C HIS E 36 8.41 36.74 -38.20
N PRO E 37 8.96 37.79 -37.56
CA PRO E 37 8.50 38.09 -36.19
C PRO E 37 7.01 38.37 -36.11
N LEU E 38 6.43 39.05 -37.10
CA LEU E 38 5.00 39.31 -37.08
C LEU E 38 4.20 38.01 -37.19
N ALA E 39 4.62 37.13 -38.10
CA ALA E 39 3.94 35.84 -38.23
C ALA E 39 4.05 35.04 -36.94
N LEU E 40 5.23 35.02 -36.32
CA LEU E 40 5.41 34.32 -35.06
C LEU E 40 4.46 34.87 -34.00
N ARG E 41 4.42 36.20 -33.86
CA ARG E 41 3.59 36.79 -32.82
C ARG E 41 2.12 36.49 -33.05
N TYR E 42 1.65 36.62 -34.30
CA TYR E 42 0.24 36.37 -34.57
C TYR E 42 -0.12 34.91 -34.36
N CYS E 43 0.72 34.00 -34.86
CA CYS E 43 0.46 32.58 -34.66
C CYS E 43 0.44 32.23 -33.18
N ARG E 44 1.35 32.82 -32.40
CA ARG E 44 1.35 32.58 -30.96
C ARG E 44 0.05 33.07 -30.33
N THR E 45 -0.30 34.34 -30.57
CA THR E 45 -1.44 34.91 -29.87
C THR E 45 -2.76 34.29 -30.29
N ARG E 46 -2.82 33.66 -31.47
CA ARG E 46 -4.01 32.90 -31.82
C ARG E 46 -3.96 31.49 -31.23
N LEU E 47 -2.93 30.71 -31.58
CA LEU E 47 -2.91 29.30 -31.21
C LEU E 47 -2.78 29.07 -29.71
N SER E 48 -2.35 30.07 -28.94
CA SER E 48 -2.22 29.86 -27.50
C SER E 48 -3.57 29.59 -26.85
N ARG E 49 -4.61 30.32 -27.26
CA ARG E 49 -5.91 30.23 -26.63
C ARG E 49 -6.79 29.12 -27.20
N LEU E 50 -6.38 28.49 -28.29
CA LEU E 50 -7.21 27.47 -28.92
C LEU E 50 -7.04 26.12 -28.21
N PRO E 51 -8.04 25.23 -28.32
CA PRO E 51 -7.92 23.90 -27.70
C PRO E 51 -6.83 23.05 -28.35
N GLY E 52 -6.62 21.86 -27.81
CA GLY E 52 -5.69 20.91 -28.41
C GLY E 52 -4.23 21.29 -28.16
N ASP E 53 -3.37 20.65 -28.95
CA ASP E 53 -1.93 20.88 -28.89
C ASP E 53 -1.46 21.86 -29.96
N ALA E 54 -2.34 22.76 -30.40
CA ALA E 54 -1.97 23.70 -31.46
C ALA E 54 -0.84 24.62 -31.04
N ARG E 55 -0.67 24.83 -29.73
CA ARG E 55 0.36 25.76 -29.26
C ARG E 55 1.75 25.34 -29.71
N HIS E 56 1.98 24.04 -29.92
CA HIS E 56 3.27 23.53 -30.35
C HIS E 56 3.43 23.54 -31.86
N PHE E 57 2.61 24.32 -32.57
CA PHE E 57 2.75 24.51 -34.00
C PHE E 57 2.95 25.96 -34.39
N VAL E 58 3.01 26.87 -33.41
CA VAL E 58 3.10 28.32 -33.69
C VAL E 58 4.21 28.58 -34.69
N GLU E 59 5.45 28.23 -34.33
CA GLU E 59 6.57 28.45 -35.23
C GLU E 59 6.35 27.73 -36.55
N ASP E 60 5.85 26.49 -36.48
CA ASP E 60 5.60 25.73 -37.71
C ASP E 60 4.64 26.47 -38.63
N LEU E 61 3.68 27.21 -38.07
CA LEU E 61 2.80 28.00 -38.92
C LEU E 61 3.52 29.24 -39.43
N ALA E 62 4.32 29.90 -38.58
CA ALA E 62 4.98 31.13 -38.99
C ALA E 62 5.80 30.91 -40.25
N GLN E 63 6.56 29.83 -40.27
CA GLN E 63 7.39 29.49 -41.45
C GLN E 63 6.50 29.34 -42.67
N GLU E 64 5.36 28.67 -42.54
CA GLU E 64 4.42 28.53 -43.64
C GLU E 64 3.93 29.91 -44.10
N VAL E 65 3.57 30.77 -43.14
CA VAL E 65 3.13 32.11 -43.49
C VAL E 65 4.21 32.79 -44.32
N CYS E 66 5.45 32.73 -43.83
CA CYS E 66 6.55 33.33 -44.58
C CYS E 66 6.64 32.72 -45.97
N VAL E 67 6.54 31.39 -46.06
CA VAL E 67 6.60 30.72 -47.35
C VAL E 67 5.52 31.29 -48.26
N ALA E 68 4.31 31.48 -47.73
CA ALA E 68 3.25 32.06 -48.53
C ALA E 68 3.68 33.42 -49.08
N VAL E 69 4.19 34.28 -48.20
CA VAL E 69 4.68 35.58 -48.65
C VAL E 69 5.76 35.39 -49.70
N LEU E 70 6.64 34.42 -49.49
CA LEU E 70 7.73 34.20 -50.43
C LEU E 70 7.21 33.88 -51.82
N LEU E 71 6.02 33.30 -51.92
CA LEU E 71 5.44 32.97 -53.22
C LEU E 71 4.32 33.92 -53.62
N ALA E 72 4.09 34.99 -52.86
CA ALA E 72 3.10 36.00 -53.22
C ALA E 72 3.72 37.28 -53.76
N LEU E 73 4.95 37.58 -53.34
CA LEU E 73 5.63 38.77 -53.84
C LEU E 73 5.76 38.81 -55.36
N PRO E 74 6.08 37.71 -56.07
CA PRO E 74 6.24 37.79 -57.53
C PRO E 74 5.03 38.39 -58.25
N ARG E 75 3.86 38.35 -57.63
CA ARG E 75 2.65 38.88 -58.23
C ARG E 75 1.85 39.73 -57.24
N TYR E 76 2.53 40.40 -56.32
CA TYR E 76 1.87 41.23 -55.30
C TYR E 76 1.55 42.58 -55.92
N LYS E 77 0.44 42.62 -56.66
CA LYS E 77 -0.04 43.86 -57.25
C LYS E 77 -0.54 44.77 -56.14
N ASP E 78 0.24 45.78 -55.80
CA ASP E 78 -0.12 46.66 -54.69
C ASP E 78 -1.41 47.40 -55.00
N THR E 79 -2.21 47.61 -53.95
CA THR E 79 -3.46 48.35 -54.06
C THR E 79 -3.63 49.32 -52.90
N GLY E 80 -2.53 49.83 -52.36
CA GLY E 80 -2.56 50.67 -51.19
C GLY E 80 -2.68 49.95 -49.88
N ARG E 81 -2.76 48.62 -49.91
CA ARG E 81 -2.85 47.84 -48.67
C ARG E 81 -1.45 47.66 -48.08
N PRO E 82 -1.25 47.96 -46.79
CA PRO E 82 0.07 47.69 -46.19
C PRO E 82 0.39 46.20 -46.23
N PHE E 83 1.69 45.90 -46.32
CA PHE E 83 2.09 44.50 -46.33
C PHE E 83 1.73 43.81 -45.03
N GLU E 84 1.65 44.56 -43.93
CA GLU E 84 1.21 43.99 -42.66
C GLU E 84 -0.17 43.38 -42.80
N ALA E 85 -1.06 44.06 -43.53
CA ALA E 85 -2.40 43.50 -43.78
C ALA E 85 -2.31 42.18 -44.53
N PHE E 86 -1.45 42.13 -45.54
CA PHE E 86 -1.28 40.89 -46.31
C PHE E 86 -0.82 39.76 -45.41
N VAL E 87 0.17 40.03 -44.55
CA VAL E 87 0.70 38.99 -43.67
C VAL E 87 -0.33 38.56 -42.65
N PHE E 88 -1.10 39.51 -42.10
CA PHE E 88 -2.08 39.18 -41.08
C PHE E 88 -3.35 38.57 -41.66
N ALA E 89 -3.56 38.67 -42.96
CA ALA E 89 -4.60 37.88 -43.63
C ALA E 89 -4.12 36.46 -43.89
N ILE E 90 -2.88 36.32 -44.36
CA ILE E 90 -2.33 34.98 -44.59
C ILE E 90 -2.24 34.20 -43.29
N ALA E 91 -1.82 34.87 -42.21
CA ALA E 91 -1.70 34.19 -40.92
C ALA E 91 -3.06 33.73 -40.42
N ALA E 92 -4.09 34.57 -40.58
CA ALA E 92 -5.43 34.16 -40.18
C ALA E 92 -5.90 32.96 -41.01
N HIS E 93 -5.63 32.97 -42.31
CA HIS E 93 -6.02 31.84 -43.14
C HIS E 93 -5.29 30.56 -42.72
N LYS E 94 -4.00 30.66 -42.40
CA LYS E 94 -3.26 29.47 -41.99
C LYS E 94 -3.75 28.95 -40.64
N VAL E 95 -4.04 29.86 -39.71
CA VAL E 95 -4.61 29.45 -38.42
C VAL E 95 -5.95 28.76 -38.62
N ALA E 96 -6.78 29.30 -39.52
CA ALA E 96 -8.06 28.67 -39.82
C ALA E 96 -7.87 27.28 -40.43
N ASP E 97 -6.86 27.12 -41.26
CA ASP E 97 -6.62 25.81 -41.91
C ASP E 97 -6.14 24.82 -40.85
N LEU E 98 -5.35 25.28 -39.89
CA LEU E 98 -4.94 24.39 -38.80
C LEU E 98 -6.15 23.99 -37.97
N GLN E 99 -7.06 24.93 -37.70
CA GLN E 99 -8.29 24.57 -37.00
C GLN E 99 -9.10 23.55 -37.80
N ARG E 100 -9.18 23.73 -39.11
CA ARG E 100 -9.89 22.78 -39.96
C ARG E 100 -9.31 21.39 -39.79
N ALA E 101 -7.98 21.28 -39.87
CA ALA E 101 -7.34 19.98 -39.73
C ALA E 101 -7.51 19.41 -38.33
N ALA E 102 -7.66 20.26 -37.31
CA ALA E 102 -7.79 19.79 -35.94
C ALA E 102 -9.20 19.28 -35.64
N MET E 103 -10.21 20.10 -35.92
CA MET E 103 -11.58 19.74 -35.52
C MET E 103 -12.11 18.54 -36.26
N ARG E 104 -11.58 18.20 -37.43
CA ARG E 104 -12.09 17.07 -38.19
C ARG E 104 -11.61 15.79 -37.53
N HIS E 105 -12.56 14.94 -37.11
CA HIS E 105 -12.30 13.63 -36.56
C HIS E 105 -11.18 13.67 -35.51
N PRO E 106 -11.35 14.41 -34.42
CA PRO E 106 -10.27 14.52 -33.41
C PRO E 106 -10.21 13.30 -32.50
N GLY E 107 -9.86 12.15 -33.08
CA GLY E 107 -9.86 10.90 -32.37
C GLY E 107 -8.48 10.38 -32.00
N SER E 108 -7.44 10.82 -32.72
CA SER E 108 -6.09 10.34 -32.48
C SER E 108 -5.55 11.00 -31.22
N THR E 109 -5.75 10.33 -30.08
CA THR E 109 -5.22 10.79 -28.81
C THR E 109 -3.88 10.10 -28.57
N ALA E 110 -2.81 10.90 -28.42
CA ALA E 110 -1.47 10.35 -28.26
C ALA E 110 -1.23 10.01 -26.79
N VAL E 111 -1.94 8.98 -26.33
CA VAL E 111 -1.88 8.50 -24.96
C VAL E 111 -1.25 7.10 -24.99
N PRO E 112 0.00 6.93 -24.58
CA PRO E 112 0.58 5.58 -24.50
C PRO E 112 0.13 4.78 -23.29
N SER E 113 -0.80 5.30 -22.49
CA SER E 113 -1.34 4.60 -21.32
C SER E 113 -2.59 3.79 -21.65
N ASP E 114 -2.97 3.70 -22.92
CA ASP E 114 -4.08 2.84 -23.35
C ASP E 114 -3.66 1.87 -24.45
N GLU E 115 -2.78 2.28 -25.35
CA GLU E 115 -2.34 1.36 -26.41
C GLU E 115 -1.45 0.26 -25.85
N MET E 116 -0.53 0.60 -24.96
CA MET E 116 0.35 -0.40 -24.37
C MET E 116 -0.35 -1.17 -23.24
N PRO E 117 -0.88 -0.49 -22.20
CA PRO E 117 -1.33 -1.23 -21.01
C PRO E 117 -2.73 -1.82 -21.16
N GLU E 118 -3.63 -1.09 -21.81
CA GLU E 118 -5.05 -1.45 -21.84
C GLU E 118 -5.42 -2.24 -23.10
N ARG E 119 -4.74 -1.97 -24.21
CA ARG E 119 -5.00 -2.70 -25.44
C ARG E 119 -4.11 -3.93 -25.50
N PRO E 120 -4.65 -5.14 -25.49
CA PRO E 120 -3.82 -6.33 -25.65
C PRO E 120 -3.70 -6.77 -27.09
N ASP E 121 -2.72 -7.64 -27.34
CA ASP E 121 -2.51 -8.16 -28.68
C ASP E 121 -3.72 -8.95 -29.14
N ASP E 122 -4.09 -8.77 -30.41
CA ASP E 122 -5.24 -9.49 -30.95
C ASP E 122 -5.01 -11.00 -30.92
N SER E 123 -3.80 -11.43 -31.27
CA SER E 123 -3.44 -12.84 -31.22
C SER E 123 -2.98 -13.21 -29.80
N LEU E 124 -3.84 -12.97 -28.81
CA LEU E 124 -3.47 -13.19 -27.40
C LEU E 124 -2.29 -12.31 -27.06
#